data_7K1Y
#
_entry.id   7K1Y
#
_entity_poly.entity_id   1
_entity_poly.type   'polypeptide(L)'
_entity_poly.pdbx_seq_one_letter_code
;(UNK)(UNK)(UNK)(UNK)(UNK)(UNK)(UNK)(UNK)(UNK)(UNK)(UNK)(UNK)(UNK)(UNK)(UNK)(UNK)
(UNK)(UNK)(UNK)(UNK)(UNK)(UNK)(UNK)(UNK)(UNK)(UNK)(UNK)(UNK)(UNK)(UNK)(UNK)(UNK)
(UNK)(UNK)(UNK)(UNK)(UNK)(UNK)(UNK)(UNK)(UNK)(UNK)(UNK)(UNK)(UNK)(UNK)(UNK)(UNK)
(UNK)(UNK)(UNK)(UNK)(UNK)(UNK)(UNK)(UNK)(UNK)(UNK)(UNK)(UNK)(UNK)(UNK)(UNK)(UNK)
(UNK)(UNK)(UNK)(UNK)(UNK)(UNK)(UNK)(UNK)(UNK)(UNK)(UNK)(UNK)(UNK)(UNK)(UNK)(UNK)
(UNK)(UNK)(UNK)(UNK)(UNK)(UNK)(UNK)(UNK)(UNK)(UNK)(UNK)(UNK)(UNK)(UNK)(UNK)(UNK)
(UNK)(UNK)(UNK)(UNK)(UNK)(UNK)(UNK)(UNK)(UNK)(UNK)(UNK)(UNK)(UNK)(UNK)(UNK)(UNK)
(UNK)(UNK)(UNK)(UNK)(UNK)(UNK)(UNK)(UNK)(UNK)(UNK)(UNK)(UNK)(UNK)(UNK)(UNK)(UNK)
(UNK)(UNK)(UNK)(UNK)(UNK)(UNK)(UNK)(UNK)(UNK)(UNK)(UNK)(UNK)(UNK)(UNK)(UNK)(UNK)
(UNK)(UNK)(UNK)(UNK)(UNK)(UNK)(UNK)(UNK)(UNK)(UNK)(UNK)(UNK)(UNK)(UNK)(UNK)(UNK)
(UNK)(UNK)(UNK)(UNK)(UNK)(UNK)(UNK)(UNK)(UNK)(UNK)(UNK)(UNK)(UNK)(UNK)(UNK)(UNK)
(UNK)(UNK)(UNK)(UNK)(UNK)(UNK)(UNK)(UNK)(UNK)(UNK)(UNK)(UNK)(UNK)(UNK)(UNK)(UNK)
(UNK)(UNK)(UNK)(UNK)(UNK)(UNK)(UNK)(UNK)(UNK)(UNK)(UNK)(UNK)(UNK)(UNK)(UNK)(UNK)
(UNK)(UNK)(UNK)(UNK)(UNK)(UNK)(UNK)(UNK)(UNK)(UNK)(UNK)(UNK)(UNK)(UNK)(UNK)(UNK)
(UNK)(UNK)(UNK)(UNK)(UNK)(UNK)(UNK)(UNK)(UNK)(UNK)(UNK)(UNK)(UNK)(UNK)(UNK)(UNK)
(UNK)(UNK)(UNK)(UNK)(UNK)(UNK)(UNK)(UNK)(UNK)(UNK)(UNK)(UNK)(UNK)(UNK)(UNK)(UNK)
(UNK)(UNK)(UNK)(UNK)(UNK)(UNK)(UNK)(UNK)(UNK)(UNK)(UNK)(UNK)(UNK)(UNK)(UNK)(UNK)
(UNK)(UNK)(UNK)(UNK)(UNK)(UNK)(UNK)(UNK)(UNK)(UNK)(UNK)(UNK)(UNK)(UNK)(UNK)(UNK)
(UNK)(UNK)(UNK)(UNK)(UNK)(UNK)(UNK)(UNK)(UNK)(UNK)(UNK)(UNK)(UNK)(UNK)(UNK)(UNK)
(UNK)(UNK)(UNK)(UNK)(UNK)(UNK)(UNK)(UNK)(UNK)(UNK)(UNK)(UNK)(UNK)(UNK)(UNK)(UNK)
(UNK)(UNK)(UNK)(UNK)(UNK)(UNK)(UNK)(UNK)(UNK)(UNK)(UNK)(UNK)(UNK)(UNK)(UNK)(UNK)
(UNK)(UNK)(UNK)(UNK)(UNK)(UNK)(UNK)(UNK)(UNK)(UNK)(UNK)(UNK)(UNK)(UNK)(UNK)(UNK)
(UNK)(UNK)(UNK)(UNK)(UNK)(UNK)(UNK)(UNK)(UNK)(UNK)(UNK)(UNK)(UNK)(UNK)(UNK)(UNK)
(UNK)(UNK)(UNK)(UNK)(UNK)(UNK)(UNK)(UNK)(UNK)(UNK)(UNK)(UNK)(UNK)(UNK)(UNK)(UNK)
(UNK)(UNK)(UNK)(UNK)(UNK)(UNK)(UNK)(UNK)(UNK)(UNK)(UNK)(UNK)(UNK)(UNK)(UNK)(UNK)
(UNK)(UNK)(UNK)(UNK)(UNK)(UNK)(UNK)(UNK)(UNK)(UNK)(UNK)(UNK)(UNK)(UNK)(UNK)(UNK)
(UNK)(UNK)(UNK)(UNK)(UNK)(UNK)(UNK)(UNK)(UNK)(UNK)(UNK)(UNK)(UNK)(UNK)(UNK)(UNK)
(UNK)(UNK)(UNK)(UNK)(UNK)(UNK)(UNK)(UNK)(UNK)(UNK)(UNK)(UNK)(UNK)(UNK)(UNK)(UNK)
(UNK)(UNK)(UNK)(UNK)(UNK)(UNK)(UNK)(UNK)(UNK)(UNK)(UNK)(UNK)(UNK)(UNK)(UNK)(UNK)
(UNK)(UNK)(UNK)(UNK)(UNK)(UNK)(UNK)(UNK)(UNK)(UNK)(UNK)(UNK)(UNK)(UNK)(UNK)(UNK)
(UNK)(UNK)(UNK)(UNK)(UNK)(UNK)(UNK)(UNK)(UNK)(UNK)(UNK)(UNK)(UNK)(UNK)(UNK)(UNK)
(UNK)(UNK)(UNK)(UNK)(UNK)(UNK)(UNK)(UNK)(UNK)(UNK)(UNK)(UNK)(UNK)(UNK)(UNK)(UNK)
(UNK)(UNK)(UNK)(UNK)(UNK)(UNK)(UNK)(UNK)(UNK)(UNK)(UNK)(UNK)(UNK)(UNK)(UNK)(UNK)
(UNK)(UNK)(UNK)(UNK)
;
_entity_poly.pdbx_strand_id   B,C,D,E,G
#
# COMPACT_ATOMS: atom_id res chain seq x y z
N UNK A 1 94.85 -58.15 -46.09
CA UNK A 1 96.05 -58.19 -46.92
C UNK A 1 96.54 -59.61 -47.00
N UNK A 2 97.86 -59.80 -47.08
CA UNK A 2 98.47 -61.13 -47.22
C UNK A 2 98.12 -62.07 -46.06
N UNK A 3 97.70 -61.47 -44.94
CA UNK A 3 97.33 -62.23 -43.75
C UNK A 3 96.18 -63.21 -44.02
N UNK A 4 95.22 -62.82 -44.86
CA UNK A 4 94.12 -63.70 -45.22
C UNK A 4 94.66 -64.94 -45.95
N UNK A 5 95.63 -64.73 -46.83
CA UNK A 5 96.22 -65.87 -47.55
C UNK A 5 96.82 -66.80 -46.52
N UNK A 6 97.46 -66.21 -45.51
CA UNK A 6 98.09 -66.95 -44.44
C UNK A 6 97.06 -67.76 -43.67
N UNK A 7 95.90 -67.16 -43.43
CA UNK A 7 94.83 -67.84 -42.71
C UNK A 7 94.37 -69.06 -43.50
N UNK A 8 94.24 -68.89 -44.81
CA UNK A 8 93.82 -69.98 -45.69
C UNK A 8 94.85 -71.10 -45.64
N UNK A 9 96.14 -70.73 -45.64
CA UNK A 9 97.21 -71.71 -45.58
C UNK A 9 97.14 -72.49 -44.28
N UNK A 10 96.87 -71.77 -43.19
CA UNK A 10 96.75 -72.38 -41.87
C UNK A 10 95.59 -73.36 -41.84
N UNK A 11 94.48 -72.97 -42.47
CA UNK A 11 93.30 -73.83 -42.54
C UNK A 11 93.64 -75.11 -43.31
N UNK A 12 94.38 -74.95 -44.41
CA UNK A 12 94.79 -76.10 -45.22
C UNK A 12 95.67 -77.03 -44.39
N UNK A 13 96.58 -76.45 -43.60
CA UNK A 13 97.46 -77.24 -42.76
C UNK A 13 96.65 -78.01 -41.71
N UNK A 14 95.63 -77.35 -41.16
CA UNK A 14 94.77 -77.98 -40.17
C UNK A 14 94.02 -79.15 -40.79
N UNK A 15 93.56 -78.96 -42.02
CA UNK A 15 92.83 -80.00 -42.74
C UNK A 15 93.73 -81.18 -43.06
N UNK A 16 106.33 -65.10 -44.06
CA UNK A 16 105.09 -64.44 -43.67
C UNK A 16 105.36 -63.31 -42.69
N UNK A 17 106.61 -63.22 -42.23
CA UNK A 17 106.99 -62.18 -41.28
C UNK A 17 106.83 -60.80 -41.89
N UNK A 18 107.21 -60.66 -43.16
CA UNK A 18 107.09 -59.38 -43.84
C UNK A 18 105.63 -58.98 -43.94
N UNK A 19 104.77 -59.94 -44.25
CA UNK A 19 103.34 -59.70 -44.36
C UNK A 19 102.79 -59.26 -43.02
N UNK A 20 103.24 -59.91 -41.95
CA UNK A 20 102.79 -59.57 -40.61
C UNK A 20 103.21 -58.14 -40.27
N UNK A 21 104.43 -57.77 -40.65
CA UNK A 21 104.93 -56.43 -40.40
C UNK A 21 104.09 -55.40 -41.14
N UNK A 22 103.73 -55.73 -42.38
CA UNK A 22 102.91 -54.85 -43.20
C UNK A 22 101.54 -54.66 -42.55
N UNK A 23 100.98 -55.76 -42.02
CA UNK A 23 99.69 -55.70 -41.36
C UNK A 23 99.77 -54.82 -40.13
N UNK A 24 100.86 -54.94 -39.37
CA UNK A 24 101.06 -54.13 -38.18
C UNK A 24 101.15 -52.65 -38.56
N UNK A 25 101.84 -52.37 -39.65
CA UNK A 25 101.99 -51.00 -40.14
C UNK A 25 100.62 -50.43 -40.53
N UNK A 26 99.80 -51.25 -41.16
CA UNK A 26 98.47 -50.83 -41.58
C UNK A 26 97.57 -50.53 -40.39
N UNK A 27 101.67 -49.71 -29.58
CA UNK A 27 101.89 -51.05 -29.06
C UNK A 27 100.68 -51.94 -29.32
N UNK A 28 99.58 -51.32 -29.74
CA UNK A 28 98.36 -52.06 -30.02
C UNK A 28 98.58 -53.04 -31.17
N UNK A 29 99.31 -52.59 -32.19
CA UNK A 29 99.61 -53.44 -33.34
C UNK A 29 100.45 -54.63 -32.90
N UNK A 30 101.41 -54.38 -32.03
CA UNK A 30 102.28 -55.44 -31.51
C UNK A 30 101.46 -56.44 -30.72
N UNK A 31 100.51 -55.94 -29.93
CA UNK A 31 99.63 -56.79 -29.15
C UNK A 31 98.79 -57.67 -30.08
N UNK A 32 98.31 -57.08 -31.16
CA UNK A 32 97.51 -57.80 -32.14
C UNK A 32 98.35 -58.90 -32.78
N UNK A 33 99.61 -58.60 -33.08
CA UNK A 33 100.52 -59.58 -33.67
C UNK A 33 100.73 -60.73 -32.70
N UNK A 34 100.88 -60.41 -31.41
CA UNK A 34 101.06 -61.42 -30.38
C UNK A 34 99.83 -62.31 -30.30
N UNK A 35 98.66 -61.69 -30.36
CA UNK A 35 97.40 -62.42 -30.30
C UNK A 35 97.30 -63.37 -31.49
N UNK A 36 97.72 -62.88 -32.66
CA UNK A 36 97.67 -63.69 -33.87
C UNK A 36 98.58 -64.90 -33.74
N UNK A 37 99.78 -64.68 -33.19
CA UNK A 37 100.73 -65.76 -33.00
C UNK A 37 100.17 -66.81 -32.06
N UNK A 38 99.53 -66.34 -30.99
CA UNK A 38 98.93 -67.23 -30.00
C UNK A 38 97.82 -68.04 -30.65
N UNK A 39 97.01 -67.38 -31.46
CA UNK A 39 95.89 -68.03 -32.13
C UNK A 39 96.39 -69.13 -33.06
N UNK A 40 97.40 -68.82 -33.87
CA UNK A 40 97.95 -69.79 -34.79
C UNK A 40 98.54 -70.98 -34.03
N UNK A 41 99.23 -70.68 -32.93
CA UNK A 41 99.84 -71.72 -32.12
C UNK A 41 98.75 -72.61 -31.53
N UNK A 42 97.66 -72.00 -31.08
CA UNK A 42 96.55 -72.74 -30.50
C UNK A 42 95.94 -73.65 -31.56
N UNK A 43 95.81 -73.14 -32.78
CA UNK A 43 95.25 -73.92 -33.88
C UNK A 43 96.15 -75.12 -34.18
N UNK A 44 97.46 -74.89 -34.15
CA UNK A 44 98.42 -75.95 -34.40
C UNK A 44 98.30 -77.02 -33.32
N UNK A 45 98.14 -76.59 -32.07
CA UNK A 45 97.99 -77.51 -30.96
C UNK A 45 96.73 -78.35 -31.13
N UNK A 46 95.65 -77.70 -31.57
CA UNK A 46 94.38 -78.39 -31.80
C UNK A 46 94.54 -79.43 -32.90
N UNK A 47 95.28 -79.08 -33.95
CA UNK A 47 95.52 -79.97 -35.07
C UNK A 47 96.67 -80.93 -34.77
N UNK A 48 85.49 -78.21 -38.97
CA UNK A 48 84.49 -78.17 -40.03
C UNK A 48 84.51 -76.81 -40.74
N UNK A 49 83.51 -76.56 -41.56
CA UNK A 49 83.42 -75.30 -42.30
C UNK A 49 83.27 -74.14 -41.32
N UNK A 50 82.45 -74.33 -40.29
CA UNK A 50 82.24 -73.31 -39.29
C UNK A 50 83.55 -73.00 -38.57
N UNK A 51 84.31 -74.05 -38.25
CA UNK A 51 85.59 -73.90 -37.57
C UNK A 51 86.55 -73.12 -38.46
N UNK A 52 86.53 -73.41 -39.75
CA UNK A 52 87.39 -72.74 -40.71
C UNK A 52 87.03 -71.25 -40.77
N UNK A 53 85.73 -70.97 -40.75
CA UNK A 53 85.24 -69.60 -40.77
C UNK A 53 85.70 -68.85 -39.52
N UNK A 54 85.65 -69.55 -38.39
CA UNK A 54 86.09 -68.98 -37.12
C UNK A 54 87.57 -68.65 -37.18
N UNK A 55 88.35 -69.55 -37.78
CA UNK A 55 89.78 -69.35 -37.93
C UNK A 55 90.05 -68.13 -38.80
N UNK A 56 89.27 -67.98 -39.87
CA UNK A 56 89.41 -66.85 -40.77
C UNK A 56 89.09 -65.55 -40.02
N UNK A 57 88.06 -65.59 -39.18
CA UNK A 57 87.67 -64.43 -38.39
C UNK A 57 88.79 -64.05 -37.43
N UNK A 58 89.41 -65.07 -36.82
CA UNK A 58 90.52 -64.84 -35.89
C UNK A 58 91.68 -64.19 -36.63
N UNK A 59 91.95 -64.66 -37.85
CA UNK A 59 93.02 -64.10 -38.67
C UNK A 59 92.72 -62.64 -38.97
N UNK A 60 91.47 -62.34 -39.29
CA UNK A 60 91.05 -60.98 -39.59
C UNK A 60 91.25 -60.09 -38.36
N UNK A 61 90.92 -60.63 -37.19
CA UNK A 61 91.09 -59.90 -35.93
C UNK A 61 92.57 -59.60 -35.70
N UNK A 62 93.42 -60.58 -35.99
CA UNK A 62 94.85 -60.41 -35.84
C UNK A 62 95.36 -59.33 -36.78
N UNK A 63 94.84 -59.32 -38.00
CA UNK A 63 95.21 -58.31 -38.99
C UNK A 63 94.80 -56.92 -38.51
N UNK A 64 93.63 -56.83 -37.90
CA UNK A 64 93.12 -55.56 -37.40
C UNK A 64 94.14 -54.93 -36.44
N UNK A 65 86.29 -79.80 -29.59
CA UNK A 65 87.28 -78.75 -29.46
C UNK A 65 86.72 -77.41 -29.93
N UNK A 66 85.49 -77.44 -30.45
CA UNK A 66 84.85 -76.23 -30.94
C UNK A 66 84.65 -75.23 -29.80
N UNK A 67 84.26 -75.73 -28.64
CA UNK A 67 84.04 -74.89 -27.48
C UNK A 67 85.34 -74.22 -27.06
N UNK A 68 86.42 -75.00 -27.09
CA UNK A 68 87.75 -74.50 -26.73
C UNK A 68 88.17 -73.41 -27.71
N UNK A 69 87.89 -73.63 -28.99
CA UNK A 69 88.23 -72.65 -30.02
C UNK A 69 87.45 -71.36 -29.78
N UNK A 70 86.18 -71.49 -29.41
CA UNK A 70 85.34 -70.33 -29.14
C UNK A 70 85.90 -69.56 -27.95
N UNK A 71 86.34 -70.28 -26.93
CA UNK A 71 86.90 -69.66 -25.73
C UNK A 71 88.18 -68.90 -26.11
N UNK A 72 88.99 -69.50 -26.96
CA UNK A 72 90.23 -68.87 -27.41
C UNK A 72 89.92 -67.59 -28.16
N UNK A 73 88.89 -67.64 -29.01
CA UNK A 73 88.48 -66.47 -29.78
C UNK A 73 88.02 -65.36 -28.84
N UNK A 74 87.27 -65.74 -27.80
CA UNK A 74 86.78 -64.78 -26.83
C UNK A 74 87.95 -64.12 -26.11
N UNK A 75 88.95 -64.93 -25.75
CA UNK A 75 90.13 -64.43 -25.05
C UNK A 75 90.85 -63.41 -25.92
N UNK A 76 90.90 -63.68 -27.22
CA UNK A 76 91.57 -62.78 -28.16
C UNK A 76 90.66 -61.61 -28.52
N UNK A 77 89.36 -61.79 -28.32
CA UNK A 77 88.38 -60.76 -28.62
C UNK A 77 88.16 -59.85 -27.41
N UNK A 78 88.21 -60.45 -26.22
CA UNK A 78 88.01 -59.70 -24.98
C UNK A 78 88.94 -58.50 -24.90
N UNK A 79 90.22 -58.74 -25.15
CA UNK A 79 91.23 -57.68 -25.12
C UNK A 79 90.82 -56.54 -26.03
N UNK A 80 90.45 -56.87 -27.27
CA UNK A 80 90.06 -55.87 -28.25
C UNK A 80 88.91 -55.01 -27.70
N UNK A 81 87.86 -55.68 -27.23
CA UNK A 81 86.69 -54.99 -26.69
C UNK A 81 87.12 -54.05 -25.57
N UNK A 82 87.92 -54.57 -24.63
CA UNK A 82 88.40 -53.78 -23.51
C UNK A 82 89.25 -52.60 -24.01
N UNK A 83 90.10 -52.89 -24.99
CA UNK A 83 90.96 -51.86 -25.56
C UNK A 83 90.14 -50.68 -26.07
N UNK A 84 89.08 -50.98 -26.83
CA UNK A 84 88.21 -49.95 -27.37
C UNK A 84 87.54 -49.18 -26.25
N UNK A 85 87.09 -49.90 -25.22
CA UNK A 85 86.43 -49.28 -24.08
C UNK A 85 87.34 -48.27 -23.41
N UNK A 86 75.19 -73.46 -33.56
CA UNK A 86 75.40 -72.01 -33.53
C UNK A 86 76.77 -71.64 -34.06
N UNK A 87 77.33 -72.49 -34.90
CA UNK A 87 78.64 -72.24 -35.49
C UNK A 87 78.61 -70.97 -36.33
N UNK A 88 77.54 -70.80 -37.10
CA UNK A 88 77.38 -69.63 -37.95
C UNK A 88 77.31 -68.37 -37.08
N UNK A 89 76.59 -68.46 -35.97
CA UNK A 89 76.46 -67.34 -35.04
C UNK A 89 77.82 -66.99 -34.46
N UNK A 90 78.65 -67.99 -34.16
CA UNK A 90 79.96 -67.69 -33.62
C UNK A 90 80.76 -66.88 -34.64
N UNK A 91 80.66 -67.30 -35.90
CA UNK A 91 81.35 -66.62 -37.00
C UNK A 91 80.82 -65.20 -37.14
N UNK A 92 79.51 -65.05 -37.01
CA UNK A 92 78.85 -63.76 -37.12
C UNK A 92 79.34 -62.86 -35.98
N UNK A 93 79.47 -63.43 -34.79
CA UNK A 93 79.95 -62.67 -33.63
C UNK A 93 81.37 -62.19 -33.90
N UNK A 94 82.20 -63.05 -34.46
CA UNK A 94 83.58 -62.67 -34.77
C UNK A 94 83.60 -61.52 -35.78
N UNK A 95 82.73 -61.62 -36.79
CA UNK A 95 82.64 -60.59 -37.81
C UNK A 95 82.23 -59.26 -37.18
N UNK A 96 81.28 -59.31 -36.26
CA UNK A 96 80.83 -58.10 -35.58
C UNK A 96 81.97 -57.53 -34.75
N UNK A 97 82.69 -58.41 -34.06
CA UNK A 97 83.81 -58.01 -33.23
C UNK A 97 84.90 -57.35 -34.08
N UNK A 98 85.16 -57.94 -35.25
CA UNK A 98 86.16 -57.41 -36.16
C UNK A 98 85.78 -56.01 -36.61
N UNK A 99 84.50 -55.83 -36.92
CA UNK A 99 83.99 -54.53 -37.35
C UNK A 99 84.17 -53.51 -36.23
N UNK A 100 83.87 -53.93 -35.01
CA UNK A 100 84.01 -53.05 -33.85
C UNK A 100 85.46 -52.63 -33.68
N UNK A 101 86.37 -53.59 -33.86
CA UNK A 101 87.79 -53.31 -33.75
C UNK A 101 88.24 -52.31 -34.81
N UNK A 102 87.71 -52.47 -36.02
CA UNK A 102 88.06 -51.59 -37.13
C UNK A 102 87.83 -50.12 -36.76
N UNK A 103 80.29 -45.26 -28.64
CA UNK A 103 81.06 -44.91 -27.46
C UNK A 103 80.69 -45.81 -26.29
N UNK A 104 80.04 -45.24 -25.29
CA UNK A 104 79.63 -45.99 -24.10
C UNK A 104 78.64 -47.07 -24.49
N UNK A 105 77.70 -46.73 -25.38
CA UNK A 105 76.70 -47.68 -25.84
C UNK A 105 77.38 -48.83 -26.58
N UNK A 106 78.38 -48.51 -27.39
CA UNK A 106 79.12 -49.52 -28.13
C UNK A 106 79.85 -50.45 -27.15
N UNK A 107 80.42 -49.87 -26.11
CA UNK A 107 81.12 -50.66 -25.10
C UNK A 107 80.15 -51.60 -24.40
N UNK A 108 78.96 -51.10 -24.10
CA UNK A 108 77.93 -51.90 -23.45
C UNK A 108 77.53 -53.07 -24.35
N UNK A 109 77.40 -52.78 -25.64
CA UNK A 109 77.03 -53.80 -26.63
C UNK A 109 78.12 -54.88 -26.68
N UNK A 110 79.38 -54.45 -26.63
CA UNK A 110 80.51 -55.37 -26.64
C UNK A 110 80.46 -56.26 -25.41
N UNK A 111 80.13 -55.66 -24.26
CA UNK A 111 80.04 -56.40 -23.01
C UNK A 111 78.93 -57.44 -23.11
N UNK A 112 77.81 -57.06 -23.71
CA UNK A 112 76.68 -57.98 -23.88
C UNK A 112 77.04 -59.04 -24.90
N UNK A 113 77.48 -58.59 -26.08
CA UNK A 113 77.86 -59.49 -27.16
C UNK A 113 78.94 -60.45 -26.68
N UNK A 114 79.89 -59.92 -25.90
CA UNK A 114 80.97 -60.74 -25.36
C UNK A 114 80.41 -61.80 -24.44
N UNK A 115 79.43 -61.40 -23.61
CA UNK A 115 78.80 -62.33 -22.68
C UNK A 115 78.09 -63.43 -23.46
N UNK A 116 77.41 -63.06 -24.55
CA UNK A 116 76.70 -64.01 -25.38
C UNK A 116 77.69 -65.00 -26.00
N UNK A 117 78.84 -64.49 -26.44
CA UNK A 117 79.87 -65.32 -27.04
C UNK A 117 80.40 -66.31 -26.01
N UNK A 118 80.59 -65.84 -24.78
CA UNK A 118 81.06 -66.70 -23.70
C UNK A 118 80.05 -67.80 -23.43
N UNK A 119 78.76 -67.45 -23.46
CA UNK A 119 77.70 -68.42 -23.23
C UNK A 119 77.71 -69.47 -24.34
N UNK A 120 77.93 -69.03 -25.58
CA UNK A 120 77.97 -69.93 -26.71
C UNK A 120 79.40 -70.38 -27.00
N UNK A 121 69.11 -69.65 -33.31
CA UNK A 121 67.78 -69.22 -33.75
C UNK A 121 67.53 -67.76 -33.39
N UNK A 122 66.60 -67.53 -32.47
CA UNK A 122 66.28 -66.19 -32.04
C UNK A 122 67.49 -65.53 -31.38
N UNK A 123 68.20 -66.30 -30.57
CA UNK A 123 69.40 -65.80 -29.90
C UNK A 123 70.45 -65.41 -30.92
N UNK A 124 70.60 -66.25 -31.95
CA UNK A 124 71.56 -65.98 -33.02
C UNK A 124 71.18 -64.68 -33.75
N UNK A 125 69.88 -64.52 -33.98
CA UNK A 125 69.36 -63.34 -34.64
C UNK A 125 69.67 -62.15 -33.74
N UNK A 126 69.57 -62.38 -32.43
CA UNK A 126 69.84 -61.34 -31.44
C UNK A 126 71.29 -60.87 -31.55
N UNK A 127 72.22 -61.79 -31.77
CA UNK A 127 73.62 -61.45 -31.92
C UNK A 127 73.80 -60.54 -33.14
N UNK A 128 73.10 -60.88 -34.23
CA UNK A 128 73.16 -60.10 -35.46
C UNK A 128 72.63 -58.68 -35.20
N UNK A 129 71.54 -58.60 -34.42
CA UNK A 129 70.94 -57.32 -34.06
C UNK A 129 71.93 -56.49 -33.25
N UNK A 130 72.64 -57.15 -32.34
CA UNK A 130 73.65 -56.49 -31.50
C UNK A 130 74.76 -55.95 -32.38
N UNK A 131 75.16 -56.74 -33.39
CA UNK A 131 76.20 -56.29 -34.31
C UNK A 131 75.72 -55.06 -35.06
N UNK A 132 74.46 -55.09 -35.50
CA UNK A 132 73.86 -53.95 -36.18
C UNK A 132 73.83 -52.81 -35.16
N UNK A 133 73.47 -53.16 -33.93
CA UNK A 133 73.41 -52.19 -32.84
C UNK A 133 74.80 -51.58 -32.61
N UNK A 134 75.82 -52.43 -32.67
CA UNK A 134 77.19 -51.98 -32.49
C UNK A 134 77.58 -51.01 -33.59
N UNK A 135 77.16 -51.30 -34.82
CA UNK A 135 77.45 -50.45 -35.96
C UNK A 135 77.02 -49.01 -35.70
N UNK A 136 68.83 -44.92 -15.64
CA UNK A 136 69.52 -45.21 -16.90
C UNK A 136 70.69 -46.14 -16.69
N UNK A 137 71.79 -45.61 -16.15
CA UNK A 137 72.98 -46.42 -15.89
C UNK A 137 72.68 -47.52 -14.89
N UNK A 138 71.92 -47.19 -13.86
CA UNK A 138 71.56 -48.17 -12.84
C UNK A 138 70.74 -49.30 -13.46
N UNK A 139 69.81 -48.93 -14.33
CA UNK A 139 68.96 -49.90 -15.01
C UNK A 139 69.82 -50.81 -15.88
N UNK A 140 70.76 -50.16 -16.57
CA UNK A 140 71.71 -50.77 -17.47
C UNK A 140 72.64 -51.74 -16.79
N UNK A 141 73.12 -51.41 -15.59
CA UNK A 141 74.00 -52.35 -14.89
C UNK A 141 73.20 -53.61 -14.55
N UNK A 142 71.99 -53.40 -14.03
CA UNK A 142 71.10 -54.50 -13.65
C UNK A 142 70.70 -55.28 -14.89
N UNK A 143 70.40 -54.53 -15.96
CA UNK A 143 69.99 -55.14 -17.21
C UNK A 143 71.10 -56.05 -17.74
N UNK A 144 72.32 -55.52 -17.80
CA UNK A 144 73.45 -56.31 -18.29
C UNK A 144 73.70 -57.49 -17.36
N UNK A 145 73.61 -57.26 -16.05
CA UNK A 145 73.82 -58.31 -15.07
C UNK A 145 72.77 -59.39 -15.24
N UNK A 146 71.52 -58.98 -15.46
CA UNK A 146 70.43 -59.91 -15.65
C UNK A 146 70.67 -60.75 -16.90
N UNK A 147 71.14 -60.10 -17.96
CA UNK A 147 71.42 -60.80 -19.21
C UNK A 147 72.51 -61.83 -18.99
N UNK A 148 73.54 -61.47 -18.23
CA UNK A 148 74.64 -62.37 -17.93
C UNK A 148 74.12 -63.58 -17.15
N UNK A 149 73.22 -63.32 -16.19
CA UNK A 149 72.64 -64.39 -15.39
C UNK A 149 71.84 -65.34 -16.27
N UNK A 150 71.10 -64.76 -17.22
CA UNK A 150 70.30 -65.56 -18.15
C UNK A 150 71.20 -66.44 -19.01
N UNK A 151 72.32 -65.87 -19.44
CA UNK A 151 73.28 -66.59 -20.27
C UNK A 151 74.06 -67.62 -19.46
N UNK A 152 71.94 -42.57 -26.60
CA UNK A 152 73.09 -42.69 -25.69
C UNK A 152 72.86 -43.78 -24.66
N UNK A 153 73.04 -43.44 -23.39
CA UNK A 153 72.87 -44.40 -22.32
C UNK A 153 71.43 -44.90 -22.27
N UNK A 154 70.48 -43.99 -22.46
CA UNK A 154 69.07 -44.35 -22.45
C UNK A 154 68.77 -45.32 -23.59
N UNK A 155 69.36 -45.04 -24.76
CA UNK A 155 69.17 -45.89 -25.93
C UNK A 155 69.73 -47.28 -25.66
N UNK A 156 70.89 -47.32 -25.01
CA UNK A 156 71.52 -48.60 -24.67
C UNK A 156 70.63 -49.39 -23.73
N UNK A 157 70.04 -48.69 -22.76
CA UNK A 157 69.15 -49.33 -21.80
C UNK A 157 67.93 -49.90 -22.51
N UNK A 158 67.36 -49.16 -23.45
CA UNK A 158 66.18 -49.63 -24.17
C UNK A 158 66.40 -50.89 -25.01
N UNK A 159 67.55 -50.94 -25.69
CA UNK A 159 67.87 -52.07 -26.55
C UNK A 159 67.97 -53.36 -25.75
N UNK A 160 68.58 -53.28 -24.58
CA UNK A 160 68.74 -54.45 -23.73
C UNK A 160 67.37 -54.98 -23.32
N UNK A 161 66.47 -54.06 -22.96
CA UNK A 161 65.12 -54.44 -22.56
C UNK A 161 64.41 -55.13 -23.72
N UNK A 162 64.55 -54.56 -24.90
CA UNK A 162 63.91 -55.10 -26.10
C UNK A 162 64.38 -56.52 -26.35
N UNK A 163 65.69 -56.73 -26.33
CA UNK A 163 66.26 -58.04 -26.55
C UNK A 163 65.81 -59.01 -25.46
N UNK A 164 65.79 -58.53 -24.22
CA UNK A 164 65.36 -59.35 -23.09
C UNK A 164 63.91 -59.76 -23.26
N UNK A 165 63.09 -58.81 -23.70
CA UNK A 165 61.67 -59.07 -23.92
C UNK A 165 61.50 -60.12 -25.01
N UNK A 166 62.30 -60.00 -26.07
CA UNK A 166 62.25 -60.95 -27.17
C UNK A 166 62.62 -62.34 -26.69
N UNK A 167 63.64 -62.41 -25.83
CA UNK A 167 64.09 -63.69 -25.29
C UNK A 167 62.99 -64.31 -24.44
N UNK A 168 62.31 -63.47 -23.66
CA UNK A 168 61.21 -63.95 -22.82
C UNK A 168 60.09 -64.51 -23.69
N UNK A 169 59.80 -63.81 -24.79
CA UNK A 169 58.76 -64.24 -25.72
C UNK A 169 59.14 -65.58 -26.33
N UNK A 170 60.41 -65.75 -26.68
CA UNK A 170 60.91 -66.99 -27.25
C UNK A 170 60.76 -68.12 -26.25
N UNK A 171 61.05 -67.84 -24.99
CA UNK A 171 60.95 -68.84 -23.93
C UNK A 171 59.50 -69.09 -23.54
N UNK A 172 61.98 -38.70 -19.01
CA UNK A 172 61.28 -39.81 -18.40
C UNK A 172 62.25 -40.87 -17.91
N UNK A 173 63.45 -40.41 -17.51
CA UNK A 173 64.47 -41.32 -17.02
C UNK A 173 64.00 -42.02 -15.75
N UNK A 174 63.34 -41.28 -14.88
CA UNK A 174 62.82 -41.85 -13.64
C UNK A 174 61.78 -42.91 -13.95
N UNK A 175 60.93 -42.63 -14.93
CA UNK A 175 59.89 -43.58 -15.32
C UNK A 175 60.54 -44.85 -15.87
N UNK A 176 61.60 -44.68 -16.66
CA UNK A 176 62.30 -45.83 -17.22
C UNK A 176 62.90 -46.67 -16.11
N UNK A 177 63.48 -46.00 -15.11
CA UNK A 177 64.08 -46.68 -13.97
C UNK A 177 63.02 -47.47 -13.21
N UNK A 178 61.84 -46.87 -13.04
CA UNK A 178 60.74 -47.52 -12.35
C UNK A 178 60.31 -48.77 -13.12
N UNK A 179 60.25 -48.65 -14.45
CA UNK A 179 59.86 -49.76 -15.29
C UNK A 179 60.87 -50.89 -15.16
N UNK A 180 62.16 -50.53 -15.12
CA UNK A 180 63.22 -51.51 -14.98
C UNK A 180 63.08 -52.23 -13.64
N UNK A 181 62.77 -51.48 -12.59
CA UNK A 181 62.59 -52.06 -11.27
C UNK A 181 61.42 -53.03 -11.27
N UNK A 182 60.34 -52.65 -11.95
CA UNK A 182 59.16 -53.48 -12.04
C UNK A 182 59.48 -54.78 -12.77
N UNK A 183 60.29 -54.69 -13.82
CA UNK A 183 60.68 -55.85 -14.60
C UNK A 183 61.40 -56.86 -13.71
N UNK A 184 62.56 -56.46 -13.19
CA UNK A 184 63.34 -57.32 -12.32
C UNK A 184 62.42 -58.06 -11.36
N UNK A 185 61.43 -57.33 -10.83
CA UNK A 185 60.47 -57.92 -9.91
C UNK A 185 59.66 -59.01 -10.61
N UNK A 186 59.29 -58.76 -11.86
CA UNK A 186 58.55 -59.73 -12.64
C UNK A 186 59.38 -60.98 -12.86
N UNK A 187 60.67 -60.78 -13.13
CA UNK A 187 61.59 -61.90 -13.36
C UNK A 187 61.68 -62.80 -12.13
N UNK A 188 47.09 -66.01 -20.46
CA UNK A 188 46.41 -65.23 -19.44
C UNK A 188 47.41 -64.36 -18.67
N UNK A 189 48.00 -64.94 -17.62
CA UNK A 189 48.97 -64.23 -16.80
C UNK A 189 50.19 -63.86 -17.64
N UNK A 190 50.63 -64.78 -18.48
CA UNK A 190 51.78 -64.56 -19.34
C UNK A 190 51.48 -63.42 -20.30
N UNK A 191 50.28 -63.41 -20.85
CA UNK A 191 49.86 -62.37 -21.77
C UNK A 191 49.86 -61.01 -21.07
N UNK A 192 49.37 -61.00 -19.83
CA UNK A 192 49.33 -59.77 -19.05
C UNK A 192 50.75 -59.26 -18.80
N UNK A 193 51.67 -60.18 -18.50
CA UNK A 193 53.06 -59.82 -18.27
C UNK A 193 53.66 -59.22 -19.52
N UNK A 194 53.34 -59.82 -20.67
CA UNK A 194 53.85 -59.32 -21.95
C UNK A 194 53.33 -57.92 -22.21
N UNK A 195 52.05 -57.70 -21.89
CA UNK A 195 51.43 -56.39 -22.07
C UNK A 195 52.12 -55.36 -21.18
N UNK A 196 52.44 -55.76 -19.95
CA UNK A 196 53.11 -54.88 -19.01
C UNK A 196 54.48 -54.52 -19.55
N UNK A 197 55.18 -55.50 -20.12
CA UNK A 197 56.50 -55.27 -20.69
C UNK A 197 56.40 -54.28 -21.85
N UNK A 198 55.35 -54.45 -22.64
CA UNK A 198 55.11 -53.58 -23.79
C UNK A 198 54.92 -52.20 -23.22
N UNK A 199 54.24 -52.12 -22.08
CA UNK A 199 54.01 -50.85 -21.39
C UNK A 199 55.36 -50.28 -20.95
N UNK A 200 56.23 -51.15 -20.44
CA UNK A 200 57.56 -50.75 -20.01
C UNK A 200 58.35 -50.23 -21.21
N UNK A 201 58.20 -50.89 -22.35
CA UNK A 201 58.90 -50.49 -23.55
C UNK A 201 58.45 -49.11 -24.00
N UNK A 202 57.20 -48.77 -23.69
CA UNK A 202 56.65 -47.48 -24.07
C UNK A 202 57.41 -46.35 -23.41
N UNK A 203 57.76 -46.54 -22.14
CA UNK A 203 58.51 -45.52 -21.39
C UNK A 203 59.88 -45.32 -22.03
N UNK A 204 60.51 -46.43 -22.43
CA UNK A 204 61.81 -46.36 -23.07
C UNK A 204 61.72 -45.61 -24.39
N UNK A 205 60.65 -45.87 -25.13
CA UNK A 205 60.42 -45.20 -26.40
C UNK A 205 60.26 -43.70 -26.17
N UNK A 206 59.53 -43.33 -25.13
CA UNK A 206 59.32 -41.93 -24.80
C UNK A 206 60.64 -41.27 -24.45
N UNK A 207 61.48 -41.98 -23.71
CA UNK A 207 62.78 -41.47 -23.32
C UNK A 207 63.84 -41.85 -24.33
N UNK A 208 42.30 -63.18 -8.78
CA UNK A 208 41.89 -61.87 -8.26
C UNK A 208 43.11 -61.07 -7.81
N UNK A 209 43.98 -61.70 -7.05
CA UNK A 209 45.17 -61.05 -6.54
C UNK A 209 46.07 -60.62 -7.70
N UNK A 210 46.19 -61.48 -8.70
CA UNK A 210 47.00 -61.18 -9.87
C UNK A 210 46.44 -59.97 -10.60
N UNK A 211 45.11 -59.93 -10.73
CA UNK A 211 44.44 -58.83 -11.40
C UNK A 211 44.69 -57.53 -10.65
N UNK A 212 44.63 -57.60 -9.32
CA UNK A 212 44.86 -56.43 -8.48
C UNK A 212 46.29 -55.93 -8.68
N UNK A 213 47.23 -56.86 -8.76
CA UNK A 213 48.64 -56.53 -8.96
C UNK A 213 48.81 -55.84 -10.31
N UNK A 214 48.12 -56.35 -11.33
CA UNK A 214 48.18 -55.76 -12.66
C UNK A 214 47.65 -54.34 -12.63
N UNK A 215 46.55 -54.14 -11.91
CA UNK A 215 45.95 -52.81 -11.78
C UNK A 215 46.92 -51.86 -11.10
N UNK A 216 47.62 -52.36 -10.07
CA UNK A 216 48.59 -51.56 -9.34
C UNK A 216 49.73 -51.17 -10.27
N UNK A 217 50.16 -52.11 -11.11
CA UNK A 217 51.23 -51.86 -12.06
C UNK A 217 50.80 -50.78 -13.04
N UNK A 218 49.55 -50.85 -13.49
CA UNK A 218 49.01 -49.86 -14.42
C UNK A 218 49.00 -48.49 -13.76
N UNK A 219 48.63 -48.44 -12.49
CA UNK A 219 48.58 -47.19 -11.75
C UNK A 219 49.99 -46.61 -11.64
N UNK A 220 50.97 -47.48 -11.39
CA UNK A 220 52.36 -47.05 -11.28
C UNK A 220 52.83 -46.47 -12.61
N UNK A 221 52.43 -47.11 -13.70
CA UNK A 221 52.79 -46.65 -15.03
C UNK A 221 52.19 -45.28 -15.29
N UNK A 222 50.94 -45.09 -14.86
CA UNK A 222 50.26 -43.82 -15.01
C UNK A 222 50.99 -42.73 -14.23
N UNK A 223 51.43 -43.07 -13.02
CA UNK A 223 52.16 -42.15 -12.17
C UNK A 223 53.48 -41.74 -12.83
N UNK A 224 54.15 -42.72 -13.44
CA UNK A 224 55.41 -42.47 -14.12
C UNK A 224 55.19 -41.94 -15.53
N UNK A 225 47.14 -35.06 -4.47
CA UNK A 225 45.70 -34.85 -4.35
C UNK A 225 44.98 -36.17 -4.15
N UNK A 226 43.84 -36.33 -4.82
CA UNK A 226 43.04 -37.54 -4.72
C UNK A 226 43.84 -38.73 -5.22
N UNK A 227 44.56 -38.54 -6.32
CA UNK A 227 45.36 -39.61 -6.90
C UNK A 227 46.45 -40.02 -5.90
N UNK A 228 47.07 -39.04 -5.26
CA UNK A 228 48.13 -39.31 -4.28
C UNK A 228 47.55 -40.10 -3.11
N UNK A 229 46.35 -39.71 -2.67
CA UNK A 229 45.70 -40.39 -1.57
C UNK A 229 45.41 -41.85 -1.95
N UNK A 230 44.98 -42.05 -3.18
CA UNK A 230 44.67 -43.38 -3.68
C UNK A 230 45.95 -44.22 -3.70
N UNK A 231 47.06 -43.61 -4.12
CA UNK A 231 48.35 -44.29 -4.17
C UNK A 231 48.77 -44.70 -2.76
N UNK A 232 48.55 -43.81 -1.79
CA UNK A 232 48.90 -44.10 -0.41
C UNK A 232 48.08 -45.29 0.10
N UNK A 233 46.79 -45.29 -0.26
CA UNK A 233 45.88 -46.36 0.14
C UNK A 233 46.35 -47.67 -0.46
N UNK A 234 46.78 -47.63 -1.72
CA UNK A 234 47.26 -48.82 -2.42
C UNK A 234 48.50 -49.35 -1.73
N UNK A 235 49.39 -48.45 -1.31
CA UNK A 235 50.60 -48.84 -0.61
C UNK A 235 50.24 -49.52 0.71
N UNK A 236 49.26 -48.97 1.40
CA UNK A 236 48.82 -49.54 2.67
C UNK A 236 48.26 -50.94 2.45
N UNK A 237 47.49 -51.10 1.37
CA UNK A 237 46.90 -52.37 1.01
C UNK A 237 47.98 -53.39 0.73
N UNK A 238 49.03 -52.96 0.02
CA UNK A 238 50.15 -53.81 -0.32
C UNK A 238 50.84 -54.27 0.96
N UNK A 239 51.00 -53.35 1.91
CA UNK A 239 51.63 -53.66 3.18
C UNK A 239 50.80 -54.70 3.92
N UNK A 240 49.48 -54.53 3.89
CA UNK A 240 48.57 -55.46 4.55
C UNK A 240 48.70 -56.85 3.92
N UNK A 241 48.80 -56.89 2.59
CA UNK A 241 48.93 -58.14 1.87
C UNK A 241 50.24 -58.83 2.25
N UNK A 242 51.29 -58.05 2.39
CA UNK A 242 52.60 -58.59 2.75
C UNK A 242 52.80 -58.54 4.27
N UNK A 243 41.68 -36.96 -16.43
CA UNK A 243 41.70 -38.22 -17.16
C UNK A 243 42.48 -39.28 -16.37
N UNK A 244 43.79 -39.07 -16.25
CA UNK A 244 44.64 -40.00 -15.52
C UNK A 244 44.23 -40.05 -14.06
N UNK A 245 43.93 -38.90 -13.48
CA UNK A 245 43.51 -38.83 -12.08
C UNK A 245 42.22 -39.60 -11.89
N UNK A 246 41.29 -39.44 -12.84
CA UNK A 246 40.00 -40.13 -12.78
C UNK A 246 40.22 -41.64 -12.85
N UNK A 247 41.14 -42.06 -13.72
CA UNK A 247 41.44 -43.47 -13.88
C UNK A 247 42.01 -44.02 -12.58
N UNK A 248 42.89 -43.25 -11.94
CA UNK A 248 43.49 -43.66 -10.68
C UNK A 248 42.42 -43.81 -9.61
N UNK A 249 41.48 -42.87 -9.59
CA UNK A 249 40.39 -42.90 -8.62
C UNK A 249 39.55 -44.15 -8.84
N UNK A 250 39.28 -44.47 -10.09
CA UNK A 250 38.49 -45.65 -10.41
C UNK A 250 39.22 -46.92 -9.98
N UNK A 251 40.53 -46.93 -10.18
CA UNK A 251 41.37 -48.07 -9.83
C UNK A 251 41.47 -48.27 -8.32
N UNK A 252 41.65 -47.19 -7.57
CA UNK A 252 41.77 -47.32 -6.13
C UNK A 252 40.46 -47.82 -5.54
N UNK A 253 39.35 -47.27 -6.04
CA UNK A 253 38.04 -47.69 -5.57
C UNK A 253 37.81 -49.15 -5.90
N UNK A 254 38.18 -49.54 -7.12
CA UNK A 254 38.03 -50.91 -7.57
C UNK A 254 38.98 -51.82 -6.80
N UNK A 255 40.21 -51.36 -6.59
CA UNK A 255 41.21 -52.13 -5.88
C UNK A 255 40.75 -52.40 -4.44
N UNK A 256 40.18 -51.37 -3.82
CA UNK A 256 39.70 -51.50 -2.44
C UNK A 256 38.59 -52.53 -2.37
N UNK A 257 37.70 -52.49 -3.36
CA UNK A 257 36.58 -53.43 -3.42
C UNK A 257 37.12 -54.85 -3.58
N UNK A 258 38.14 -55.01 -4.41
CA UNK A 258 38.76 -56.32 -4.63
C UNK A 258 39.37 -56.82 -3.33
N UNK A 259 40.02 -55.94 -2.60
CA UNK A 259 40.64 -56.29 -1.33
C UNK A 259 39.57 -56.75 -0.34
N UNK A 260 38.43 -56.04 -0.33
CA UNK A 260 37.33 -56.38 0.56
C UNK A 260 36.79 -57.76 0.21
N UNK A 261 36.69 -58.04 -1.09
CA UNK A 261 36.20 -59.33 -1.56
C UNK A 261 37.15 -60.43 -1.12
N UNK A 262 38.45 -60.16 -1.22
CA UNK A 262 39.46 -61.13 -0.81
C UNK A 262 39.34 -61.42 0.68
N UNK A 263 39.11 -60.36 1.46
CA UNK A 263 38.95 -60.49 2.90
C UNK A 263 37.73 -61.34 3.23
N UNK A 264 36.65 -61.13 2.48
CA UNK A 264 35.42 -61.88 2.69
C UNK A 264 35.67 -63.38 2.66
N UNK A 265 42.53 -35.16 7.38
CA UNK A 265 42.42 -36.37 6.60
C UNK A 265 43.70 -37.19 6.68
N UNK A 266 44.83 -36.48 6.72
CA UNK A 266 46.13 -37.14 6.81
C UNK A 266 46.23 -37.92 8.11
N UNK A 267 45.78 -37.31 9.19
CA UNK A 267 45.79 -37.99 10.49
C UNK A 267 44.83 -39.16 10.43
N UNK A 268 43.67 -38.93 9.83
CA UNK A 268 42.66 -39.96 9.67
C UNK A 268 43.19 -41.08 8.80
N UNK A 269 43.90 -40.71 7.74
CA UNK A 269 44.47 -41.70 6.83
C UNK A 269 45.49 -42.55 7.57
N UNK A 270 46.34 -41.92 8.37
CA UNK A 270 47.36 -42.63 9.12
C UNK A 270 46.71 -43.54 10.15
N UNK A 271 45.73 -43.02 10.87
CA UNK A 271 45.03 -43.80 11.89
C UNK A 271 44.32 -44.98 11.24
N UNK A 272 43.69 -44.74 10.09
CA UNK A 272 42.98 -45.79 9.37
C UNK A 272 43.96 -46.88 8.95
N UNK A 273 45.14 -46.47 8.48
CA UNK A 273 46.16 -47.41 8.05
C UNK A 273 46.61 -48.26 9.24
N UNK A 274 46.77 -47.61 10.40
CA UNK A 274 47.19 -48.31 11.60
C UNK A 274 46.13 -49.34 12.00
N UNK A 275 44.86 -48.95 11.89
CA UNK A 275 43.75 -49.83 12.22
C UNK A 275 43.75 -51.04 11.30
N UNK A 276 44.02 -50.80 10.02
CA UNK A 276 44.08 -51.86 9.03
C UNK A 276 45.21 -52.82 9.37
N UNK A 277 46.34 -52.28 9.78
CA UNK A 277 47.49 -53.10 10.16
C UNK A 277 47.14 -53.96 11.37
N UNK A 278 46.42 -53.37 12.33
CA UNK A 278 46.02 -54.09 13.52
C UNK A 278 45.08 -55.23 13.14
N UNK A 279 44.17 -54.97 12.21
CA UNK A 279 43.23 -55.97 11.75
C UNK A 279 43.97 -57.12 11.07
N UNK A 280 45.00 -56.78 10.28
CA UNK A 280 45.78 -57.77 9.58
C UNK A 280 46.32 -58.84 10.54
N UNK A 281 34.91 -59.21 10.28
CA UNK A 281 34.67 -59.19 8.83
C UNK A 281 33.87 -57.96 8.44
N UNK A 282 32.62 -57.90 8.87
CA UNK A 282 31.75 -56.78 8.55
C UNK A 282 32.31 -55.49 9.14
N UNK A 283 32.82 -55.58 10.37
CA UNK A 283 33.39 -54.40 11.03
C UNK A 283 34.60 -53.90 10.26
N UNK A 284 35.43 -54.84 9.80
CA UNK A 284 36.62 -54.50 9.03
C UNK A 284 36.22 -53.82 7.72
N UNK A 285 35.18 -54.34 7.09
CA UNK A 285 34.68 -53.77 5.85
C UNK A 285 34.19 -52.35 6.08
N UNK A 286 33.49 -52.15 7.19
CA UNK A 286 32.98 -50.83 7.54
C UNK A 286 34.13 -49.86 7.75
N UNK A 287 35.19 -50.32 8.42
CA UNK A 287 36.36 -49.51 8.66
C UNK A 287 37.00 -49.11 7.34
N UNK A 288 37.08 -50.07 6.42
CA UNK A 288 37.66 -49.81 5.11
C UNK A 288 36.83 -48.77 4.37
N UNK A 289 35.51 -48.87 4.48
CA UNK A 289 34.60 -47.93 3.83
C UNK A 289 34.81 -46.53 4.41
N UNK A 290 34.98 -46.47 5.72
CA UNK A 290 35.20 -45.20 6.40
C UNK A 290 36.51 -44.57 5.91
N UNK A 291 37.53 -45.41 5.74
CA UNK A 291 38.83 -44.94 5.26
C UNK A 291 38.68 -44.39 3.85
N UNK A 292 37.89 -45.09 3.02
CA UNK A 292 37.66 -44.66 1.65
C UNK A 292 36.94 -43.31 1.64
N UNK A 293 35.98 -43.15 2.54
CA UNK A 293 35.22 -41.91 2.65
C UNK A 293 36.17 -40.78 3.05
N UNK A 294 37.08 -41.06 3.96
CA UNK A 294 38.06 -40.06 4.41
C UNK A 294 38.95 -39.67 3.24
N UNK A 295 39.35 -40.65 2.44
CA UNK A 295 40.20 -40.40 1.29
C UNK A 295 39.46 -39.51 0.30
N UNK A 296 38.16 -39.76 0.14
CA UNK A 296 37.35 -38.98 -0.78
C UNK A 296 37.10 -37.58 -0.23
N UNK A 297 41.92 -52.08 17.45
CA UNK A 297 40.81 -52.42 18.33
C UNK A 297 40.41 -51.23 19.20
N UNK A 298 40.94 -51.19 20.42
CA UNK A 298 40.63 -50.09 21.34
C UNK A 298 41.12 -48.77 20.77
N UNK A 299 42.33 -48.76 20.21
CA UNK A 299 42.89 -47.56 19.63
C UNK A 299 42.02 -47.15 18.45
N UNK A 300 41.58 -48.14 17.69
CA UNK A 300 40.73 -47.91 16.53
C UNK A 300 39.41 -47.28 16.96
N UNK A 301 38.85 -47.77 18.07
CA UNK A 301 37.60 -47.23 18.58
C UNK A 301 37.77 -45.77 18.96
N UNK A 302 38.90 -45.45 19.59
CA UNK A 302 39.19 -44.08 20.00
C UNK A 302 39.30 -43.19 18.77
N UNK A 303 39.95 -43.71 17.73
CA UNK A 303 40.12 -42.97 16.48
C UNK A 303 38.75 -42.70 15.86
N UNK A 304 37.87 -43.70 15.90
CA UNK A 304 36.53 -43.57 15.35
C UNK A 304 35.76 -42.49 16.12
N UNK A 305 35.92 -42.49 17.44
CA UNK A 305 35.25 -41.50 18.28
C UNK A 305 35.74 -40.11 17.93
N UNK A 306 37.04 -39.98 17.71
CA UNK A 306 37.63 -38.69 17.35
C UNK A 306 37.06 -38.22 16.01
N UNK A 307 36.94 -39.15 15.06
CA UNK A 307 36.39 -38.83 13.75
C UNK A 307 34.95 -38.36 13.88
N UNK A 308 34.19 -39.02 14.74
CA UNK A 308 32.79 -38.67 14.98
C UNK A 308 32.70 -37.28 15.57
N UNK A 309 33.62 -36.96 16.48
CA UNK A 309 33.63 -35.65 17.12
C UNK A 309 34.27 -34.61 16.22
N UNK A 310 27.41 -52.48 20.94
CA UNK A 310 28.54 -53.40 20.74
C UNK A 310 29.14 -53.21 19.36
N UNK A 311 29.33 -54.32 18.64
CA UNK A 311 29.91 -54.28 17.30
C UNK A 311 29.00 -53.48 16.36
N UNK A 312 27.69 -53.70 16.49
CA UNK A 312 26.71 -52.98 15.68
C UNK A 312 26.78 -51.49 15.98
N UNK A 313 26.95 -51.17 17.25
CA UNK A 313 27.05 -49.78 17.68
C UNK A 313 28.28 -49.18 17.03
N UNK A 314 29.37 -49.96 16.99
CA UNK A 314 30.60 -49.52 16.34
C UNK A 314 30.35 -49.33 14.85
N UNK A 315 29.62 -50.29 14.28
CA UNK A 315 29.26 -50.26 12.86
C UNK A 315 28.39 -49.06 12.58
N UNK A 316 27.46 -48.78 13.49
CA UNK A 316 26.56 -47.64 13.35
C UNK A 316 27.36 -46.35 13.35
N UNK A 317 28.41 -46.30 14.18
CA UNK A 317 29.26 -45.12 14.25
C UNK A 317 29.95 -44.88 12.92
N UNK A 318 30.42 -45.96 12.29
CA UNK A 318 31.09 -45.86 11.01
C UNK A 318 30.13 -45.31 9.96
N UNK A 319 28.89 -45.80 10.00
CA UNK A 319 27.86 -45.35 9.07
C UNK A 319 27.59 -43.87 9.26
N UNK A 320 27.53 -43.45 10.51
CA UNK A 320 27.29 -42.05 10.84
C UNK A 320 28.42 -41.19 10.29
N UNK A 321 29.65 -41.67 10.45
CA UNK A 321 30.82 -40.95 9.95
C UNK A 321 30.75 -40.82 8.44
N UNK A 322 30.33 -41.89 7.77
CA UNK A 322 30.21 -41.88 6.32
C UNK A 322 29.17 -40.87 5.89
N UNK A 323 28.06 -40.82 6.63
CA UNK A 323 26.98 -39.88 6.33
C UNK A 323 27.49 -38.45 6.50
N UNK A 324 28.28 -38.21 7.54
CA UNK A 324 28.84 -36.90 7.80
C UNK A 324 29.77 -36.48 6.67
N UNK A 325 30.55 -37.44 6.18
CA UNK A 325 31.49 -37.18 5.09
C UNK A 325 30.78 -36.55 3.89
N UNK A 326 25.86 -53.05 26.44
CA UNK A 326 25.46 -51.70 26.07
C UNK A 326 26.20 -50.66 26.91
N UNK A 327 26.97 -51.14 27.88
CA UNK A 327 27.74 -50.25 28.73
C UNK A 327 28.74 -49.46 27.88
N UNK A 328 29.36 -50.16 26.93
CA UNK A 328 30.32 -49.53 26.03
C UNK A 328 29.62 -48.47 25.19
N UNK A 329 28.41 -48.79 24.73
CA UNK A 329 27.62 -47.87 23.93
C UNK A 329 27.29 -46.63 24.75
N UNK A 330 26.95 -46.83 26.03
CA UNK A 330 26.62 -45.73 26.92
C UNK A 330 27.84 -44.83 27.10
N UNK A 331 29.01 -45.45 27.24
CA UNK A 331 30.25 -44.70 27.39
C UNK A 331 30.52 -43.87 26.14
N UNK A 332 30.27 -44.48 24.98
CA UNK A 332 30.45 -43.79 23.71
C UNK A 332 29.51 -42.59 23.61
N UNK A 333 28.28 -42.78 24.06
CA UNK A 333 27.28 -41.71 24.04
C UNK A 333 27.74 -40.56 24.94
N UNK A 334 28.29 -40.91 26.10
CA UNK A 334 28.78 -39.90 27.03
C UNK A 334 29.92 -39.12 26.40
N UNK A 335 30.81 -39.84 25.70
CA UNK A 335 31.94 -39.21 25.02
C UNK A 335 31.44 -38.26 23.95
N UNK A 336 30.40 -38.68 23.22
CA UNK A 336 29.82 -37.85 22.16
C UNK A 336 29.23 -36.58 22.76
N UNK A 337 28.57 -36.73 23.90
CA UNK A 337 27.97 -35.59 24.59
C UNK A 337 29.06 -34.62 25.01
N UNK A 338 30.18 -35.15 25.51
CA UNK A 338 31.30 -34.32 25.92
C UNK A 338 31.87 -33.57 24.73
N UNK A 339 31.97 -34.26 23.60
CA UNK A 339 32.47 -33.67 22.36
C UNK A 339 31.57 -32.53 21.91
N UNK A 340 30.26 -32.73 22.03
CA UNK A 340 29.30 -31.71 21.64
C UNK A 340 29.48 -30.47 22.49
N UNK A 341 29.73 -30.69 23.78
CA UNK A 341 29.93 -29.60 24.73
C UNK A 341 31.03 -28.66 24.24
N UNK A 342 25.72 -31.08 11.16
CA UNK A 342 25.05 -30.98 12.45
C UNK A 342 23.74 -31.76 12.44
N UNK A 343 22.82 -31.35 11.59
CA UNK A 343 21.52 -32.02 11.48
C UNK A 343 21.69 -33.47 11.04
N UNK A 344 22.59 -33.69 10.08
CA UNK A 344 22.85 -35.03 9.59
C UNK A 344 23.39 -35.91 10.71
N UNK A 345 24.29 -35.34 11.50
CA UNK A 345 24.89 -36.06 12.62
C UNK A 345 23.81 -36.42 13.64
N UNK A 346 22.90 -35.48 13.89
CA UNK A 346 21.81 -35.71 14.83
C UNK A 346 20.92 -36.85 14.32
N UNK A 347 20.66 -36.85 13.02
CA UNK A 347 19.84 -37.89 12.41
C UNK A 347 20.52 -39.25 12.57
N UNK A 348 21.83 -39.28 12.37
CA UNK A 348 22.60 -40.50 12.51
C UNK A 348 22.52 -41.02 13.94
N UNK A 349 22.61 -40.09 14.89
CA UNK A 349 22.54 -40.45 16.30
C UNK A 349 21.16 -41.04 16.61
N UNK A 350 20.12 -40.44 16.05
CA UNK A 350 18.76 -40.92 16.26
C UNK A 350 18.62 -42.33 15.70
N UNK A 351 19.21 -42.56 14.52
CA UNK A 351 19.16 -43.87 13.88
C UNK A 351 19.86 -44.91 14.76
N UNK A 352 21.00 -44.51 15.33
CA UNK A 352 21.76 -45.39 16.21
C UNK A 352 20.93 -45.75 17.44
N UNK A 353 20.23 -44.75 17.98
CA UNK A 353 19.40 -44.95 19.15
C UNK A 353 18.27 -45.93 18.82
N UNK A 354 17.70 -45.78 17.63
CA UNK A 354 16.62 -46.66 17.19
C UNK A 354 17.14 -48.08 17.05
N UNK A 355 18.36 -48.21 16.54
CA UNK A 355 18.97 -49.53 16.35
C UNK A 355 19.82 -49.91 17.55
N UNK A 356 26.98 -28.03 33.82
CA UNK A 356 25.88 -28.59 33.03
C UNK A 356 26.17 -30.04 32.63
N UNK A 357 27.40 -30.46 32.42
CA UNK A 357 27.58 -31.87 32.03
C UNK A 357 27.07 -32.91 33.06
N UNK A 358 27.31 -32.61 34.34
CA UNK A 358 26.94 -33.51 35.43
C UNK A 358 25.45 -33.84 35.53
N UNK A 359 24.58 -32.85 35.30
CA UNK A 359 23.16 -33.10 35.39
C UNK A 359 22.73 -34.14 34.35
N UNK A 360 23.26 -34.00 33.13
CA UNK A 360 22.95 -34.94 32.05
C UNK A 360 23.43 -36.32 32.44
N UNK A 361 24.64 -36.38 33.01
CA UNK A 361 25.15 -37.70 33.41
C UNK A 361 24.24 -38.35 34.47
N UNK A 362 23.78 -37.55 35.43
CA UNK A 362 22.89 -38.04 36.48
C UNK A 362 21.58 -38.55 35.90
N UNK A 363 21.04 -37.83 34.93
CA UNK A 363 19.79 -38.24 34.31
C UNK A 363 19.97 -39.60 33.62
N UNK A 364 21.06 -39.74 32.87
CA UNK A 364 21.33 -40.99 32.18
C UNK A 364 21.50 -42.11 33.20
N UNK A 365 22.19 -41.80 34.29
CA UNK A 365 22.42 -42.77 35.36
C UNK A 365 21.11 -43.20 35.98
N UNK A 366 20.21 -42.25 36.17
CA UNK A 366 18.90 -42.53 36.75
C UNK A 366 18.12 -43.46 35.83
N UNK A 367 18.19 -43.21 34.52
CA UNK A 367 17.53 -44.04 33.53
C UNK A 367 18.08 -45.46 33.59
N UNK A 368 19.40 -45.57 33.72
CA UNK A 368 20.05 -46.87 33.79
C UNK A 368 19.57 -47.62 35.04
N UNK A 369 19.45 -46.90 36.15
CA UNK A 369 18.99 -47.49 37.40
C UNK A 369 17.57 -48.00 37.25
N UNK A 370 16.74 -47.22 36.56
CA UNK A 370 15.36 -47.59 36.32
C UNK A 370 15.29 -48.86 35.48
N UNK A 371 16.15 -48.93 34.47
CA UNK A 371 16.19 -50.09 33.59
C UNK A 371 17.02 -51.23 34.19
N UNK A 372 9.90 -34.16 15.79
CA UNK A 372 8.82 -34.03 16.78
C UNK A 372 9.27 -34.55 18.14
N UNK A 373 9.06 -35.84 18.37
CA UNK A 373 9.44 -36.44 19.64
C UNK A 373 10.94 -36.36 19.86
N UNK A 374 11.70 -36.60 18.79
CA UNK A 374 13.15 -36.53 18.86
C UNK A 374 13.59 -35.12 19.22
N UNK A 375 12.94 -34.13 18.61
CA UNK A 375 13.26 -32.74 18.87
C UNK A 375 12.97 -32.41 20.33
N UNK A 376 11.92 -32.93 20.93
CA UNK A 376 11.67 -32.54 22.32
C UNK A 376 12.84 -32.90 23.26
N UNK A 377 13.34 -34.13 23.14
CA UNK A 377 14.45 -34.57 23.97
C UNK A 377 15.69 -33.75 23.67
N UNK A 378 15.94 -33.53 22.38
CA UNK A 378 17.09 -32.76 21.95
C UNK A 378 17.08 -31.35 22.55
N UNK A 379 15.91 -30.72 22.55
CA UNK A 379 15.77 -29.38 23.10
C UNK A 379 16.09 -29.38 24.59
N UNK A 380 15.62 -30.40 25.29
CA UNK A 380 15.87 -30.51 26.73
C UNK A 380 17.36 -30.64 27.00
N UNK A 381 18.03 -31.45 26.18
CA UNK A 381 19.46 -31.65 26.31
C UNK A 381 20.20 -30.35 26.06
N UNK A 382 19.76 -29.59 25.07
CA UNK A 382 20.36 -28.30 24.75
C UNK A 382 20.22 -27.35 25.93
N UNK A 383 19.03 -27.35 26.54
CA UNK A 383 18.76 -26.50 27.69
C UNK A 383 19.68 -26.87 28.84
N UNK A 384 19.86 -28.18 29.05
CA UNK A 384 20.73 -28.67 30.12
C UNK A 384 22.16 -28.21 29.87
N UNK A 385 22.59 -28.27 28.61
CA UNK A 385 23.94 -27.85 28.23
C UNK A 385 24.12 -26.36 28.50
N UNK A 386 23.09 -25.58 28.20
CA UNK A 386 23.14 -24.14 28.41
C UNK A 386 23.03 -23.80 29.89
N UNK A 387 1.50 -46.19 27.65
CA UNK A 387 2.46 -47.24 27.37
C UNK A 387 2.51 -47.53 25.87
N UNK A 388 1.43 -48.09 25.35
CA UNK A 388 1.34 -48.42 23.94
C UNK A 388 1.45 -47.15 23.10
N UNK A 389 0.78 -46.09 23.54
CA UNK A 389 0.81 -44.82 22.83
C UNK A 389 2.23 -44.27 22.80
N UNK A 390 2.92 -44.39 23.93
CA UNK A 390 4.30 -43.92 24.03
C UNK A 390 5.19 -44.70 23.07
N UNK A 391 4.96 -46.01 23.00
CA UNK A 391 5.74 -46.86 22.11
C UNK A 391 5.50 -46.45 20.66
N UNK A 392 4.24 -46.15 20.33
CA UNK A 392 3.88 -45.73 18.98
C UNK A 392 4.58 -44.42 18.65
N UNK A 393 4.61 -43.50 19.61
CA UNK A 393 5.26 -42.21 19.43
C UNK A 393 6.75 -42.41 19.18
N UNK A 394 7.35 -43.33 19.93
CA UNK A 394 8.77 -43.62 19.77
C UNK A 394 9.04 -44.16 18.38
N UNK A 395 8.16 -45.05 17.92
CA UNK A 395 8.30 -45.62 16.59
C UNK A 395 8.20 -44.54 15.53
N UNK A 396 7.27 -43.61 15.72
CA UNK A 396 7.08 -42.51 14.77
C UNK A 396 8.34 -41.64 14.73
N UNK A 397 8.92 -41.39 15.91
CA UNK A 397 10.12 -40.57 16.01
C UNK A 397 11.20 -41.19 15.15
N UNK A 398 11.11 -42.51 14.98
CA UNK A 398 12.07 -43.26 14.18
C UNK A 398 11.75 -43.10 12.70
N UNK A 399 10.46 -43.16 12.37
CA UNK A 399 10.00 -43.00 11.00
C UNK A 399 10.35 -41.60 10.48
N UNK A 400 10.16 -40.60 11.34
CA UNK A 400 10.46 -39.23 10.97
C UNK A 400 11.96 -39.01 10.80
N UNK A 401 15.56 -31.48 34.12
CA UNK A 401 14.51 -32.10 34.89
C UNK A 401 13.40 -32.59 33.96
N UNK A 402 13.07 -31.76 32.97
CA UNK A 402 12.03 -32.11 32.01
C UNK A 402 12.46 -33.35 31.21
N UNK A 403 13.73 -33.39 30.84
CA UNK A 403 14.26 -34.52 30.09
C UNK A 403 14.17 -35.80 30.92
N UNK A 404 14.49 -35.67 32.21
CA UNK A 404 14.44 -36.81 33.12
C UNK A 404 13.09 -37.51 33.07
N UNK A 405 12.03 -36.74 32.84
CA UNK A 405 10.69 -37.30 32.76
C UNK A 405 10.48 -38.38 31.71
N UNK A 406 11.06 -38.24 30.53
CA UNK A 406 10.83 -39.27 29.51
C UNK A 406 11.35 -40.63 29.98
N UNK A 407 12.58 -40.66 30.48
CA UNK A 407 13.20 -41.93 30.85
C UNK A 407 12.49 -42.74 31.93
N UNK A 408 12.07 -42.12 33.02
CA UNK A 408 11.38 -42.90 34.03
C UNK A 408 10.05 -43.37 33.46
N UNK A 409 9.35 -42.43 32.83
CA UNK A 409 8.05 -42.72 32.23
C UNK A 409 8.18 -43.72 31.10
N UNK A 410 9.21 -43.55 30.28
CA UNK A 410 9.42 -44.45 29.16
C UNK A 410 9.70 -45.85 29.66
N UNK A 411 10.50 -45.95 30.71
CA UNK A 411 10.84 -47.24 31.28
C UNK A 411 9.58 -47.91 31.79
N UNK A 412 8.74 -47.14 32.49
CA UNK A 412 7.52 -47.70 33.04
C UNK A 412 6.62 -48.20 31.91
N UNK A 413 6.52 -47.41 30.86
CA UNK A 413 5.66 -47.77 29.73
C UNK A 413 6.15 -49.06 29.07
N UNK A 414 7.46 -49.19 28.89
CA UNK A 414 7.97 -50.41 28.28
C UNK A 414 7.67 -51.59 29.18
N UNK A 415 7.91 -51.40 30.47
CA UNK A 415 7.69 -52.41 31.48
C UNK A 415 6.22 -52.76 31.69
N UNK A 416 5.36 -51.73 31.64
CA UNK A 416 3.93 -51.92 31.92
C UNK A 416 3.32 -53.08 31.16
N UNK A 417 -1.07 -40.93 25.01
CA UNK A 417 -2.36 -40.45 25.47
C UNK A 417 -2.20 -39.39 26.55
N UNK A 418 -2.92 -39.56 27.66
CA UNK A 418 -2.85 -38.61 28.76
C UNK A 418 -1.44 -38.58 29.34
N UNK A 419 -0.82 -39.75 29.47
CA UNK A 419 0.53 -39.85 30.00
C UNK A 419 1.50 -39.12 29.07
N UNK A 420 1.31 -39.30 27.77
CA UNK A 420 2.15 -38.66 26.77
C UNK A 420 2.01 -37.13 26.87
N UNK A 421 0.78 -36.68 27.06
CA UNK A 421 0.51 -35.25 27.18
C UNK A 421 1.21 -34.70 28.43
N UNK A 422 1.16 -35.46 29.52
CA UNK A 422 1.80 -35.06 30.76
C UNK A 422 3.30 -34.96 30.56
N UNK A 423 3.86 -35.92 29.85
CA UNK A 423 5.29 -35.92 29.57
C UNK A 423 5.59 -34.73 28.67
N UNK A 424 4.75 -34.55 27.65
CA UNK A 424 4.90 -33.45 26.72
C UNK A 424 4.68 -32.15 27.48
N UNK A 425 3.79 -32.21 28.46
CA UNK A 425 3.49 -31.04 29.28
C UNK A 425 4.73 -30.61 30.06
N UNK A 426 5.47 -31.59 30.58
CA UNK A 426 6.68 -31.31 31.34
C UNK A 426 7.70 -30.63 30.43
N UNK A 427 7.82 -31.13 29.21
CA UNK A 427 8.75 -30.57 28.24
C UNK A 427 8.38 -29.13 27.94
N UNK A 428 7.08 -28.88 27.78
CA UNK A 428 6.58 -27.53 27.49
C UNK A 428 6.92 -26.60 28.66
N UNK A 429 6.76 -27.10 29.88
CA UNK A 429 7.06 -26.33 31.08
C UNK A 429 8.54 -25.99 31.13
N UNK A 430 9.37 -26.96 30.75
CA UNK A 430 10.82 -26.77 30.76
C UNK A 430 11.25 -25.93 29.57
N UNK A 431 22.01 -20.44 39.32
CA UNK A 431 21.52 -21.70 38.75
C UNK A 431 21.13 -22.67 39.86
N UNK A 432 21.51 -22.35 41.10
CA UNK A 432 21.20 -23.20 42.23
C UNK A 432 19.69 -23.30 42.42
N UNK A 433 19.00 -22.18 42.26
CA UNK A 433 17.55 -22.16 42.41
C UNK A 433 16.91 -23.06 41.35
N UNK A 434 17.43 -22.94 40.12
CA UNK A 434 16.93 -23.74 39.01
C UNK A 434 17.19 -25.19 39.34
N UNK A 435 18.36 -25.46 39.93
CA UNK A 435 18.70 -26.80 40.35
C UNK A 435 17.73 -27.25 41.45
N UNK A 436 17.44 -26.32 42.37
CA UNK A 436 16.51 -26.58 43.46
C UNK A 436 15.11 -26.86 42.90
N UNK A 437 14.73 -26.09 41.88
CA UNK A 437 13.44 -26.26 41.24
C UNK A 437 13.35 -27.64 40.59
N UNK A 438 14.45 -28.05 39.97
CA UNK A 438 14.54 -29.35 39.32
C UNK A 438 14.40 -30.45 40.37
N UNK A 439 15.01 -30.24 41.54
CA UNK A 439 14.91 -31.21 42.62
C UNK A 439 13.46 -31.30 43.05
N UNK A 440 12.78 -30.17 43.05
CA UNK A 440 11.37 -30.10 43.45
C UNK A 440 10.52 -30.94 42.50
N UNK A 441 10.82 -30.85 41.21
CA UNK A 441 10.08 -31.62 40.20
C UNK A 441 10.26 -33.10 40.44
N UNK A 442 11.49 -33.51 40.77
CA UNK A 442 11.80 -34.91 41.05
C UNK A 442 11.02 -35.37 42.28
N UNK A 443 10.94 -34.51 43.29
CA UNK A 443 10.21 -34.84 44.51
C UNK A 443 8.74 -35.02 44.20
N UNK A 444 8.20 -34.16 43.33
CA UNK A 444 6.81 -34.24 42.92
C UNK A 444 6.55 -35.55 42.19
N UNK A 445 7.49 -35.93 41.34
CA UNK A 445 7.38 -37.18 40.59
C UNK A 445 7.37 -38.36 41.55
N UNK A 446 8.22 -38.30 42.57
CA UNK A 446 8.29 -39.36 43.57
C UNK A 446 6.98 -39.46 44.32
N UNK A 447 6.39 -38.30 44.64
CA UNK A 447 5.12 -38.26 45.34
C UNK A 447 4.02 -38.88 44.48
N UNK A 448 4.07 -38.59 43.19
CA UNK A 448 3.09 -39.14 42.24
C UNK A 448 3.22 -40.66 42.18
N UNK A 449 4.46 -41.14 42.19
CA UNK A 449 4.72 -42.57 42.13
C UNK A 449 4.67 -43.20 43.53
N UNK A 450 -3.32 -37.80 33.21
CA UNK A 450 -4.65 -37.67 33.79
C UNK A 450 -4.68 -36.57 34.83
N UNK A 451 -5.21 -36.89 36.02
CA UNK A 451 -5.28 -35.91 37.09
C UNK A 451 -3.89 -35.46 37.51
N UNK A 452 -2.97 -36.42 37.59
CA UNK A 452 -1.59 -36.11 37.97
C UNK A 452 -0.95 -35.19 36.93
N UNK A 453 -1.22 -35.47 35.66
CA UNK A 453 -0.69 -34.65 34.57
C UNK A 453 -1.24 -33.23 34.68
N UNK A 454 -2.53 -33.12 35.00
CA UNK A 454 -3.16 -31.82 35.15
C UNK A 454 -2.52 -31.05 36.30
N UNK A 455 -2.25 -31.76 37.39
CA UNK A 455 -1.62 -31.15 38.56
C UNK A 455 -0.23 -30.64 38.19
N UNK A 456 0.50 -31.44 37.40
CA UNK A 456 1.84 -31.06 36.97
C UNK A 456 1.76 -29.80 36.11
N UNK A 457 0.77 -29.75 35.23
CA UNK A 457 0.58 -28.59 34.36
C UNK A 457 0.30 -27.35 35.20
N UNK A 458 -0.53 -27.52 36.23
CA UNK A 458 -0.87 -26.41 37.12
C UNK A 458 0.37 -25.90 37.84
N UNK A 459 1.22 -26.84 38.27
CA UNK A 459 2.45 -26.50 38.96
C UNK A 459 3.37 -25.73 38.02
N UNK A 460 3.43 -26.15 36.77
CA UNK A 460 4.26 -25.50 35.77
C UNK A 460 3.77 -24.09 35.49
N UNK A 461 2.53 -23.80 35.90
CA UNK A 461 1.97 -22.48 35.69
C UNK A 461 2.23 -21.60 36.90
N UNK A 462 2.08 -22.18 38.09
CA UNK A 462 2.32 -21.44 39.33
C UNK A 462 3.78 -21.01 39.41
N UNK A 463 4.68 -21.90 39.01
CA UNK A 463 6.11 -21.60 39.01
C UNK A 463 6.42 -20.45 38.04
N UNK A 464 5.76 -20.48 36.89
CA UNK A 464 5.96 -19.45 35.87
C UNK A 464 5.74 -18.06 36.47
N UNK A 465 0.43 -27.94 16.63
CA UNK A 465 0.79 -27.53 17.99
C UNK A 465 2.27 -27.19 18.08
N UNK A 466 2.96 -27.26 16.95
CA UNK A 466 4.39 -26.96 16.90
C UNK A 466 4.63 -25.51 17.28
N UNK A 467 3.77 -24.62 16.78
CA UNK A 467 3.87 -23.20 17.08
C UNK A 467 3.67 -22.97 18.57
N UNK A 468 2.71 -23.68 19.15
CA UNK A 468 2.43 -23.58 20.58
C UNK A 468 3.64 -24.03 21.38
N UNK A 469 4.28 -25.12 20.93
CA UNK A 469 5.46 -25.64 21.61
C UNK A 469 6.57 -24.60 21.56
N UNK A 470 6.73 -23.97 20.40
CA UNK A 470 7.76 -22.94 20.22
C UNK A 470 7.50 -21.77 21.17
N UNK A 471 6.23 -21.39 21.29
CA UNK A 471 5.84 -20.29 22.16
C UNK A 471 6.17 -20.65 23.60
N UNK A 472 5.90 -21.90 23.99
CA UNK A 472 6.19 -22.36 25.34
C UNK A 472 7.69 -22.29 25.60
N UNK A 473 8.48 -22.69 24.61
CA UNK A 473 9.93 -22.66 24.74
C UNK A 473 10.40 -21.22 24.92
N UNK A 474 9.81 -20.31 24.16
CA UNK A 474 10.16 -18.90 24.26
C UNK A 474 9.83 -18.37 25.65
N UNK A 475 8.68 -18.77 26.17
CA UNK A 475 8.24 -18.36 27.50
C UNK A 475 9.21 -18.87 28.57
N UNK A 476 9.67 -20.11 28.39
CA UNK A 476 10.62 -20.71 29.33
C UNK A 476 11.84 -19.82 29.52
N UNK A 477 5.31 -30.74 10.39
CA UNK A 477 4.10 -31.38 9.89
C UNK A 477 3.63 -32.49 10.83
N UNK A 478 4.55 -33.35 11.23
CA UNK A 478 4.24 -34.45 12.11
C UNK A 478 3.74 -33.93 13.46
N UNK A 479 4.38 -32.89 13.96
CA UNK A 479 3.98 -32.29 15.23
C UNK A 479 2.57 -31.73 15.13
N UNK A 480 2.27 -31.09 14.01
CA UNK A 480 0.95 -30.53 13.77
C UNK A 480 -0.09 -31.64 13.75
N UNK A 481 0.21 -32.81 13.17
CA UNK A 481 -0.80 -33.87 13.16
C UNK A 481 -1.21 -34.35 14.56
N UNK A 482 -0.22 -34.44 15.45
CA UNK A 482 -0.42 -34.91 16.81
C UNK A 482 -1.38 -34.06 17.61
N UNK A 483 -1.31 -32.74 17.44
CA UNK A 483 -2.21 -31.86 18.18
C UNK A 483 -3.66 -32.14 17.81
N UNK A 484 -4.00 -32.36 16.54
CA UNK A 484 -5.44 -32.57 16.26
C UNK A 484 -6.11 -33.81 16.91
N UNK A 485 -5.46 -34.96 16.79
CA UNK A 485 -5.99 -36.21 17.33
C UNK A 485 -6.24 -36.13 18.84
N UNK A 486 -5.31 -35.53 19.56
CA UNK A 486 -5.44 -35.40 21.00
C UNK A 486 -6.66 -34.57 21.36
N UNK A 487 -6.88 -33.49 20.61
CA UNK A 487 -8.03 -32.63 20.87
C UNK A 487 -9.33 -33.40 20.65
N UNK A 488 -9.35 -34.20 19.59
CA UNK A 488 -10.53 -35.01 19.27
C UNK A 488 -10.79 -36.01 20.39
N UNK A 489 -9.72 -36.62 20.90
CA UNK A 489 -9.84 -37.59 21.97
C UNK A 489 -10.41 -36.91 23.22
N UNK A 490 -9.93 -35.71 23.50
CA UNK A 490 -10.39 -34.95 24.65
C UNK A 490 -11.88 -34.64 24.51
N UNK A 491 -12.28 -34.28 23.29
CA UNK A 491 -13.68 -33.97 23.02
C UNK A 491 -14.54 -35.20 23.24
N UNK A 492 -14.04 -36.35 22.80
CA UNK A 492 -14.75 -37.62 22.96
C UNK A 492 -14.91 -37.95 24.45
N UNK A 493 -13.85 -37.69 25.22
CA UNK A 493 -13.87 -37.96 26.66
C UNK A 493 -14.92 -37.11 27.36
N UNK A 494 5.45 -8.35 25.20
CA UNK A 494 5.57 -9.66 24.57
C UNK A 494 5.33 -10.78 25.59
N UNK A 495 5.89 -10.62 26.77
CA UNK A 495 5.74 -11.62 27.82
C UNK A 495 4.27 -11.76 28.22
N UNK A 496 3.58 -10.63 28.32
CA UNK A 496 2.16 -10.64 28.69
C UNK A 496 1.36 -11.38 27.63
N UNK A 497 1.69 -11.14 26.35
CA UNK A 497 1.00 -11.78 25.25
C UNK A 497 1.23 -13.29 25.30
N UNK A 498 2.46 -13.68 25.62
CA UNK A 498 2.81 -15.09 25.72
C UNK A 498 2.03 -15.76 26.85
N UNK A 499 1.76 -15.05 27.94
CA UNK A 499 1.06 -15.66 29.07
C UNK A 499 -0.36 -16.19 28.78
N UNK A 500 -1.13 -15.42 28.02
CA UNK A 500 -2.51 -15.80 27.70
C UNK A 500 -2.55 -17.10 26.91
N UNK A 501 -1.62 -17.25 25.98
CA UNK A 501 -1.52 -18.46 25.17
C UNK A 501 -1.22 -19.66 26.07
N UNK A 502 -0.34 -19.46 27.05
CA UNK A 502 0.01 -20.53 27.97
C UNK A 502 -1.22 -20.95 28.76
N UNK A 503 -2.01 -19.96 29.20
CA UNK A 503 -3.23 -20.28 29.96
C UNK A 503 -4.21 -21.08 29.10
N UNK A 504 -4.34 -20.69 27.84
CA UNK A 504 -5.24 -21.38 26.92
C UNK A 504 -4.88 -22.85 26.83
N UNK A 505 -3.59 -23.14 26.68
CA UNK A 505 -3.11 -24.51 26.58
C UNK A 505 -3.42 -25.29 27.84
N UNK A 506 -3.23 -24.65 28.99
CA UNK A 506 -3.50 -25.30 30.27
C UNK A 506 -4.98 -25.65 30.38
N UNK A 507 -5.83 -24.73 29.94
CA UNK A 507 -7.27 -24.93 29.97
C UNK A 507 -7.64 -26.09 29.07
N UNK A 508 -7.00 -26.17 27.90
CA UNK A 508 -7.26 -27.25 26.96
C UNK A 508 -6.87 -28.58 27.58
N UNK A 509 -5.73 -28.60 28.27
CA UNK A 509 -5.26 -29.81 28.93
C UNK A 509 -6.25 -30.25 29.99
N UNK A 510 -6.78 -29.28 30.74
CA UNK A 510 -7.75 -29.56 31.79
C UNK A 510 -9.01 -30.17 31.18
N UNK A 511 -9.43 -29.61 30.04
CA UNK A 511 -10.62 -30.10 29.34
C UNK A 511 -10.40 -31.53 28.89
N UNK A 512 -9.19 -31.81 28.39
CA UNK A 512 -8.85 -33.15 27.93
C UNK A 512 -8.89 -34.14 29.09
N UNK A 513 -8.40 -33.70 30.26
CA UNK A 513 -8.39 -34.55 31.44
C UNK A 513 -9.77 -35.09 31.75
N UNK A 514 3.35 -15.12 19.40
CA UNK A 514 2.50 -15.04 20.58
C UNK A 514 1.04 -14.82 20.19
N UNK A 515 0.76 -13.70 19.54
CA UNK A 515 -0.59 -13.38 19.11
C UNK A 515 -1.10 -14.42 18.12
N UNK A 516 -0.23 -14.82 17.20
CA UNK A 516 -0.59 -15.82 16.19
C UNK A 516 -0.93 -17.14 16.87
N UNK A 517 -0.12 -17.51 17.86
CA UNK A 517 -0.34 -18.74 18.61
C UNK A 517 -1.67 -18.69 19.33
N UNK A 518 -1.97 -17.53 19.93
CA UNK A 518 -3.23 -17.35 20.64
C UNK A 518 -4.41 -17.51 19.68
N UNK A 519 -4.26 -16.94 18.48
CA UNK A 519 -5.31 -17.02 17.47
C UNK A 519 -5.52 -18.47 17.07
N UNK A 520 -4.42 -19.21 16.91
CA UNK A 520 -4.50 -20.62 16.55
C UNK A 520 -5.23 -21.40 17.63
N UNK A 521 -4.92 -21.09 18.88
CA UNK A 521 -5.55 -21.76 20.01
C UNK A 521 -7.06 -21.47 20.00
N UNK A 522 -7.42 -20.23 19.72
CA UNK A 522 -8.82 -19.84 19.67
C UNK A 522 -9.53 -20.61 18.56
N UNK A 523 -8.86 -20.75 17.41
CA UNK A 523 -9.43 -21.47 16.28
C UNK A 523 -9.65 -22.94 16.66
N UNK A 524 -8.69 -23.51 17.37
CA UNK A 524 -8.77 -24.89 17.81
C UNK A 524 -9.94 -25.08 18.78
N UNK A 525 -10.13 -24.11 19.65
CA UNK A 525 -11.22 -24.17 20.63
C UNK A 525 -12.57 -23.86 20.00
N UNK A 526 -12.56 -23.41 18.76
CA UNK A 526 -13.79 -23.06 18.05
C UNK A 526 -14.33 -24.27 17.29
N UNK B 1 36.30 -44.47 -111.17
CA UNK B 1 35.86 -45.40 -112.20
C UNK B 1 36.34 -46.81 -111.89
N UNK B 2 37.48 -46.90 -111.21
CA UNK B 2 38.06 -48.19 -110.85
C UNK B 2 37.06 -49.01 -110.04
N UNK B 3 36.49 -48.39 -109.01
CA UNK B 3 35.52 -49.06 -108.16
C UNK B 3 34.31 -49.49 -108.98
N UNK B 4 33.84 -48.60 -109.85
CA UNK B 4 32.69 -48.89 -110.69
C UNK B 4 33.02 -50.03 -111.64
N UNK B 5 34.23 -50.00 -112.18
CA UNK B 5 34.68 -51.03 -113.11
C UNK B 5 34.73 -52.39 -112.41
N UNK B 6 35.21 -52.38 -111.16
CA UNK B 6 35.31 -53.61 -110.37
C UNK B 6 33.92 -54.15 -110.09
N UNK B 7 32.99 -53.24 -109.78
CA UNK B 7 31.61 -53.63 -109.50
C UNK B 7 30.95 -54.18 -110.75
N UNK B 8 31.27 -53.57 -111.89
CA UNK B 8 30.71 -54.01 -113.16
C UNK B 8 31.25 -55.39 -113.52
N UNK B 9 32.52 -55.62 -113.24
CA UNK B 9 33.16 -56.89 -113.53
C UNK B 9 32.61 -57.97 -112.60
N UNK B 10 32.31 -57.58 -111.36
CA UNK B 10 31.78 -58.51 -110.39
C UNK B 10 30.33 -58.86 -110.73
N UNK B 11 29.61 -57.88 -111.27
CA UNK B 11 28.23 -58.08 -111.65
C UNK B 11 28.14 -58.93 -112.91
N UNK B 12 29.11 -58.76 -113.80
CA UNK B 12 29.15 -59.51 -115.05
C UNK B 12 29.57 -60.95 -114.78
N UNK B 13 -8.66 -22.85 7.22
CA UNK B 13 -9.32 -22.05 8.25
C UNK B 13 -10.68 -21.56 7.77
N UNK B 14 -10.71 -21.00 6.57
CA UNK B 14 -11.96 -20.49 6.01
C UNK B 14 -12.97 -21.61 5.84
N UNK B 15 -12.49 -22.76 5.36
CA UNK B 15 -13.35 -23.92 5.15
C UNK B 15 -13.92 -24.37 6.49
N UNK B 16 -13.09 -24.38 7.52
CA UNK B 16 -13.51 -24.78 8.85
C UNK B 16 -14.59 -23.83 9.36
N UNK B 17 -14.39 -22.53 9.12
CA UNK B 17 -15.36 -21.52 9.55
C UNK B 17 -16.69 -21.74 8.85
N UNK B 18 -16.63 -22.06 7.55
CA UNK B 18 -17.83 -22.31 6.77
C UNK B 18 -18.56 -23.53 7.34
N UNK B 19 -17.80 -24.56 7.69
CA UNK B 19 -18.37 -25.78 8.25
C UNK B 19 -19.05 -25.47 9.57
N UNK B 20 -18.42 -24.62 10.39
CA UNK B 20 -18.98 -24.24 11.67
C UNK B 20 -20.29 -23.50 11.47
N UNK B 21 -20.31 -22.62 10.47
CA UNK B 21 -21.51 -21.85 10.16
C UNK B 21 -22.63 -22.79 9.73
N UNK B 22 -22.29 -23.80 8.93
CA UNK B 22 -23.26 -24.77 8.46
C UNK B 22 -23.82 -25.55 9.64
N UNK B 23 -22.95 -25.91 10.58
CA UNK B 23 -23.35 -26.65 11.77
C UNK B 23 -24.31 -25.82 12.61
N UNK B 24 -24.03 -24.52 12.71
CA UNK B 24 -24.86 -23.62 13.49
C UNK B 24 -26.32 -23.69 13.03
N UNK B 25 -2.48 -27.41 7.54
CA UNK B 25 -3.13 -28.59 8.09
C UNK B 25 -4.00 -28.20 9.28
N UNK B 26 -3.91 -26.96 9.71
CA UNK B 26 -4.69 -26.47 10.83
C UNK B 26 -6.18 -26.72 10.58
N UNK B 27 -6.64 -26.33 9.40
CA UNK B 27 -8.04 -26.50 9.02
C UNK B 27 -8.33 -27.95 8.66
N UNK B 28 -7.30 -28.66 8.17
CA UNK B 28 -7.45 -30.05 7.78
C UNK B 28 -8.02 -30.89 8.92
N UNK B 29 -7.32 -30.92 10.04
CA UNK B 29 -7.78 -31.68 11.20
C UNK B 29 -9.18 -31.24 11.60
N UNK B 30 -9.37 -29.93 11.71
CA UNK B 30 -10.67 -29.38 12.08
C UNK B 30 -11.75 -29.89 11.14
N UNK B 31 -11.50 -29.78 9.84
CA UNK B 31 -12.45 -30.23 8.82
C UNK B 31 -12.82 -31.68 9.06
N UNK B 32 -11.80 -32.52 9.21
CA UNK B 32 -12.02 -33.94 9.46
C UNK B 32 -12.87 -34.09 10.71
N UNK B 33 -12.97 -33.00 11.47
CA UNK B 33 -13.75 -33.01 12.70
C UNK B 33 -15.20 -32.68 12.39
N UNK B 34 -15.42 -31.71 11.50
CA UNK B 34 -16.77 -31.31 11.11
C UNK B 34 -17.47 -32.48 10.44
N UNK B 35 -16.74 -33.19 9.57
CA UNK B 35 -17.29 -34.34 8.86
C UNK B 35 -17.68 -35.43 9.86
N UNK B 36 -16.83 -35.64 10.86
CA UNK B 36 -17.09 -36.64 11.89
C UNK B 36 -18.35 -36.27 12.67
N UNK B 37 -18.50 -34.98 12.97
CA UNK B 37 -19.67 -34.50 13.69
C UNK B 37 -20.92 -34.75 12.87
N UNK B 38 -20.83 -34.50 11.57
CA UNK B 38 -21.97 -34.71 10.67
C UNK B 38 -22.34 -36.18 10.66
N UNK B 39 -21.33 -37.05 10.62
CA UNK B 39 -21.56 -38.49 10.61
C UNK B 39 -22.24 -38.92 11.90
N UNK B 40 -21.80 -38.35 13.02
CA UNK B 40 -22.38 -38.66 14.32
C UNK B 40 -23.85 -38.25 14.35
N UNK B 41 -24.13 -37.07 13.78
CA UNK B 41 -25.50 -36.57 13.72
C UNK B 41 -26.37 -37.50 12.88
N UNK B 42 -25.82 -37.98 11.78
CA UNK B 42 -26.54 -38.88 10.89
C UNK B 42 -26.80 -40.21 11.58
N UNK B 43 -25.81 -40.69 12.32
CA UNK B 43 -25.94 -41.96 13.04
C UNK B 43 -26.99 -41.86 14.13
N UNK B 44 -18.40 -27.09 -8.22
CA UNK B 44 -19.64 -27.20 -8.95
C UNK B 44 -20.46 -28.38 -8.44
N UNK B 45 -20.36 -29.51 -9.15
CA UNK B 45 -21.07 -30.72 -8.77
C UNK B 45 -20.62 -31.20 -7.40
N UNK B 46 -19.31 -31.13 -7.16
CA UNK B 46 -18.76 -31.55 -5.88
C UNK B 46 -19.30 -30.67 -4.77
N UNK B 47 -19.37 -29.37 -5.04
CA UNK B 47 -19.88 -28.42 -4.05
C UNK B 47 -21.35 -28.74 -3.75
N UNK B 48 -22.11 -29.05 -4.78
CA UNK B 48 -23.52 -29.39 -4.62
C UNK B 48 -23.66 -30.64 -3.75
N UNK B 49 -22.79 -31.62 -4.00
CA UNK B 49 -22.81 -32.87 -3.24
C UNK B 49 -22.50 -32.59 -1.78
N UNK B 50 -21.54 -31.70 -1.54
CA UNK B 50 -21.15 -31.33 -0.19
C UNK B 50 -22.33 -30.66 0.51
N UNK B 51 -23.04 -29.80 -0.22
CA UNK B 51 -24.19 -29.09 0.34
C UNK B 51 -25.28 -30.11 0.72
N UNK B 52 -25.47 -31.11 -0.14
CA UNK B 52 -26.47 -32.15 0.11
C UNK B 52 -26.09 -32.92 1.37
N UNK B 53 -24.80 -33.22 1.51
CA UNK B 53 -24.31 -33.94 2.68
C UNK B 53 -24.56 -33.12 3.94
N UNK B 54 -24.32 -31.82 3.85
CA UNK B 54 -24.51 -30.92 4.97
C UNK B 54 -25.99 -30.91 5.37
N UNK B 55 -26.87 -30.89 4.37
CA UNK B 55 -28.30 -30.89 4.61
C UNK B 55 -28.70 -32.19 5.32
N UNK B 56 -28.12 -33.31 4.87
CA UNK B 56 -28.40 -34.60 5.47
C UNK B 56 -27.96 -34.61 6.94
N UNK B 57 -26.79 -34.03 7.19
CA UNK B 57 -26.26 -33.95 8.55
C UNK B 57 -27.19 -33.12 9.43
N UNK B 58 -27.69 -32.03 8.88
CA UNK B 58 -28.61 -31.15 9.60
C UNK B 58 -29.90 -31.90 9.93
N UNK B 59 -30.38 -32.70 8.99
CA UNK B 59 -31.59 -33.48 9.18
C UNK B 59 -31.47 -34.37 10.42
N UNK B 60 -15.90 -34.08 1.59
CA UNK B 60 -15.76 -33.98 0.15
C UNK B 60 -14.79 -32.86 -0.21
N UNK B 61 -15.29 -31.63 -0.21
CA UNK B 61 -14.46 -30.47 -0.52
C UNK B 61 -13.34 -30.32 0.50
N UNK B 62 -13.66 -30.53 1.77
CA UNK B 62 -12.67 -30.43 2.83
C UNK B 62 -11.59 -31.48 2.64
N UNK B 63 -12.00 -32.69 2.26
CA UNK B 63 -11.07 -33.78 2.03
C UNK B 63 -10.15 -33.43 0.87
N UNK B 64 -10.71 -32.84 -0.18
CA UNK B 64 -9.93 -32.45 -1.35
C UNK B 64 -8.91 -31.40 -0.95
N UNK B 65 -9.33 -30.45 -0.12
CA UNK B 65 -8.44 -29.39 0.35
C UNK B 65 -7.30 -29.98 1.16
N UNK B 66 -7.62 -30.96 1.99
CA UNK B 66 -6.62 -31.63 2.82
C UNK B 66 -5.61 -32.35 1.93
N UNK B 67 -6.09 -32.98 0.86
CA UNK B 67 -5.23 -33.69 -0.07
C UNK B 67 -4.14 -32.76 -0.59
N UNK B 68 -25.67 -46.25 14.15
CA UNK B 68 -24.62 -46.05 15.15
C UNK B 68 -23.32 -46.70 14.69
N UNK B 69 -23.41 -47.95 14.26
CA UNK B 69 -22.23 -48.69 13.81
C UNK B 69 -21.64 -48.01 12.59
N UNK B 70 -22.50 -47.58 11.67
CA UNK B 70 -22.05 -46.90 10.46
C UNK B 70 -21.33 -45.61 10.81
N UNK B 71 -21.88 -44.88 11.78
CA UNK B 71 -21.29 -43.64 12.23
C UNK B 71 -19.92 -43.90 12.83
N UNK B 72 -19.80 -44.98 13.60
CA UNK B 72 -18.54 -45.34 14.22
C UNK B 72 -17.51 -45.67 13.15
N UNK B 73 -17.95 -46.38 12.10
CA UNK B 73 -17.07 -46.75 11.00
C UNK B 73 -16.58 -45.49 10.29
N UNK B 74 -17.48 -44.53 10.11
CA UNK B 74 -17.14 -43.27 9.47
C UNK B 74 -16.10 -42.52 10.30
N UNK B 75 -16.28 -42.54 11.62
CA UNK B 75 -15.36 -41.88 12.53
C UNK B 75 -13.99 -42.53 12.43
N UNK B 76 -13.97 -43.85 12.35
CA UNK B 76 -12.72 -44.60 12.24
C UNK B 76 -12.02 -44.22 10.94
N UNK B 77 -12.79 -44.10 9.86
CA UNK B 77 -12.24 -43.73 8.56
C UNK B 77 -11.63 -42.33 8.64
N UNK B 78 -12.32 -41.43 9.32
CA UNK B 78 -11.84 -40.06 9.48
C UNK B 78 -10.53 -40.07 10.24
N UNK B 79 -10.45 -40.88 11.28
CA UNK B 79 -9.25 -40.99 12.09
C UNK B 79 -8.09 -41.50 11.24
N UNK B 80 -8.38 -42.49 10.40
CA UNK B 80 -7.38 -43.06 9.51
C UNK B 80 -6.87 -42.01 8.53
N UNK B 81 -7.78 -41.19 8.03
CA UNK B 81 -7.43 -40.15 7.08
C UNK B 81 -6.33 -39.25 7.63
N UNK B 82 -6.27 -41.97 1.52
CA UNK B 82 -7.21 -41.61 2.57
C UNK B 82 -8.33 -40.73 2.01
N UNK B 83 -8.01 -39.97 0.97
CA UNK B 83 -9.00 -39.11 0.33
C UNK B 83 -10.13 -39.99 -0.16
N UNK B 84 -9.76 -41.12 -0.76
CA UNK B 84 -10.74 -42.07 -1.27
C UNK B 84 -11.58 -42.62 -0.13
N UNK B 85 -10.95 -42.89 1.01
CA UNK B 85 -11.66 -43.41 2.17
C UNK B 85 -12.68 -42.39 2.66
N UNK B 86 -12.27 -41.12 2.67
CA UNK B 86 -13.14 -40.03 3.09
C UNK B 86 -14.33 -39.93 2.14
N UNK B 87 -14.07 -40.09 0.85
CA UNK B 87 -15.12 -40.02 -0.16
C UNK B 87 -16.11 -41.17 0.07
N UNK B 88 -15.58 -42.35 0.38
CA UNK B 88 -16.42 -43.52 0.65
C UNK B 88 -17.29 -43.27 1.86
N UNK B 89 -16.72 -42.65 2.89
CA UNK B 89 -17.46 -42.34 4.11
C UNK B 89 -18.58 -41.37 3.79
N UNK B 90 -18.29 -40.39 2.95
CA UNK B 90 -19.28 -39.39 2.54
C UNK B 90 -20.42 -40.07 1.79
N UNK B 91 -20.07 -41.02 0.93
CA UNK B 91 -21.07 -41.74 0.14
C UNK B 91 -21.47 -43.02 0.84
N UNK B 92 6.81 -46.96 2.74
CA UNK B 92 6.25 -48.14 2.09
C UNK B 92 5.66 -49.09 3.13
N UNK B 93 6.40 -49.31 4.21
CA UNK B 93 5.94 -50.20 5.27
C UNK B 93 4.66 -49.66 5.90
N UNK B 94 4.62 -48.34 6.11
CA UNK B 94 3.46 -47.71 6.71
C UNK B 94 2.25 -47.88 5.79
N UNK B 95 2.47 -47.74 4.48
CA UNK B 95 1.40 -47.89 3.51
C UNK B 95 0.88 -49.33 3.54
N UNK B 96 1.80 -50.28 3.65
CA UNK B 96 1.43 -51.68 3.71
C UNK B 96 0.58 -51.95 4.95
N UNK B 97 1.01 -51.38 6.08
CA UNK B 97 0.31 -51.56 7.34
C UNK B 97 -1.04 -50.86 7.32
N UNK B 98 -1.07 -49.64 6.80
CA UNK B 98 -2.31 -48.87 6.73
C UNK B 98 -3.34 -49.58 5.86
N UNK B 99 -2.91 -50.10 4.72
CA UNK B 99 -3.82 -50.78 3.81
C UNK B 99 -4.40 -52.01 4.50
N UNK B 100 -3.55 -52.75 5.21
CA UNK B 100 -3.98 -53.94 5.92
C UNK B 100 -4.99 -53.58 6.99
N UNK B 101 -4.74 -52.48 7.69
CA UNK B 101 -5.64 -52.02 8.74
C UNK B 101 -6.99 -51.66 8.14
N UNK B 102 -6.97 -51.01 6.98
CA UNK B 102 -8.21 -50.62 6.30
C UNK B 102 -8.99 -51.87 5.92
N UNK B 103 -8.28 -52.88 5.42
CA UNK B 103 -8.92 -54.12 5.02
C UNK B 103 -9.57 -54.79 6.23
N UNK B 104 -8.86 -54.77 7.37
CA UNK B 104 -9.37 -55.37 8.59
C UNK B 104 -10.63 -54.64 9.04
N UNK B 105 -10.61 -53.32 8.93
CA UNK B 105 -11.76 -52.50 9.32
C UNK B 105 -12.95 -52.84 8.44
N UNK B 106 -12.70 -53.02 7.13
CA UNK B 106 -13.75 -53.36 6.20
C UNK B 106 -14.35 -54.71 6.55
N UNK B 107 -13.48 -55.66 6.91
CA UNK B 107 -13.92 -56.99 7.29
C UNK B 107 -14.80 -56.92 8.53
N UNK B 108 -14.39 -56.09 9.49
CA UNK B 108 -15.15 -55.92 10.73
C UNK B 108 -16.52 -55.33 10.43
N UNK B 109 -16.56 -54.37 9.51
CA UNK B 109 -17.81 -53.74 9.11
C UNK B 109 -18.73 -54.76 8.46
N UNK B 110 -18.16 -55.63 7.64
CA UNK B 110 -18.93 -56.66 6.96
C UNK B 110 -18.92 -57.95 7.76
N UNK B 111 -4.06 -46.59 -3.19
CA UNK B 111 -4.44 -47.74 -3.99
C UNK B 111 -5.40 -48.63 -3.21
N UNK B 112 -5.14 -48.82 -1.92
CA UNK B 112 -5.99 -49.64 -1.07
C UNK B 112 -7.38 -49.03 -0.99
N UNK B 113 -7.43 -47.70 -0.85
CA UNK B 113 -8.69 -46.99 -0.76
C UNK B 113 -9.47 -47.16 -2.06
N UNK B 114 -8.76 -47.08 -3.19
CA UNK B 114 -9.40 -47.25 -4.49
C UNK B 114 -9.98 -48.66 -4.60
N UNK B 115 -9.23 -49.65 -4.13
CA UNK B 115 -9.69 -51.04 -4.16
C UNK B 115 -10.95 -51.19 -3.32
N UNK B 116 -10.95 -50.55 -2.15
CA UNK B 116 -12.11 -50.61 -1.26
C UNK B 116 -13.33 -49.99 -1.93
N UNK B 117 -13.10 -48.88 -2.64
CA UNK B 117 -14.16 -48.17 -3.34
C UNK B 117 -14.86 -49.07 -4.37
N UNK B 118 -14.08 -49.59 -5.32
CA UNK B 118 -14.64 -50.44 -6.36
C UNK B 118 -15.25 -51.70 -5.76
N UNK B 119 -14.57 -52.28 -4.77
CA UNK B 119 -15.05 -53.48 -4.11
C UNK B 119 -16.37 -53.20 -3.42
N UNK B 120 -16.45 -52.04 -2.76
CA UNK B 120 -17.66 -51.64 -2.06
C UNK B 120 -18.80 -51.47 -3.05
N UNK B 121 -18.50 -50.88 -4.20
CA UNK B 121 -19.49 -50.67 -5.24
C UNK B 121 -20.02 -52.00 -5.73
N UNK B 122 -19.12 -52.96 -5.93
CA UNK B 122 -19.50 -54.29 -6.39
C UNK B 122 -20.40 -54.96 -5.35
N UNK B 123 -20.06 -54.81 -4.08
CA UNK B 123 -20.85 -55.40 -3.01
C UNK B 123 -22.25 -54.81 -3.00
N UNK B 124 -22.33 -53.49 -3.20
CA UNK B 124 -23.61 -52.80 -3.24
C UNK B 124 -24.44 -53.31 -4.41
N UNK B 125 -23.79 -53.53 -5.55
CA UNK B 125 -24.48 -54.03 -6.73
C UNK B 125 -25.02 -55.43 -6.46
N UNK B 126 -24.22 -56.25 -5.78
CA UNK B 126 -24.64 -57.60 -5.42
C UNK B 126 -25.84 -57.56 -4.50
N UNK B 127 -25.83 -56.63 -3.55
CA UNK B 127 -26.93 -56.49 -2.61
C UNK B 127 -28.25 -56.31 -3.34
N UNK B 128 -25.32 -48.60 -3.55
CA UNK B 128 -25.84 -49.17 -4.79
C UNK B 128 -26.30 -48.07 -5.74
N UNK B 129 -27.39 -47.40 -5.39
CA UNK B 129 -27.92 -46.32 -6.20
C UNK B 129 -26.88 -45.21 -6.30
N UNK B 130 -26.21 -44.94 -5.19
CA UNK B 130 -25.18 -43.91 -5.15
C UNK B 130 -24.04 -44.26 -6.09
N UNK B 131 -23.66 -45.53 -6.10
CA UNK B 131 -22.57 -46.01 -6.96
C UNK B 131 -22.97 -45.81 -8.42
N UNK B 132 -24.22 -46.12 -8.74
CA UNK B 132 -24.73 -45.95 -10.10
C UNK B 132 -24.69 -44.49 -10.50
N UNK B 133 -25.05 -43.62 -9.56
CA UNK B 133 -25.04 -42.17 -9.81
C UNK B 133 -23.61 -41.71 -10.08
N UNK B 134 -22.66 -42.25 -9.31
CA UNK B 134 -21.26 -41.91 -9.48
C UNK B 134 -20.78 -42.35 -10.85
N UNK B 135 -21.21 -43.54 -11.27
CA UNK B 135 -20.83 -44.07 -12.58
C UNK B 135 -21.38 -43.15 -13.68
N UNK B 136 -22.62 -42.70 -13.50
CA UNK B 136 -23.25 -41.81 -14.46
C UNK B 136 -22.47 -40.50 -14.55
N UNK B 137 -22.04 -40.00 -13.40
CA UNK B 137 -21.27 -38.75 -13.33
C UNK B 137 -19.95 -38.93 -14.06
N UNK B 138 -19.32 -40.10 -13.87
CA UNK B 138 -18.06 -40.40 -14.52
C UNK B 138 -18.25 -40.44 -16.03
N UNK B 139 -19.36 -41.01 -16.47
CA UNK B 139 -19.68 -41.10 -17.89
C UNK B 139 -19.86 -39.70 -18.45
N UNK B 140 -20.52 -38.83 -17.70
CA UNK B 140 -20.76 -37.45 -18.12
C UNK B 140 -19.45 -36.70 -18.22
N UNK B 141 -16.77 -38.02 -11.35
CA UNK B 141 -15.58 -37.79 -12.14
C UNK B 141 -14.46 -37.25 -11.28
N UNK B 142 -14.81 -36.33 -10.38
CA UNK B 142 -13.85 -35.74 -9.47
C UNK B 142 -13.29 -36.81 -8.55
N UNK B 143 -14.17 -37.69 -8.07
CA UNK B 143 -13.76 -38.77 -7.19
C UNK B 143 -12.81 -39.71 -7.92
N UNK B 144 -13.11 -39.99 -9.19
CA UNK B 144 -12.27 -40.85 -10.00
C UNK B 144 -10.89 -40.22 -10.17
N UNK B 145 -10.87 -38.91 -10.40
CA UNK B 145 -9.63 -38.20 -10.58
C UNK B 145 -8.80 -38.27 -9.30
N UNK B 146 -9.47 -38.11 -8.17
CA UNK B 146 -8.81 -38.17 -6.87
C UNK B 146 -8.20 -39.55 -6.66
N UNK B 147 -8.95 -40.58 -7.04
CA UNK B 147 -8.48 -41.96 -6.91
C UNK B 147 -7.25 -42.17 -7.78
N UNK B 148 -7.26 -41.61 -8.98
CA UNK B 148 -6.14 -41.74 -9.89
C UNK B 148 -4.91 -41.06 -9.30
N UNK B 149 -5.13 -39.89 -8.70
CA UNK B 149 -4.03 -39.15 -8.07
C UNK B 149 -3.45 -39.97 -6.93
N UNK B 150 -4.31 -40.60 -6.14
CA UNK B 150 -3.88 -41.42 -5.03
C UNK B 150 -3.06 -42.61 -5.52
N UNK B 151 -3.51 -43.20 -6.63
CA UNK B 151 -2.80 -44.33 -7.22
C UNK B 151 -1.42 -43.89 -7.68
N UNK B 152 -1.34 -42.71 -8.27
CA UNK B 152 -0.05 -42.19 -8.72
C UNK B 152 0.86 -41.98 -7.52
N UNK B 153 0.30 -41.43 -6.45
CA UNK B 153 1.03 -41.18 -5.22
C UNK B 153 1.51 -42.48 -4.61
N UNK B 154 0.64 -43.49 -4.63
CA UNK B 154 0.97 -44.79 -4.05
C UNK B 154 1.78 -45.64 -5.02
N UNK B 155 -2.07 -52.34 -11.55
CA UNK B 155 -2.76 -52.09 -10.28
C UNK B 155 -3.95 -51.17 -10.50
N UNK B 156 -3.67 -49.93 -10.87
CA UNK B 156 -4.72 -48.93 -11.11
C UNK B 156 -5.61 -49.39 -12.26
N UNK B 157 -4.99 -49.92 -13.31
CA UNK B 157 -5.73 -50.40 -14.47
C UNK B 157 -6.64 -51.55 -14.07
N UNK B 158 -6.12 -52.44 -13.22
CA UNK B 158 -6.89 -53.59 -12.74
C UNK B 158 -8.09 -53.10 -11.94
N UNK B 159 -7.87 -52.08 -11.11
CA UNK B 159 -8.94 -51.52 -10.30
C UNK B 159 -10.01 -50.92 -11.20
N UNK B 160 -9.58 -50.23 -12.25
CA UNK B 160 -10.51 -49.62 -13.20
C UNK B 160 -11.34 -50.69 -13.88
N UNK B 161 -10.68 -51.80 -14.25
CA UNK B 161 -11.37 -52.91 -14.90
C UNK B 161 -12.41 -53.50 -13.96
N UNK B 162 -12.04 -53.63 -12.68
CA UNK B 162 -12.95 -54.18 -11.69
C UNK B 162 -14.16 -53.27 -11.54
N UNK B 163 -13.93 -51.96 -11.55
CA UNK B 163 -15.00 -50.99 -11.44
C UNK B 163 -15.93 -51.09 -12.64
N UNK B 164 -15.35 -51.28 -13.82
CA UNK B 164 -16.14 -51.39 -15.05
C UNK B 164 -17.19 -52.48 -14.92
N UNK B 165 -2.76 -36.14 -20.14
CA UNK B 165 -2.95 -36.61 -18.78
C UNK B 165 -4.44 -36.72 -18.45
N UNK B 166 -5.11 -35.57 -18.37
CA UNK B 166 -6.54 -35.54 -18.07
C UNK B 166 -7.32 -36.25 -19.16
N UNK B 167 -6.94 -36.02 -20.41
CA UNK B 167 -7.60 -36.66 -21.54
C UNK B 167 -7.43 -38.17 -21.47
N UNK B 168 -6.22 -38.60 -21.11
CA UNK B 168 -5.93 -40.02 -20.98
C UNK B 168 -6.78 -40.63 -19.88
N UNK B 169 -6.93 -39.90 -18.77
CA UNK B 169 -7.73 -40.37 -17.66
C UNK B 169 -9.18 -40.51 -18.08
N UNK B 170 -9.67 -39.55 -18.87
CA UNK B 170 -11.04 -39.58 -19.35
C UNK B 170 -11.24 -40.79 -20.26
N UNK B 171 -10.25 -41.07 -21.10
CA UNK B 171 -10.31 -42.20 -22.01
C UNK B 171 -10.36 -43.51 -21.20
N UNK B 172 -9.55 -43.56 -20.14
CA UNK B 172 -9.51 -44.73 -19.27
C UNK B 172 -10.86 -44.93 -18.61
N UNK B 173 -11.49 -43.84 -18.18
CA UNK B 173 -12.79 -43.90 -17.55
C UNK B 173 -13.82 -44.44 -18.54
N UNK B 174 -13.73 -43.97 -19.79
CA UNK B 174 -14.65 -44.43 -20.82
C UNK B 174 -14.46 -45.93 -21.05
N UNK B 175 -13.22 -46.38 -21.07
CA UNK B 175 -12.92 -47.78 -21.27
C UNK B 175 -13.49 -48.62 -20.14
N UNK B 176 -13.37 -48.11 -18.91
CA UNK B 176 -13.89 -48.79 -17.74
C UNK B 176 -15.40 -48.90 -17.83
N UNK B 177 -16.05 -47.83 -18.29
CA UNK B 177 -17.49 -47.81 -18.46
C UNK B 177 -17.91 -48.84 -19.49
N UNK B 178 -17.15 -48.93 -20.57
CA UNK B 178 -17.43 -49.87 -21.65
C UNK B 178 -16.69 -51.18 -21.43
N UNK B 179 -9.41 -58.53 -20.91
CA UNK B 179 -9.71 -58.51 -19.49
C UNK B 179 -8.50 -58.05 -18.68
N UNK B 180 -7.96 -58.95 -17.86
CA UNK B 180 -6.80 -58.63 -17.05
C UNK B 180 -5.60 -58.30 -17.92
N UNK B 181 -5.44 -59.07 -19.00
CA UNK B 181 -4.34 -58.85 -19.92
C UNK B 181 -4.47 -57.49 -20.58
N UNK B 182 -5.70 -57.13 -20.96
CA UNK B 182 -5.98 -55.85 -21.58
C UNK B 182 -5.64 -54.72 -20.61
N UNK B 183 -6.00 -54.90 -19.35
CA UNK B 183 -5.72 -53.91 -18.31
C UNK B 183 -4.21 -53.73 -18.16
N UNK B 184 -3.49 -54.85 -18.18
CA UNK B 184 -2.04 -54.82 -18.05
C UNK B 184 -1.43 -54.06 -19.23
N UNK B 185 -1.97 -54.30 -20.43
CA UNK B 185 -1.49 -53.63 -21.63
C UNK B 185 -1.72 -52.13 -21.51
N UNK B 186 -2.89 -51.75 -20.98
CA UNK B 186 -3.22 -50.34 -20.80
C UNK B 186 -2.25 -49.70 -19.82
N UNK B 187 -1.93 -50.43 -18.75
CA UNK B 187 -0.99 -49.94 -17.74
C UNK B 187 0.39 -49.74 -18.37
N UNK B 188 0.79 -50.67 -19.23
CA UNK B 188 2.07 -50.59 -19.91
C UNK B 188 2.10 -49.37 -20.81
N UNK B 189 0.99 -49.11 -21.50
CA UNK B 189 0.87 -47.96 -22.37
C UNK B 189 0.99 -46.67 -21.56
N UNK B 190 0.36 -46.65 -20.39
CA UNK B 190 0.41 -45.49 -19.52
C UNK B 190 1.55 -45.60 -18.52
N UNK B 191 -11.88 -57.88 -25.16
CA UNK B 191 -10.46 -57.54 -25.18
C UNK B 191 -10.10 -56.79 -26.45
N UNK B 192 -10.46 -57.38 -27.60
CA UNK B 192 -10.19 -56.75 -28.89
C UNK B 192 -10.93 -55.43 -29.01
N UNK B 193 -12.18 -55.41 -28.55
CA UNK B 193 -12.99 -54.20 -28.59
C UNK B 193 -12.35 -53.12 -27.73
N UNK B 194 -11.87 -53.52 -26.55
CA UNK B 194 -11.22 -52.58 -25.64
C UNK B 194 -9.97 -52.02 -26.29
N UNK B 195 -9.21 -52.86 -26.97
CA UNK B 195 -8.00 -52.43 -27.65
C UNK B 195 -8.34 -51.41 -28.73
N UNK B 196 -9.42 -51.69 -29.47
CA UNK B 196 -9.85 -50.77 -30.52
C UNK B 196 -10.18 -49.42 -29.91
N UNK B 197 -10.87 -49.44 -28.78
CA UNK B 197 -11.26 -48.21 -28.09
C UNK B 197 -10.01 -47.45 -27.64
N UNK B 198 -9.01 -48.19 -27.14
CA UNK B 198 -7.77 -47.58 -26.69
C UNK B 198 -7.07 -46.91 -27.86
N UNK B 199 -7.08 -47.58 -29.01
CA UNK B 199 -6.45 -47.04 -30.22
C UNK B 199 -7.16 -45.77 -30.63
N UNK B 200 -8.49 -45.77 -30.54
CA UNK B 200 -9.29 -44.60 -30.90
C UNK B 200 -8.93 -43.44 -29.97
N UNK B 201 -8.78 -43.74 -28.69
CA UNK B 201 -8.42 -42.71 -27.70
C UNK B 201 -7.06 -42.13 -28.03
N UNK B 202 -6.12 -43.00 -28.42
CA UNK B 202 -4.78 -42.57 -28.77
C UNK B 202 -4.83 -41.65 -30.00
N UNK B 203 -5.67 -42.01 -30.97
CA UNK B 203 -5.83 -41.22 -32.18
C UNK B 203 -6.39 -39.84 -31.83
N UNK B 204 -7.35 -39.82 -30.90
CA UNK B 204 -7.95 -38.57 -30.46
C UNK B 204 -6.91 -37.69 -29.79
N UNK B 205 -6.04 -38.31 -28.99
CA UNK B 205 -4.97 -37.59 -28.31
C UNK B 205 -4.01 -37.00 -29.32
N UNK B 206 -3.71 -37.76 -30.37
CA UNK B 206 -2.81 -37.31 -31.41
C UNK B 206 -3.56 -36.50 -32.46
N UNK B 207 1.08 -58.01 -33.31
CA UNK B 207 -0.14 -57.79 -32.56
C UNK B 207 0.16 -57.16 -31.20
N UNK B 208 0.39 -58.02 -30.20
CA UNK B 208 0.69 -57.55 -28.86
C UNK B 208 1.99 -56.75 -28.85
N UNK B 209 2.99 -57.22 -29.59
CA UNK B 209 4.27 -56.54 -29.68
C UNK B 209 4.08 -55.16 -30.30
N UNK B 210 3.26 -55.09 -31.34
CA UNK B 210 2.99 -53.84 -32.02
C UNK B 210 2.31 -52.87 -31.07
N UNK B 211 1.37 -53.38 -30.27
CA UNK B 211 0.65 -52.56 -29.30
C UNK B 211 1.63 -52.02 -28.27
N UNK B 212 2.57 -52.85 -27.83
CA UNK B 212 3.58 -52.45 -26.87
C UNK B 212 4.45 -51.35 -27.46
N UNK B 213 4.81 -51.50 -28.73
CA UNK B 213 5.63 -50.51 -29.42
C UNK B 213 4.88 -49.18 -29.49
N UNK B 214 3.59 -49.24 -29.78
CA UNK B 214 2.77 -48.04 -29.84
C UNK B 214 2.73 -47.36 -28.49
N UNK B 215 2.59 -48.15 -27.44
CA UNK B 215 2.56 -47.62 -26.07
C UNK B 215 3.88 -46.93 -25.76
N UNK B 216 4.99 -47.56 -26.17
CA UNK B 216 6.32 -47.00 -25.94
C UNK B 216 6.45 -45.67 -26.66
N UNK B 217 5.94 -45.60 -27.89
CA UNK B 217 5.98 -44.37 -28.67
C UNK B 217 5.18 -43.27 -27.98
N UNK B 218 4.03 -43.66 -27.43
CA UNK B 218 3.17 -42.71 -26.72
C UNK B 218 3.90 -42.18 -25.48
N UNK B 219 4.61 -43.07 -24.79
CA UNK B 219 5.33 -42.69 -23.58
C UNK B 219 6.80 -42.39 -23.90
N UNK B 220 -9.87 -58.97 -38.53
CA UNK B 220 -9.11 -57.99 -39.29
C UNK B 220 -9.55 -56.57 -38.94
N UNK B 221 -10.60 -56.46 -38.14
CA UNK B 221 -11.12 -55.16 -37.72
C UNK B 221 -10.06 -54.43 -36.90
N UNK B 222 -9.39 -55.15 -36.02
CA UNK B 222 -8.35 -54.58 -35.17
C UNK B 222 -7.21 -54.06 -36.04
N UNK B 223 -6.85 -54.84 -37.07
CA UNK B 223 -5.79 -54.45 -37.98
C UNK B 223 -6.17 -53.17 -38.73
N UNK B 224 -7.44 -53.09 -39.13
CA UNK B 224 -7.94 -51.92 -39.83
C UNK B 224 -7.86 -50.69 -38.92
N UNK B 225 -8.22 -50.89 -37.65
CA UNK B 225 -8.17 -49.81 -36.67
C UNK B 225 -6.73 -49.34 -36.49
N UNK B 226 -5.80 -50.29 -36.45
CA UNK B 226 -4.39 -49.97 -36.30
C UNK B 226 -3.91 -49.15 -37.49
N UNK B 227 -4.36 -49.54 -38.68
CA UNK B 227 -3.98 -48.83 -39.90
C UNK B 227 -4.51 -47.40 -39.84
N UNK B 228 -5.74 -47.24 -39.36
CA UNK B 228 -6.35 -45.92 -39.25
C UNK B 228 -5.55 -45.07 -38.27
N UNK B 229 -5.12 -45.69 -37.16
CA UNK B 229 -4.35 -44.99 -36.15
C UNK B 229 -3.02 -44.54 -36.74
N UNK B 230 -2.41 -45.39 -37.55
CA UNK B 230 -1.14 -45.08 -38.19
C UNK B 230 -1.32 -43.89 -39.13
N UNK B 231 -2.43 -43.90 -39.87
CA UNK B 231 -2.73 -42.81 -40.79
C UNK B 231 -2.90 -41.50 -40.02
N UNK B 232 -3.58 -41.58 -38.87
CA UNK B 232 -3.79 -40.41 -38.04
C UNK B 232 -2.46 -39.86 -37.53
N UNK B 233 -1.57 -40.77 -37.15
CA UNK B 233 -0.25 -40.41 -36.66
C UNK B 233 0.53 -39.70 -37.77
N UNK B 234 0.41 -40.22 -38.99
CA UNK B 234 1.09 -39.64 -40.14
C UNK B 234 0.57 -38.24 -40.40
N UNK B 235 -0.75 -38.06 -40.26
CA UNK B 235 -1.38 -36.76 -40.47
C UNK B 235 -1.48 -36.00 -39.16
N UNK B 236 5.73 -42.59 -32.80
CA UNK B 236 6.78 -42.08 -33.67
C UNK B 236 7.44 -43.20 -34.46
N UNK B 237 8.77 -43.26 -34.40
CA UNK B 237 9.51 -44.30 -35.11
C UNK B 237 9.14 -45.68 -34.58
N UNK B 238 9.00 -45.79 -33.27
CA UNK B 238 8.66 -47.06 -32.64
C UNK B 238 7.27 -47.50 -33.10
N UNK B 239 6.35 -46.54 -33.17
CA UNK B 239 4.99 -46.82 -33.62
C UNK B 239 5.01 -47.30 -35.06
N UNK B 240 5.82 -46.66 -35.89
CA UNK B 240 5.95 -47.04 -37.29
C UNK B 240 6.48 -48.45 -37.41
N UNK B 241 7.46 -48.79 -36.58
CA UNK B 241 8.05 -50.12 -36.59
C UNK B 241 7.00 -51.15 -36.20
N UNK B 242 6.19 -50.81 -35.20
CA UNK B 242 5.14 -51.71 -34.74
C UNK B 242 4.12 -51.93 -35.86
N UNK B 243 3.79 -50.86 -36.58
CA UNK B 243 2.85 -50.93 -37.68
C UNK B 243 3.40 -51.84 -38.76
N UNK B 244 4.70 -51.71 -39.05
CA UNK B 244 5.34 -52.53 -40.06
C UNK B 244 5.27 -54.00 -39.65
N UNK B 245 5.52 -54.27 -38.37
CA UNK B 245 5.47 -55.63 -37.85
C UNK B 245 4.07 -56.20 -38.01
N UNK B 246 3.07 -55.38 -37.71
CA UNK B 246 1.67 -55.79 -37.83
C UNK B 246 1.34 -56.12 -39.28
N UNK B 247 1.85 -55.30 -40.19
CA UNK B 247 1.63 -55.50 -41.62
C UNK B 247 2.26 -56.83 -42.06
N UNK B 248 3.45 -57.11 -41.54
CA UNK B 248 4.15 -58.35 -41.86
C UNK B 248 3.32 -59.53 -41.36
N UNK B 249 2.78 -59.40 -40.16
CA UNK B 249 1.96 -60.46 -39.56
C UNK B 249 0.72 -60.69 -40.42
N UNK B 250 0.11 -59.61 -40.90
CA UNK B 250 -1.07 -59.70 -41.74
C UNK B 250 -0.73 -60.41 -43.05
N UNK B 251 0.44 -60.11 -43.60
CA UNK B 251 0.87 -60.71 -44.86
C UNK B 251 1.21 -62.18 -44.65
N UNK B 252 1.29 -27.34 -52.57
CA UNK B 252 0.49 -27.52 -53.77
C UNK B 252 0.67 -28.93 -54.32
N UNK B 253 1.74 -29.13 -55.08
CA UNK B 253 2.03 -30.44 -55.66
C UNK B 253 2.28 -31.46 -54.57
N UNK B 254 3.01 -31.05 -53.53
CA UNK B 254 3.31 -31.93 -52.41
C UNK B 254 2.02 -32.34 -51.71
N UNK B 255 1.11 -31.37 -51.54
CA UNK B 255 -0.17 -31.63 -50.90
C UNK B 255 -0.98 -32.61 -51.73
N UNK B 256 -0.94 -32.44 -53.05
CA UNK B 256 -1.65 -33.34 -53.95
C UNK B 256 -1.10 -34.76 -53.83
N UNK B 257 0.22 -34.86 -53.74
CA UNK B 257 0.89 -36.15 -53.60
C UNK B 257 0.46 -36.80 -52.29
N UNK B 258 0.38 -36.01 -51.22
CA UNK B 258 -0.02 -36.50 -49.92
C UNK B 258 -1.46 -37.03 -49.99
N UNK B 259 -2.32 -36.31 -50.69
CA UNK B 259 -3.70 -36.72 -50.85
C UNK B 259 -3.78 -38.05 -51.60
N UNK B 260 -2.94 -38.17 -52.64
CA UNK B 260 -2.89 -39.39 -53.43
C UNK B 260 -2.44 -40.56 -52.56
N UNK B 261 -1.45 -40.30 -51.70
CA UNK B 261 -0.93 -41.30 -50.80
C UNK B 261 -2.02 -41.75 -49.83
N UNK B 262 -2.80 -40.79 -49.35
CA UNK B 262 -3.91 -41.08 -48.44
C UNK B 262 -4.94 -41.97 -49.14
N UNK B 263 -5.21 -41.65 -50.41
CA UNK B 263 -6.15 -42.42 -51.21
C UNK B 263 -5.63 -43.85 -51.38
N UNK B 264 -4.34 -43.99 -51.61
CA UNK B 264 -3.70 -45.28 -51.78
C UNK B 264 -3.82 -46.08 -50.48
N UNK B 265 -3.64 -45.40 -49.36
CA UNK B 265 -3.76 -46.03 -48.06
C UNK B 265 -5.18 -46.57 -47.89
N UNK B 266 -6.15 -45.75 -48.30
CA UNK B 266 -7.56 -46.13 -48.22
C UNK B 266 -7.82 -47.33 -49.11
N UNK B 267 -7.22 -47.33 -50.30
CA UNK B 267 -7.37 -48.42 -51.24
C UNK B 267 -6.79 -49.70 -50.65
N UNK B 268 -5.64 -49.57 -49.99
CA UNK B 268 -4.99 -50.72 -49.36
C UNK B 268 -5.88 -51.27 -48.26
N UNK B 269 -6.50 -50.38 -47.49
CA UNK B 269 -7.40 -50.79 -46.42
C UNK B 269 -8.59 -51.54 -46.99
N UNK B 270 -9.11 -51.05 -48.11
CA UNK B 270 -10.24 -51.68 -48.77
C UNK B 270 -9.86 -53.07 -49.24
N UNK B 271 -8.65 -53.20 -49.77
CA UNK B 271 -8.14 -54.49 -50.25
C UNK B 271 -8.03 -55.46 -49.08
N UNK B 272 -7.56 -54.96 -47.94
CA UNK B 272 -7.41 -55.78 -46.75
C UNK B 272 -8.79 -56.26 -46.28
N UNK B 273 -9.78 -55.37 -46.34
CA UNK B 273 -11.13 -55.70 -45.93
C UNK B 273 -11.62 -56.94 -46.68
N UNK B 274 7.96 -33.42 -45.22
CA UNK B 274 7.15 -33.59 -44.03
C UNK B 274 5.95 -34.48 -44.32
N UNK B 275 4.83 -33.84 -44.68
CA UNK B 275 3.61 -34.57 -44.99
C UNK B 275 3.83 -35.49 -46.20
N UNK B 276 4.53 -34.97 -47.20
CA UNK B 276 4.83 -35.74 -48.41
C UNK B 276 5.67 -36.96 -48.05
N UNK B 277 6.65 -36.75 -47.17
CA UNK B 277 7.53 -37.84 -46.74
C UNK B 277 6.71 -38.91 -46.01
N UNK B 278 5.78 -38.46 -45.17
CA UNK B 278 4.93 -39.37 -44.43
C UNK B 278 4.08 -40.18 -45.38
N UNK B 279 3.55 -39.52 -46.41
CA UNK B 279 2.73 -40.18 -47.42
C UNK B 279 3.55 -41.23 -48.15
N UNK B 280 4.81 -40.90 -48.47
CA UNK B 280 5.69 -41.82 -49.16
C UNK B 280 5.95 -43.05 -48.29
N UNK B 281 6.15 -42.81 -47.00
CA UNK B 281 6.40 -43.91 -46.06
C UNK B 281 5.17 -44.82 -45.99
N UNK B 282 3.99 -44.20 -45.98
CA UNK B 282 2.75 -44.95 -45.93
C UNK B 282 2.61 -45.81 -47.19
N UNK B 283 2.97 -45.24 -48.33
CA UNK B 283 2.91 -45.94 -49.60
C UNK B 283 3.85 -47.14 -49.58
N UNK B 284 5.03 -46.95 -49.02
CA UNK B 284 6.01 -48.03 -48.92
C UNK B 284 5.45 -49.15 -48.05
N UNK B 285 4.82 -48.77 -46.94
CA UNK B 285 4.23 -49.74 -46.02
C UNK B 285 3.14 -50.52 -46.73
N UNK B 286 2.33 -49.82 -47.52
CA UNK B 286 1.24 -50.44 -48.26
C UNK B 286 1.80 -51.44 -49.26
N UNK B 287 2.89 -51.07 -49.92
CA UNK B 287 3.54 -51.95 -50.89
C UNK B 287 4.04 -53.21 -50.19
N UNK B 288 4.62 -53.03 -49.01
CA UNK B 288 5.13 -54.16 -48.25
C UNK B 288 3.98 -55.09 -47.87
N UNK B 289 2.85 -54.51 -47.46
CA UNK B 289 1.68 -55.29 -47.08
C UNK B 289 1.16 -56.08 -48.28
N UNK B 290 1.16 -55.45 -49.44
CA UNK B 290 0.71 -56.08 -50.67
C UNK B 290 1.60 -57.27 -51.02
N UNK B 291 2.91 -57.08 -50.83
CA UNK B 291 3.88 -58.13 -51.13
C UNK B 291 3.96 -59.12 -49.98
N UNK B 292 -8.46 -54.58 -58.35
CA UNK B 292 -8.11 -53.77 -57.17
C UNK B 292 -6.60 -53.57 -57.10
N UNK B 293 -5.87 -54.66 -57.26
CA UNK B 293 -4.41 -54.60 -57.20
C UNK B 293 -3.87 -53.72 -58.33
N UNK B 294 -4.45 -53.87 -59.51
CA UNK B 294 -4.02 -53.08 -60.66
C UNK B 294 -4.25 -51.60 -60.40
N UNK B 295 -5.41 -51.28 -59.82
CA UNK B 295 -5.74 -49.90 -59.51
C UNK B 295 -4.76 -49.34 -58.49
N UNK B 296 -4.41 -50.15 -57.50
CA UNK B 296 -3.47 -49.73 -56.47
C UNK B 296 -2.12 -49.45 -57.11
N UNK B 297 -1.70 -50.32 -58.03
CA UNK B 297 -0.43 -50.16 -58.72
C UNK B 297 -0.43 -48.87 -59.52
N UNK B 298 -1.55 -48.58 -60.18
CA UNK B 298 -1.68 -47.36 -60.98
C UNK B 298 -1.55 -46.14 -60.08
N UNK B 299 -2.18 -46.21 -58.91
CA UNK B 299 -2.13 -45.10 -57.95
C UNK B 299 -0.69 -44.90 -57.49
N UNK B 300 0.01 -46.00 -57.23
CA UNK B 300 1.40 -45.94 -56.80
C UNK B 300 2.25 -45.30 -57.88
N UNK B 301 2.00 -45.65 -59.14
CA UNK B 301 2.75 -45.11 -60.27
C UNK B 301 2.51 -43.61 -60.35
N UNK B 302 1.26 -43.19 -60.15
CA UNK B 302 0.92 -41.77 -60.18
C UNK B 302 1.66 -41.03 -59.08
N UNK B 303 1.72 -41.65 -57.89
CA UNK B 303 2.41 -41.04 -56.76
C UNK B 303 3.89 -40.89 -57.07
N UNK B 304 4.47 -41.91 -57.71
CA UNK B 304 5.88 -41.88 -58.06
C UNK B 304 6.14 -40.77 -59.06
N UNK B 305 5.22 -40.60 -60.01
CA UNK B 305 5.34 -39.55 -61.02
C UNK B 305 5.30 -38.19 -60.34
N UNK B 306 4.40 -38.04 -59.38
CA UNK B 306 4.27 -36.79 -58.64
C UNK B 306 5.56 -36.49 -57.88
N UNK B 307 6.15 -37.52 -57.29
CA UNK B 307 7.39 -37.37 -56.54
C UNK B 307 8.51 -36.93 -57.48
N UNK B 308 8.54 -37.50 -58.68
CA UNK B 308 9.55 -37.15 -59.66
C UNK B 308 9.31 -35.75 -60.21
N UNK B 309 -7.82 -52.14 -71.62
CA UNK B 309 -8.02 -52.03 -70.17
C UNK B 309 -6.68 -51.89 -69.46
N UNK B 310 -6.18 -53.00 -68.92
CA UNK B 310 -4.91 -53.01 -68.22
C UNK B 310 -3.78 -52.61 -69.17
N UNK B 311 -3.83 -53.13 -70.39
CA UNK B 311 -2.82 -52.82 -71.39
C UNK B 311 -2.85 -51.34 -71.73
N UNK B 312 -4.05 -50.80 -71.86
CA UNK B 312 -4.22 -49.38 -72.16
C UNK B 312 -3.64 -48.53 -71.03
N UNK B 313 -3.89 -48.96 -69.79
CA UNK B 313 -3.38 -48.24 -68.62
C UNK B 313 -1.86 -48.26 -68.63
N UNK B 314 -1.29 -49.41 -68.97
CA UNK B 314 0.16 -49.56 -69.03
C UNK B 314 0.74 -48.63 -70.10
N UNK B 315 0.05 -48.55 -71.24
CA UNK B 315 0.48 -47.68 -72.32
C UNK B 315 0.46 -46.22 -71.87
N UNK B 316 -0.59 -45.86 -71.13
CA UNK B 316 -0.73 -44.51 -70.62
C UNK B 316 0.42 -44.20 -69.67
N UNK B 317 0.74 -45.15 -68.80
CA UNK B 317 1.83 -44.98 -67.85
C UNK B 317 3.12 -44.75 -68.62
N UNK B 318 3.37 -45.61 -69.61
CA UNK B 318 4.56 -45.52 -70.42
C UNK B 318 4.57 -44.20 -71.19
N UNK B 319 3.41 -43.81 -71.71
CA UNK B 319 3.29 -42.57 -72.46
C UNK B 319 3.61 -41.38 -71.55
N UNK B 320 3.11 -41.43 -70.32
CA UNK B 320 3.34 -40.37 -69.35
C UNK B 320 4.83 -40.28 -69.04
N UNK B 321 5.46 -41.44 -68.90
CA UNK B 321 6.89 -41.50 -68.61
C UNK B 321 7.68 -40.88 -69.77
N UNK B 322 7.26 -41.18 -70.99
CA UNK B 322 7.91 -40.65 -72.18
C UNK B 322 7.77 -39.13 -72.21
N UNK B 323 6.59 -38.63 -71.85
CA UNK B 323 6.35 -37.20 -71.82
C UNK B 323 7.26 -36.54 -70.79
N UNK B 324 7.41 -37.18 -69.63
CA UNK B 324 8.27 -36.66 -68.58
C UNK B 324 9.72 -36.61 -69.07
N UNK B 325 10.14 -37.65 -69.77
CA UNK B 325 11.49 -37.71 -70.31
C UNK B 325 11.71 -36.59 -71.31
N UNK B 326 10.70 -36.33 -72.14
CA UNK B 326 10.78 -35.27 -73.13
C UNK B 326 10.92 -33.92 -72.43
N UNK B 327 10.16 -33.73 -71.36
CA UNK B 327 10.21 -32.49 -70.59
C UNK B 327 11.60 -32.31 -70.00
N UNK B 328 12.18 -33.40 -69.48
CA UNK B 328 13.51 -33.35 -68.89
C UNK B 328 14.53 -32.97 -69.95
N UNK B 329 14.38 -33.54 -71.15
CA UNK B 329 15.28 -33.25 -72.26
C UNK B 329 15.20 -31.78 -72.64
N UNK B 330 13.98 -31.25 -72.64
CA UNK B 330 13.76 -29.85 -72.97
C UNK B 330 14.43 -28.96 -71.94
N UNK B 331 14.32 -29.35 -70.67
CA UNK B 331 14.91 -28.58 -69.58
C UNK B 331 16.43 -28.49 -69.76
N UNK B 332 14.08 -37.55 -63.05
CA UNK B 332 14.65 -37.91 -64.34
C UNK B 332 15.27 -39.30 -64.30
N UNK B 333 16.48 -39.38 -63.77
CA UNK B 333 17.17 -40.67 -63.67
C UNK B 333 16.40 -41.63 -62.77
N UNK B 334 15.86 -41.11 -61.67
CA UNK B 334 15.09 -41.91 -60.73
C UNK B 334 13.83 -42.44 -61.43
N UNK B 335 13.20 -41.58 -62.22
CA UNK B 335 12.00 -41.96 -62.96
C UNK B 335 12.34 -43.06 -63.96
N UNK B 336 13.49 -42.92 -64.61
CA UNK B 336 13.95 -43.88 -65.60
C UNK B 336 14.15 -45.27 -65.00
N UNK B 337 14.95 -45.34 -63.93
CA UNK B 337 15.21 -46.62 -63.28
C UNK B 337 13.92 -47.21 -62.72
N UNK B 338 13.10 -46.35 -62.11
CA UNK B 338 11.82 -46.77 -61.56
C UNK B 338 10.91 -47.28 -62.66
N UNK B 339 10.92 -46.59 -63.80
CA UNK B 339 10.11 -46.97 -64.94
C UNK B 339 10.55 -48.33 -65.46
N UNK B 340 11.87 -48.55 -65.50
CA UNK B 340 12.42 -49.82 -65.95
C UNK B 340 11.97 -50.94 -65.02
N UNK B 341 11.98 -50.66 -63.72
CA UNK B 341 11.56 -51.64 -62.72
C UNK B 341 10.09 -51.98 -62.93
N UNK B 342 9.28 -50.96 -63.20
CA UNK B 342 7.85 -51.15 -63.43
C UNK B 342 7.64 -52.01 -64.67
N UNK B 343 8.43 -51.76 -65.71
CA UNK B 343 8.34 -52.53 -66.95
C UNK B 343 8.68 -53.99 -66.68
N UNK B 344 9.70 -54.21 -65.86
CA UNK B 344 10.12 -55.56 -65.51
C UNK B 344 8.99 -56.25 -64.76
N UNK B 345 8.34 -55.53 -63.85
CA UNK B 345 7.23 -56.09 -63.07
C UNK B 345 6.07 -56.46 -64.00
N UNK B 346 5.82 -55.60 -64.98
CA UNK B 346 4.75 -55.85 -65.95
C UNK B 346 5.05 -57.09 -66.77
N UNK B 347 6.32 -57.25 -67.15
CA UNK B 347 6.74 -58.40 -67.94
C UNK B 347 7.23 -59.53 -67.04
N UNK B 348 24.13 -34.83 -74.16
CA UNK B 348 23.95 -35.91 -75.11
C UNK B 348 23.40 -37.16 -74.42
N UNK B 349 23.80 -37.35 -73.17
CA UNK B 349 23.35 -38.51 -72.40
C UNK B 349 21.83 -38.48 -72.22
N UNK B 350 21.31 -37.29 -71.94
CA UNK B 350 19.87 -37.12 -71.76
C UNK B 350 19.13 -37.47 -73.05
N UNK B 351 19.68 -37.03 -74.18
CA UNK B 351 19.08 -37.31 -75.48
C UNK B 351 19.07 -38.81 -75.74
N UNK B 352 20.17 -39.46 -75.38
CA UNK B 352 20.28 -40.91 -75.57
C UNK B 352 19.23 -41.62 -74.71
N UNK B 353 19.04 -41.14 -73.49
CA UNK B 353 18.06 -41.71 -72.58
C UNK B 353 16.66 -41.53 -73.16
N UNK B 354 16.39 -40.36 -73.74
CA UNK B 354 15.09 -40.09 -74.34
C UNK B 354 14.84 -41.05 -75.50
N UNK B 355 15.88 -41.29 -76.30
CA UNK B 355 15.77 -42.20 -77.43
C UNK B 355 15.48 -43.61 -76.93
N UNK B 356 16.15 -43.99 -75.85
CA UNK B 356 15.95 -45.31 -75.24
C UNK B 356 14.52 -45.44 -74.75
N UNK B 357 13.99 -44.38 -74.15
CA UNK B 357 12.62 -44.38 -73.65
C UNK B 357 11.65 -44.57 -74.81
N UNK B 358 11.91 -43.89 -75.92
CA UNK B 358 11.06 -44.00 -77.10
C UNK B 358 11.09 -45.43 -77.62
N UNK B 359 12.29 -46.03 -77.63
CA UNK B 359 12.46 -47.40 -78.08
C UNK B 359 11.68 -48.36 -77.18
N UNK B 360 11.72 -48.10 -75.88
CA UNK B 360 11.01 -48.92 -74.89
C UNK B 360 9.52 -48.83 -75.15
N UNK B 361 9.04 -47.63 -75.44
CA UNK B 361 7.61 -47.44 -75.73
C UNK B 361 7.23 -48.22 -76.97
N UNK B 362 8.09 -48.19 -77.99
CA UNK B 362 7.83 -48.91 -79.22
C UNK B 362 7.77 -50.42 -78.94
N UNK B 363 8.69 -50.89 -78.10
CA UNK B 363 8.74 -52.30 -77.74
C UNK B 363 7.47 -52.71 -77.01
N UNK B 364 6.99 -51.84 -76.13
CA UNK B 364 5.77 -52.10 -75.39
C UNK B 364 4.60 -52.19 -76.35
N UNK B 365 4.56 -51.30 -77.33
CA UNK B 365 3.50 -51.30 -78.32
C UNK B 365 3.53 -52.60 -79.12
N UNK B 366 4.73 -53.05 -79.47
CA UNK B 366 4.90 -54.28 -80.21
C UNK B 366 4.41 -55.47 -79.39
N UNK B 367 4.70 -55.45 -78.10
CA UNK B 367 4.28 -56.52 -77.21
C UNK B 367 2.78 -56.45 -76.93
N UNK B 368 23.40 -43.54 -68.99
CA UNK B 368 23.76 -44.06 -70.30
C UNK B 368 23.81 -45.59 -70.28
N UNK B 369 24.24 -46.15 -69.15
CA UNK B 369 24.32 -47.60 -69.01
C UNK B 369 22.93 -48.22 -69.12
N UNK B 370 21.95 -47.57 -68.50
CA UNK B 370 20.57 -48.06 -68.54
C UNK B 370 20.07 -48.04 -69.98
N UNK B 371 20.40 -46.98 -70.71
CA UNK B 371 19.99 -46.84 -72.10
C UNK B 371 20.62 -47.96 -72.93
N UNK B 372 21.89 -48.26 -72.66
CA UNK B 372 22.60 -49.31 -73.37
C UNK B 372 21.93 -50.66 -73.10
N UNK B 373 21.53 -50.88 -71.86
CA UNK B 373 20.86 -52.11 -71.47
C UNK B 373 19.53 -52.23 -72.21
N UNK B 374 18.82 -51.11 -72.32
CA UNK B 374 17.54 -51.07 -73.01
C UNK B 374 17.74 -51.40 -74.48
N UNK B 375 18.81 -50.86 -75.07
CA UNK B 375 19.14 -51.13 -76.46
C UNK B 375 19.41 -52.61 -76.67
N UNK B 376 20.13 -53.22 -75.72
CA UNK B 376 20.44 -54.64 -75.80
C UNK B 376 19.16 -55.45 -75.74
N UNK B 377 18.24 -55.03 -74.85
CA UNK B 377 16.96 -55.72 -74.71
C UNK B 377 16.16 -55.62 -76.01
N UNK B 378 16.21 -54.44 -76.64
CA UNK B 378 15.51 -54.21 -77.89
C UNK B 378 16.07 -55.12 -78.97
N UNK B 379 17.40 -55.26 -79.00
CA UNK B 379 18.06 -56.11 -79.97
C UNK B 379 17.62 -57.56 -79.76
N UNK B 380 17.53 -57.98 -78.50
CA UNK B 380 17.10 -59.33 -78.17
C UNK B 380 15.67 -59.55 -78.66
N UNK B 381 14.82 -58.55 -78.46
CA UNK B 381 13.43 -58.63 -78.89
C UNK B 381 13.34 -58.75 -80.40
N UNK B 382 14.19 -58.00 -81.09
CA UNK B 382 14.21 -58.02 -82.56
C UNK B 382 14.39 -59.43 -83.08
N UNK B 383 9.11 -55.77 -91.34
CA UNK B 383 7.94 -55.02 -90.92
C UNK B 383 8.28 -54.09 -89.76
N UNK B 384 7.92 -54.51 -88.56
CA UNK B 384 8.20 -53.71 -87.36
C UNK B 384 9.70 -53.55 -87.17
N UNK B 385 10.44 -54.62 -87.40
CA UNK B 385 11.90 -54.59 -87.27
C UNK B 385 12.49 -53.63 -88.28
N UNK B 386 11.96 -53.65 -89.50
CA UNK B 386 12.42 -52.76 -90.56
C UNK B 386 12.15 -51.31 -90.17
N UNK B 387 10.99 -51.06 -89.58
CA UNK B 387 10.61 -49.73 -89.14
C UNK B 387 11.58 -49.25 -88.05
N UNK B 388 11.91 -50.15 -87.15
CA UNK B 388 12.84 -49.85 -86.06
C UNK B 388 14.21 -49.49 -86.64
N UNK B 389 14.64 -50.24 -87.66
CA UNK B 389 15.91 -50.00 -88.30
C UNK B 389 15.90 -48.62 -88.96
N UNK B 390 14.79 -48.28 -89.60
CA UNK B 390 14.66 -46.98 -90.24
C UNK B 390 14.75 -45.86 -89.21
N UNK B 391 14.11 -46.08 -88.07
CA UNK B 391 14.13 -45.10 -86.98
C UNK B 391 15.55 -44.91 -86.48
N UNK B 392 16.28 -46.02 -86.36
CA UNK B 392 17.67 -45.98 -85.89
C UNK B 392 18.51 -45.18 -86.89
N UNK B 393 18.28 -45.41 -88.18
CA UNK B 393 19.00 -44.70 -89.22
C UNK B 393 18.73 -43.21 -89.13
N UNK B 394 17.46 -42.86 -88.88
CA UNK B 394 17.08 -41.46 -88.75
C UNK B 394 17.78 -40.83 -87.56
N UNK B 395 17.86 -41.58 -86.46
CA UNK B 395 18.53 -41.10 -85.25
C UNK B 395 20.01 -40.86 -85.53
N UNK B 396 20.62 -41.78 -86.29
CA UNK B 396 22.02 -41.67 -86.65
C UNK B 396 22.25 -40.42 -87.50
N UNK B 397 21.32 -40.16 -88.42
CA UNK B 397 21.41 -39.00 -89.30
C UNK B 397 21.23 -37.71 -88.51
N UNK B 398 30.46 -39.79 -79.44
CA UNK B 398 29.19 -40.46 -79.66
C UNK B 398 29.26 -41.93 -79.29
N UNK B 399 29.63 -42.20 -78.04
CA UNK B 399 29.75 -43.58 -77.55
C UNK B 399 28.40 -44.27 -77.61
N UNK B 400 27.34 -43.55 -77.23
CA UNK B 400 25.99 -44.09 -77.26
C UNK B 400 25.60 -44.41 -78.69
N UNK B 401 25.96 -43.53 -79.62
CA UNK B 401 25.67 -43.72 -81.03
C UNK B 401 26.38 -44.98 -81.53
N UNK B 402 27.64 -45.16 -81.11
CA UNK B 402 28.41 -46.33 -81.51
C UNK B 402 27.74 -47.60 -80.99
N UNK B 403 27.25 -47.55 -79.76
CA UNK B 403 26.58 -48.69 -79.15
C UNK B 403 25.31 -49.01 -79.93
N UNK B 404 24.59 -47.98 -80.33
CA UNK B 404 23.37 -48.13 -81.11
C UNK B 404 23.69 -48.78 -82.44
N UNK B 405 24.79 -48.36 -83.06
CA UNK B 405 25.22 -48.91 -84.33
C UNK B 405 25.55 -50.39 -84.18
N UNK B 406 26.21 -50.74 -83.08
CA UNK B 406 26.55 -52.13 -82.82
C UNK B 406 25.29 -52.96 -82.66
N UNK B 407 24.30 -52.40 -81.96
CA UNK B 407 23.02 -53.08 -81.76
C UNK B 407 22.33 -53.30 -83.09
N UNK B 408 22.39 -52.28 -83.96
CA UNK B 408 21.78 -52.35 -85.28
C UNK B 408 22.44 -53.45 -86.10
N UNK B 409 23.77 -53.54 -85.99
CA UNK B 409 24.52 -54.57 -86.71
C UNK B 409 24.10 -55.94 -86.22
N UNK B 410 23.92 -56.08 -84.91
CA UNK B 410 23.50 -57.35 -84.34
C UNK B 410 22.11 -57.72 -84.85
N UNK B 411 21.22 -56.73 -84.93
CA UNK B 411 19.87 -56.94 -85.42
C UNK B 411 19.90 -57.39 -86.87
N UNK B 412 20.78 -56.78 -87.66
CA UNK B 412 20.92 -57.13 -89.06
C UNK B 412 21.40 -58.57 -89.19
N UNK B 413 22.34 -58.95 -88.33
CA UNK B 413 22.86 -60.32 -88.34
C UNK B 413 21.75 -61.31 -87.99
N UNK B 414 20.92 -60.94 -87.01
CA UNK B 414 19.80 -61.78 -86.61
C UNK B 414 18.81 -61.95 -87.75
N UNK B 415 18.56 -60.86 -88.48
CA UNK B 415 17.64 -60.88 -89.61
C UNK B 415 18.37 -61.13 -90.91
N UNK B 416 20.36 -55.16 -92.53
CA UNK B 416 21.58 -55.07 -93.33
C UNK B 416 21.38 -54.07 -94.45
N UNK B 417 20.21 -54.11 -95.09
CA UNK B 417 19.90 -53.20 -96.18
C UNK B 417 19.90 -51.76 -95.67
N UNK B 418 19.32 -51.56 -94.48
CA UNK B 418 19.26 -50.23 -93.88
C UNK B 418 20.67 -49.72 -93.61
N UNK B 419 21.52 -50.61 -93.11
CA UNK B 419 22.91 -50.26 -92.81
C UNK B 419 23.63 -49.86 -94.09
N UNK B 420 23.37 -50.61 -95.17
CA UNK B 420 23.97 -50.32 -96.46
C UNK B 420 23.54 -48.95 -96.96
N UNK B 421 22.26 -48.64 -96.76
CA UNK B 421 21.72 -47.35 -97.17
C UNK B 421 22.40 -46.23 -96.39
N UNK B 422 22.60 -46.47 -95.09
CA UNK B 422 23.26 -45.49 -94.23
C UNK B 422 24.70 -45.25 -94.71
N UNK B 423 25.37 -46.34 -95.07
CA UNK B 423 26.75 -46.28 -95.55
C UNK B 423 26.79 -45.46 -96.84
N UNK B 424 25.82 -45.68 -97.72
CA UNK B 424 25.75 -44.95 -98.98
C UNK B 424 25.56 -43.47 -98.70
N UNK B 425 24.70 -43.15 -97.73
CA UNK B 425 24.45 -41.77 -97.37
C UNK B 425 25.71 -41.11 -96.83
N UNK B 426 26.47 -41.84 -96.02
CA UNK B 426 27.69 -41.29 -95.43
C UNK B 426 28.64 -42.39 -94.93
N UNK B 427 22.34 -69.24 -100.05
CA UNK B 427 23.54 -68.41 -100.06
C UNK B 427 23.21 -66.99 -99.60
N UNK B 428 21.93 -66.69 -99.44
CA UNK B 428 21.54 -65.36 -98.99
C UNK B 428 22.10 -65.10 -97.60
N UNK B 429 22.05 -66.11 -96.74
CA UNK B 429 22.54 -66.00 -95.37
C UNK B 429 24.05 -65.74 -95.34
N UNK B 430 24.80 -66.42 -96.19
CA UNK B 430 26.25 -66.25 -96.25
C UNK B 430 26.58 -64.83 -96.67
N UNK B 431 25.84 -64.32 -97.65
CA UNK B 431 26.03 -62.97 -98.15
C UNK B 431 25.73 -61.97 -97.05
N UNK B 432 24.68 -62.23 -96.28
CA UNK B 432 24.31 -61.35 -95.18
C UNK B 432 25.42 -61.34 -94.14
N UNK B 433 25.99 -62.50 -93.85
CA UNK B 433 27.08 -62.61 -92.88
C UNK B 433 28.28 -61.81 -93.37
N UNK B 434 28.58 -61.90 -94.66
CA UNK B 434 29.70 -61.17 -95.25
C UNK B 434 29.46 -59.67 -95.12
N UNK B 435 28.22 -59.25 -95.35
CA UNK B 435 27.85 -57.84 -95.24
C UNK B 435 28.04 -57.37 -93.81
N UNK B 436 27.64 -58.21 -92.85
CA UNK B 436 27.78 -57.88 -91.44
C UNK B 436 29.25 -57.72 -91.09
N UNK B 437 30.09 -58.61 -91.61
CA UNK B 437 31.53 -58.53 -91.36
C UNK B 437 32.09 -57.23 -91.91
N UNK B 438 31.64 -56.86 -93.11
CA UNK B 438 32.11 -55.63 -93.74
C UNK B 438 31.70 -54.42 -92.89
N UNK B 439 30.47 -54.46 -92.38
CA UNK B 439 29.96 -53.39 -91.55
C UNK B 439 30.79 -53.27 -90.28
N UNK B 440 31.15 -54.42 -89.69
CA UNK B 440 31.95 -54.43 -88.49
C UNK B 440 33.32 -53.81 -88.77
N UNK B 441 33.89 -54.14 -89.92
CA UNK B 441 35.19 -53.59 -90.30
C UNK B 441 35.09 -52.08 -90.44
N UNK B 442 34.00 -51.61 -91.05
CA UNK B 442 33.79 -50.19 -91.24
C UNK B 442 33.66 -49.49 -89.88
N UNK B 443 32.96 -50.14 -88.96
CA UNK B 443 32.76 -49.61 -87.61
C UNK B 443 34.10 -49.48 -86.91
N UNK B 444 34.95 -50.49 -87.08
CA UNK B 444 36.27 -50.47 -86.48
C UNK B 444 37.09 -49.32 -87.05
N UNK B 445 36.97 -49.13 -88.36
CA UNK B 445 37.68 -48.06 -89.05
C UNK B 445 37.22 -46.68 -88.57
N UNK B 446 35.90 -46.55 -88.35
CA UNK B 446 35.34 -45.29 -87.89
C UNK B 446 35.70 -45.02 -86.43
N UNK B 447 35.68 -46.07 -85.62
CA UNK B 447 36.00 -45.96 -84.20
C UNK B 447 37.35 -45.28 -83.99
N UNK B 448 19.65 -62.81 -101.39
CA UNK B 448 20.83 -62.25 -102.01
C UNK B 448 20.73 -60.73 -102.09
N UNK B 449 19.56 -60.20 -101.74
CA UNK B 449 19.35 -58.76 -101.78
C UNK B 449 20.29 -58.05 -100.81
N UNK B 450 20.45 -58.63 -99.63
CA UNK B 450 21.33 -58.05 -98.62
C UNK B 450 22.76 -58.03 -99.13
N UNK B 451 23.17 -59.11 -99.78
CA UNK B 451 24.52 -59.22 -100.33
C UNK B 451 24.72 -58.15 -101.41
N UNK B 452 23.70 -57.95 -102.23
CA UNK B 452 23.77 -56.94 -103.29
C UNK B 452 23.91 -55.55 -102.68
N UNK B 453 23.17 -55.31 -101.60
CA UNK B 453 23.23 -54.02 -100.91
C UNK B 453 24.63 -53.80 -100.36
N UNK B 454 25.22 -54.86 -99.79
CA UNK B 454 26.56 -54.79 -99.23
C UNK B 454 27.56 -54.47 -100.33
N UNK B 455 27.39 -55.10 -101.49
CA UNK B 455 28.28 -54.85 -102.63
C UNK B 455 28.17 -53.39 -103.06
N UNK B 456 26.95 -52.87 -103.09
CA UNK B 456 26.73 -51.49 -103.48
C UNK B 456 27.42 -50.54 -102.50
N UNK B 457 27.32 -50.88 -101.21
CA UNK B 457 27.95 -50.08 -100.17
C UNK B 457 29.46 -50.08 -100.35
N UNK B 458 30.00 -51.25 -100.68
CA UNK B 458 31.44 -51.39 -100.88
C UNK B 458 31.87 -50.54 -102.07
N UNK B 459 31.07 -50.54 -103.13
CA UNK B 459 31.36 -49.75 -104.32
C UNK B 459 31.36 -48.26 -103.96
N UNK B 460 30.40 -47.86 -103.14
CA UNK B 460 30.30 -46.46 -102.72
C UNK B 460 31.54 -46.09 -101.92
N UNK B 461 31.99 -46.99 -101.05
CA UNK B 461 33.18 -46.75 -100.25
C UNK B 461 34.40 -46.59 -101.14
N UNK B 462 34.49 -47.43 -102.18
CA UNK B 462 35.59 -47.37 -103.13
C UNK B 462 35.59 -46.04 -103.86
N UNK B 463 34.39 -45.58 -104.23
CA UNK B 463 34.24 -44.32 -104.94
C UNK B 463 34.93 -43.18 -104.18
N UNK B 464 44.84 -53.53 -109.67
CA UNK B 464 43.71 -53.68 -108.76
C UNK B 464 44.08 -53.16 -107.37
N UNK B 465 44.85 -53.94 -106.63
CA UNK B 465 45.26 -53.56 -105.29
C UNK B 465 46.11 -52.28 -105.34
N UNK B 466 47.00 -52.20 -106.32
CA UNK B 466 47.85 -51.04 -106.48
C UNK B 466 47.01 -49.80 -106.76
N UNK B 467 46.00 -49.96 -107.60
CA UNK B 467 45.10 -48.87 -107.95
C UNK B 467 44.35 -48.41 -106.70
N UNK B 468 43.91 -49.36 -105.89
CA UNK B 468 43.19 -49.05 -104.66
C UNK B 468 44.10 -48.27 -103.72
N UNK B 469 45.36 -48.69 -103.63
CA UNK B 469 46.33 -48.01 -102.79
C UNK B 469 46.53 -46.58 -103.26
N UNK B 470 46.60 -46.39 -104.58
CA UNK B 470 46.77 -45.07 -105.16
C UNK B 470 45.57 -44.20 -104.81
N UNK B 471 44.37 -44.77 -104.89
CA UNK B 471 43.15 -44.06 -104.56
C UNK B 471 43.17 -43.63 -103.10
N UNK B 472 43.64 -44.53 -102.23
CA UNK B 472 43.72 -44.24 -100.80
C UNK B 472 44.69 -43.08 -100.57
N UNK B 473 45.80 -43.10 -101.29
CA UNK B 473 46.80 -42.03 -101.17
C UNK B 473 46.19 -40.70 -101.61
N UNK B 474 45.42 -40.74 -102.69
CA UNK B 474 44.76 -39.55 -103.21
C UNK B 474 43.76 -38.99 -102.21
N UNK B 475 43.02 -39.87 -101.55
CA UNK B 475 42.01 -39.43 -100.57
C UNK B 475 41.64 -40.55 -99.60
N UNK B 476 44.47 -43.65 -90.98
CA UNK B 476 43.33 -44.42 -91.46
C UNK B 476 43.67 -45.13 -92.76
N UNK B 477 44.75 -44.70 -93.40
CA UNK B 477 45.18 -45.30 -94.65
C UNK B 477 45.37 -46.80 -94.50
N UNK B 478 46.08 -47.20 -93.45
CA UNK B 478 46.33 -48.61 -93.18
C UNK B 478 45.01 -49.36 -93.04
N UNK B 479 44.12 -48.84 -92.21
CA UNK B 479 42.81 -49.46 -92.00
C UNK B 479 42.07 -49.58 -93.33
N UNK B 480 42.05 -48.49 -94.09
CA UNK B 480 41.38 -48.48 -95.38
C UNK B 480 41.97 -49.53 -96.30
N UNK B 481 43.30 -49.64 -96.29
CA UNK B 481 43.99 -50.61 -97.13
C UNK B 481 43.56 -52.02 -96.76
N UNK B 482 43.48 -52.28 -95.46
CA UNK B 482 43.07 -53.60 -94.96
C UNK B 482 41.67 -53.92 -95.44
N UNK B 483 40.78 -52.94 -95.36
CA UNK B 483 39.40 -53.12 -95.78
C UNK B 483 39.33 -53.41 -97.28
N UNK B 484 40.16 -52.70 -98.05
CA UNK B 484 40.21 -52.89 -99.50
C UNK B 484 40.47 -54.35 -99.83
N UNK B 485 41.53 -54.90 -99.25
CA UNK B 485 41.89 -56.30 -99.48
C UNK B 485 40.73 -57.20 -99.06
N UNK B 486 40.18 -56.94 -97.88
CA UNK B 486 39.06 -57.72 -97.37
C UNK B 486 37.89 -57.63 -98.35
N UNK B 487 37.59 -56.42 -98.80
CA UNK B 487 36.51 -56.19 -99.74
C UNK B 487 36.79 -56.95 -101.03
N UNK B 488 38.02 -56.86 -101.50
CA UNK B 488 38.43 -57.54 -102.72
C UNK B 488 38.21 -59.05 -102.56
N UNK B 489 38.67 -59.58 -101.43
CA UNK B 489 38.52 -60.99 -101.14
C UNK B 489 37.04 -61.33 -101.03
N UNK B 490 36.29 -60.46 -100.37
CA UNK B 490 34.85 -60.67 -100.22
C UNK B 490 34.19 -60.70 -101.58
N UNK B 491 34.57 -59.75 -102.44
CA UNK B 491 34.03 -59.68 -103.79
C UNK B 491 34.41 -60.94 -104.56
N UNK B 492 35.67 -61.32 -104.44
CA UNK B 492 36.17 -62.52 -105.11
C UNK B 492 35.33 -63.71 -104.68
N UNK B 493 35.10 -63.83 -103.38
CA UNK B 493 34.30 -64.91 -102.83
C UNK B 493 32.86 -64.79 -103.32
N UNK B 494 32.37 -63.56 -103.38
CA UNK B 494 31.01 -63.30 -103.85
C UNK B 494 30.91 -63.64 -105.32
N UNK B 495 31.96 -63.31 -106.07
CA UNK B 495 32.00 -63.59 -107.50
C UNK B 495 32.03 -65.10 -107.74
N UNK B 496 32.78 -65.79 -106.89
CA UNK B 496 32.89 -67.24 -106.98
C UNK B 496 31.58 -67.90 -106.58
N UNK B 497 30.89 -67.29 -105.62
CA UNK B 497 29.62 -67.80 -105.15
C UNK B 497 28.54 -67.61 -106.20
N UNK B 498 28.65 -66.52 -106.95
CA UNK B 498 27.70 -66.22 -108.02
C UNK B 498 27.94 -67.11 -109.23
N UNK B 499 29.21 -67.43 -109.46
CA UNK B 499 29.58 -68.27 -110.59
C UNK B 499 29.05 -69.69 -110.40
N UNK C 1 -68.76 68.33 -82.30
CA UNK C 1 -69.76 69.37 -82.48
C UNK C 1 -70.99 68.83 -83.20
N UNK C 2 -70.76 68.20 -84.35
CA UNK C 2 -71.84 67.64 -85.14
C UNK C 2 -72.57 66.55 -84.35
N UNK C 3 -71.81 65.72 -83.65
CA UNK C 3 -72.38 64.64 -82.86
C UNK C 3 -73.20 65.20 -81.70
N UNK C 4 -72.70 66.28 -81.10
CA UNK C 4 -73.39 66.91 -79.98
C UNK C 4 -74.76 67.43 -80.40
N UNK C 5 -74.80 68.07 -81.57
CA UNK C 5 -76.05 68.62 -82.09
C UNK C 5 -77.05 67.50 -82.33
N UNK C 6 -76.57 66.39 -82.88
CA UNK C 6 -77.44 65.24 -83.17
C UNK C 6 -77.98 64.66 -81.87
N UNK C 7 -77.12 64.61 -80.84
CA UNK C 7 -77.51 64.07 -79.55
C UNK C 7 -78.55 64.97 -78.88
N UNK C 8 -78.39 66.27 -79.06
CA UNK C 8 -79.32 67.24 -78.48
C UNK C 8 -80.68 67.17 -79.18
N UNK C 9 -80.65 66.90 -80.47
CA UNK C 9 -81.88 66.81 -81.26
C UNK C 9 -82.65 65.55 -80.88
N UNK C 10 -81.93 64.49 -80.53
CA UNK C 10 -82.55 63.24 -80.15
C UNK C 10 -83.23 63.36 -78.79
N UNK C 11 -82.61 64.12 -77.89
CA UNK C 11 -83.16 64.32 -76.55
C UNK C 11 -84.42 65.16 -76.62
N UNK C 12 -84.42 66.17 -77.49
CA UNK C 12 -85.58 67.05 -77.64
C UNK C 12 -86.76 66.27 -78.21
N UNK C 13 -86.48 65.36 -79.13
CA UNK C 13 -87.52 64.56 -79.75
C UNK C 13 -88.14 63.61 -78.73
N UNK C 14 -87.31 63.09 -77.83
CA UNK C 14 -87.77 62.18 -76.79
C UNK C 14 -88.64 62.91 -75.78
N UNK C 15 -88.31 64.17 -75.53
CA UNK C 15 -89.07 64.98 -74.58
C UNK C 15 -90.30 65.58 -75.24
N UNK C 16 -75.42 64.09 -89.17
CA UNK C 16 -76.21 62.89 -88.92
C UNK C 16 -75.49 61.66 -89.44
N UNK C 17 -75.90 61.18 -90.61
CA UNK C 17 -75.29 60.01 -91.21
C UNK C 17 -73.81 60.27 -91.50
N UNK C 18 -73.52 61.46 -92.01
CA UNK C 18 -72.15 61.84 -92.32
C UNK C 18 -71.30 61.85 -91.06
N UNK C 19 -71.88 62.37 -89.98
CA UNK C 19 -71.19 62.43 -88.69
C UNK C 19 -70.91 61.02 -88.20
N UNK C 20 -71.88 60.12 -88.36
CA UNK C 20 -71.71 58.74 -87.94
C UNK C 20 -70.58 58.08 -88.74
N UNK C 21 -70.53 58.38 -90.04
CA UNK C 21 -69.49 57.83 -90.91
C UNK C 21 -68.12 58.33 -90.45
N UNK C 22 -68.05 59.61 -90.09
CA UNK C 22 -66.81 60.21 -89.63
C UNK C 22 -66.36 59.54 -88.34
N UNK C 23 -67.32 59.27 -87.45
CA UNK C 23 -67.02 58.60 -86.19
C UNK C 23 -66.48 57.21 -86.44
N UNK C 24 -67.08 56.51 -87.40
CA UNK C 24 -66.64 55.17 -87.76
C UNK C 24 -65.22 55.21 -88.29
N UNK C 25 -64.92 56.22 -89.11
CA UNK C 25 -63.59 56.38 -89.68
C UNK C 25 -62.59 56.62 -88.56
N UNK C 26 -62.97 57.44 -87.58
CA UNK C 26 -62.10 57.75 -86.45
C UNK C 26 -61.82 56.49 -85.64
N UNK C 27 -62.85 55.66 -85.47
CA UNK C 27 -62.72 54.42 -84.72
C UNK C 27 -61.59 53.57 -85.27
N UNK C 28 -63.45 47.44 -91.82
CA UNK C 28 -64.77 46.85 -91.99
C UNK C 28 -65.46 46.68 -90.64
N UNK C 29 -64.70 46.25 -89.64
CA UNK C 29 -65.24 46.06 -88.30
C UNK C 29 -65.74 47.37 -87.73
N UNK C 30 -64.98 48.44 -87.96
CA UNK C 30 -65.36 49.76 -87.47
C UNK C 30 -66.66 50.20 -88.12
N UNK C 31 -66.79 49.95 -89.43
CA UNK C 31 -67.98 50.30 -90.16
C UNK C 31 -69.18 49.53 -89.62
N UNK C 32 -68.96 48.25 -89.31
CA UNK C 32 -70.03 47.41 -88.77
C UNK C 32 -70.48 47.96 -87.41
N UNK C 33 -69.52 48.33 -86.58
CA UNK C 33 -69.83 48.86 -85.25
C UNK C 33 -70.60 50.16 -85.37
N UNK C 34 -70.18 51.01 -86.31
CA UNK C 34 -70.84 52.28 -86.54
C UNK C 34 -72.27 52.05 -87.00
N UNK C 35 -72.45 51.08 -87.88
CA UNK C 35 -73.78 50.76 -88.41
C UNK C 35 -74.68 50.29 -87.28
N UNK C 36 -74.12 49.47 -86.39
CA UNK C 36 -74.88 48.96 -85.25
C UNK C 36 -75.30 50.11 -84.34
N UNK C 37 -74.39 51.05 -84.13
CA UNK C 37 -74.66 52.20 -83.30
C UNK C 37 -75.79 53.03 -83.91
N UNK C 38 -75.74 53.20 -85.23
CA UNK C 38 -76.75 53.95 -85.96
C UNK C 38 -78.10 53.27 -85.81
N UNK C 39 -78.11 51.94 -85.91
CA UNK C 39 -79.34 51.17 -85.77
C UNK C 39 -79.93 51.37 -84.37
N UNK C 40 -79.05 51.36 -83.37
CA UNK C 40 -79.49 51.55 -81.99
C UNK C 40 -80.11 52.94 -81.83
N UNK C 41 -79.47 53.94 -82.44
CA UNK C 41 -79.96 55.30 -82.37
C UNK C 41 -81.34 55.39 -83.03
N UNK C 42 -81.51 54.70 -84.15
CA UNK C 42 -82.77 54.70 -84.87
C UNK C 42 -83.85 54.07 -84.01
N UNK C 43 -83.49 52.98 -83.32
CA UNK C 43 -84.44 52.30 -82.44
C UNK C 43 -84.86 53.23 -81.31
N UNK C 44 -83.90 53.98 -80.77
CA UNK C 44 -84.18 54.92 -79.69
C UNK C 44 -85.13 56.01 -80.18
N UNK C 45 -84.89 56.47 -81.41
CA UNK C 45 -85.72 57.50 -82.02
C UNK C 45 -87.15 56.99 -82.20
N UNK C 46 -87.28 55.74 -82.60
CA UNK C 46 -88.59 55.13 -82.81
C UNK C 46 -89.34 55.12 -81.48
N UNK C 47 -88.60 54.79 -80.42
CA UNK C 47 -89.17 54.74 -79.07
C UNK C 47 -89.66 56.12 -78.66
N UNK C 48 -88.88 57.15 -78.98
CA UNK C 48 -89.24 58.52 -78.66
C UNK C 48 -90.51 58.92 -79.39
N UNK C 49 -90.63 58.49 -80.64
CA UNK C 49 -91.80 58.80 -81.45
C UNK C 49 -93.07 58.25 -80.81
N UNK C 50 -86.77 59.13 -67.12
CA UNK C 50 -86.35 59.84 -68.33
C UNK C 50 -84.95 60.39 -68.16
N UNK C 51 -84.54 60.63 -66.91
CA UNK C 51 -83.23 61.17 -66.62
C UNK C 51 -82.14 60.18 -67.04
N UNK C 52 -82.39 58.90 -66.81
CA UNK C 52 -81.44 57.85 -67.17
C UNK C 52 -81.30 57.76 -68.69
N UNK C 53 -82.43 57.81 -69.39
CA UNK C 53 -82.42 57.73 -70.84
C UNK C 53 -81.60 58.86 -71.43
N UNK C 54 -81.80 60.07 -70.91
CA UNK C 54 -81.07 61.24 -71.39
C UNK C 54 -79.57 61.07 -71.16
N UNK C 55 -79.22 60.54 -69.99
CA UNK C 55 -77.83 60.32 -69.63
C UNK C 55 -77.19 59.32 -70.61
N UNK C 56 -77.93 58.27 -70.93
CA UNK C 56 -77.44 57.24 -71.85
C UNK C 56 -77.21 57.86 -73.23
N UNK C 57 -78.13 58.71 -73.65
CA UNK C 57 -78.02 59.38 -74.95
C UNK C 57 -76.76 60.23 -75.00
N UNK C 58 -76.52 60.97 -73.92
CA UNK C 58 -75.34 61.82 -73.84
C UNK C 58 -74.07 60.99 -73.90
N UNK C 59 -74.08 59.85 -73.19
CA UNK C 59 -72.92 58.97 -73.17
C UNK C 59 -72.67 58.39 -74.56
N UNK C 60 -73.74 58.06 -75.27
CA UNK C 60 -73.64 57.51 -76.61
C UNK C 60 -73.01 58.53 -77.56
N UNK C 61 -73.40 59.78 -77.40
CA UNK C 61 -72.88 60.86 -78.24
C UNK C 61 -71.38 61.03 -78.00
N UNK C 62 -70.97 60.96 -76.74
CA UNK C 62 -69.56 61.10 -76.38
C UNK C 62 -68.74 59.99 -77.00
N UNK C 63 -69.25 58.76 -76.93
CA UNK C 63 -68.55 57.60 -77.48
C UNK C 63 -68.40 57.75 -78.99
N UNK C 64 -69.46 58.23 -79.64
CA UNK C 64 -69.44 58.43 -81.08
C UNK C 64 -68.47 59.53 -81.46
N UNK C 65 -68.40 60.57 -80.63
CA UNK C 65 -67.50 61.69 -80.88
C UNK C 65 -66.05 61.26 -80.75
N UNK C 66 -65.78 60.37 -79.79
CA UNK C 66 -64.44 59.87 -79.55
C UNK C 66 -63.92 59.12 -80.77
N UNK C 67 -88.20 50.69 -73.46
CA UNK C 67 -87.81 52.09 -73.73
C UNK C 67 -86.41 52.36 -73.22
N UNK C 68 -86.32 53.06 -72.09
CA UNK C 68 -85.03 53.39 -71.50
C UNK C 68 -84.26 52.14 -71.11
N UNK C 69 -84.99 51.17 -70.53
CA UNK C 69 -84.37 49.92 -70.11
C UNK C 69 -83.82 49.17 -71.32
N UNK C 70 -84.59 49.15 -72.40
CA UNK C 70 -84.17 48.47 -73.61
C UNK C 70 -82.90 49.10 -74.16
N UNK C 71 -82.86 50.44 -74.14
CA UNK C 71 -81.70 51.17 -74.65
C UNK C 71 -80.44 50.86 -73.84
N UNK C 72 -80.57 50.79 -72.52
CA UNK C 72 -79.42 50.52 -71.67
C UNK C 72 -78.86 49.13 -71.98
N UNK C 73 -79.76 48.17 -72.15
CA UNK C 73 -79.37 46.80 -72.46
C UNK C 73 -78.66 46.77 -73.81
N UNK C 74 -79.19 47.52 -74.77
CA UNK C 74 -78.60 47.57 -76.10
C UNK C 74 -77.19 48.15 -76.02
N UNK C 75 -77.02 49.19 -75.21
CA UNK C 75 -75.73 49.83 -75.03
C UNK C 75 -74.73 48.84 -74.43
N UNK C 76 -75.20 48.07 -73.44
CA UNK C 76 -74.35 47.08 -72.80
C UNK C 76 -73.91 46.03 -73.82
N UNK C 77 -74.85 45.61 -74.66
CA UNK C 77 -74.55 44.61 -75.69
C UNK C 77 -73.51 45.16 -76.66
N UNK C 78 -73.67 46.43 -77.03
CA UNK C 78 -72.75 47.09 -77.95
C UNK C 78 -71.35 47.14 -77.33
N UNK C 79 -71.29 47.44 -76.04
CA UNK C 79 -70.01 47.51 -75.35
C UNK C 79 -69.34 46.15 -75.35
N UNK C 80 -70.14 45.10 -75.12
CA UNK C 80 -69.61 43.74 -75.11
C UNK C 80 -69.07 43.39 -76.50
N UNK C 81 -69.80 43.78 -77.54
CA UNK C 81 -69.38 43.51 -78.90
C UNK C 81 -68.07 44.22 -79.21
N UNK C 82 -67.95 45.46 -78.73
CA UNK C 82 -66.74 46.24 -78.94
C UNK C 82 -65.55 45.56 -78.25
N UNK C 83 -65.80 45.05 -77.04
CA UNK C 83 -64.75 44.36 -76.30
C UNK C 83 -64.31 43.11 -77.05
N UNK C 84 -65.27 42.39 -77.61
CA UNK C 84 -64.98 41.19 -78.37
C UNK C 84 -64.14 41.52 -79.60
N UNK C 85 -64.49 42.63 -80.25
CA UNK C 85 -63.77 43.08 -81.43
C UNK C 85 -62.33 43.43 -81.07
N UNK C 86 -62.16 44.08 -79.92
CA UNK C 86 -60.84 44.46 -79.43
C UNK C 86 -60.01 43.21 -79.16
N UNK C 87 -60.64 42.20 -78.58
CA UNK C 87 -59.97 40.95 -78.26
C UNK C 87 -59.67 40.16 -79.54
N UNK C 88 -79.49 52.10 -59.86
CA UNK C 88 -79.14 51.14 -60.90
C UNK C 88 -78.87 51.85 -62.21
N UNK C 89 -79.69 52.84 -62.53
CA UNK C 89 -79.54 53.60 -63.77
C UNK C 89 -78.18 54.30 -63.80
N UNK C 90 -77.87 55.00 -62.72
CA UNK C 90 -76.61 55.72 -62.62
C UNK C 90 -75.43 54.78 -62.86
N UNK C 91 -75.45 53.63 -62.19
CA UNK C 91 -74.38 52.64 -62.34
C UNK C 91 -74.31 52.17 -63.78
N UNK C 92 -75.46 51.90 -64.37
CA UNK C 92 -75.52 51.45 -65.76
C UNK C 92 -74.90 52.49 -66.68
N UNK C 93 -75.24 53.76 -66.45
CA UNK C 93 -74.72 54.86 -67.25
C UNK C 93 -73.20 54.93 -67.10
N UNK C 94 -72.72 54.77 -65.87
CA UNK C 94 -71.29 54.81 -65.58
C UNK C 94 -70.60 53.63 -66.25
N UNK C 95 -71.25 52.47 -66.24
CA UNK C 95 -70.70 51.27 -66.84
C UNK C 95 -70.53 51.47 -68.33
N UNK C 96 -71.51 52.11 -68.98
CA UNK C 96 -71.45 52.37 -70.40
C UNK C 96 -70.41 53.45 -70.69
N UNK C 97 -70.25 54.38 -69.77
CA UNK C 97 -69.29 55.46 -69.91
C UNK C 97 -67.87 54.91 -69.94
N UNK C 98 -67.62 53.92 -69.09
CA UNK C 98 -66.31 53.30 -69.00
C UNK C 98 -66.02 52.51 -70.27
N UNK C 99 -67.06 51.89 -70.83
CA UNK C 99 -66.92 51.11 -72.05
C UNK C 99 -66.73 52.04 -73.25
N UNK C 100 -67.39 53.19 -73.21
CA UNK C 100 -67.28 54.16 -74.29
C UNK C 100 -65.86 54.73 -74.35
N UNK C 101 -65.26 54.94 -73.19
CA UNK C 101 -63.91 55.47 -73.10
C UNK C 101 -62.91 54.36 -73.40
N UNK C 102 -63.30 53.12 -73.14
CA UNK C 102 -62.44 51.98 -73.38
C UNK C 102 -62.26 51.74 -74.87
N UNK C 103 -63.33 51.99 -75.63
CA UNK C 103 -63.28 51.83 -77.08
C UNK C 103 -62.48 52.95 -77.72
N UNK C 104 -62.55 54.14 -77.12
CA UNK C 104 -61.83 55.29 -77.63
C UNK C 104 -60.33 55.14 -77.39
N UNK C 105 -55.31 43.05 -70.00
CA UNK C 105 -56.12 43.01 -71.21
C UNK C 105 -57.24 41.99 -71.08
N UNK C 106 -56.87 40.72 -71.05
CA UNK C 106 -57.86 39.64 -70.94
C UNK C 106 -58.60 39.76 -69.61
N UNK C 107 -57.85 40.05 -68.54
CA UNK C 107 -58.44 40.20 -67.21
C UNK C 107 -59.43 41.36 -67.21
N UNK C 108 -59.06 42.45 -67.87
CA UNK C 108 -59.91 43.62 -67.94
C UNK C 108 -61.19 43.28 -68.70
N UNK C 109 -61.05 42.51 -69.78
CA UNK C 109 -62.20 42.08 -70.56
C UNK C 109 -63.13 41.23 -69.71
N UNK C 110 -62.56 40.34 -68.91
CA UNK C 110 -63.33 39.47 -68.04
C UNK C 110 -64.10 40.31 -67.02
N UNK C 111 -63.43 41.33 -66.48
CA UNK C 111 -64.05 42.22 -65.51
C UNK C 111 -65.22 42.95 -66.15
N UNK C 112 -65.03 43.40 -67.38
CA UNK C 112 -66.09 44.09 -68.12
C UNK C 112 -67.27 43.17 -68.32
N UNK C 113 -67.00 41.90 -68.65
CA UNK C 113 -68.06 40.92 -68.86
C UNK C 113 -68.83 40.71 -67.56
N UNK C 114 -68.11 40.66 -66.44
CA UNK C 114 -68.73 40.47 -65.14
C UNK C 114 -69.63 41.66 -64.83
N UNK C 115 -69.16 42.86 -65.15
CA UNK C 115 -69.93 44.08 -64.92
C UNK C 115 -71.21 44.04 -65.74
N UNK C 116 -71.09 43.58 -67.00
CA UNK C 116 -72.24 43.49 -67.88
C UNK C 116 -73.26 42.50 -67.32
N UNK C 117 -72.76 41.39 -66.79
CA UNK C 117 -73.64 40.36 -66.22
C UNK C 117 -74.44 40.94 -65.06
N UNK C 118 -74.02 42.11 -64.58
CA UNK C 118 -74.71 42.77 -63.47
C UNK C 118 -75.88 43.59 -63.99
N UNK C 119 -75.69 44.26 -65.12
CA UNK C 119 -76.73 45.08 -65.71
C UNK C 119 -77.88 44.22 -66.22
N UNK C 120 -77.54 43.04 -66.72
CA UNK C 120 -78.55 42.12 -67.24
C UNK C 120 -79.59 41.80 -66.18
N UNK C 121 -79.15 41.17 -65.09
CA UNK C 121 -80.04 40.81 -64.00
C UNK C 121 -80.71 42.05 -63.42
N UNK C 122 -79.91 42.98 -62.93
CA UNK C 122 -80.42 44.21 -62.34
C UNK C 122 -80.14 45.40 -63.25
N UNK C 123 -75.40 53.53 -53.91
CA UNK C 123 -74.09 54.13 -54.10
C UNK C 123 -73.01 53.07 -54.25
N UNK C 124 -73.21 51.95 -53.57
CA UNK C 124 -72.26 50.85 -53.62
C UNK C 124 -72.14 50.30 -55.03
N UNK C 125 -73.27 50.18 -55.71
CA UNK C 125 -73.28 49.68 -57.09
C UNK C 125 -72.50 50.62 -57.99
N UNK C 126 -72.70 51.92 -57.79
CA UNK C 126 -72.01 52.93 -58.58
C UNK C 126 -70.50 52.83 -58.34
N UNK C 127 -70.13 52.63 -57.08
CA UNK C 127 -68.72 52.51 -56.72
C UNK C 127 -68.11 51.30 -57.40
N UNK C 128 -68.86 50.19 -57.43
CA UNK C 128 -68.40 48.97 -58.05
C UNK C 128 -68.20 49.19 -59.55
N UNK C 129 -69.13 49.91 -60.16
CA UNK C 129 -69.05 50.21 -61.59
C UNK C 129 -67.81 51.05 -61.86
N UNK C 130 -67.54 52.02 -61.00
CA UNK C 130 -66.38 52.89 -61.14
C UNK C 130 -65.10 52.06 -61.04
N UNK C 131 -65.08 51.12 -60.11
CA UNK C 131 -63.92 50.25 -59.91
C UNK C 131 -63.71 49.41 -61.17
N UNK C 132 -64.79 48.90 -61.74
CA UNK C 132 -64.71 48.09 -62.95
C UNK C 132 -64.15 48.92 -64.09
N UNK C 133 -64.59 50.17 -64.19
CA UNK C 133 -64.12 51.06 -65.24
C UNK C 133 -62.62 51.31 -65.07
N UNK C 134 -62.20 51.50 -63.82
CA UNK C 134 -60.78 51.73 -63.52
C UNK C 134 -59.96 50.51 -63.93
N UNK C 135 -60.49 49.33 -63.64
CA UNK C 135 -59.80 48.08 -64.00
C UNK C 135 -59.67 47.98 -65.51
N UNK C 136 -60.73 48.35 -66.22
CA UNK C 136 -60.73 48.31 -67.68
C UNK C 136 -59.69 49.27 -68.23
N UNK C 137 -59.58 50.44 -67.62
CA UNK C 137 -58.62 51.46 -68.06
C UNK C 137 -57.34 51.40 -67.24
N UNK C 138 -55.05 29.17 -61.68
CA UNK C 138 -55.18 30.57 -61.32
C UNK C 138 -56.27 31.24 -62.16
N UNK C 139 -56.12 31.17 -63.48
CA UNK C 139 -57.08 31.76 -64.39
C UNK C 139 -58.45 31.10 -64.23
N UNK C 140 -58.46 29.78 -64.08
CA UNK C 140 -59.70 29.05 -63.90
C UNK C 140 -60.39 29.48 -62.61
N UNK C 141 -59.59 29.65 -61.56
CA UNK C 141 -60.12 30.07 -60.26
C UNK C 141 -60.72 31.46 -60.38
N UNK C 142 -60.04 32.33 -61.12
CA UNK C 142 -60.52 33.70 -61.32
C UNK C 142 -61.84 33.68 -62.07
N UNK C 143 -61.94 32.81 -63.07
CA UNK C 143 -63.17 32.69 -63.86
C UNK C 143 -64.31 32.22 -62.96
N UNK C 144 -64.00 31.26 -62.08
CA UNK C 144 -65.01 30.74 -61.16
C UNK C 144 -65.49 31.85 -60.23
N UNK C 145 -64.55 32.66 -59.76
CA UNK C 145 -64.89 33.77 -58.87
C UNK C 145 -65.79 34.77 -59.59
N UNK C 146 -65.47 35.04 -60.86
CA UNK C 146 -66.25 35.96 -61.66
C UNK C 146 -67.67 35.43 -61.83
N UNK C 147 -67.79 34.13 -62.06
CA UNK C 147 -69.09 33.49 -62.23
C UNK C 147 -69.89 33.62 -60.95
N UNK C 148 -69.23 33.42 -59.81
CA UNK C 148 -69.89 33.52 -58.52
C UNK C 148 -70.39 34.94 -58.31
N UNK C 149 -69.57 35.92 -58.69
CA UNK C 149 -69.94 37.32 -58.54
C UNK C 149 -71.16 37.62 -59.41
N UNK C 150 -71.18 37.08 -60.62
CA UNK C 150 -72.29 37.29 -61.53
C UNK C 150 -73.57 36.69 -60.93
N UNK C 151 -73.44 35.51 -60.33
CA UNK C 151 -74.58 34.85 -59.71
C UNK C 151 -75.11 35.69 -58.56
N UNK C 152 -74.20 36.27 -57.78
CA UNK C 152 -74.56 37.11 -56.65
C UNK C 152 -75.31 38.35 -57.14
N UNK C 153 -74.83 38.92 -58.25
CA UNK C 153 -75.45 40.11 -58.82
C UNK C 153 -76.91 39.85 -59.14
N UNK C 154 -51.59 42.05 -63.01
CA UNK C 154 -52.53 41.33 -63.85
C UNK C 154 -53.43 40.42 -63.00
N UNK C 155 -52.87 39.30 -62.56
CA UNK C 155 -53.62 38.35 -61.75
C UNK C 155 -53.96 38.98 -60.40
N UNK C 156 -53.00 39.68 -59.81
CA UNK C 156 -53.20 40.34 -58.53
C UNK C 156 -54.26 41.43 -58.65
N UNK C 157 -54.08 42.31 -59.64
CA UNK C 157 -55.02 43.40 -59.87
C UNK C 157 -56.43 42.86 -60.03
N UNK C 158 -56.57 41.85 -60.89
CA UNK C 158 -57.87 41.22 -61.13
C UNK C 158 -58.42 40.65 -59.84
N UNK C 159 -57.57 39.96 -59.09
CA UNK C 159 -57.97 39.37 -57.82
C UNK C 159 -58.48 40.45 -56.87
N UNK C 160 -57.74 41.55 -56.79
CA UNK C 160 -58.12 42.66 -55.92
C UNK C 160 -59.46 43.23 -56.36
N UNK C 161 -59.63 43.38 -57.68
CA UNK C 161 -60.88 43.90 -58.23
C UNK C 161 -62.02 42.95 -57.91
N UNK C 162 -61.76 41.65 -58.04
CA UNK C 162 -62.76 40.63 -57.76
C UNK C 162 -63.07 40.61 -56.27
N UNK C 163 -62.04 40.81 -55.46
CA UNK C 163 -62.19 40.83 -54.01
C UNK C 163 -62.91 42.09 -53.57
N UNK C 164 -62.69 43.18 -54.31
CA UNK C 164 -63.33 44.45 -54.01
C UNK C 164 -64.85 44.32 -54.11
N UNK C 165 -65.30 43.62 -55.15
CA UNK C 165 -66.73 43.41 -55.37
C UNK C 165 -67.30 42.57 -54.23
N UNK C 166 -66.54 41.56 -53.81
CA UNK C 166 -66.96 40.69 -52.72
C UNK C 166 -67.03 41.47 -51.42
N UNK C 167 -66.06 42.38 -51.23
CA UNK C 167 -66.01 43.21 -50.04
C UNK C 167 -67.18 44.17 -50.01
N UNK C 168 -67.55 44.68 -51.19
CA UNK C 168 -68.67 45.60 -51.31
C UNK C 168 -69.99 44.85 -51.13
N UNK C 169 -69.99 43.58 -51.54
CA UNK C 169 -71.19 42.74 -51.41
C UNK C 169 -71.41 42.37 -49.95
N UNK C 170 -70.31 42.25 -49.20
CA UNK C 170 -70.38 41.89 -47.79
C UNK C 170 -70.78 43.11 -46.97
N UNK C 171 -70.45 44.29 -47.47
CA UNK C 171 -70.77 45.53 -46.79
C UNK C 171 -72.25 45.89 -47.01
N UNK C 172 -72.79 45.40 -48.12
CA UNK C 172 -74.19 45.65 -48.44
C UNK C 172 -75.09 44.61 -47.79
N UNK C 173 -74.48 43.54 -47.28
CA UNK C 173 -75.22 42.47 -46.63
C UNK C 173 -75.08 42.57 -45.11
N UNK C 174 -49.85 31.94 -53.86
CA UNK C 174 -50.93 31.24 -53.17
C UNK C 174 -52.19 31.21 -54.02
N UNK C 175 -52.01 31.04 -55.33
CA UNK C 175 -53.14 31.00 -56.24
C UNK C 175 -54.03 29.80 -55.92
N UNK C 176 -53.41 28.67 -55.63
CA UNK C 176 -54.15 27.46 -55.30
C UNK C 176 -54.96 27.68 -54.02
N UNK C 177 -54.36 28.34 -53.05
CA UNK C 177 -55.02 28.63 -51.79
C UNK C 177 -56.21 29.54 -52.04
N UNK C 178 -56.04 30.53 -52.92
CA UNK C 178 -57.10 31.46 -53.25
C UNK C 178 -58.26 30.70 -53.90
N UNK C 179 -57.93 29.75 -54.79
CA UNK C 179 -58.93 28.94 -55.47
C UNK C 179 -59.70 28.11 -54.44
N UNK C 180 -58.99 27.57 -53.46
CA UNK C 180 -59.60 26.76 -52.41
C UNK C 180 -60.56 27.63 -51.60
N UNK C 181 -60.15 28.86 -51.32
CA UNK C 181 -60.97 29.80 -50.57
C UNK C 181 -62.24 30.11 -51.35
N UNK C 182 -62.09 30.29 -52.66
CA UNK C 182 -63.23 30.57 -53.53
C UNK C 182 -64.21 29.40 -53.51
N UNK C 183 -63.66 28.18 -53.54
CA UNK C 183 -64.48 26.97 -53.50
C UNK C 183 -65.25 26.90 -52.18
N UNK C 184 -64.57 27.26 -51.09
CA UNK C 184 -65.19 27.26 -49.78
C UNK C 184 -66.32 28.27 -49.73
N UNK C 185 -66.10 29.44 -50.34
CA UNK C 185 -67.11 30.49 -50.40
C UNK C 185 -68.32 29.99 -51.18
N UNK C 186 -68.07 29.28 -52.28
CA UNK C 186 -69.13 28.74 -53.11
C UNK C 186 -69.94 27.73 -52.31
N UNK C 187 -69.25 26.90 -51.52
CA UNK C 187 -69.91 25.91 -50.69
C UNK C 187 -70.78 26.60 -49.64
N UNK C 188 -70.27 27.69 -49.07
CA UNK C 188 -70.99 28.45 -48.08
C UNK C 188 -72.18 29.17 -48.71
N UNK C 189 -71.96 29.79 -49.87
CA UNK C 189 -73.03 30.48 -50.56
C UNK C 189 -73.74 29.55 -51.54
N UNK C 190 -72.44 36.10 -34.89
CA UNK C 190 -71.07 36.49 -35.18
C UNK C 190 -70.48 35.63 -36.29
N UNK C 191 -71.27 34.67 -36.77
CA UNK C 191 -70.83 33.77 -37.83
C UNK C 191 -70.49 34.56 -39.09
N UNK C 192 -71.35 35.52 -39.43
CA UNK C 192 -71.13 36.35 -40.62
C UNK C 192 -69.85 37.16 -40.48
N UNK C 193 -69.64 37.72 -39.29
CA UNK C 193 -68.45 38.52 -39.03
C UNK C 193 -67.20 37.67 -39.17
N UNK C 194 -67.26 36.45 -38.67
CA UNK C 194 -66.12 35.53 -38.74
C UNK C 194 -65.80 35.20 -40.19
N UNK C 195 -66.84 35.01 -40.99
CA UNK C 195 -66.67 34.69 -42.40
C UNK C 195 -66.03 35.86 -43.14
N UNK C 196 -66.44 37.08 -42.76
CA UNK C 196 -65.90 38.29 -43.38
C UNK C 196 -64.43 38.44 -43.04
N UNK C 197 -64.08 38.10 -41.79
CA UNK C 197 -62.70 38.19 -41.33
C UNK C 197 -61.82 37.25 -42.15
N UNK C 198 -62.33 36.04 -42.40
CA UNK C 198 -61.59 35.05 -43.17
C UNK C 198 -61.33 35.55 -44.57
N UNK C 199 -62.34 36.18 -45.17
CA UNK C 199 -62.22 36.71 -46.52
C UNK C 199 -61.21 37.85 -46.55
N UNK C 200 -61.22 38.67 -45.49
CA UNK C 200 -60.29 39.79 -45.39
C UNK C 200 -58.86 39.29 -45.28
N UNK C 201 -58.67 38.23 -44.52
CA UNK C 201 -57.35 37.64 -44.33
C UNK C 201 -56.89 36.97 -45.63
N UNK C 202 -57.86 36.52 -46.42
CA UNK C 202 -57.58 35.87 -47.69
C UNK C 202 -57.42 36.91 -48.80
N UNK C 203 -57.87 38.13 -48.52
CA UNK C 203 -57.78 39.22 -49.48
C UNK C 203 -56.47 39.98 -49.31
N UNK C 204 -55.99 40.04 -48.06
CA UNK C 204 -54.75 40.73 -47.75
C UNK C 204 -53.56 39.97 -48.33
N UNK C 205 -53.66 38.64 -48.34
CA UNK C 205 -52.61 37.80 -48.87
C UNK C 205 -52.38 38.07 -50.35
N UNK C 206 -53.47 38.25 -51.08
CA UNK C 206 -53.41 38.52 -52.51
C UNK C 206 -52.70 39.84 -52.76
N UNK C 207 -53.00 40.84 -51.94
CA UNK C 207 -52.39 42.16 -52.08
C UNK C 207 -50.88 42.07 -51.89
N UNK C 208 -50.45 41.28 -50.92
CA UNK C 208 -49.02 41.12 -50.64
C UNK C 208 -48.38 40.23 -51.69
N UNK C 209 -49.17 39.34 -52.27
CA UNK C 209 -48.68 38.43 -53.30
C UNK C 209 -48.52 39.15 -54.63
N UNK C 210 -49.38 40.16 -54.85
CA UNK C 210 -49.33 40.93 -56.08
C UNK C 210 -47.96 41.57 -56.28
N UNK C 211 -47.43 42.16 -55.20
CA UNK C 211 -46.12 42.79 -55.27
C UNK C 211 -45.00 41.76 -55.14
N UNK C 212 -68.11 24.00 -31.53
CA UNK C 212 -68.26 22.57 -31.83
C UNK C 212 -68.00 22.30 -33.30
N UNK C 213 -69.07 22.08 -34.06
CA UNK C 213 -68.95 21.81 -35.48
C UNK C 213 -68.34 23.01 -36.21
N UNK C 214 -68.76 24.22 -35.82
CA UNK C 214 -68.23 25.44 -36.41
C UNK C 214 -66.75 25.56 -36.11
N UNK C 215 -66.36 25.23 -34.88
CA UNK C 215 -64.96 25.28 -34.49
C UNK C 215 -64.14 24.29 -35.32
N UNK C 216 -64.71 23.11 -35.54
CA UNK C 216 -64.04 22.08 -36.33
C UNK C 216 -63.84 22.58 -37.76
N UNK C 217 -64.87 23.24 -38.29
CA UNK C 217 -64.80 23.78 -39.65
C UNK C 217 -63.71 24.84 -39.73
N UNK C 218 -63.62 25.67 -38.69
CA UNK C 218 -62.61 26.72 -38.64
C UNK C 218 -61.22 26.10 -38.61
N UNK C 219 -61.08 25.03 -37.84
CA UNK C 219 -59.81 24.34 -37.68
C UNK C 219 -59.28 23.80 -39.01
N UNK C 220 -60.08 23.01 -39.70
CA UNK C 220 -59.67 22.43 -40.98
C UNK C 220 -59.41 23.52 -42.01
N UNK C 221 -60.29 24.51 -42.05
CA UNK C 221 -60.15 25.61 -42.99
C UNK C 221 -58.87 26.38 -42.71
N UNK C 222 -58.59 26.60 -41.43
CA UNK C 222 -57.39 27.32 -41.03
C UNK C 222 -56.15 26.53 -41.44
N UNK C 223 -56.21 25.21 -41.26
CA UNK C 223 -55.09 24.35 -41.62
C UNK C 223 -54.85 24.43 -43.12
N UNK C 224 -55.93 24.43 -43.90
CA UNK C 224 -55.83 24.52 -45.35
C UNK C 224 -55.19 25.85 -45.75
N UNK C 225 -55.60 26.92 -45.07
CA UNK C 225 -55.06 28.24 -45.36
C UNK C 225 -53.56 28.26 -45.06
N UNK C 226 -53.17 27.64 -43.95
CA UNK C 226 -51.77 27.59 -43.56
C UNK C 226 -50.97 26.82 -44.61
N UNK C 227 -51.54 25.73 -45.11
CA UNK C 227 -50.89 24.92 -46.13
C UNK C 227 -50.71 25.71 -47.41
N UNK C 228 -51.72 26.51 -47.75
CA UNK C 228 -51.67 27.34 -48.96
C UNK C 228 -51.19 28.74 -48.62
N UNK C 229 -43.40 15.69 -39.61
CA UNK C 229 -43.54 14.50 -38.79
C UNK C 229 -44.76 14.61 -37.88
N UNK C 230 -44.61 15.35 -36.79
CA UNK C 230 -45.70 15.54 -35.83
C UNK C 230 -46.81 16.39 -36.44
N UNK C 231 -46.42 17.34 -37.30
CA UNK C 231 -47.38 18.22 -37.95
C UNK C 231 -48.28 17.42 -38.89
N UNK C 232 -47.69 16.44 -39.57
CA UNK C 232 -48.44 15.60 -40.50
C UNK C 232 -49.42 14.71 -39.74
N UNK C 233 -49.01 14.28 -38.55
CA UNK C 233 -49.85 13.42 -37.72
C UNK C 233 -51.16 14.13 -37.40
N UNK C 234 -51.06 15.40 -37.03
CA UNK C 234 -52.23 16.20 -36.70
C UNK C 234 -53.16 16.30 -37.90
N UNK C 235 -52.59 16.52 -39.08
CA UNK C 235 -53.36 16.64 -40.30
C UNK C 235 -54.24 15.41 -40.49
N UNK C 236 -53.64 14.23 -40.35
CA UNK C 236 -54.37 12.98 -40.49
C UNK C 236 -55.56 12.96 -39.54
N UNK C 237 -55.30 13.28 -38.27
CA UNK C 237 -56.35 13.31 -37.26
C UNK C 237 -57.40 14.33 -37.66
N UNK C 238 -56.96 15.51 -38.08
CA UNK C 238 -57.87 16.56 -38.50
C UNK C 238 -58.77 16.05 -39.62
N UNK C 239 -58.16 15.42 -40.63
CA UNK C 239 -58.91 14.88 -41.75
C UNK C 239 -59.81 13.76 -41.27
N UNK C 240 -59.31 12.93 -40.36
CA UNK C 240 -60.08 11.82 -39.82
C UNK C 240 -61.32 12.35 -39.11
N UNK C 241 -61.15 13.42 -38.33
CA UNK C 241 -62.26 14.03 -37.61
C UNK C 241 -63.33 14.48 -38.59
N UNK C 242 -62.98 15.45 -39.43
CA UNK C 242 -63.91 15.96 -40.43
C UNK C 242 -64.66 14.80 -41.07
N UNK C 243 -63.95 13.71 -41.36
CA UNK C 243 -64.55 12.54 -41.95
C UNK C 243 -65.59 11.95 -41.00
N UNK C 244 -65.25 11.91 -39.72
CA UNK C 244 -66.16 11.40 -38.70
C UNK C 244 -67.42 12.25 -38.64
N UNK C 245 -67.24 13.56 -38.73
CA UNK C 245 -68.35 14.50 -38.70
C UNK C 245 -69.26 14.27 -39.92
N UNK C 246 -68.65 14.03 -41.07
CA UNK C 246 -69.40 13.79 -42.29
C UNK C 246 -69.62 12.30 -42.51
N UNK C 247 -42.51 27.22 -35.00
CA UNK C 247 -43.46 28.23 -34.57
C UNK C 247 -44.86 27.92 -35.11
N UNK C 248 -45.02 28.04 -36.42
CA UNK C 248 -46.31 27.78 -37.06
C UNK C 248 -46.73 26.34 -36.83
N UNK C 249 -45.78 25.41 -36.96
CA UNK C 249 -46.06 23.99 -36.76
C UNK C 249 -46.71 23.75 -35.40
N UNK C 250 -46.10 24.31 -34.35
CA UNK C 250 -46.62 24.17 -33.01
C UNK C 250 -48.07 24.64 -32.93
N UNK C 251 -48.33 25.82 -33.48
CA UNK C 251 -49.67 26.38 -33.49
C UNK C 251 -50.65 25.41 -34.14
N UNK C 252 -50.27 24.90 -35.30
CA UNK C 252 -51.12 23.95 -36.04
C UNK C 252 -51.48 22.78 -35.14
N UNK C 253 -50.48 22.18 -34.50
CA UNK C 253 -50.70 21.06 -33.61
C UNK C 253 -51.60 21.49 -32.45
N UNK C 254 -51.33 22.66 -31.90
CA UNK C 254 -52.11 23.19 -30.79
C UNK C 254 -53.58 23.25 -31.19
N UNK C 255 -53.85 23.83 -32.34
CA UNK C 255 -55.21 23.95 -32.84
C UNK C 255 -55.78 22.55 -33.10
N UNK C 256 -54.96 21.69 -33.68
CA UNK C 256 -55.37 20.32 -33.97
C UNK C 256 -55.75 19.60 -32.67
N UNK C 257 -54.92 19.77 -31.65
CA UNK C 257 -55.17 19.15 -30.36
C UNK C 257 -56.56 19.55 -29.85
N UNK C 258 -56.83 20.85 -29.87
CA UNK C 258 -58.12 21.36 -29.43
C UNK C 258 -59.23 20.67 -30.23
N UNK C 259 -59.08 20.68 -31.55
CA UNK C 259 -60.05 20.06 -32.43
C UNK C 259 -60.22 18.60 -32.04
N UNK C 260 -59.10 17.90 -31.90
CA UNK C 260 -59.13 16.49 -31.51
C UNK C 260 -59.87 16.35 -30.19
N UNK C 261 -59.48 17.17 -29.21
CA UNK C 261 -60.12 17.15 -27.90
C UNK C 261 -61.60 17.42 -28.05
N UNK C 262 -61.93 18.46 -28.83
CA UNK C 262 -63.32 18.82 -29.07
C UNK C 262 -64.04 17.66 -29.73
N UNK C 263 -63.41 17.07 -30.74
CA UNK C 263 -63.97 15.94 -31.46
C UNK C 263 -64.31 14.83 -30.47
N UNK C 264 -63.33 14.43 -29.67
CA UNK C 264 -63.54 13.40 -28.67
C UNK C 264 -64.67 13.84 -27.76
N UNK C 265 -64.68 15.12 -27.42
CA UNK C 265 -65.71 15.69 -26.57
C UNK C 265 -67.08 15.42 -27.18
N UNK C 266 -67.19 15.57 -28.50
CA UNK C 266 -68.44 15.34 -29.20
C UNK C 266 -68.85 13.87 -29.05
N UNK C 267 -67.87 12.98 -29.16
CA UNK C 267 -68.12 11.55 -29.02
C UNK C 267 -68.63 11.24 -27.61
N UNK C 268 -68.03 11.89 -26.62
CA UNK C 268 -68.42 11.69 -25.22
C UNK C 268 -69.86 12.13 -25.00
N UNK C 269 -47.82 6.48 -36.69
CA UNK C 269 -48.82 7.50 -36.43
C UNK C 269 -49.97 7.39 -37.44
N UNK C 270 -49.62 7.29 -38.72
CA UNK C 270 -50.61 7.17 -39.77
C UNK C 270 -51.53 5.98 -39.52
N UNK C 271 -50.94 4.83 -39.20
CA UNK C 271 -51.70 3.62 -38.92
C UNK C 271 -52.73 3.88 -37.83
N UNK C 272 -52.27 4.48 -36.72
CA UNK C 272 -53.17 4.78 -35.61
C UNK C 272 -54.32 5.66 -36.09
N UNK C 273 -54.00 6.70 -36.83
CA UNK C 273 -55.01 7.61 -37.36
C UNK C 273 -56.07 6.84 -38.14
N UNK C 274 -55.63 5.98 -39.04
CA UNK C 274 -56.53 5.18 -39.86
C UNK C 274 -57.50 4.40 -38.98
N UNK C 275 -56.95 3.71 -37.99
CA UNK C 275 -57.76 2.91 -37.08
C UNK C 275 -58.88 3.75 -36.47
N UNK C 276 -58.53 4.92 -35.96
CA UNK C 276 -59.50 5.82 -35.35
C UNK C 276 -60.60 6.16 -36.34
N UNK C 277 -60.20 6.51 -37.57
CA UNK C 277 -61.15 6.87 -38.62
C UNK C 277 -62.17 5.75 -38.81
N UNK C 278 -61.69 4.52 -38.93
CA UNK C 278 -62.55 3.37 -39.13
C UNK C 278 -63.50 3.22 -37.94
N UNK C 279 -62.94 3.33 -36.73
CA UNK C 279 -63.73 3.20 -35.51
C UNK C 279 -64.83 4.27 -35.48
N UNK C 280 -64.47 5.49 -35.83
CA UNK C 280 -65.42 6.60 -35.83
C UNK C 280 -66.63 6.26 -36.68
N UNK C 281 -66.38 5.78 -37.89
CA UNK C 281 -67.46 5.41 -38.81
C UNK C 281 -68.39 4.41 -38.14
N UNK C 282 -67.82 3.36 -37.54
CA UNK C 282 -68.60 2.34 -36.88
C UNK C 282 -69.43 2.93 -35.75
N UNK C 283 -68.81 3.82 -34.97
CA UNK C 283 -69.49 4.47 -33.85
C UNK C 283 -70.71 5.26 -34.34
N UNK C 284 -70.53 5.98 -35.45
CA UNK C 284 -71.60 6.78 -36.01
C UNK C 284 -72.84 5.93 -36.26
N UNK C 285 -69.62 6.80 -23.99
CA UNK C 285 -68.65 7.29 -24.96
C UNK C 285 -67.26 7.32 -24.35
N UNK C 286 -67.11 6.72 -23.17
CA UNK C 286 -65.83 6.67 -22.49
C UNK C 286 -64.80 5.91 -23.34
N UNK C 287 -65.24 4.80 -23.93
CA UNK C 287 -64.35 4.00 -24.75
C UNK C 287 -63.89 4.81 -25.96
N UNK C 288 -64.81 5.56 -26.56
CA UNK C 288 -64.49 6.39 -27.72
C UNK C 288 -63.48 7.45 -27.32
N UNK C 289 -63.67 8.03 -26.14
CA UNK C 289 -62.77 9.07 -25.63
C UNK C 289 -61.38 8.48 -25.43
N UNK C 290 -61.32 7.25 -24.90
CA UNK C 290 -60.05 6.56 -24.68
C UNK C 290 -59.35 6.32 -26.01
N UNK C 291 -60.13 5.94 -27.02
CA UNK C 291 -59.57 5.69 -28.35
C UNK C 291 -58.99 6.98 -28.90
N UNK C 292 -59.71 8.09 -28.71
CA UNK C 292 -59.25 9.39 -29.19
C UNK C 292 -57.95 9.77 -28.49
N UNK C 293 -57.87 9.50 -27.20
CA UNK C 293 -56.67 9.79 -26.41
C UNK C 293 -55.50 8.96 -26.93
N UNK C 294 -55.77 7.70 -27.26
CA UNK C 294 -54.74 6.82 -27.79
C UNK C 294 -54.23 7.35 -29.12
N UNK C 295 -55.15 7.83 -29.96
CA UNK C 295 -54.79 8.39 -31.25
C UNK C 295 -53.91 9.62 -31.06
N UNK C 296 -54.27 10.45 -30.07
CA UNK C 296 -53.50 11.64 -29.78
C UNK C 296 -52.09 11.27 -29.34
N UNK C 297 -52.00 10.23 -28.51
CA UNK C 297 -50.71 9.75 -28.01
C UNK C 297 -49.85 9.27 -29.17
N UNK C 298 -50.49 8.56 -30.12
CA UNK C 298 -49.79 8.06 -31.29
C UNK C 298 -49.26 9.22 -32.12
N UNK C 299 -50.08 10.27 -32.26
CA UNK C 299 -49.69 11.45 -33.00
C UNK C 299 -48.49 12.12 -32.33
N UNK C 300 -48.51 12.17 -31.00
CA UNK C 300 -47.43 12.79 -30.24
C UNK C 300 -46.15 11.96 -30.36
N UNK C 301 -64.78 -0.39 -34.50
CA UNK C 301 -65.59 -1.15 -33.55
C UNK C 301 -64.74 -2.23 -32.87
N UNK C 302 -65.17 -3.48 -33.00
CA UNK C 302 -64.45 -4.60 -32.40
C UNK C 302 -63.06 -4.72 -33.00
N UNK C 303 -62.97 -4.53 -34.31
CA UNK C 303 -61.69 -4.62 -35.01
C UNK C 303 -60.75 -3.52 -34.51
N UNK C 304 -61.31 -2.33 -34.33
CA UNK C 304 -60.54 -1.19 -33.84
C UNK C 304 -60.02 -1.48 -32.44
N UNK C 305 -60.88 -2.08 -31.61
CA UNK C 305 -60.51 -2.42 -30.24
C UNK C 305 -59.37 -3.45 -30.26
N UNK C 306 -59.45 -4.41 -31.16
CA UNK C 306 -58.43 -5.43 -31.29
C UNK C 306 -57.10 -4.79 -31.70
N UNK C 307 -57.17 -3.83 -32.62
CA UNK C 307 -55.98 -3.13 -33.08
C UNK C 307 -55.36 -2.36 -31.92
N UNK C 308 -56.20 -1.73 -31.10
CA UNK C 308 -55.73 -0.97 -29.95
C UNK C 308 -55.05 -1.91 -28.96
N UNK C 309 -55.63 -3.09 -28.77
CA UNK C 309 -55.05 -4.09 -27.86
C UNK C 309 -53.69 -4.52 -28.37
N UNK C 310 -53.57 -4.71 -29.69
CA UNK C 310 -52.31 -5.11 -30.29
C UNK C 310 -51.26 -4.02 -30.07
N UNK C 311 -51.68 -2.77 -30.23
CA UNK C 311 -50.78 -1.65 -30.02
C UNK C 311 -50.30 -1.60 -28.57
N UNK C 312 -51.22 -1.86 -27.65
CA UNK C 312 -50.88 -1.87 -26.22
C UNK C 312 -49.89 -2.97 -25.93
N UNK C 313 -50.08 -4.13 -26.55
CA UNK C 313 -49.19 -5.27 -26.34
C UNK C 313 -47.74 -4.88 -26.61
N UNK C 314 -63.17 -3.87 -21.58
CA UNK C 314 -62.98 -2.46 -21.94
C UNK C 314 -61.99 -1.80 -20.99
N UNK C 315 -62.10 -2.12 -19.71
CA UNK C 315 -61.20 -1.56 -18.71
C UNK C 315 -59.77 -2.01 -18.99
N UNK C 316 -59.62 -3.29 -19.35
CA UNK C 316 -58.31 -3.84 -19.66
C UNK C 316 -57.73 -3.13 -20.87
N UNK C 317 -58.57 -2.87 -21.88
CA UNK C 317 -58.14 -2.19 -23.08
C UNK C 317 -57.66 -0.78 -22.73
N UNK C 318 -58.40 -0.11 -21.85
CA UNK C 318 -58.04 1.24 -21.43
C UNK C 318 -56.69 1.21 -20.72
N UNK C 319 -56.48 0.20 -19.88
CA UNK C 319 -55.23 0.06 -19.14
C UNK C 319 -54.08 -0.15 -20.12
N UNK C 320 -54.32 -0.97 -21.15
CA UNK C 320 -53.30 -1.23 -22.16
C UNK C 320 -52.95 0.05 -22.89
N UNK C 321 -53.97 0.86 -23.20
CA UNK C 321 -53.74 2.12 -23.90
C UNK C 321 -52.91 3.04 -23.02
N UNK C 322 -53.21 3.07 -21.73
CA UNK C 322 -52.46 3.90 -20.79
C UNK C 322 -51.01 3.45 -20.74
N UNK C 323 -50.79 2.14 -20.73
CA UNK C 323 -49.44 1.58 -20.70
C UNK C 323 -48.68 1.99 -21.96
N UNK C 324 -49.37 1.94 -23.10
CA UNK C 324 -48.76 2.32 -24.36
C UNK C 324 -48.36 3.80 -24.33
N UNK C 325 -49.23 4.62 -23.76
CA UNK C 325 -48.97 6.05 -23.65
C UNK C 325 -47.73 6.28 -22.77
N UNK C 326 -47.64 5.52 -21.67
CA UNK C 326 -46.51 5.64 -20.78
C UNK C 326 -45.22 5.26 -21.49
N UNK C 327 -45.29 4.19 -22.29
CA UNK C 327 -44.14 3.73 -23.05
C UNK C 327 -43.69 4.79 -24.06
N UNK C 328 -44.64 5.43 -24.71
CA UNK C 328 -44.32 6.45 -25.72
C UNK C 328 -45.50 7.38 -25.99
N UNK C 329 -61.84 -12.45 -19.45
CA UNK C 329 -61.16 -13.56 -20.10
C UNK C 329 -60.34 -13.06 -21.28
N UNK C 330 -60.92 -12.14 -22.04
CA UNK C 330 -60.24 -11.57 -23.21
C UNK C 330 -58.99 -10.82 -22.75
N UNK C 331 -59.12 -10.08 -21.65
CA UNK C 331 -58.00 -9.32 -21.11
C UNK C 331 -56.88 -10.29 -20.68
N UNK C 332 -57.27 -11.40 -20.06
CA UNK C 332 -56.30 -12.40 -19.62
C UNK C 332 -55.58 -12.98 -20.83
N UNK C 333 -56.33 -13.24 -21.90
CA UNK C 333 -55.76 -13.79 -23.12
C UNK C 333 -54.76 -12.81 -23.71
N UNK C 334 -55.12 -11.52 -23.68
CA UNK C 334 -54.25 -10.47 -24.20
C UNK C 334 -52.96 -10.42 -23.38
N UNK C 335 -53.09 -10.56 -22.06
CA UNK C 335 -51.92 -10.54 -21.18
C UNK C 335 -51.00 -11.71 -21.51
N UNK C 336 -51.60 -12.88 -21.76
CA UNK C 336 -50.83 -14.06 -22.09
C UNK C 336 -50.08 -13.84 -23.41
N UNK C 337 -50.78 -13.23 -24.37
CA UNK C 337 -50.18 -12.95 -25.67
C UNK C 337 -49.00 -11.99 -25.52
N UNK C 338 -49.17 -10.99 -24.65
CA UNK C 338 -48.12 -10.01 -24.40
C UNK C 338 -46.91 -10.70 -23.79
N UNK C 339 -47.17 -11.63 -22.87
CA UNK C 339 -46.09 -12.38 -22.23
C UNK C 339 -45.34 -13.21 -23.26
N UNK C 340 -46.09 -13.82 -24.19
CA UNK C 340 -45.49 -14.62 -25.24
C UNK C 340 -44.61 -13.73 -26.13
N UNK C 341 -45.10 -12.54 -26.44
CA UNK C 341 -44.36 -11.60 -27.27
C UNK C 341 -43.06 -11.19 -26.57
N UNK C 342 -43.14 -10.98 -25.26
CA UNK C 342 -41.97 -10.61 -24.47
C UNK C 342 -40.95 -11.75 -24.49
N UNK C 343 -41.44 -12.98 -24.39
CA UNK C 343 -40.57 -14.14 -24.39
C UNK C 343 -40.03 -14.40 -25.80
N UNK C 344 -39.40 -0.88 -19.78
CA UNK C 344 -39.74 -2.29 -19.61
C UNK C 344 -40.19 -2.56 -18.18
N UNK C 345 -39.37 -2.15 -17.21
CA UNK C 345 -39.69 -2.37 -15.81
C UNK C 345 -40.96 -1.62 -15.42
N UNK C 346 -41.10 -0.40 -15.90
CA UNK C 346 -42.28 0.41 -15.60
C UNK C 346 -43.53 -0.25 -16.16
N UNK C 347 -43.40 -0.78 -17.38
CA UNK C 347 -44.52 -1.46 -18.02
C UNK C 347 -44.89 -2.70 -17.22
N UNK C 348 -43.90 -3.42 -16.74
CA UNK C 348 -44.13 -4.62 -15.95
C UNK C 348 -44.86 -4.26 -14.66
N UNK C 349 -44.46 -3.15 -14.04
CA UNK C 349 -45.09 -2.69 -12.81
C UNK C 349 -46.55 -2.35 -13.09
N UNK C 350 -46.81 -1.69 -14.21
CA UNK C 350 -48.16 -1.32 -14.59
C UNK C 350 -49.01 -2.57 -14.78
N UNK C 351 -48.43 -3.58 -15.43
CA UNK C 351 -49.12 -4.84 -15.67
C UNK C 351 -49.46 -5.51 -14.35
N UNK C 352 -48.52 -5.48 -13.40
CA UNK C 352 -48.74 -6.07 -12.09
C UNK C 352 -49.88 -5.36 -11.39
N UNK C 353 -49.91 -4.03 -11.49
CA UNK C 353 -50.96 -3.23 -10.87
C UNK C 353 -52.31 -3.60 -11.47
N UNK C 354 -52.35 -3.78 -12.79
CA UNK C 354 -53.57 -4.14 -13.49
C UNK C 354 -54.05 -5.50 -13.01
N UNK C 355 -53.12 -6.43 -12.83
CA UNK C 355 -53.44 -7.77 -12.37
C UNK C 355 -54.03 -7.70 -10.96
N UNK C 356 -53.44 -6.85 -10.13
CA UNK C 356 -53.92 -6.68 -8.76
C UNK C 356 -55.33 -6.12 -8.76
N UNK C 357 -55.58 -5.17 -9.66
CA UNK C 357 -56.90 -4.54 -9.77
C UNK C 357 -57.76 -5.29 -10.79
N UNK C 358 -43.81 -22.74 -19.52
CA UNK C 358 -44.04 -21.42 -18.96
C UNK C 358 -45.49 -21.00 -19.15
N UNK C 359 -45.92 -20.91 -20.40
CA UNK C 359 -47.28 -20.53 -20.72
C UNK C 359 -48.27 -21.54 -20.17
N UNK C 360 -47.92 -22.83 -20.30
CA UNK C 360 -48.78 -23.89 -19.81
C UNK C 360 -48.92 -23.79 -18.30
N UNK C 361 -47.81 -23.51 -17.63
CA UNK C 361 -47.81 -23.37 -16.17
C UNK C 361 -48.68 -22.19 -15.76
N UNK C 362 -48.59 -21.11 -16.51
CA UNK C 362 -49.39 -19.91 -16.24
C UNK C 362 -50.87 -20.24 -16.39
N UNK C 363 -51.20 -21.00 -17.43
CA UNK C 363 -52.58 -21.40 -17.67
C UNK C 363 -53.10 -22.26 -16.53
N UNK C 364 -52.23 -23.16 -16.03
CA UNK C 364 -52.61 -24.03 -14.92
C UNK C 364 -52.87 -23.19 -13.68
N UNK C 365 -52.03 -22.17 -13.45
CA UNK C 365 -52.18 -21.29 -12.31
C UNK C 365 -53.51 -20.54 -12.41
N UNK C 366 -53.83 -20.08 -13.62
CA UNK C 366 -55.08 -19.36 -13.87
C UNK C 366 -56.26 -20.27 -13.57
N UNK C 367 -56.17 -21.53 -13.99
CA UNK C 367 -57.23 -22.50 -13.75
C UNK C 367 -57.41 -22.71 -12.26
N UNK C 368 -56.30 -22.79 -11.53
CA UNK C 368 -56.36 -22.98 -10.08
C UNK C 368 -57.04 -21.79 -9.43
N UNK C 369 -56.71 -20.59 -9.92
CA UNK C 369 -57.31 -19.37 -9.38
C UNK C 369 -58.81 -19.38 -9.63
N UNK C 370 -59.21 -19.81 -10.82
CA UNK C 370 -60.62 -19.88 -11.18
C UNK C 370 -61.35 -20.87 -10.25
N UNK C 371 -60.69 -21.99 -9.98
CA UNK C 371 -61.26 -23.01 -9.09
C UNK C 371 -61.45 -22.44 -7.69
N UNK C 372 -60.46 -21.67 -7.24
CA UNK C 372 -60.52 -21.04 -5.93
C UNK C 372 -61.68 -20.05 -5.87
N UNK C 373 -61.87 -19.31 -6.95
CA UNK C 373 -62.94 -18.32 -7.02
C UNK C 373 -64.20 -18.94 -7.63
N UNK C 374 -42.64 -7.18 -4.73
CA UNK C 374 -42.14 -8.29 -3.94
C UNK C 374 -42.63 -9.62 -4.53
N UNK C 375 -43.86 -9.99 -4.19
CA UNK C 375 -44.43 -11.24 -4.67
C UNK C 375 -44.54 -11.21 -6.19
N UNK C 376 -44.97 -10.06 -6.73
CA UNK C 376 -45.11 -9.91 -8.17
C UNK C 376 -43.75 -10.07 -8.84
N UNK C 377 -42.73 -9.47 -8.24
CA UNK C 377 -41.38 -9.55 -8.78
C UNK C 377 -40.91 -11.01 -8.78
N UNK C 378 -41.21 -11.73 -7.71
CA UNK C 378 -40.83 -13.13 -7.60
C UNK C 378 -41.51 -13.94 -8.69
N UNK C 379 -42.78 -13.65 -8.92
CA UNK C 379 -43.55 -14.34 -9.95
C UNK C 379 -42.94 -14.08 -11.32
N UNK C 380 -42.54 -12.84 -11.55
CA UNK C 380 -41.93 -12.46 -12.82
C UNK C 380 -40.63 -13.20 -13.01
N UNK C 381 -39.85 -13.33 -11.93
CA UNK C 381 -38.58 -14.05 -11.99
C UNK C 381 -38.84 -15.51 -12.34
N UNK C 382 -39.86 -16.09 -11.74
CA UNK C 382 -40.21 -17.48 -12.01
C UNK C 382 -40.58 -17.65 -13.47
N UNK C 383 -41.36 -16.70 -14.00
CA UNK C 383 -41.79 -16.74 -15.38
C UNK C 383 -40.57 -16.66 -16.30
N UNK C 384 -39.62 -15.81 -15.95
CA UNK C 384 -38.41 -15.63 -16.75
C UNK C 384 -37.62 -16.94 -16.75
N UNK C 385 -37.55 -17.59 -15.60
CA UNK C 385 -36.83 -18.86 -15.48
C UNK C 385 -37.50 -19.91 -16.37
N UNK C 386 -38.83 -19.92 -16.36
CA UNK C 386 -39.58 -20.87 -17.17
C UNK C 386 -39.30 -20.62 -18.65
N UNK C 387 -39.24 -19.35 -19.04
CA UNK C 387 -38.97 -18.97 -20.41
C UNK C 387 -37.58 -19.43 -20.83
N UNK C 388 -36.62 -19.29 -19.91
CA UNK C 388 -35.24 -19.68 -20.18
C UNK C 388 -35.17 -21.13 -20.64
N UNK C 389 -52.76 -13.49 5.45
CA UNK C 389 -52.31 -12.15 5.79
C UNK C 389 -51.05 -11.80 5.01
N UNK C 390 -50.14 -12.77 4.90
CA UNK C 390 -48.90 -12.55 4.18
C UNK C 390 -49.20 -12.28 2.70
N UNK C 391 -50.15 -13.03 2.15
CA UNK C 391 -50.55 -12.85 0.76
C UNK C 391 -51.13 -11.46 0.56
N UNK C 392 -51.94 -11.02 1.52
CA UNK C 392 -52.55 -9.69 1.44
C UNK C 392 -51.46 -8.63 1.47
N UNK C 393 -50.46 -8.82 2.32
CA UNK C 393 -49.35 -7.88 2.45
C UNK C 393 -48.59 -7.82 1.13
N UNK C 394 -48.39 -8.98 0.50
CA UNK C 394 -47.68 -9.05 -0.77
C UNK C 394 -48.47 -8.29 -1.84
N UNK C 395 -49.79 -8.45 -1.82
CA UNK C 395 -50.66 -7.76 -2.78
C UNK C 395 -50.55 -6.25 -2.58
N UNK C 396 -50.52 -5.83 -1.32
CA UNK C 396 -50.40 -4.42 -0.99
C UNK C 396 -49.07 -3.87 -1.51
N UNK C 397 -48.01 -4.65 -1.34
CA UNK C 397 -46.69 -4.26 -1.80
C UNK C 397 -46.69 -4.12 -3.32
N UNK C 398 -47.35 -5.04 -4.00
CA UNK C 398 -47.45 -5.01 -5.45
C UNK C 398 -48.18 -3.74 -5.89
N UNK C 399 -49.25 -3.41 -5.18
CA UNK C 399 -50.02 -2.22 -5.48
C UNK C 399 -49.17 -0.97 -5.31
N UNK C 400 -48.36 -0.96 -4.24
CA UNK C 400 -47.48 0.16 -3.96
C UNK C 400 -46.45 0.31 -5.08
N UNK C 401 -45.93 -0.82 -5.56
CA UNK C 401 -44.93 -0.81 -6.62
C UNK C 401 -45.59 -1.01 -7.98
N UNK C 402 -40.66 -23.57 -10.74
CA UNK C 402 -40.99 -22.16 -10.85
C UNK C 402 -42.48 -21.97 -11.03
N UNK C 403 -42.98 -22.38 -12.20
CA UNK C 403 -44.40 -22.25 -12.50
C UNK C 403 -45.22 -23.10 -11.53
N UNK C 404 -44.74 -24.31 -11.24
CA UNK C 404 -45.43 -25.20 -10.32
C UNK C 404 -45.50 -24.58 -8.93
N UNK C 405 -44.40 -23.97 -8.51
CA UNK C 405 -44.33 -23.31 -7.21
C UNK C 405 -45.32 -22.15 -7.15
N UNK C 406 -45.40 -21.40 -8.24
CA UNK C 406 -46.32 -20.27 -8.32
C UNK C 406 -47.76 -20.77 -8.22
N UNK C 407 -48.04 -21.88 -8.89
CA UNK C 407 -49.38 -22.46 -8.87
C UNK C 407 -49.73 -22.89 -7.44
N UNK C 408 -48.76 -23.49 -6.76
CA UNK C 408 -48.95 -23.93 -5.38
C UNK C 408 -49.25 -22.74 -4.49
N UNK C 409 -48.52 -21.64 -4.71
CA UNK C 409 -48.72 -20.42 -3.94
C UNK C 409 -50.13 -19.88 -4.17
N UNK C 410 -50.57 -19.91 -5.42
CA UNK C 410 -51.90 -19.44 -5.78
C UNK C 410 -52.96 -20.29 -5.07
N UNK C 411 -52.73 -21.61 -5.04
CA UNK C 411 -53.66 -22.52 -4.40
C UNK C 411 -53.74 -22.20 -2.91
N UNK C 412 -52.58 -21.93 -2.30
CA UNK C 412 -52.52 -21.60 -0.89
C UNK C 412 -53.29 -20.32 -0.61
N UNK C 413 -53.14 -19.34 -1.51
CA UNK C 413 -53.84 -18.06 -1.38
C UNK C 413 -55.35 -18.29 -1.46
N UNK C 414 -55.76 -19.15 -2.37
CA UNK C 414 -57.17 -19.47 -2.54
C UNK C 414 -57.71 -20.12 -1.27
N UNK C 415 -56.92 -21.02 -0.68
CA UNK C 415 -57.32 -21.69 0.54
C UNK C 415 -57.48 -20.68 1.67
N UNK C 416 -56.55 -19.72 1.74
CA UNK C 416 -56.59 -18.68 2.76
C UNK C 416 -57.86 -17.84 2.59
N UNK C 417 -58.19 -17.53 1.34
CA UNK C 417 -59.38 -16.74 1.04
C UNK C 417 -60.63 -17.50 1.48
N UNK C 418 -60.64 -18.80 1.22
CA UNK C 418 -61.77 -19.65 1.62
C UNK C 418 -61.91 -19.66 3.13
N UNK C 419 -60.78 -19.72 3.83
CA UNK C 419 -60.78 -19.75 5.28
C UNK C 419 -60.78 -18.33 5.84
N UNK C 420 -47.28 -15.91 8.39
CA UNK C 420 -46.07 -16.30 9.09
C UNK C 420 -45.37 -17.46 8.37
N UNK C 421 -45.72 -18.68 8.74
CA UNK C 421 -45.12 -19.86 8.13
C UNK C 421 -45.46 -19.91 6.64
N UNK C 422 -46.71 -19.58 6.31
CA UNK C 422 -47.15 -19.58 4.93
C UNK C 422 -46.37 -18.54 4.13
N UNK C 423 -46.16 -17.37 4.74
CA UNK C 423 -45.41 -16.30 4.09
C UNK C 423 -43.98 -16.75 3.84
N UNK C 424 -43.40 -17.43 4.82
CA UNK C 424 -42.04 -17.94 4.69
C UNK C 424 -41.95 -18.94 3.55
N UNK C 425 -42.96 -19.80 3.46
CA UNK C 425 -43.01 -20.80 2.39
C UNK C 425 -43.09 -20.12 1.03
N UNK C 426 -43.89 -19.06 0.96
CA UNK C 426 -44.05 -18.31 -0.28
C UNK C 426 -42.71 -17.68 -0.67
N UNK C 427 -42.00 -17.14 0.31
CA UNK C 427 -40.71 -16.53 0.08
C UNK C 427 -39.73 -17.57 -0.44
N UNK C 428 -39.77 -18.77 0.15
CA UNK C 428 -38.89 -19.85 -0.27
C UNK C 428 -39.20 -20.23 -1.72
N UNK C 429 -40.47 -20.28 -2.07
CA UNK C 429 -40.88 -20.61 -3.43
C UNK C 429 -40.37 -19.56 -4.40
N UNK C 430 -40.45 -18.30 -4.00
CA UNK C 430 -39.98 -17.20 -4.83
C UNK C 430 -38.47 -17.33 -5.05
N UNK C 431 -37.75 -17.68 -3.99
CA UNK C 431 -36.31 -17.84 -4.06
C UNK C 431 -35.96 -18.99 -5.02
N UNK C 432 -36.74 -20.07 -4.94
CA UNK C 432 -36.53 -21.22 -5.81
C UNK C 432 -36.76 -20.83 -7.26
N UNK C 433 -37.78 -20.01 -7.51
CA UNK C 433 -38.11 -19.56 -8.85
C UNK C 433 -36.88 -18.93 -9.51
N UNK C 434 -35.05 -28.16 -21.33
CA UNK C 434 -35.71 -27.76 -20.09
C UNK C 434 -36.60 -28.88 -19.58
N UNK C 435 -36.44 -30.08 -20.14
CA UNK C 435 -37.23 -31.23 -19.73
C UNK C 435 -36.96 -31.56 -18.27
N UNK C 436 -35.69 -31.50 -17.87
CA UNK C 436 -35.30 -31.78 -16.50
C UNK C 436 -35.95 -30.77 -15.56
N UNK C 437 -35.96 -29.50 -15.97
CA UNK C 437 -36.56 -28.44 -15.19
C UNK C 437 -38.05 -28.69 -15.03
N UNK C 438 -38.70 -29.13 -16.11
CA UNK C 438 -40.12 -29.42 -16.07
C UNK C 438 -40.40 -30.56 -15.10
N UNK C 439 -39.53 -31.58 -15.13
CA UNK C 439 -39.68 -32.73 -14.23
C UNK C 439 -39.53 -32.27 -12.79
N UNK C 440 -38.58 -31.38 -12.54
CA UNK C 440 -38.36 -30.85 -11.21
C UNK C 440 -39.59 -30.08 -10.74
N UNK C 441 -40.18 -29.30 -11.64
CA UNK C 441 -41.38 -28.54 -11.32
C UNK C 441 -42.52 -29.48 -10.96
N UNK C 442 -42.65 -30.57 -11.72
CA UNK C 442 -43.68 -31.55 -11.46
C UNK C 442 -43.48 -32.18 -10.08
N UNK C 443 -42.22 -32.47 -9.75
CA UNK C 443 -41.89 -33.06 -8.46
C UNK C 443 -42.25 -32.09 -7.34
N UNK C 444 -41.97 -30.81 -7.56
CA UNK C 444 -42.27 -29.77 -6.58
C UNK C 444 -43.78 -29.69 -6.36
N UNK C 445 -44.54 -29.78 -7.46
CA UNK C 445 -45.99 -29.74 -7.38
C UNK C 445 -46.51 -30.94 -6.57
N UNK C 446 -45.91 -32.10 -6.80
CA UNK C 446 -46.29 -33.31 -6.09
C UNK C 446 -46.01 -33.14 -4.60
N UNK C 447 -44.87 -32.54 -4.28
CA UNK C 447 -44.48 -32.30 -2.90
C UNK C 447 -45.47 -31.36 -2.23
N UNK C 448 -45.89 -30.34 -2.98
CA UNK C 448 -46.86 -29.37 -2.47
C UNK C 448 -48.18 -30.07 -2.18
N UNK C 449 -48.59 -30.97 -3.08
CA UNK C 449 -49.83 -31.71 -2.91
C UNK C 449 -49.74 -32.58 -1.66
N UNK C 450 -48.58 -33.21 -1.45
CA UNK C 450 -48.37 -34.05 -0.28
C UNK C 450 -48.46 -33.22 0.99
N UNK C 451 -47.89 -32.01 0.95
CA UNK C 451 -47.92 -31.10 2.09
C UNK C 451 -49.36 -30.70 2.41
N UNK C 452 -50.14 -30.45 1.36
CA UNK C 452 -51.54 -30.07 1.53
C UNK C 452 -52.42 -31.29 1.72
N UNK C 453 -44.41 -23.96 7.76
CA UNK C 453 -43.88 -24.59 8.97
C UNK C 453 -42.94 -25.73 8.60
N UNK C 454 -43.20 -26.91 9.16
CA UNK C 454 -42.37 -28.08 8.90
C UNK C 454 -42.43 -28.45 7.42
N UNK C 455 -43.62 -28.37 6.84
CA UNK C 455 -43.80 -28.69 5.43
C UNK C 455 -43.01 -27.70 4.57
N UNK C 456 -43.05 -26.43 4.96
CA UNK C 456 -42.32 -25.39 4.23
C UNK C 456 -40.82 -25.66 4.30
N UNK C 457 -40.36 -26.07 5.47
CA UNK C 457 -38.94 -26.38 5.67
C UNK C 457 -38.54 -27.55 4.76
N UNK C 458 -39.41 -28.56 4.70
CA UNK C 458 -39.15 -29.73 3.86
C UNK C 458 -39.06 -29.31 2.40
N UNK C 459 -39.96 -28.42 1.99
CA UNK C 459 -39.98 -27.94 0.61
C UNK C 459 -38.69 -27.20 0.30
N UNK C 460 -38.23 -26.39 1.25
CA UNK C 460 -36.99 -25.64 1.08
C UNK C 460 -35.82 -26.60 0.92
N UNK C 461 -35.80 -27.65 1.73
CA UNK C 461 -34.74 -28.64 1.68
C UNK C 461 -34.75 -29.34 0.31
N UNK C 462 -35.94 -29.65 -0.18
CA UNK C 462 -36.09 -30.30 -1.47
C UNK C 462 -35.55 -29.39 -2.57
N UNK C 463 -35.86 -28.10 -2.47
CA UNK C 463 -35.40 -27.13 -3.46
C UNK C 463 -33.88 -27.06 -3.44
N UNK C 464 -33.30 -27.09 -2.25
CA UNK C 464 -31.85 -27.05 -2.11
C UNK C 464 -31.23 -28.29 -2.75
N UNK C 465 -31.86 -29.44 -2.54
CA UNK C 465 -31.39 -30.69 -3.13
C UNK C 465 -31.43 -30.62 -4.65
N UNK C 466 -32.52 -30.04 -5.18
CA UNK C 466 -32.67 -29.89 -6.61
C UNK C 466 -31.59 -29.00 -7.19
N UNK C 467 -31.27 -27.93 -6.45
CA UNK C 467 -30.26 -26.95 -6.86
C UNK C 467 -30.44 -26.50 -8.31
N UNK C 468 -31.86 -9.84 1.39
CA UNK C 468 -31.23 -9.49 0.13
C UNK C 468 -30.48 -10.69 -0.46
N UNK C 469 -30.13 -11.62 0.39
CA UNK C 469 -29.42 -12.83 -0.03
C UNK C 469 -30.30 -13.69 -0.93
N UNK C 470 -31.59 -13.73 -0.62
CA UNK C 470 -32.54 -14.52 -1.39
C UNK C 470 -32.48 -14.14 -2.86
N UNK C 471 -32.52 -12.84 -3.15
CA UNK C 471 -32.46 -12.35 -4.52
C UNK C 471 -31.24 -12.92 -5.25
N UNK C 472 -30.06 -12.69 -4.68
CA UNK C 472 -28.82 -13.18 -5.28
C UNK C 472 -28.72 -14.69 -5.14
N UNK C 473 -28.95 -15.19 -3.93
CA UNK C 473 -28.88 -16.62 -3.66
C UNK C 473 -29.54 -17.42 -4.79
N UNK C 474 -30.75 -17.01 -5.15
CA UNK C 474 -31.48 -17.68 -6.22
C UNK C 474 -30.70 -17.56 -7.53
N UNK C 475 -30.18 -16.37 -7.79
CA UNK C 475 -29.41 -16.12 -9.01
C UNK C 475 -28.27 -17.11 -9.14
N UNK C 476 -27.52 -17.28 -8.06
CA UNK C 476 -26.40 -18.22 -8.04
C UNK C 476 -26.88 -19.64 -8.26
N UNK C 477 -28.00 -19.98 -7.63
CA UNK C 477 -28.58 -21.32 -7.75
C UNK C 477 -28.79 -21.68 -9.21
N UNK C 478 -29.41 -20.78 -9.96
CA UNK C 478 -29.67 -21.00 -11.37
C UNK C 478 -28.56 -20.40 -12.22
N UNK C 479 -34.56 -0.10 0.42
CA UNK C 479 -34.21 -1.07 1.45
C UNK C 479 -35.46 -1.52 2.21
N UNK C 480 -36.63 -1.20 1.66
CA UNK C 480 -37.89 -1.58 2.29
C UNK C 480 -38.01 -3.09 2.36
N UNK C 481 -37.61 -3.78 1.28
CA UNK C 481 -37.67 -5.23 1.23
C UNK C 481 -36.75 -5.82 2.29
N UNK C 482 -35.57 -5.23 2.45
CA UNK C 482 -34.60 -5.69 3.44
C UNK C 482 -35.19 -5.51 4.83
N UNK C 483 -35.86 -4.38 5.06
CA UNK C 483 -36.47 -4.11 6.36
C UNK C 483 -37.55 -5.14 6.65
N UNK C 484 -38.33 -5.49 5.63
CA UNK C 484 -39.39 -6.48 5.78
C UNK C 484 -38.79 -7.83 6.14
N UNK C 485 -37.68 -8.17 5.49
CA UNK C 485 -36.99 -9.42 5.74
C UNK C 485 -36.49 -9.46 7.17
N UNK C 486 -35.95 -8.33 7.64
CA UNK C 486 -35.45 -8.22 8.99
C UNK C 486 -36.58 -8.41 9.99
N UNK C 487 -37.74 -7.83 9.69
CA UNK C 487 -38.90 -7.96 10.56
C UNK C 487 -39.33 -9.43 10.64
N UNK C 488 -39.31 -10.10 9.49
CA UNK C 488 -39.68 -11.51 9.44
C UNK C 488 -38.72 -12.34 10.28
N UNK C 489 -37.43 -12.02 10.18
CA UNK C 489 -36.39 -12.70 10.94
C UNK C 489 -36.62 -12.51 12.43
N UNK C 490 -36.97 -11.29 12.81
CA UNK C 490 -37.24 -10.97 14.21
C UNK C 490 -38.42 -11.78 14.71
N UNK C 491 -39.46 -11.89 13.87
CA UNK C 491 -40.64 -12.66 14.24
C UNK C 491 -40.27 -14.13 14.44
N UNK C 492 -39.42 -14.64 13.55
CA UNK C 492 -38.97 -16.03 13.64
C UNK C 492 -38.20 -16.25 14.94
N UNK C 493 -37.36 -15.28 15.29
CA UNK C 493 -36.56 -15.35 16.51
C UNK C 493 -37.48 -15.37 17.72
N UNK C 494 -38.53 -14.55 17.68
CA UNK C 494 -39.49 -14.48 18.77
C UNK C 494 -40.21 -15.82 18.91
N UNK C 495 -40.55 -16.43 17.79
CA UNK C 495 -41.24 -17.72 17.79
C UNK C 495 -40.24 -18.86 17.93
N UNK C 496 -19.40 -22.39 -3.87
CA UNK C 496 -19.29 -22.59 -2.43
C UNK C 496 -20.08 -21.52 -1.69
N UNK C 497 -19.96 -20.27 -2.15
CA UNK C 497 -20.66 -19.16 -1.54
C UNK C 497 -22.17 -19.37 -1.66
N UNK C 498 -22.61 -19.82 -2.83
CA UNK C 498 -24.02 -20.07 -3.06
C UNK C 498 -24.53 -21.15 -2.12
N UNK C 499 -23.72 -22.20 -1.95
CA UNK C 499 -24.08 -23.30 -1.06
C UNK C 499 -24.22 -22.80 0.37
N UNK C 500 -23.28 -21.93 0.78
CA UNK C 500 -23.30 -21.36 2.12
C UNK C 500 -24.56 -20.53 2.31
N UNK C 501 -24.93 -19.76 1.29
CA UNK C 501 -26.13 -18.93 1.35
C UNK C 501 -27.36 -19.81 1.49
N UNK C 502 -27.38 -20.93 0.76
CA UNK C 502 -28.50 -21.86 0.82
C UNK C 502 -28.61 -22.44 2.23
N UNK C 503 -27.46 -22.77 2.82
CA UNK C 503 -27.44 -23.33 4.16
C UNK C 503 -27.99 -22.30 5.16
N UNK C 504 -27.59 -21.04 4.97
CA UNK C 504 -28.06 -19.97 5.84
C UNK C 504 -29.57 -19.82 5.73
N UNK C 505 -30.08 -19.90 4.50
CA UNK C 505 -31.51 -19.80 4.26
C UNK C 505 -32.24 -20.94 4.95
N UNK C 506 -31.67 -22.14 4.88
CA UNK C 506 -32.28 -23.30 5.51
C UNK C 506 -32.32 -23.10 7.01
N UNK C 507 -31.24 -22.57 7.57
CA UNK C 507 -31.17 -22.32 9.01
C UNK C 507 -32.24 -21.31 9.42
N UNK C 508 -32.41 -20.28 8.60
CA UNK C 508 -33.41 -19.25 8.87
C UNK C 508 -34.81 -19.86 8.84
N UNK C 509 -35.04 -20.75 7.88
CA UNK C 509 -36.34 -21.41 7.75
C UNK C 509 -36.60 -22.27 8.99
N UNK C 510 -35.57 -22.96 9.47
CA UNK C 510 -35.69 -23.79 10.65
C UNK C 510 -36.05 -22.92 11.85
N UNK C 511 -35.39 -21.77 11.95
CA UNK C 511 -35.65 -20.84 13.06
C UNK C 511 -37.09 -20.36 13.01
N UNK C 512 -37.57 -20.07 11.81
CA UNK C 512 -38.94 -19.60 11.61
C UNK C 512 -39.93 -20.69 12.04
N UNK C 513 -39.62 -21.94 11.70
CA UNK C 513 -40.48 -23.06 12.05
C UNK C 513 -40.02 -23.72 13.34
N UNK C 514 -20.33 -11.50 -2.85
CA UNK C 514 -20.92 -12.82 -2.61
C UNK C 514 -20.44 -13.38 -1.26
N UNK C 515 -19.13 -13.54 -1.14
CA UNK C 515 -18.54 -14.07 0.09
C UNK C 515 -18.82 -13.11 1.26
N UNK C 516 -18.71 -11.82 1.00
CA UNK C 516 -18.97 -10.81 2.01
C UNK C 516 -20.42 -10.88 2.47
N UNK C 517 -21.32 -11.07 1.50
CA UNK C 517 -22.75 -11.17 1.79
C UNK C 517 -23.01 -12.40 2.66
N UNK C 518 -22.34 -13.50 2.33
CA UNK C 518 -22.48 -14.74 3.10
C UNK C 518 -22.01 -14.51 4.53
N UNK C 519 -20.90 -13.80 4.69
CA UNK C 519 -20.34 -13.50 6.01
C UNK C 519 -21.33 -12.66 6.79
N UNK C 520 -21.96 -11.69 6.13
CA UNK C 520 -22.94 -10.82 6.76
C UNK C 520 -24.14 -11.64 7.24
N UNK C 521 -24.56 -12.59 6.41
CA UNK C 521 -25.67 -13.47 6.75
C UNK C 521 -25.32 -14.29 7.98
N UNK C 522 -24.09 -14.79 8.02
CA UNK C 522 -23.62 -15.59 9.15
C UNK C 522 -23.63 -14.74 10.43
N UNK C 523 -23.20 -13.49 10.30
CA UNK C 523 -23.17 -12.58 11.44
C UNK C 523 -24.59 -12.35 11.95
N UNK C 524 -25.54 -12.18 11.02
CA UNK C 524 -26.93 -11.97 11.36
C UNK C 524 -27.48 -13.19 12.10
N UNK C 525 -27.11 -14.37 11.62
CA UNK C 525 -27.54 -15.62 12.24
C UNK C 525 -27.01 -15.71 13.67
N UNK C 526 -25.76 -15.30 13.85
CA UNK C 526 -25.13 -15.34 15.17
C UNK C 526 -25.98 -14.60 16.19
N UNK D 1 -1.84 123.23 19.59
CA UNK D 1 -1.48 123.79 20.89
C UNK D 1 -2.64 124.58 21.49
N UNK D 2 -3.46 125.17 20.62
CA UNK D 2 -4.62 125.93 21.09
C UNK D 2 -5.62 125.02 21.78
N UNK D 3 -5.72 123.77 21.33
CA UNK D 3 -6.63 122.82 21.97
C UNK D 3 -6.24 122.57 23.42
N UNK D 4 -4.93 122.52 23.69
CA UNK D 4 -4.46 122.37 25.07
C UNK D 4 -4.85 123.58 25.91
N UNK D 5 -4.75 124.78 25.32
CA UNK D 5 -5.14 126.00 26.04
C UNK D 5 -6.63 125.99 26.36
N UNK D 6 -7.45 125.55 25.41
CA UNK D 6 -8.88 125.47 25.65
C UNK D 6 -9.21 124.47 26.76
N UNK D 7 -8.49 123.35 26.77
CA UNK D 7 -8.69 122.35 27.83
C UNK D 7 -8.31 122.92 29.19
N UNK D 8 -7.21 123.69 29.25
CA UNK D 8 -6.81 124.31 30.50
C UNK D 8 -7.85 125.33 30.97
N UNK D 9 -8.41 126.10 30.02
CA UNK D 9 -9.44 127.07 30.37
C UNK D 9 -10.69 126.39 30.90
N UNK D 10 -11.07 125.26 30.30
CA UNK D 10 -12.23 124.52 30.78
C UNK D 10 -11.99 123.97 32.17
N UNK D 11 -10.76 123.53 32.45
CA UNK D 11 -10.45 123.02 33.79
C UNK D 11 -10.52 124.12 34.83
N UNK D 12 -10.04 125.32 34.48
CA UNK D 12 -10.07 126.44 35.41
C UNK D 12 -11.50 126.83 35.76
N UNK D 13 -12.38 126.87 34.76
CA UNK D 13 -13.78 127.21 35.01
C UNK D 13 -14.44 126.12 35.86
N UNK D 14 -14.13 124.85 35.59
CA UNK D 14 -14.71 123.76 36.35
C UNK D 14 -14.25 123.79 37.81
N UNK D 15 -12.96 123.99 38.02
CA UNK D 15 -12.41 124.06 39.37
C UNK D 15 -12.91 125.30 40.11
N UNK D 16 -10.20 131.75 19.49
CA UNK D 16 -10.76 130.48 19.93
C UNK D 16 -11.62 129.86 18.83
N UNK D 17 -12.47 130.68 18.21
CA UNK D 17 -13.33 130.20 17.13
C UNK D 17 -12.50 129.75 15.94
N UNK D 18 -11.46 130.51 15.59
CA UNK D 18 -10.60 130.14 14.47
C UNK D 18 -9.89 128.83 14.74
N UNK D 19 -9.41 128.63 15.97
CA UNK D 19 -8.78 127.36 16.33
C UNK D 19 -9.79 126.23 16.29
N UNK D 20 -11.04 126.51 16.66
CA UNK D 20 -12.08 125.48 16.65
C UNK D 20 -12.35 124.99 15.23
N UNK D 21 -12.51 125.91 14.29
CA UNK D 21 -12.73 125.53 12.90
C UNK D 21 -11.51 124.80 12.33
N UNK D 22 -10.32 125.19 12.79
CA UNK D 22 -9.10 124.51 12.35
C UNK D 22 -9.06 123.07 12.87
N UNK D 23 -9.60 122.85 14.08
CA UNK D 23 -9.54 121.53 14.69
C UNK D 23 -10.35 120.51 13.90
N UNK D 24 -11.59 120.86 13.56
CA UNK D 24 -12.44 119.94 12.81
C UNK D 24 -11.87 119.66 11.43
N UNK D 25 -11.17 120.64 10.86
CA UNK D 25 -10.57 120.46 9.54
C UNK D 25 -9.55 119.33 9.53
N UNK D 26 -8.85 119.13 10.64
CA UNK D 26 -7.96 117.98 10.77
C UNK D 26 -8.72 116.69 10.54
N UNK D 27 -9.97 116.64 10.99
CA UNK D 27 -10.84 115.50 10.72
C UNK D 27 -11.57 115.69 9.39
N UNK D 28 -18.49 118.82 5.48
CA UNK D 28 -19.79 118.87 6.16
C UNK D 28 -19.76 118.02 7.43
N UNK D 29 -19.19 116.82 7.33
CA UNK D 29 -19.11 115.93 8.48
C UNK D 29 -18.26 116.54 9.59
N UNK D 30 -17.14 117.15 9.22
CA UNK D 30 -16.28 117.81 10.21
C UNK D 30 -17.00 118.97 10.87
N UNK D 31 -17.87 119.66 10.13
CA UNK D 31 -18.68 120.72 10.71
C UNK D 31 -19.60 120.17 11.80
N UNK D 32 -20.11 118.96 11.59
CA UNK D 32 -20.98 118.34 12.59
C UNK D 32 -20.20 118.00 13.86
N UNK D 33 -18.99 117.47 13.70
CA UNK D 33 -18.18 117.08 14.85
C UNK D 33 -17.77 118.30 15.66
N UNK D 34 -17.41 119.40 14.99
CA UNK D 34 -16.97 120.59 15.69
C UNK D 34 -18.10 121.22 16.49
N UNK D 35 -19.30 121.28 15.90
CA UNK D 35 -20.44 121.87 16.60
C UNK D 35 -20.81 121.06 17.83
N UNK D 36 -20.77 119.73 17.72
CA UNK D 36 -21.09 118.88 18.87
C UNK D 36 -20.06 119.06 19.98
N UNK D 37 -18.79 119.22 19.61
CA UNK D 37 -17.75 119.43 20.61
C UNK D 37 -17.93 120.77 21.33
N UNK D 38 -18.30 121.80 20.57
CA UNK D 38 -18.49 123.12 21.18
C UNK D 38 -19.66 123.12 22.15
N UNK D 39 -20.76 122.44 21.77
CA UNK D 39 -21.92 122.37 22.65
C UNK D 39 -21.59 121.64 23.95
N UNK D 40 -20.67 120.68 23.89
CA UNK D 40 -20.23 119.99 25.10
C UNK D 40 -19.53 120.96 26.05
N UNK D 41 -18.77 121.90 25.50
CA UNK D 41 -18.08 122.87 26.34
C UNK D 41 -19.08 123.77 27.07
N UNK D 42 -20.14 124.19 26.38
CA UNK D 42 -21.18 124.98 27.04
C UNK D 42 -21.91 124.14 28.08
N UNK D 43 -22.07 122.84 27.82
CA UNK D 43 -22.72 121.97 28.78
C UNK D 43 -21.88 121.84 30.05
N UNK D 44 -20.57 121.69 29.91
CA UNK D 44 -19.70 121.64 31.09
C UNK D 44 -19.70 122.98 31.81
N UNK D 45 -19.68 124.08 31.07
CA UNK D 45 -19.76 125.40 31.69
C UNK D 45 -21.10 125.59 32.38
N UNK D 46 -22.17 125.04 31.82
CA UNK D 46 -23.48 125.12 32.45
C UNK D 46 -23.49 124.38 33.79
N UNK D 47 -22.83 123.22 33.84
CA UNK D 47 -22.76 122.48 35.09
C UNK D 47 -21.92 123.22 36.13
N UNK D 48 -20.87 123.91 35.68
CA UNK D 48 -20.03 124.66 36.60
C UNK D 48 -20.80 125.82 37.23
N UNK D 49 -21.64 126.48 36.43
CA UNK D 49 -22.43 127.61 36.92
C UNK D 49 -23.60 127.13 37.77
N UNK D 50 -13.04 115.90 40.03
CA UNK D 50 -12.10 116.89 39.50
C UNK D 50 -10.98 116.19 38.71
N UNK D 51 -10.56 115.02 39.19
CA UNK D 51 -9.50 114.28 38.51
C UNK D 51 -9.96 113.79 37.13
N UNK D 52 -11.15 113.19 37.08
CA UNK D 52 -11.68 112.72 35.80
C UNK D 52 -11.99 113.89 34.87
N UNK D 53 -12.45 115.01 35.43
CA UNK D 53 -12.77 116.17 34.62
C UNK D 53 -11.53 116.73 33.94
N UNK D 54 -10.43 116.85 34.70
CA UNK D 54 -9.19 117.36 34.12
C UNK D 54 -8.64 116.40 33.07
N UNK D 55 -8.68 115.10 33.35
CA UNK D 55 -8.22 114.11 32.38
C UNK D 55 -9.08 114.13 31.13
N UNK D 56 -10.40 114.23 31.30
CA UNK D 56 -11.29 114.32 30.15
C UNK D 56 -11.05 115.60 29.36
N UNK D 57 -10.80 116.71 30.07
CA UNK D 57 -10.46 117.94 29.39
C UNK D 57 -9.16 117.81 28.60
N UNK D 58 -8.17 117.13 29.18
CA UNK D 58 -6.93 116.85 28.45
C UNK D 58 -7.19 115.95 27.24
N UNK D 59 -8.16 115.03 27.37
CA UNK D 59 -8.52 114.17 26.24
C UNK D 59 -9.10 115.00 25.10
N UNK D 60 -9.94 115.99 25.43
CA UNK D 60 -10.51 116.83 24.38
C UNK D 60 -9.46 117.65 23.67
N UNK D 61 -8.47 118.15 24.42
CA UNK D 61 -7.40 118.94 23.79
C UNK D 61 -6.59 118.08 22.83
N UNK D 62 -6.31 116.84 23.20
CA UNK D 62 -5.61 115.95 22.28
C UNK D 62 -6.48 115.58 21.08
N UNK D 63 -7.81 115.61 21.27
CA UNK D 63 -8.72 115.22 20.19
C UNK D 63 -8.56 116.13 18.97
N UNK D 64 -8.48 117.44 19.20
CA UNK D 64 -8.20 118.35 18.09
C UNK D 64 -6.79 118.14 17.56
N UNK D 65 -5.89 117.63 18.41
CA UNK D 65 -4.49 117.46 17.99
C UNK D 65 -4.34 116.36 16.95
N UNK D 66 -4.90 115.19 17.22
CA UNK D 66 -4.76 114.05 16.31
C UNK D 66 -5.49 114.30 15.00
N UNK D 67 -22.06 115.99 37.65
CA UNK D 67 -21.52 116.73 36.51
C UNK D 67 -20.43 115.91 35.81
N UNK D 68 -19.57 115.28 36.61
CA UNK D 68 -18.51 114.45 36.04
C UNK D 68 -19.08 113.24 35.31
N UNK D 69 -20.09 112.60 35.91
CA UNK D 69 -20.69 111.42 35.29
C UNK D 69 -21.35 111.77 33.97
N UNK D 70 -22.04 112.92 33.91
CA UNK D 70 -22.66 113.37 32.67
C UNK D 70 -21.60 113.66 31.61
N UNK D 71 -20.43 114.14 32.04
CA UNK D 71 -19.36 114.45 31.10
C UNK D 71 -18.86 113.19 30.39
N UNK D 72 -18.65 112.12 31.16
CA UNK D 72 -18.17 110.87 30.55
C UNK D 72 -19.21 110.28 29.61
N UNK D 73 -20.48 110.38 29.99
CA UNK D 73 -21.56 109.87 29.15
C UNK D 73 -21.55 110.60 27.82
N UNK D 74 -21.39 111.92 27.89
CA UNK D 74 -21.36 112.75 26.70
C UNK D 74 -20.17 112.38 25.83
N UNK D 75 -19.02 112.14 26.44
CA UNK D 75 -17.82 111.76 25.70
C UNK D 75 -18.05 110.44 24.97
N UNK D 76 -18.69 109.50 25.66
CA UNK D 76 -18.99 108.19 25.07
C UNK D 76 -19.92 108.36 23.89
N UNK D 77 -20.91 109.24 24.03
CA UNK D 77 -21.87 109.51 22.97
C UNK D 77 -21.15 110.10 21.76
N UNK D 78 -20.21 111.00 22.02
CA UNK D 78 -19.43 111.63 20.96
C UNK D 78 -18.61 110.58 20.23
N UNK D 79 -18.02 109.66 20.98
CA UNK D 79 -17.22 108.59 20.40
C UNK D 79 -18.10 107.72 19.51
N UNK D 80 -19.31 107.43 19.98
CA UNK D 80 -20.24 106.61 19.22
C UNK D 80 -20.61 107.32 17.92
N UNK D 81 -20.82 108.62 17.99
CA UNK D 81 -21.16 109.42 16.83
C UNK D 81 -20.02 109.39 15.82
N UNK D 82 -18.79 109.48 16.33
CA UNK D 82 -17.62 109.45 15.47
C UNK D 82 -17.53 108.10 14.76
N UNK D 83 -17.82 107.04 15.50
CA UNK D 83 -17.79 105.69 14.94
C UNK D 83 -18.84 105.57 13.83
N UNK D 84 -20.02 106.14 14.08
CA UNK D 84 -21.10 106.10 13.10
C UNK D 84 -20.68 106.85 11.84
N UNK D 85 -20.02 108.00 12.02
CA UNK D 85 -19.56 108.80 10.90
C UNK D 85 -18.54 108.01 10.09
N UNK D 86 -17.64 107.30 10.78
CA UNK D 86 -16.64 106.48 10.13
C UNK D 86 -17.29 105.37 9.31
N UNK D 87 -18.34 104.77 9.88
CA UNK D 87 -19.06 103.70 9.22
C UNK D 87 -19.95 104.24 8.11
N UNK D 88 -12.76 103.83 38.20
CA UNK D 88 -13.71 104.22 37.17
C UNK D 88 -13.24 105.46 36.42
N UNK D 89 -12.48 106.31 37.11
CA UNK D 89 -11.96 107.53 36.49
C UNK D 89 -10.93 107.19 35.40
N UNK D 90 -10.06 106.22 35.69
CA UNK D 90 -8.91 105.97 34.82
C UNK D 90 -9.33 105.36 33.49
N UNK D 91 -9.90 104.15 33.54
CA UNK D 91 -10.14 103.38 32.32
C UNK D 91 -11.14 104.09 31.41
N UNK D 92 -12.08 104.83 31.99
CA UNK D 92 -13.01 105.60 31.17
C UNK D 92 -12.28 106.70 30.42
N UNK D 93 -11.33 107.38 31.07
CA UNK D 93 -10.61 108.47 30.43
C UNK D 93 -9.73 107.96 29.30
N UNK D 94 -9.01 106.85 29.53
CA UNK D 94 -8.20 106.25 28.47
C UNK D 94 -9.09 105.72 27.35
N UNK D 95 -10.29 105.24 27.70
CA UNK D 95 -11.23 104.76 26.70
C UNK D 95 -11.60 105.89 25.72
N UNK D 96 -11.65 107.13 26.21
CA UNK D 96 -11.87 108.26 25.33
C UNK D 96 -10.68 108.48 24.42
N UNK D 97 -9.47 108.49 24.99
CA UNK D 97 -8.26 108.75 24.21
C UNK D 97 -8.05 107.68 23.15
N UNK D 98 -8.32 106.42 23.50
CA UNK D 98 -8.31 105.35 22.50
C UNK D 98 -9.40 105.58 21.46
N UNK D 99 -10.55 106.09 21.90
CA UNK D 99 -11.58 106.53 20.96
C UNK D 99 -11.08 107.70 20.12
N UNK D 100 -10.18 108.51 20.67
CA UNK D 100 -9.61 109.62 19.92
C UNK D 100 -8.71 109.13 18.79
N UNK D 101 -7.86 108.15 19.08
CA UNK D 101 -6.91 107.67 18.07
C UNK D 101 -7.64 106.96 16.93
N UNK D 102 -8.74 106.27 17.24
CA UNK D 102 -9.46 105.53 16.21
C UNK D 102 -10.22 106.47 15.29
N UNK D 103 -10.91 107.46 15.86
CA UNK D 103 -11.82 108.30 15.08
C UNK D 103 -11.05 109.18 14.08
N UNK D 104 -10.02 109.87 14.54
CA UNK D 104 -9.25 110.77 13.69
C UNK D 104 -8.53 110.00 12.58
N UNK D 105 -11.19 97.28 11.20
CA UNK D 105 -11.93 98.52 11.06
C UNK D 105 -13.33 98.38 11.65
N UNK D 106 -14.21 97.68 10.94
CA UNK D 106 -15.57 97.48 11.40
C UNK D 106 -15.57 96.68 12.71
N UNK D 107 -14.72 95.67 12.79
CA UNK D 107 -14.62 94.85 13.98
C UNK D 107 -14.16 95.70 15.16
N UNK D 108 -13.19 96.57 14.91
CA UNK D 108 -12.67 97.45 15.94
C UNK D 108 -13.77 98.39 16.43
N UNK D 109 -14.56 98.91 15.49
CA UNK D 109 -15.67 99.80 15.84
C UNK D 109 -16.68 99.06 16.71
N UNK D 110 -16.96 97.81 16.36
CA UNK D 110 -17.91 97.00 17.12
C UNK D 110 -17.38 96.77 18.53
N UNK D 111 -16.07 96.53 18.64
CA UNK D 111 -15.44 96.32 19.94
C UNK D 111 -15.56 97.58 20.79
N UNK D 112 -15.35 98.73 20.15
CA UNK D 112 -15.45 100.01 20.85
C UNK D 112 -16.87 100.21 21.36
N UNK D 113 -17.85 99.86 20.54
CA UNK D 113 -19.25 100.00 20.91
C UNK D 113 -19.56 99.11 22.11
N UNK D 114 -19.02 97.88 22.08
CA UNK D 114 -19.23 96.94 23.16
C UNK D 114 -18.62 97.48 24.45
N UNK D 115 -17.44 98.07 24.33
CA UNK D 115 -16.76 98.64 25.49
C UNK D 115 -17.60 99.77 26.08
N UNK D 116 -18.17 100.61 25.20
CA UNK D 116 -19.01 101.71 25.64
C UNK D 116 -20.23 101.17 26.38
N UNK D 117 -20.82 100.11 25.85
CA UNK D 117 -21.98 99.49 26.47
C UNK D 117 -21.62 98.96 27.85
N UNK D 118 -20.44 98.34 27.96
CA UNK D 118 -19.99 97.80 29.23
C UNK D 118 -19.80 98.93 30.24
N UNK D 119 -19.25 100.04 29.78
CA UNK D 119 -19.04 101.19 30.64
C UNK D 119 -20.38 101.73 31.14
N UNK D 120 -21.36 101.77 30.25
CA UNK D 120 -22.69 102.24 30.60
C UNK D 120 -23.30 101.31 31.66
N UNK D 121 -23.11 100.01 31.48
CA UNK D 121 -23.62 99.03 32.42
C UNK D 121 -22.98 99.22 33.79
N UNK D 122 -21.67 99.49 33.79
CA UNK D 122 -20.93 99.68 35.03
C UNK D 122 -21.31 101.02 35.68
N UNK D 123 -8.55 96.98 38.30
CA UNK D 123 -7.44 96.85 37.35
C UNK D 123 -7.84 95.97 36.18
N UNK D 124 -8.69 94.98 36.45
CA UNK D 124 -9.14 94.06 35.41
C UNK D 124 -9.90 94.81 34.32
N UNK D 125 -10.74 95.75 34.73
CA UNK D 125 -11.52 96.55 33.79
C UNK D 125 -10.59 97.37 32.91
N UNK D 126 -9.56 97.94 33.52
CA UNK D 126 -8.57 98.74 32.80
C UNK D 126 -7.85 97.87 31.79
N UNK D 127 -7.50 96.65 32.19
CA UNK D 127 -6.82 95.71 31.30
C UNK D 127 -7.71 95.38 30.11
N UNK D 128 -9.00 95.18 30.37
CA UNK D 128 -9.96 94.87 29.32
C UNK D 128 -10.04 96.04 28.34
N UNK D 129 -10.06 97.26 28.88
CA UNK D 129 -10.12 98.46 28.06
C UNK D 129 -8.88 98.56 27.18
N UNK D 130 -7.73 98.23 27.75
CA UNK D 130 -6.47 98.25 27.01
C UNK D 130 -6.51 97.24 25.87
N UNK D 131 -7.06 96.06 26.16
CA UNK D 131 -7.18 95.02 25.15
C UNK D 131 -8.08 95.49 24.02
N UNK D 132 -9.18 96.15 24.37
CA UNK D 132 -10.12 96.67 23.38
C UNK D 132 -9.42 97.71 22.50
N UNK D 133 -8.61 98.55 23.13
CA UNK D 133 -7.88 99.59 22.40
C UNK D 133 -6.90 98.94 21.42
N UNK D 134 -6.25 97.87 21.88
CA UNK D 134 -5.29 97.16 21.04
C UNK D 134 -6.01 96.56 19.84
N UNK D 135 -7.19 96.01 20.07
CA UNK D 135 -8.00 95.42 19.01
C UNK D 135 -8.38 96.49 18.00
N UNK D 136 -8.75 97.67 18.49
CA UNK D 136 -9.13 98.78 17.64
C UNK D 136 -7.95 99.21 16.77
N UNK D 137 -6.76 99.23 17.38
CA UNK D 137 -5.55 99.64 16.68
C UNK D 137 -5.28 98.73 15.49
N UNK D 138 -21.27 83.20 11.70
CA UNK D 138 -20.27 83.32 12.75
C UNK D 138 -20.25 84.74 13.31
N UNK D 139 -20.45 85.72 12.44
CA UNK D 139 -20.45 87.11 12.85
C UNK D 139 -21.58 87.37 13.85
N UNK D 140 -22.74 86.79 13.58
CA UNK D 140 -23.89 86.96 14.46
C UNK D 140 -23.58 86.38 15.84
N UNK D 141 -22.95 85.22 15.85
CA UNK D 141 -22.58 84.56 17.10
C UNK D 141 -21.59 85.42 17.88
N UNK D 142 -20.65 86.02 17.16
CA UNK D 142 -19.65 86.89 17.78
C UNK D 142 -20.34 88.09 18.41
N UNK D 143 -21.31 88.65 17.69
CA UNK D 143 -22.06 89.80 18.16
C UNK D 143 -22.83 89.44 19.43
N UNK D 144 -23.42 88.24 19.44
CA UNK D 144 -24.16 87.76 20.60
C UNK D 144 -23.23 87.64 21.80
N UNK D 145 -22.03 87.11 21.55
CA UNK D 145 -21.05 86.96 22.62
C UNK D 145 -20.66 88.32 23.18
N UNK D 146 -20.48 89.29 22.28
CA UNK D 146 -20.12 90.64 22.69
C UNK D 146 -21.23 91.25 23.54
N UNK D 147 -22.48 91.00 23.14
CA UNK D 147 -23.63 91.51 23.88
C UNK D 147 -23.67 90.90 25.27
N UNK D 148 -23.36 89.60 25.35
CA UNK D 148 -23.35 88.91 26.63
C UNK D 148 -22.27 89.52 27.53
N UNK D 149 -21.11 89.81 26.94
CA UNK D 149 -20.02 90.40 27.70
C UNK D 149 -20.43 91.77 28.23
N UNK D 150 -21.11 92.54 27.38
CA UNK D 150 -21.58 93.87 27.77
C UNK D 150 -22.56 93.76 28.93
N UNK D 151 -23.45 92.77 28.86
CA UNK D 151 -24.43 92.55 29.91
C UNK D 151 -23.72 92.21 31.22
N UNK D 152 -22.68 91.38 31.12
CA UNK D 152 -21.91 90.99 32.30
C UNK D 152 -21.23 92.21 32.91
N UNK D 153 -20.71 93.09 32.05
CA UNK D 153 -20.04 94.30 32.51
C UNK D 153 -21.06 95.37 32.89
N UNK D 154 -9.60 90.26 11.76
CA UNK D 154 -10.80 91.04 12.04
C UNK D 154 -11.77 90.24 12.90
N UNK D 155 -12.50 89.33 12.25
CA UNK D 155 -13.48 88.50 12.96
C UNK D 155 -12.78 87.63 13.99
N UNK D 156 -11.64 87.07 13.61
CA UNK D 156 -10.87 86.21 14.50
C UNK D 156 -10.41 87.01 15.72
N UNK D 157 -9.96 88.24 15.47
CA UNK D 157 -9.50 89.12 16.54
C UNK D 157 -10.66 89.42 17.48
N UNK D 158 -11.84 89.67 16.92
CA UNK D 158 -13.02 89.95 17.71
C UNK D 158 -13.37 88.75 18.59
N UNK D 159 -13.26 87.56 18.02
CA UNK D 159 -13.54 86.33 18.76
C UNK D 159 -12.55 86.18 19.91
N UNK D 160 -11.29 86.50 19.65
CA UNK D 160 -10.25 86.42 20.68
C UNK D 160 -10.56 87.40 21.80
N UNK D 161 -11.01 88.60 21.44
CA UNK D 161 -11.36 89.61 22.42
C UNK D 161 -12.51 89.13 23.28
N UNK D 162 -13.50 88.50 22.64
CA UNK D 162 -14.65 87.97 23.36
C UNK D 162 -14.21 86.90 24.35
N UNK D 163 -13.28 86.05 23.91
CA UNK D 163 -12.75 84.98 24.76
C UNK D 163 -12.03 85.59 25.96
N UNK D 164 -11.27 86.65 25.72
CA UNK D 164 -10.55 87.34 26.80
C UNK D 164 -11.54 87.92 27.79
N UNK D 165 -12.62 88.50 27.28
CA UNK D 165 -13.65 89.08 28.13
C UNK D 165 -14.29 88.00 29.00
N UNK D 166 -14.53 86.84 28.41
CA UNK D 166 -15.12 85.72 29.15
C UNK D 166 -14.15 85.28 30.25
N UNK D 167 -12.87 85.22 29.91
CA UNK D 167 -11.83 84.83 30.86
C UNK D 167 -11.74 85.83 32.00
N UNK D 168 -11.88 87.11 31.66
CA UNK D 168 -11.84 88.24 32.59
C UNK D 168 -13.00 88.25 33.58
N UNK D 169 -14.20 87.92 33.09
CA UNK D 169 -15.38 87.88 33.94
C UNK D 169 -15.21 86.80 35.00
N UNK D 170 -14.66 85.65 34.60
CA UNK D 170 -14.43 84.55 35.52
C UNK D 170 -13.42 84.96 36.57
N UNK D 171 -12.38 85.69 36.15
CA UNK D 171 -11.36 86.16 37.07
C UNK D 171 -11.98 87.12 38.09
N UNK D 172 -12.87 87.98 37.63
CA UNK D 172 -13.56 88.94 38.49
C UNK D 172 -14.41 88.19 39.50
N UNK D 173 -15.08 87.12 39.05
CA UNK D 173 -15.93 86.33 39.92
C UNK D 173 -15.09 85.56 40.93
N UNK D 174 -13.53 75.96 12.37
CA UNK D 174 -13.79 75.77 13.79
C UNK D 174 -14.60 76.94 14.35
N UNK D 175 -15.04 77.82 13.47
CA UNK D 175 -15.84 78.98 13.87
C UNK D 175 -17.15 78.53 14.49
N UNK D 176 -17.76 77.52 13.89
CA UNK D 176 -19.03 76.98 14.39
C UNK D 176 -18.83 76.39 15.78
N UNK D 177 -17.71 75.69 15.96
CA UNK D 177 -17.40 75.09 17.26
C UNK D 177 -17.22 76.18 18.30
N UNK D 178 -16.55 77.26 17.92
CA UNK D 178 -16.32 78.38 18.83
C UNK D 178 -17.65 79.00 19.22
N UNK D 179 -18.56 79.13 18.25
CA UNK D 179 -19.87 79.70 18.49
C UNK D 179 -20.64 78.82 19.47
N UNK D 180 -20.53 77.50 19.29
CA UNK D 180 -21.20 76.54 20.15
C UNK D 180 -20.66 76.67 21.57
N UNK D 181 -19.35 76.84 21.70
CA UNK D 181 -18.71 76.98 23.00
C UNK D 181 -19.23 78.25 23.68
N UNK D 182 -19.36 79.32 22.91
CA UNK D 182 -19.85 80.59 23.44
C UNK D 182 -21.27 80.42 23.93
N UNK D 183 -22.08 79.69 23.15
CA UNK D 183 -23.48 79.45 23.52
C UNK D 183 -23.54 78.66 24.82
N UNK D 184 -22.66 77.68 24.95
CA UNK D 184 -22.62 76.85 26.16
C UNK D 184 -22.26 77.71 27.36
N UNK D 185 -21.31 78.63 27.16
CA UNK D 185 -20.89 79.53 28.24
C UNK D 185 -22.06 80.41 28.65
N UNK D 186 -22.81 80.90 27.66
CA UNK D 186 -23.97 81.74 27.93
C UNK D 186 -25.01 80.97 28.73
N UNK D 187 -25.20 79.70 28.36
CA UNK D 187 -26.17 78.84 29.04
C UNK D 187 -25.73 78.64 30.49
N UNK D 188 -24.44 78.44 30.70
CA UNK D 188 -23.89 78.27 32.04
C UNK D 188 -24.12 79.52 32.87
N UNK D 189 -23.93 80.68 32.25
CA UNK D 189 -24.10 81.95 32.94
C UNK D 189 -25.57 82.37 32.93
N UNK D 190 -14.52 73.46 42.11
CA UNK D 190 -14.77 72.17 41.48
C UNK D 190 -15.50 72.37 40.15
N UNK D 191 -16.83 72.49 40.23
CA UNK D 191 -17.65 72.69 39.03
C UNK D 191 -17.27 73.99 38.33
N UNK D 192 -17.05 75.04 39.13
CA UNK D 192 -16.67 76.33 38.57
C UNK D 192 -15.33 76.22 37.86
N UNK D 193 -14.40 75.49 38.48
CA UNK D 193 -13.07 75.29 37.90
C UNK D 193 -13.20 74.54 36.57
N UNK D 194 -14.07 73.54 36.54
CA UNK D 194 -14.29 72.75 35.33
C UNK D 194 -14.85 73.65 34.23
N UNK D 195 -15.77 74.53 34.61
CA UNK D 195 -16.38 75.45 33.65
C UNK D 195 -15.32 76.39 33.09
N UNK D 196 -14.42 76.85 33.97
CA UNK D 196 -13.34 77.74 33.56
C UNK D 196 -12.42 77.02 32.57
N UNK D 197 -12.14 75.76 32.85
CA UNK D 197 -11.28 74.96 31.97
C UNK D 197 -11.95 74.80 30.61
N UNK D 198 -13.25 74.58 30.61
CA UNK D 198 -14.00 74.43 29.36
C UNK D 198 -13.94 75.74 28.57
N UNK D 199 -14.07 76.85 29.27
CA UNK D 199 -14.02 78.16 28.63
C UNK D 199 -12.65 78.38 28.01
N UNK D 200 -11.60 77.99 28.73
CA UNK D 200 -10.23 78.16 28.23
C UNK D 200 -10.00 77.28 27.01
N UNK D 201 -10.48 76.04 27.07
CA UNK D 201 -10.32 75.10 25.98
C UNK D 201 -11.00 75.60 24.71
N UNK D 202 -12.21 76.15 24.87
CA UNK D 202 -12.94 76.66 23.72
C UNK D 202 -12.18 77.80 23.06
N UNK D 203 -11.61 78.68 23.88
CA UNK D 203 -10.84 79.81 23.39
C UNK D 203 -9.62 79.31 22.64
N UNK D 204 -8.98 78.28 23.19
CA UNK D 204 -7.79 77.70 22.55
C UNK D 204 -8.16 77.11 21.19
N UNK D 205 -9.31 76.45 21.13
CA UNK D 205 -9.79 75.86 19.89
C UNK D 205 -10.04 76.94 18.86
N UNK D 206 -10.63 78.05 19.31
CA UNK D 206 -10.92 79.16 18.41
C UNK D 206 -9.61 79.73 17.86
N UNK D 207 -8.61 79.85 18.73
CA UNK D 207 -7.31 80.37 18.32
C UNK D 207 -6.68 79.44 17.28
N UNK D 208 -6.81 78.13 17.51
CA UNK D 208 -6.26 77.14 16.59
C UNK D 208 -6.95 77.27 15.23
N UNK D 209 -8.26 77.46 15.25
CA UNK D 209 -9.03 77.61 14.01
C UNK D 209 -8.56 78.85 13.27
N UNK D 210 -8.33 79.93 13.99
CA UNK D 210 -7.86 81.18 13.39
C UNK D 210 -6.49 80.96 12.76
N UNK D 211 -5.63 80.22 13.44
CA UNK D 211 -4.30 79.93 12.92
C UNK D 211 -4.40 79.11 11.64
N UNK D 212 -5.32 78.16 11.61
CA UNK D 212 -5.52 77.30 10.45
C UNK D 212 -5.73 78.13 9.19
N UNK D 213 -22.54 63.26 39.51
CA UNK D 213 -22.28 62.33 38.42
C UNK D 213 -22.85 62.86 37.11
N UNK D 214 -24.05 63.43 37.18
CA UNK D 214 -24.69 63.98 35.99
C UNK D 214 -23.87 65.12 35.42
N UNK D 215 -23.34 65.97 36.31
CA UNK D 215 -22.52 67.10 35.88
C UNK D 215 -21.27 66.60 35.18
N UNK D 216 -20.66 65.54 35.74
CA UNK D 216 -19.46 64.97 35.16
C UNK D 216 -19.78 64.41 33.77
N UNK D 217 -20.93 63.76 33.64
CA UNK D 217 -21.34 63.19 32.36
C UNK D 217 -21.52 64.31 31.34
N UNK D 218 -22.12 65.41 31.77
CA UNK D 218 -22.34 66.56 30.88
C UNK D 218 -21.00 67.12 30.43
N UNK D 219 -20.05 67.20 31.36
CA UNK D 219 -18.72 67.71 31.04
C UNK D 219 -18.04 66.80 30.01
N UNK D 220 -18.19 65.50 30.20
CA UNK D 220 -17.61 64.53 29.29
C UNK D 220 -18.21 64.69 27.90
N UNK D 221 -19.53 64.91 27.84
CA UNK D 221 -20.21 65.10 26.57
C UNK D 221 -19.69 66.35 25.89
N UNK D 222 -19.49 67.41 26.66
CA UNK D 222 -18.98 68.67 26.12
C UNK D 222 -17.58 68.46 25.55
N UNK D 223 -16.76 67.70 26.27
CA UNK D 223 -15.40 67.42 25.84
C UNK D 223 -15.43 66.64 24.53
N UNK D 224 -16.34 65.68 24.43
CA UNK D 224 -16.47 64.87 23.23
C UNK D 224 -16.86 65.77 22.05
N UNK D 225 -17.78 66.69 22.30
CA UNK D 225 -18.23 67.61 21.26
C UNK D 225 -17.06 68.47 20.78
N UNK D 226 -16.26 68.93 21.74
CA UNK D 226 -15.10 69.76 21.42
C UNK D 226 -14.11 68.97 20.56
N UNK D 227 -13.91 67.70 20.91
CA UNK D 227 -13.00 66.84 20.18
C UNK D 227 -13.50 66.66 18.75
N UNK D 228 -14.81 66.48 18.61
CA UNK D 228 -15.42 66.30 17.30
C UNK D 228 -15.23 67.56 16.46
N UNK D 229 -15.37 68.72 17.09
CA UNK D 229 -15.22 70.00 16.40
C UNK D 229 -13.74 70.26 16.09
N UNK D 230 -17.99 54.77 12.50
CA UNK D 230 -18.74 53.57 12.87
C UNK D 230 -18.92 53.50 14.38
N UNK D 231 -17.91 52.97 15.08
CA UNK D 231 -17.97 52.85 16.52
C UNK D 231 -18.07 54.22 17.17
N UNK D 232 -17.31 55.18 16.65
CA UNK D 232 -17.33 56.54 17.18
C UNK D 232 -18.71 57.15 17.01
N UNK D 233 -19.31 56.92 15.84
CA UNK D 233 -20.65 57.43 15.55
C UNK D 233 -21.66 56.81 16.51
N UNK D 234 -21.51 55.52 16.77
CA UNK D 234 -22.41 54.83 17.69
C UNK D 234 -22.28 55.42 19.09
N UNK D 235 -21.05 55.70 19.50
CA UNK D 235 -20.80 56.29 20.81
C UNK D 235 -21.45 57.67 20.90
N UNK D 236 -21.35 58.43 19.82
CA UNK D 236 -21.94 59.76 19.78
C UNK D 236 -23.46 59.67 19.91
N UNK D 237 -24.04 58.69 19.22
CA UNK D 237 -25.48 58.47 19.27
C UNK D 237 -25.91 58.11 20.68
N UNK D 238 -25.11 57.26 21.34
CA UNK D 238 -25.40 56.85 22.70
C UNK D 238 -25.35 58.06 23.63
N UNK D 239 -24.37 58.92 23.43
CA UNK D 239 -24.24 60.13 24.24
C UNK D 239 -25.45 61.02 24.05
N UNK D 240 -25.90 61.15 22.81
CA UNK D 240 -27.07 61.97 22.50
C UNK D 240 -28.30 61.40 23.19
N UNK D 241 -28.43 60.08 23.17
CA UNK D 241 -29.56 59.41 23.81
C UNK D 241 -29.54 59.67 25.31
N UNK D 242 -28.34 59.61 25.90
CA UNK D 242 -28.19 59.85 27.32
C UNK D 242 -28.59 61.28 27.66
N UNK D 243 -28.20 62.23 26.81
CA UNK D 243 -28.54 63.62 27.01
C UNK D 243 -30.06 63.80 26.95
N UNK D 244 -30.69 63.12 26.00
CA UNK D 244 -32.13 63.20 25.84
C UNK D 244 -32.82 62.65 27.09
N UNK D 245 -32.29 61.55 27.62
CA UNK D 245 -32.84 60.94 28.81
C UNK D 245 -32.73 61.90 30.00
N UNK D 246 -31.59 62.58 30.09
CA UNK D 246 -31.36 63.54 31.15
C UNK D 246 -32.35 64.70 31.05
N UNK D 247 -32.60 65.14 29.82
CA UNK D 247 -33.52 66.24 29.57
C UNK D 247 -34.96 65.81 29.84
N UNK D 248 -7.88 56.68 16.11
CA UNK D 248 -7.49 56.86 17.50
C UNK D 248 -8.49 57.74 18.24
N UNK D 249 -8.74 58.93 17.70
CA UNK D 249 -9.68 59.86 18.30
C UNK D 249 -11.08 59.26 18.34
N UNK D 250 -11.46 58.60 17.24
CA UNK D 250 -12.77 57.98 17.16
C UNK D 250 -12.90 56.88 18.21
N UNK D 251 -11.83 56.10 18.38
CA UNK D 251 -11.82 55.03 19.37
C UNK D 251 -11.96 55.62 20.77
N UNK D 252 -11.28 56.73 21.02
CA UNK D 252 -11.36 57.38 22.32
C UNK D 252 -12.79 57.86 22.58
N UNK D 253 -13.43 58.41 21.55
CA UNK D 253 -14.79 58.89 21.65
C UNK D 253 -15.72 57.72 21.98
N UNK D 254 -15.49 56.59 21.32
CA UNK D 254 -16.29 55.39 21.53
C UNK D 254 -16.19 54.93 22.99
N UNK D 255 -14.97 54.92 23.51
CA UNK D 255 -14.74 54.50 24.90
C UNK D 255 -15.46 55.45 25.86
N UNK D 256 -15.39 56.74 25.56
CA UNK D 256 -16.05 57.75 26.37
C UNK D 256 -17.56 57.54 26.34
N UNK D 257 -18.09 57.21 25.17
CA UNK D 257 -19.51 56.96 25.01
C UNK D 257 -19.91 55.74 25.85
N UNK D 258 -19.06 54.72 25.85
CA UNK D 258 -19.33 53.50 26.61
C UNK D 258 -19.35 53.84 28.10
N UNK D 259 -18.42 54.69 28.53
CA UNK D 259 -18.35 55.11 29.92
C UNK D 259 -19.62 55.87 30.30
N UNK D 260 -20.09 56.72 29.39
CA UNK D 260 -21.30 57.50 29.61
C UNK D 260 -22.49 56.57 29.75
N UNK D 261 -22.53 55.52 28.92
CA UNK D 261 -23.61 54.54 28.96
C UNK D 261 -23.59 53.83 30.31
N UNK D 262 -22.40 53.48 30.79
CA UNK D 262 -22.24 52.81 32.07
C UNK D 262 -22.75 53.72 33.18
N UNK D 263 -22.43 55.01 33.09
CA UNK D 263 -22.86 55.99 34.08
C UNK D 263 -24.38 56.08 34.08
N UNK D 264 -24.99 56.07 32.89
CA UNK D 264 -26.44 56.13 32.74
C UNK D 264 -27.07 54.91 33.39
N UNK D 265 -26.45 53.75 33.19
CA UNK D 265 -26.95 52.50 33.76
C UNK D 265 -26.90 52.59 35.29
N UNK D 266 -25.81 53.15 35.81
CA UNK D 266 -25.64 53.31 37.25
C UNK D 266 -26.74 54.23 37.80
N UNK D 267 -27.02 55.30 37.07
CA UNK D 267 -28.04 56.25 37.47
C UNK D 267 -29.41 55.57 37.50
N UNK D 268 -29.67 54.73 36.50
CA UNK D 268 -30.92 54.01 36.42
C UNK D 268 -31.05 53.06 37.61
N UNK D 269 -29.95 52.41 37.98
CA UNK D 269 -29.95 51.48 39.10
C UNK D 269 -30.03 52.24 40.42
N UNK D 270 -29.04 47.76 13.18
CA UNK D 270 -28.60 47.86 14.56
C UNK D 270 -29.08 49.18 15.18
N UNK D 271 -29.04 50.24 14.39
CA UNK D 271 -29.45 51.55 14.85
C UNK D 271 -30.94 51.54 15.23
N UNK D 272 -31.74 50.86 14.40
CA UNK D 272 -33.17 50.77 14.66
C UNK D 272 -33.42 50.02 15.97
N UNK D 273 -32.65 48.95 16.19
CA UNK D 273 -32.77 48.17 17.41
C UNK D 273 -32.41 49.02 18.62
N UNK D 274 -31.37 49.83 18.47
CA UNK D 274 -30.94 50.72 19.56
C UNK D 274 -32.04 51.72 19.88
N UNK D 275 -32.67 52.25 18.83
CA UNK D 275 -33.75 53.21 19.00
C UNK D 275 -34.92 52.56 19.73
N UNK D 276 -35.22 51.31 19.37
CA UNK D 276 -36.30 50.58 19.99
C UNK D 276 -36.00 50.37 21.47
N UNK D 277 -34.75 50.04 21.77
CA UNK D 277 -34.33 49.84 23.15
C UNK D 277 -34.49 51.12 23.95
N UNK D 278 -34.11 52.23 23.33
CA UNK D 278 -34.23 53.54 23.97
C UNK D 278 -35.70 53.87 24.19
N UNK D 279 -36.54 53.41 23.27
CA UNK D 279 -37.97 53.65 23.36
C UNK D 279 -38.53 52.97 24.60
N UNK D 280 -38.11 51.73 24.82
CA UNK D 280 -38.57 50.96 25.97
C UNK D 280 -37.98 51.55 27.24
N UNK D 281 -36.74 52.04 27.15
CA UNK D 281 -36.07 52.64 28.29
C UNK D 281 -36.75 53.96 28.67
N UNK D 282 -37.21 54.69 27.66
CA UNK D 282 -37.90 55.96 27.89
C UNK D 282 -39.26 55.72 28.52
N UNK D 283 -39.89 54.61 28.16
CA UNK D 283 -41.19 54.26 28.70
C UNK D 283 -41.06 53.80 30.14
N UNK D 284 -39.92 53.19 30.47
CA UNK D 284 -39.66 52.70 31.82
C UNK D 284 -39.30 53.86 32.75
N UNK D 285 -38.78 54.94 32.16
CA UNK D 285 -38.39 56.11 32.93
C UNK D 285 -39.47 57.19 32.87
N UNK D 286 -36.21 47.57 37.79
CA UNK D 286 -34.84 48.01 37.98
C UNK D 286 -33.87 47.11 37.21
N UNK D 287 -33.88 45.83 37.54
CA UNK D 287 -33.01 44.86 36.88
C UNK D 287 -33.33 44.78 35.40
N UNK D 288 -34.62 44.78 35.07
CA UNK D 288 -35.05 44.71 33.68
C UNK D 288 -34.56 45.94 32.92
N UNK D 289 -34.66 47.11 33.55
CA UNK D 289 -34.22 48.36 32.94
C UNK D 289 -32.72 48.29 32.69
N UNK D 290 -31.97 47.75 33.66
CA UNK D 290 -30.53 47.63 33.54
C UNK D 290 -30.19 46.71 32.37
N UNK D 291 -30.94 45.62 32.23
CA UNK D 291 -30.73 44.67 31.15
C UNK D 291 -30.97 45.35 29.81
N UNK D 292 -32.04 46.16 29.75
CA UNK D 292 -32.36 46.88 28.52
C UNK D 292 -31.24 47.84 28.17
N UNK D 293 -30.70 48.52 29.17
CA UNK D 293 -29.60 49.45 28.95
C UNK D 293 -28.38 48.72 28.41
N UNK D 294 -28.11 47.54 28.98
CA UNK D 294 -26.99 46.74 28.54
C UNK D 294 -27.17 46.31 27.09
N UNK D 295 -28.40 45.93 26.73
CA UNK D 295 -28.71 45.53 25.37
C UNK D 295 -28.49 46.69 24.42
N UNK D 296 -28.90 47.88 24.84
CA UNK D 296 -28.73 49.08 24.02
C UNK D 296 -27.24 49.34 23.81
N UNK D 297 -26.44 49.17 24.86
CA UNK D 297 -25.00 49.38 24.77
C UNK D 297 -24.40 48.39 23.80
N UNK D 298 -24.86 47.13 23.86
CA UNK D 298 -24.37 46.09 22.98
C UNK D 298 -24.69 46.44 21.53
N UNK D 299 -25.91 46.96 21.30
CA UNK D 299 -26.33 47.35 19.97
C UNK D 299 -25.45 48.49 19.45
N UNK D 300 -25.13 49.44 20.33
CA UNK D 300 -24.28 50.55 19.97
C UNK D 300 -22.88 50.06 19.59
N UNK D 301 -22.38 49.08 20.34
CA UNK D 301 -21.06 48.52 20.09
C UNK D 301 -21.16 47.34 19.13
N UNK D 302 -41.80 48.46 28.76
CA UNK D 302 -42.61 47.39 29.31
C UNK D 302 -42.88 46.32 28.26
N UNK D 303 -44.16 46.11 27.95
CA UNK D 303 -44.54 45.12 26.96
C UNK D 303 -43.97 45.48 25.59
N UNK D 304 -44.03 46.77 25.26
CA UNK D 304 -43.50 47.24 23.98
C UNK D 304 -42.00 46.99 23.91
N UNK D 305 -41.31 47.25 25.01
CA UNK D 305 -39.86 47.04 25.09
C UNK D 305 -39.55 45.55 24.89
N UNK D 306 -40.36 44.69 25.51
CA UNK D 306 -40.16 43.25 25.40
C UNK D 306 -40.35 42.83 23.95
N UNK D 307 -41.36 43.39 23.28
CA UNK D 307 -41.63 43.07 21.89
C UNK D 307 -40.45 43.51 21.02
N UNK D 308 -39.90 44.67 21.31
CA UNK D 308 -38.76 45.20 20.57
C UNK D 308 -37.57 44.26 20.74
N UNK D 309 -37.36 43.79 21.97
CA UNK D 309 -36.25 42.88 22.25
C UNK D 309 -36.43 41.58 21.47
N UNK D 310 -37.67 41.09 21.42
CA UNK D 310 -37.97 39.87 20.69
C UNK D 310 -37.67 40.06 19.21
N UNK D 311 -38.05 41.22 18.68
CA UNK D 311 -37.81 41.53 17.28
C UNK D 311 -36.31 41.56 16.99
N UNK D 312 -35.56 42.15 17.92
CA UNK D 312 -34.11 42.23 17.77
C UNK D 312 -33.50 40.83 17.76
N UNK D 313 -34.02 39.97 18.63
CA UNK D 313 -33.54 38.59 18.71
C UNK D 313 -33.83 37.85 17.41
N UNK D 314 -35.01 38.10 16.85
CA UNK D 314 -35.41 37.46 15.60
C UNK D 314 -34.39 37.74 14.49
N UNK D 315 -41.80 35.46 33.07
CA UNK D 315 -42.23 36.56 32.21
C UNK D 315 -41.10 37.55 32.01
N UNK D 316 -40.96 38.49 32.94
CA UNK D 316 -39.91 39.50 32.86
C UNK D 316 -38.54 38.86 32.90
N UNK D 317 -38.36 37.86 33.77
CA UNK D 317 -37.08 37.18 33.90
C UNK D 317 -36.74 36.48 32.59
N UNK D 318 -37.75 35.85 31.98
CA UNK D 318 -37.56 35.14 30.73
C UNK D 318 -37.16 36.14 29.64
N UNK D 319 -37.81 37.30 29.63
CA UNK D 319 -37.50 38.33 28.65
C UNK D 319 -36.06 38.80 28.81
N UNK D 320 -35.63 38.96 30.07
CA UNK D 320 -34.27 39.39 30.36
C UNK D 320 -33.28 38.35 29.86
N UNK D 321 -33.60 37.07 30.06
CA UNK D 321 -32.74 35.99 29.61
C UNK D 321 -32.63 36.02 28.09
N UNK D 322 -33.76 36.25 27.42
CA UNK D 322 -33.78 36.30 25.96
C UNK D 322 -32.91 37.46 25.48
N UNK D 323 -33.00 38.59 26.16
CA UNK D 323 -32.21 39.77 25.81
C UNK D 323 -30.73 39.46 25.96
N UNK D 324 -30.37 38.77 27.04
CA UNK D 324 -28.99 38.40 27.29
C UNK D 324 -28.48 37.49 26.19
N UNK D 325 -29.33 36.54 25.77
CA UNK D 325 -28.97 35.62 24.71
C UNK D 325 -28.73 36.38 23.41
N UNK D 326 -29.59 37.35 23.14
CA UNK D 326 -29.47 38.17 21.93
C UNK D 326 -28.16 38.95 21.97
N UNK D 327 -27.82 39.48 23.13
CA UNK D 327 -26.59 40.24 23.30
C UNK D 327 -25.39 39.34 23.04
N UNK D 328 -25.46 38.11 23.55
CA UNK D 328 -24.38 37.15 23.35
C UNK D 328 -24.22 36.83 21.87
N UNK D 329 -25.35 36.68 21.17
CA UNK D 329 -25.34 36.39 19.75
C UNK D 329 -24.70 37.55 18.98
N UNK D 330 -25.02 38.77 19.40
CA UNK D 330 -24.49 39.96 18.75
C UNK D 330 -23.24 40.47 19.47
N UNK D 331 -45.77 32.86 33.79
CA UNK D 331 -45.21 31.57 33.42
C UNK D 331 -45.71 31.14 32.05
N UNK D 332 -47.02 31.21 31.85
CA UNK D 332 -47.63 30.82 30.59
C UNK D 332 -47.13 31.71 29.46
N UNK D 333 -47.03 33.01 29.72
CA UNK D 333 -46.57 33.97 28.73
C UNK D 333 -45.14 33.65 28.33
N UNK D 334 -44.32 33.32 29.33
CA UNK D 334 -42.91 32.99 29.10
C UNK D 334 -42.83 31.72 28.26
N UNK D 335 -43.69 30.75 28.55
CA UNK D 335 -43.72 29.51 27.80
C UNK D 335 -44.08 29.78 26.34
N UNK D 336 -45.05 30.68 26.13
CA UNK D 336 -45.48 31.04 24.79
C UNK D 336 -44.32 31.69 24.04
N UNK D 337 -43.57 32.56 24.74
CA UNK D 337 -42.44 33.23 24.14
C UNK D 337 -41.37 32.20 23.73
N UNK D 338 -41.16 31.22 24.60
CA UNK D 338 -40.20 30.16 24.33
C UNK D 338 -40.62 29.36 23.11
N UNK D 339 -41.92 29.09 23.00
CA UNK D 339 -42.46 28.35 21.87
C UNK D 339 -42.24 29.15 20.58
N UNK D 340 -42.45 30.46 20.66
CA UNK D 340 -42.24 31.32 19.49
C UNK D 340 -40.78 31.28 19.07
N UNK D 341 -39.88 31.31 20.05
CA UNK D 341 -38.45 31.26 19.77
C UNK D 341 -38.10 29.93 19.10
N UNK D 342 -38.69 28.85 19.59
CA UNK D 342 -38.46 27.52 19.05
C UNK D 342 -38.94 27.46 17.59
N UNK D 343 -40.08 28.07 17.33
CA UNK D 343 -40.63 28.12 15.98
C UNK D 343 -39.68 28.88 15.07
N UNK D 344 -39.14 29.98 15.57
CA UNK D 344 -38.21 30.78 14.79
C UNK D 344 -36.96 29.96 14.48
N UNK D 345 -36.49 29.20 15.45
CA UNK D 345 -35.31 28.36 15.27
C UNK D 345 -35.57 27.27 14.23
N UNK D 346 -36.76 26.68 14.27
CA UNK D 346 -37.12 25.61 13.33
C UNK D 346 -38.63 25.40 13.28
N UNK D 347 -25.10 29.68 15.87
CA UNK D 347 -26.48 29.21 15.92
C UNK D 347 -26.63 28.14 17.00
N UNK D 348 -25.58 27.34 17.18
CA UNK D 348 -25.60 26.28 18.17
C UNK D 348 -25.75 26.86 19.57
N UNK D 349 -25.05 27.95 19.84
CA UNK D 349 -25.12 28.61 21.14
C UNK D 349 -26.55 29.11 21.39
N UNK D 350 -27.16 29.67 20.36
CA UNK D 350 -28.52 30.17 20.46
C UNK D 350 -29.48 29.02 20.75
N UNK D 351 -29.26 27.88 20.10
CA UNK D 351 -30.10 26.71 20.31
C UNK D 351 -29.96 26.23 21.75
N UNK D 352 -28.73 26.24 22.26
CA UNK D 352 -28.48 25.81 23.63
C UNK D 352 -29.20 26.74 24.60
N UNK D 353 -29.16 28.05 24.31
CA UNK D 353 -29.83 29.04 25.15
C UNK D 353 -31.33 28.78 25.16
N UNK D 354 -31.88 28.46 23.99
CA UNK D 354 -33.30 28.18 23.86
C UNK D 354 -33.67 26.96 24.68
N UNK D 355 -32.81 25.94 24.63
CA UNK D 355 -33.04 24.71 25.38
C UNK D 355 -33.03 25.02 26.88
N UNK D 356 -32.09 25.87 27.30
CA UNK D 356 -31.98 26.25 28.71
C UNK D 356 -33.25 26.98 29.14
N UNK D 357 -33.76 27.86 28.27
CA UNK D 357 -34.97 28.61 28.56
C UNK D 357 -36.14 27.65 28.71
N UNK D 358 -36.21 26.65 27.84
CA UNK D 358 -37.27 25.66 27.89
C UNK D 358 -37.20 24.88 29.20
N UNK D 359 -35.98 24.54 29.62
CA UNK D 359 -35.77 23.82 30.87
C UNK D 359 -36.22 24.66 32.05
N UNK D 360 -35.94 25.96 32.00
CA UNK D 360 -36.33 26.88 33.06
C UNK D 360 -37.74 27.40 32.83
N UNK D 361 -43.66 19.89 12.10
CA UNK D 361 -43.24 21.28 11.99
C UNK D 361 -43.98 22.15 13.00
N UNK D 362 -44.71 23.14 12.50
CA UNK D 362 -45.48 24.04 13.36
C UNK D 362 -46.53 23.26 14.13
N UNK D 363 -47.19 22.32 13.45
CA UNK D 363 -48.23 21.52 14.08
C UNK D 363 -47.62 20.67 15.20
N UNK D 364 -46.44 20.11 14.93
CA UNK D 364 -45.75 19.30 15.92
C UNK D 364 -45.39 20.15 17.14
N UNK D 365 -44.94 21.38 16.89
CA UNK D 365 -44.58 22.28 17.97
C UNK D 365 -45.81 22.60 18.82
N UNK D 366 -46.94 22.81 18.15
CA UNK D 366 -48.19 23.10 18.84
C UNK D 366 -48.60 21.92 19.71
N UNK D 367 -48.42 20.71 19.17
CA UNK D 367 -48.76 19.49 19.90
C UNK D 367 -47.88 19.38 21.14
N UNK D 368 -46.60 19.71 20.99
CA UNK D 368 -45.66 19.66 22.11
C UNK D 368 -46.08 20.66 23.17
N UNK D 369 -46.50 21.84 22.75
CA UNK D 369 -46.94 22.88 23.67
C UNK D 369 -48.17 22.40 24.44
N UNK D 370 -49.09 21.75 23.73
CA UNK D 370 -50.30 21.23 24.34
C UNK D 370 -49.95 20.17 25.38
N UNK D 371 -48.98 19.32 25.05
CA UNK D 371 -48.54 18.27 25.96
C UNK D 371 -47.95 18.91 27.22
N UNK D 372 -47.16 19.96 27.04
CA UNK D 372 -46.55 20.67 28.15
C UNK D 372 -47.64 21.27 29.05
N UNK D 373 -48.67 21.82 28.42
CA UNK D 373 -49.78 22.42 29.16
C UNK D 373 -50.50 21.35 29.97
N UNK D 374 -50.68 20.17 29.37
CA UNK D 374 -51.33 19.05 30.04
C UNK D 374 -50.50 18.63 31.25
N UNK D 375 -49.19 18.59 31.07
CA UNK D 375 -48.27 18.21 32.14
C UNK D 375 -48.36 19.21 33.29
N UNK D 376 -48.47 20.49 32.95
CA UNK D 376 -48.55 21.55 33.95
C UNK D 376 -50.00 21.93 34.21
N UNK D 377 -30.35 13.98 26.51
CA UNK D 377 -31.79 14.03 26.30
C UNK D 377 -32.16 15.35 25.60
N UNK D 378 -31.54 16.43 26.03
CA UNK D 378 -31.80 17.75 25.45
C UNK D 378 -31.39 17.74 23.98
N UNK D 379 -30.25 17.13 23.68
CA UNK D 379 -29.75 17.04 22.31
C UNK D 379 -30.74 16.24 21.46
N UNK D 380 -31.25 15.15 22.02
CA UNK D 380 -32.22 14.31 21.31
C UNK D 380 -33.48 15.12 21.02
N UNK D 381 -33.91 15.92 21.99
CA UNK D 381 -35.10 16.74 21.82
C UNK D 381 -34.87 17.76 20.70
N UNK D 382 -33.67 18.34 20.67
CA UNK D 382 -33.32 19.30 19.64
C UNK D 382 -33.34 18.65 18.27
N UNK D 383 -32.83 17.41 18.20
CA UNK D 383 -32.81 16.67 16.95
C UNK D 383 -34.24 16.42 16.48
N UNK D 384 -35.12 16.07 17.42
CA UNK D 384 -36.52 15.82 17.10
C UNK D 384 -37.17 17.09 16.57
N UNK D 385 -36.85 18.22 17.20
CA UNK D 385 -37.40 19.50 16.77
C UNK D 385 -36.93 19.82 15.35
N UNK D 386 -35.66 19.54 15.07
CA UNK D 386 -35.10 19.78 13.74
C UNK D 386 -35.82 18.91 12.72
N UNK D 387 -36.09 17.66 13.08
CA UNK D 387 -36.79 16.74 12.20
C UNK D 387 -38.20 17.26 11.91
N UNK D 388 -38.85 17.77 12.95
CA UNK D 388 -40.20 18.33 12.80
C UNK D 388 -40.17 19.52 11.86
N UNK D 389 -39.16 20.36 12.00
CA UNK D 389 -39.00 21.53 11.16
C UNK D 389 -38.79 21.12 9.70
N UNK D 390 -38.01 20.06 9.49
CA UNK D 390 -37.73 19.56 8.16
C UNK D 390 -39.04 19.27 7.41
N UNK D 391 -37.66 10.53 39.75
CA UNK D 391 -36.38 11.05 40.20
C UNK D 391 -35.28 10.78 39.18
N UNK D 392 -35.27 9.57 38.61
CA UNK D 392 -34.26 9.22 37.62
C UNK D 392 -34.38 10.12 36.40
N UNK D 393 -35.62 10.37 35.98
CA UNK D 393 -35.88 11.23 34.84
C UNK D 393 -35.40 12.64 35.12
N UNK D 394 -35.64 13.11 36.35
CA UNK D 394 -35.22 14.44 36.76
C UNK D 394 -33.69 14.54 36.72
N UNK D 395 -33.02 13.48 37.17
CA UNK D 395 -31.57 13.44 37.16
C UNK D 395 -31.06 13.51 35.73
N UNK D 396 -31.72 12.77 34.83
CA UNK D 396 -31.34 12.76 33.43
C UNK D 396 -31.48 14.16 32.83
N UNK D 397 -32.58 14.83 33.20
CA UNK D 397 -32.85 16.18 32.70
C UNK D 397 -31.76 17.13 33.20
N UNK D 398 -31.37 16.96 34.46
CA UNK D 398 -30.33 17.80 35.05
C UNK D 398 -29.01 17.59 34.31
N UNK D 399 -28.72 16.34 33.99
CA UNK D 399 -27.49 16.00 33.26
C UNK D 399 -27.51 16.66 31.88
N UNK D 400 -28.67 16.62 31.24
CA UNK D 400 -28.83 17.23 29.91
C UNK D 400 -28.60 18.73 30.01
N UNK D 401 -29.13 19.34 31.06
CA UNK D 401 -28.97 20.77 31.27
C UNK D 401 -27.50 21.11 31.46
N UNK D 402 -26.80 20.27 32.22
CA UNK D 402 -25.38 20.46 32.47
C UNK D 402 -24.59 20.37 31.17
N UNK D 403 -24.97 19.42 30.32
CA UNK D 403 -24.32 19.23 29.03
C UNK D 403 -24.70 20.33 28.05
N UNK D 404 -42.36 14.46 16.51
CA UNK D 404 -42.93 15.41 17.44
C UNK D 404 -43.87 14.71 18.40
N UNK D 405 -44.67 13.78 17.89
CA UNK D 405 -45.60 13.03 18.72
C UNK D 405 -44.84 12.21 19.76
N UNK D 406 -43.74 11.60 19.33
CA UNK D 406 -42.90 10.80 20.23
C UNK D 406 -42.33 11.68 21.32
N UNK D 407 -41.90 12.89 20.94
CA UNK D 407 -41.33 13.83 21.91
C UNK D 407 -42.39 14.21 22.93
N UNK D 408 -43.62 14.44 22.45
CA UNK D 408 -44.73 14.79 23.33
C UNK D 408 -45.01 13.66 24.31
N UNK D 409 -44.96 12.43 23.81
CA UNK D 409 -45.19 11.26 24.64
C UNK D 409 -44.12 11.17 25.72
N UNK D 410 -42.87 11.45 25.34
CA UNK D 410 -41.76 11.41 26.29
C UNK D 410 -41.97 12.47 27.37
N UNK D 411 -42.43 13.65 26.96
CA UNK D 411 -42.69 14.73 27.90
C UNK D 411 -43.79 14.32 28.88
N UNK D 412 -44.83 13.66 28.36
CA UNK D 412 -45.93 13.20 29.19
C UNK D 412 -45.43 12.17 30.19
N UNK D 413 -44.55 11.29 29.75
CA UNK D 413 -43.98 10.27 30.62
C UNK D 413 -43.18 10.93 31.74
N UNK D 414 -42.43 11.96 31.38
CA UNK D 414 -41.62 12.69 32.36
C UNK D 414 -42.54 13.34 33.39
N UNK D 415 -43.65 13.92 32.92
CA UNK D 415 -44.61 14.55 33.82
C UNK D 415 -45.20 13.53 34.77
N UNK D 416 -45.51 12.34 34.24
CA UNK D 416 -46.07 11.28 35.06
C UNK D 416 -45.06 10.86 36.13
N UNK D 417 -43.80 10.77 35.74
CA UNK D 417 -42.74 10.39 36.68
C UNK D 417 -42.63 11.43 37.78
N UNK D 418 -42.72 12.71 37.40
CA UNK D 418 -42.66 13.79 38.37
C UNK D 418 -43.82 13.70 39.35
N UNK D 419 -45.00 13.38 38.82
CA UNK D 419 -46.19 13.24 39.65
C UNK D 419 -46.03 12.09 40.63
N UNK D 420 -45.43 11.00 40.17
CA UNK D 420 -45.20 9.83 41.00
C UNK D 420 -44.15 10.12 42.07
N UNK D 421 -35.05 3.98 34.84
CA UNK D 421 -34.26 2.86 34.35
C UNK D 421 -34.82 2.34 33.04
N UNK D 422 -35.59 1.27 33.10
CA UNK D 422 -36.19 0.68 31.91
C UNK D 422 -37.13 1.67 31.24
N UNK D 423 -37.91 2.38 32.05
CA UNK D 423 -38.84 3.37 31.55
C UNK D 423 -38.08 4.48 30.85
N UNK D 424 -36.97 4.91 31.45
CA UNK D 424 -36.15 5.97 30.87
C UNK D 424 -35.59 5.52 29.53
N UNK D 425 -35.16 4.26 29.46
CA UNK D 425 -34.61 3.71 28.23
C UNK D 425 -35.69 3.70 27.15
N UNK D 426 -36.91 3.33 27.54
CA UNK D 426 -38.04 3.29 26.61
C UNK D 426 -38.32 4.70 26.09
N UNK D 427 -38.25 5.68 26.98
CA UNK D 427 -38.48 7.07 26.61
C UNK D 427 -37.42 7.52 25.62
N UNK D 428 -36.18 7.13 25.85
CA UNK D 428 -35.09 7.48 24.95
C UNK D 428 -35.33 6.87 23.57
N UNK D 429 -35.79 5.62 23.56
CA UNK D 429 -36.09 4.93 22.31
C UNK D 429 -37.20 5.65 21.56
N UNK D 430 -38.21 6.09 22.30
CA UNK D 430 -39.33 6.81 21.71
C UNK D 430 -38.85 8.12 21.10
N UNK D 431 -37.95 8.80 21.80
CA UNK D 431 -37.40 10.05 21.32
C UNK D 431 -36.62 9.81 20.03
N UNK D 432 -35.86 8.72 19.99
CA UNK D 432 -35.08 8.37 18.80
C UNK D 432 -36.02 8.11 17.63
N UNK D 433 -37.13 7.41 17.90
CA UNK D 433 -38.12 7.10 16.88
C UNK D 433 -38.74 8.39 16.33
N UNK D 434 -46.93 12.62 5.20
CA UNK D 434 -46.48 12.64 6.59
C UNK D 434 -47.66 12.50 7.54
N UNK D 435 -48.88 12.61 7.00
CA UNK D 435 -50.08 12.50 7.80
C UNK D 435 -50.18 11.10 8.41
N UNK D 436 -49.84 10.09 7.63
CA UNK D 436 -49.88 8.71 8.11
C UNK D 436 -48.88 8.54 9.25
N UNK D 437 -47.70 9.13 9.11
CA UNK D 437 -46.67 9.06 10.13
C UNK D 437 -47.16 9.71 11.41
N UNK D 438 -47.83 10.86 11.26
CA UNK D 438 -48.37 11.58 12.42
C UNK D 438 -49.41 10.72 13.12
N UNK D 439 -50.25 10.05 12.34
CA UNK D 439 -51.28 9.18 12.89
C UNK D 439 -50.64 8.03 13.65
N UNK D 440 -49.57 7.48 13.10
CA UNK D 440 -48.85 6.39 13.74
C UNK D 440 -48.27 6.86 15.08
N UNK D 441 -47.73 8.08 15.09
CA UNK D 441 -47.16 8.65 16.31
C UNK D 441 -48.24 8.80 17.36
N UNK D 442 -49.42 9.25 16.93
CA UNK D 442 -50.55 9.44 17.85
C UNK D 442 -50.95 8.09 18.42
N UNK D 443 -50.97 7.06 17.58
CA UNK D 443 -51.33 5.72 18.01
C UNK D 443 -50.33 5.21 19.04
N UNK D 444 -49.05 5.50 18.80
CA UNK D 444 -47.99 5.08 19.72
C UNK D 444 -48.18 5.78 21.07
N UNK D 445 -48.54 7.06 21.03
CA UNK D 445 -48.77 7.81 22.25
C UNK D 445 -49.93 7.21 23.02
N UNK D 446 -50.99 6.84 22.30
CA UNK D 446 -52.17 6.23 22.90
C UNK D 446 -51.79 4.90 23.56
N UNK D 447 -50.95 4.13 22.88
CA UNK D 447 -50.50 2.84 23.40
C UNK D 447 -49.71 3.06 24.68
N UNK D 448 -48.86 4.08 24.70
CA UNK D 448 -48.06 4.40 25.87
C UNK D 448 -48.98 4.76 27.04
N UNK D 449 -50.02 5.54 26.74
CA UNK D 449 -50.98 5.95 27.76
C UNK D 449 -51.68 4.71 28.33
N UNK D 450 -52.04 3.79 27.45
CA UNK D 450 -52.72 2.56 27.87
C UNK D 450 -51.80 1.74 28.77
N UNK D 451 -50.52 1.69 28.41
CA UNK D 451 -49.53 0.96 29.20
C UNK D 451 -49.40 1.59 30.58
N UNK D 452 -49.41 2.92 30.63
CA UNK D 452 -49.30 3.64 31.89
C UNK D 452 -50.37 3.17 32.87
N UNK D 453 -40.89 -2.01 32.43
CA UNK D 453 -39.88 -2.82 31.76
C UNK D 453 -40.49 -3.48 30.51
N UNK D 454 -41.51 -4.30 30.72
CA UNK D 454 -42.16 -4.99 29.61
C UNK D 454 -42.80 -3.97 28.66
N UNK D 455 -43.42 -2.94 29.23
CA UNK D 455 -44.06 -1.91 28.41
C UNK D 455 -43.01 -1.19 27.57
N UNK D 456 -41.86 -0.90 28.18
CA UNK D 456 -40.77 -0.23 27.49
C UNK D 456 -40.26 -1.09 26.34
N UNK D 457 -40.16 -2.40 26.60
CA UNK D 457 -39.70 -3.34 25.58
C UNK D 457 -40.69 -3.35 24.41
N UNK D 458 -41.98 -3.34 24.74
CA UNK D 458 -43.02 -3.33 23.72
C UNK D 458 -42.93 -2.07 22.88
N UNK D 459 -42.67 -0.93 23.55
CA UNK D 459 -42.54 0.34 22.86
C UNK D 459 -41.36 0.29 21.90
N UNK D 460 -40.26 -0.30 22.35
CA UNK D 460 -39.07 -0.42 21.52
C UNK D 460 -39.36 -1.27 20.30
N UNK D 461 -40.10 -2.36 20.51
CA UNK D 461 -40.48 -3.26 19.42
C UNK D 461 -41.34 -2.51 18.40
N UNK D 462 -42.26 -1.70 18.90
CA UNK D 462 -43.14 -0.92 18.04
C UNK D 462 -42.31 0.06 17.22
N UNK D 463 -41.32 0.68 17.85
CA UNK D 463 -40.46 1.64 17.17
C UNK D 463 -39.68 0.92 16.06
N UNK D 464 -39.20 -0.29 16.36
CA UNK D 464 -38.46 -1.07 15.38
C UNK D 464 -39.36 -1.40 14.19
N UNK D 465 -40.60 -1.75 14.48
CA UNK D 465 -41.56 -2.08 13.43
C UNK D 465 -41.81 -0.86 12.55
N UNK D 466 -41.93 0.30 13.19
CA UNK D 466 -42.15 1.55 12.47
C UNK D 466 -40.98 1.86 11.56
N UNK D 467 -39.77 1.61 12.06
CA UNK D 467 -38.55 1.87 11.29
C UNK D 467 -38.61 1.18 9.93
N UNK D 468 -25.03 6.50 23.79
CA UNK D 468 -26.08 7.44 23.46
C UNK D 468 -25.91 7.98 22.04
N UNK D 469 -24.71 8.50 21.76
CA UNK D 469 -24.42 9.05 20.45
C UNK D 469 -24.54 7.98 19.37
N UNK D 470 -24.02 6.79 19.67
CA UNK D 470 -24.07 5.69 18.71
C UNK D 470 -25.51 5.32 18.41
N UNK D 471 -26.33 5.28 19.46
CA UNK D 471 -27.74 4.96 19.32
C UNK D 471 -28.43 6.00 18.45
N UNK D 472 -28.09 7.27 18.68
CA UNK D 472 -28.68 8.35 17.91
C UNK D 472 -28.30 8.22 16.44
N UNK D 473 -27.05 7.87 16.18
CA UNK D 473 -26.56 7.69 14.83
C UNK D 473 -27.32 6.55 14.15
N UNK D 474 -27.55 5.47 14.89
CA UNK D 474 -28.27 4.32 14.36
C UNK D 474 -29.69 4.73 14.01
N UNK D 475 -30.31 5.52 14.88
CA UNK D 475 -31.67 5.98 14.64
C UNK D 475 -31.73 6.84 13.39
N UNK D 476 -30.72 7.70 13.22
CA UNK D 476 -30.66 8.57 12.05
C UNK D 476 -30.53 7.73 10.79
N UNK D 477 -29.71 6.68 10.85
CA UNK D 477 -29.51 5.79 9.72
C UNK D 477 -30.82 5.09 9.36
N UNK D 478 -31.55 4.67 10.39
CA UNK D 478 -32.83 4.00 10.20
C UNK D 478 -33.82 4.95 9.53
N UNK D 479 -33.81 6.21 9.95
CA UNK D 479 -34.71 7.21 9.40
C UNK D 479 -34.36 7.50 7.94
N UNK D 480 -18.81 12.45 25.77
CA UNK D 480 -18.37 11.29 26.53
C UNK D 480 -19.37 10.95 27.64
N UNK D 481 -20.09 11.97 28.09
CA UNK D 481 -21.08 11.78 29.15
C UNK D 481 -22.18 10.84 28.69
N UNK D 482 -22.61 10.99 27.45
CA UNK D 482 -23.66 10.14 26.90
C UNK D 482 -23.17 8.69 26.86
N UNK D 483 -21.92 8.50 26.45
CA UNK D 483 -21.34 7.17 26.38
C UNK D 483 -21.28 6.55 27.77
N UNK D 484 -20.91 7.35 28.76
CA UNK D 484 -20.83 6.88 30.13
C UNK D 484 -22.21 6.45 30.62
N UNK D 485 -23.22 7.24 30.27
CA UNK D 485 -24.59 6.94 30.67
C UNK D 485 -25.04 5.62 30.03
N UNK D 486 -24.68 5.44 28.77
CA UNK D 486 -25.03 4.21 28.06
C UNK D 486 -24.37 3.01 28.73
N UNK D 487 -23.11 3.18 29.12
CA UNK D 487 -22.37 2.11 29.78
C UNK D 487 -23.04 1.76 31.11
N UNK D 488 -23.48 2.79 31.84
CA UNK D 488 -24.14 2.58 33.12
C UNK D 488 -25.45 1.81 32.91
N UNK D 489 -26.18 2.17 31.86
CA UNK D 489 -27.44 1.50 31.55
C UNK D 489 -27.18 0.04 31.21
N UNK D 490 -26.11 -0.22 30.46
CA UNK D 490 -25.75 -1.58 30.08
C UNK D 490 -25.42 -2.39 31.33
N UNK D 491 -24.70 -1.77 32.26
CA UNK D 491 -24.33 -2.45 33.49
C UNK D 491 -25.58 -2.78 34.30
N UNK D 492 -26.52 -1.84 34.33
CA UNK D 492 -27.77 -2.06 35.06
C UNK D 492 -28.53 -3.22 34.44
N UNK D 493 -28.56 -3.27 33.11
CA UNK D 493 -29.24 -4.34 32.40
C UNK D 493 -28.60 -5.69 32.73
N UNK D 494 -27.27 -5.71 32.78
CA UNK D 494 -26.53 -6.92 33.09
C UNK D 494 -26.87 -7.38 34.51
N UNK D 495 -26.95 -6.43 35.43
CA UNK D 495 -27.29 -6.73 36.81
C UNK D 495 -28.69 -7.32 36.90
N UNK D 496 -29.61 -6.76 36.12
CA UNK D 496 -31.00 -7.23 36.12
C UNK D 496 -31.11 -8.56 35.40
N UNK D 497 -25.27 -0.40 3.87
CA UNK D 497 -25.53 0.57 4.91
C UNK D 497 -26.89 0.31 5.56
N UNK D 498 -27.92 0.14 4.72
CA UNK D 498 -29.27 -0.11 5.22
C UNK D 498 -29.31 -1.43 5.98
N UNK D 499 -28.62 -2.44 5.45
CA UNK D 499 -28.57 -3.75 6.10
C UNK D 499 -27.89 -3.64 7.44
N UNK D 500 -26.82 -2.85 7.51
CA UNK D 500 -26.09 -2.64 8.76
C UNK D 500 -27.00 -1.95 9.77
N UNK D 501 -27.78 -0.99 9.31
CA UNK D 501 -28.70 -0.26 10.17
C UNK D 501 -29.74 -1.23 10.72
N UNK D 502 -30.24 -2.13 9.87
CA UNK D 502 -31.22 -3.11 10.28
C UNK D 502 -30.63 -4.03 11.35
N UNK D 503 -29.37 -4.42 11.15
CA UNK D 503 -28.68 -5.28 12.10
C UNK D 503 -28.55 -4.57 13.44
N UNK D 504 -28.23 -3.27 13.39
CA UNK D 504 -28.10 -2.46 14.60
C UNK D 504 -29.43 -2.39 15.32
N UNK D 505 -30.51 -2.25 14.57
CA UNK D 505 -31.85 -2.19 15.14
C UNK D 505 -32.17 -3.52 15.83
N UNK D 506 -31.80 -4.62 15.20
CA UNK D 506 -32.01 -5.95 15.76
C UNK D 506 -31.25 -6.10 17.07
N UNK D 507 -30.01 -5.59 17.08
CA UNK D 507 -29.17 -5.63 18.27
C UNK D 507 -29.81 -4.82 19.40
N UNK D 508 -30.37 -3.67 19.05
CA UNK D 508 -31.04 -2.82 20.02
C UNK D 508 -32.24 -3.53 20.60
N UNK D 509 -32.98 -4.24 19.75
CA UNK D 509 -34.15 -5.00 20.20
C UNK D 509 -33.71 -6.09 21.16
N UNK D 510 -32.59 -6.75 20.85
CA UNK D 510 -32.06 -7.80 21.70
C UNK D 510 -31.67 -7.23 23.06
N UNK D 511 -31.07 -6.03 23.04
CA UNK D 511 -30.66 -5.36 24.28
C UNK D 511 -31.89 -5.04 25.11
N UNK D 512 -32.96 -4.60 24.45
CA UNK D 512 -34.21 -4.27 25.14
C UNK D 512 -34.77 -5.52 25.79
N UNK D 513 -34.71 -6.65 25.06
CA UNK D 513 -35.20 -7.92 25.58
C UNK D 513 -34.39 -8.32 26.82
N UNK D 514 -33.09 -8.11 26.76
CA UNK D 514 -32.21 -8.44 27.87
C UNK D 514 -32.57 -7.59 29.08
N UNK D 515 -32.85 -6.31 28.84
CA UNK D 515 -33.22 -5.39 29.91
C UNK D 515 -34.54 -5.84 30.55
N UNK D 516 -35.47 -6.29 29.73
CA UNK D 516 -36.77 -6.75 30.21
C UNK D 516 -36.63 -8.10 30.91
N UNK D 517 -22.50 1.47 9.08
CA UNK D 517 -23.64 0.59 9.30
C UNK D 517 -23.18 -0.76 9.82
N UNK D 518 -22.37 -1.45 9.02
CA UNK D 518 -21.85 -2.76 9.40
C UNK D 518 -21.00 -2.65 10.66
N UNK D 519 -20.18 -1.60 10.73
CA UNK D 519 -19.32 -1.39 11.89
C UNK D 519 -20.17 -1.17 13.13
N UNK D 520 -21.24 -0.39 12.98
CA UNK D 520 -22.16 -0.11 14.08
C UNK D 520 -22.81 -1.41 14.56
N UNK D 521 -23.19 -2.26 13.60
CA UNK D 521 -23.81 -3.54 13.92
C UNK D 521 -22.82 -4.41 14.70
N UNK D 522 -21.57 -4.39 14.28
CA UNK D 522 -20.52 -5.16 14.95
C UNK D 522 -20.35 -4.67 16.37
N UNK D 523 -20.38 -3.35 16.55
CA UNK D 523 -20.24 -2.75 17.87
C UNK D 523 -21.40 -3.18 18.76
N UNK D 524 -22.60 -3.21 18.18
CA UNK D 524 -23.79 -3.62 18.93
C UNK D 524 -23.64 -5.08 19.36
N UNK D 525 -23.13 -5.91 18.46
CA UNK D 525 -22.92 -7.33 18.75
C UNK D 525 -21.92 -7.47 19.90
N UNK D 526 -20.86 -6.67 19.86
CA UNK D 526 -19.84 -6.70 20.90
C UNK D 526 -20.46 -6.32 22.24
N UNK D 527 -21.32 -5.29 22.22
CA UNK D 527 -22.00 -4.84 23.43
C UNK D 527 -22.88 -5.96 23.98
N UNK D 528 -23.57 -6.67 23.09
CA UNK D 528 -24.44 -7.77 23.49
C UNK D 528 -23.62 -8.88 24.12
N UNK D 529 -22.44 -9.15 23.55
CA UNK D 529 -21.56 -10.19 24.06
C UNK D 529 -20.89 -9.73 25.35
N UNK E 1 97.33 50.45 61.62
CA UNK E 1 98.23 49.74 62.54
C UNK E 1 98.10 50.31 63.94
N UNK E 2 97.65 51.55 64.05
CA UNK E 2 97.50 52.20 65.35
C UNK E 2 96.47 51.45 66.18
N UNK E 3 95.38 51.03 65.55
CA UNK E 3 94.32 50.30 66.24
C UNK E 3 94.86 48.98 66.76
N UNK E 4 95.68 48.32 65.94
CA UNK E 4 96.28 47.05 66.32
C UNK E 4 97.20 47.24 67.52
N UNK E 5 97.96 48.34 67.50
CA UNK E 5 98.87 48.65 68.60
C UNK E 5 98.08 48.88 69.88
N UNK E 6 96.95 49.58 69.76
CA UNK E 6 96.10 49.85 70.91
C UNK E 6 95.56 48.54 71.48
N UNK E 7 95.16 47.63 70.59
CA UNK E 7 94.65 46.33 70.99
C UNK E 7 95.74 45.56 71.73
N UNK E 8 96.96 45.63 71.23
CA UNK E 8 98.08 44.95 71.86
C UNK E 8 98.32 45.52 73.25
N UNK E 9 98.22 46.84 73.38
CA UNK E 9 98.40 47.49 74.68
C UNK E 9 97.33 47.02 75.65
N UNK E 10 96.09 46.91 75.15
CA UNK E 10 94.98 46.46 75.98
C UNK E 10 95.23 45.03 76.46
N UNK E 11 95.74 44.19 75.55
CA UNK E 11 96.04 42.81 75.88
C UNK E 11 97.12 42.75 76.96
N UNK E 12 98.12 43.61 76.83
CA UNK E 12 99.20 43.67 77.81
C UNK E 12 98.64 44.07 79.17
N UNK E 13 97.73 45.04 79.18
CA UNK E 13 97.11 45.50 80.41
C UNK E 13 96.33 44.36 81.05
N UNK E 14 95.61 43.59 80.23
CA UNK E 14 94.84 42.46 80.70
C UNK E 14 95.76 41.41 81.33
N UNK E 15 96.91 41.18 80.70
CA UNK E 15 97.87 40.21 81.19
C UNK E 15 98.24 40.51 82.64
N UNK E 16 98.51 58.88 70.31
CA UNK E 16 97.46 58.04 70.87
C UNK E 16 96.09 58.67 70.69
N UNK E 17 95.86 59.79 71.37
CA UNK E 17 94.59 60.49 71.27
C UNK E 17 94.35 60.98 69.85
N UNK E 18 95.39 61.50 69.22
CA UNK E 18 95.29 61.99 67.85
C UNK E 18 94.92 60.85 66.92
N UNK E 19 95.56 59.70 67.12
CA UNK E 19 95.30 58.52 66.31
C UNK E 19 93.85 58.08 66.48
N UNK E 20 93.36 58.13 67.71
CA UNK E 20 91.99 57.74 68.01
C UNK E 20 91.03 58.68 67.29
N UNK E 21 91.36 59.98 67.31
CA UNK E 21 90.52 60.97 66.64
C UNK E 21 90.48 60.70 65.15
N UNK E 22 91.64 60.36 64.58
CA UNK E 22 91.73 60.05 63.15
C UNK E 22 90.86 58.85 62.82
N UNK E 23 90.91 57.84 63.69
CA UNK E 23 90.12 56.63 63.50
C UNK E 23 88.63 56.96 63.53
N UNK E 24 88.25 57.84 64.46
CA UNK E 24 86.86 58.25 64.59
C UNK E 24 86.41 58.97 63.32
N UNK E 25 87.29 59.83 62.79
CA UNK E 25 87.00 60.57 61.57
C UNK E 25 86.81 59.59 60.40
N UNK E 26 87.65 58.56 60.35
CA UNK E 26 87.57 57.56 59.30
C UNK E 26 86.25 56.81 59.40
N UNK E 27 85.84 56.50 60.63
CA UNK E 27 84.58 55.78 60.87
C UNK E 27 83.40 56.57 60.32
N UNK E 28 79.86 65.52 65.58
CA UNK E 28 79.00 65.12 66.68
C UNK E 28 78.94 63.60 66.80
N UNK E 29 78.42 62.94 65.76
CA UNK E 29 78.31 61.49 65.75
C UNK E 29 79.69 60.85 65.81
N UNK E 30 80.64 61.43 65.08
CA UNK E 30 82.01 60.92 65.06
C UNK E 30 82.62 61.05 66.45
N UNK E 31 82.36 62.17 67.11
CA UNK E 31 82.87 62.42 68.45
C UNK E 31 82.28 61.39 69.42
N UNK E 32 81.00 61.10 69.26
CA UNK E 32 80.33 60.12 70.11
C UNK E 32 80.96 58.74 69.91
N UNK E 33 81.26 58.42 68.66
CA UNK E 33 81.88 57.13 68.33
C UNK E 33 83.26 57.05 68.99
N UNK E 34 84.00 58.16 68.95
CA UNK E 34 85.32 58.22 69.55
C UNK E 34 85.21 58.01 71.06
N UNK E 35 84.20 58.62 71.67
CA UNK E 35 83.97 58.48 73.10
C UNK E 35 83.67 57.03 73.44
N UNK E 36 82.87 56.38 72.60
CA UNK E 36 82.53 54.97 72.79
C UNK E 36 83.78 54.11 72.71
N UNK E 37 84.65 54.43 71.76
CA UNK E 37 85.91 53.70 71.59
C UNK E 37 86.78 53.87 72.83
N UNK E 38 86.82 55.08 73.35
CA UNK E 38 87.63 55.40 74.53
C UNK E 38 87.00 54.88 75.82
N UNK E 39 85.68 54.96 75.91
CA UNK E 39 84.98 54.50 77.11
C UNK E 39 85.20 53.00 77.32
N UNK E 40 85.13 52.23 76.24
CA UNK E 40 85.33 50.79 76.32
C UNK E 40 86.73 50.48 76.80
N UNK E 41 87.71 51.22 76.26
CA UNK E 41 89.10 51.04 76.63
C UNK E 41 89.29 51.35 78.12
N UNK E 42 88.64 52.41 78.58
CA UNK E 42 88.73 52.81 79.98
C UNK E 42 88.15 51.71 80.86
N UNK E 43 87.03 51.13 80.43
CA UNK E 43 86.40 50.04 81.18
C UNK E 43 87.34 48.85 81.26
N UNK E 44 88.00 48.55 80.15
CA UNK E 44 88.93 47.43 80.09
C UNK E 44 90.09 47.68 81.05
N UNK E 45 90.58 48.91 81.09
CA UNK E 45 91.67 49.29 81.96
C UNK E 45 91.26 49.11 83.41
N UNK E 46 90.02 49.52 83.72
CA UNK E 46 89.50 49.39 85.08
C UNK E 46 89.42 47.92 85.47
N UNK E 47 88.98 47.08 84.53
CA UNK E 47 88.88 45.64 84.78
C UNK E 47 90.26 45.07 85.06
N UNK E 48 91.25 45.52 84.28
CA UNK E 48 92.62 45.06 84.46
C UNK E 48 93.15 45.46 85.83
N UNK E 49 92.82 46.68 86.26
CA UNK E 49 93.26 47.18 87.55
C UNK E 49 92.44 46.56 88.68
N UNK E 50 89.94 35.18 78.53
CA UNK E 50 91.26 35.22 77.93
C UNK E 50 91.17 35.24 76.41
N UNK E 51 90.84 34.08 75.82
CA UNK E 51 90.71 33.97 74.38
C UNK E 51 89.59 34.87 73.88
N UNK E 52 88.48 34.90 74.61
CA UNK E 52 87.34 35.74 74.24
C UNK E 52 87.74 37.21 74.26
N UNK E 53 88.50 37.59 75.29
CA UNK E 53 88.98 38.96 75.42
C UNK E 53 89.88 39.31 74.24
N UNK E 54 90.74 38.39 73.86
CA UNK E 54 91.65 38.60 72.74
C UNK E 54 90.85 38.79 71.46
N UNK E 55 89.80 37.99 71.29
CA UNK E 55 88.96 38.07 70.11
C UNK E 55 88.27 39.44 70.07
N UNK E 56 87.81 39.90 71.23
CA UNK E 56 87.15 41.20 71.32
C UNK E 56 88.14 42.30 70.94
N UNK E 57 89.38 42.19 71.40
CA UNK E 57 90.40 43.16 71.09
C UNK E 57 90.66 43.18 69.59
N UNK E 58 90.71 42.00 68.98
CA UNK E 58 90.93 41.89 67.54
C UNK E 58 89.80 42.55 66.78
N UNK E 59 88.57 42.34 67.26
CA UNK E 59 87.40 42.93 66.64
C UNK E 59 87.47 44.46 66.73
N UNK E 60 87.91 44.95 67.89
CA UNK E 60 88.05 46.39 68.09
C UNK E 60 89.08 46.95 67.12
N UNK E 61 90.18 46.23 66.94
CA UNK E 61 91.23 46.65 66.02
C UNK E 61 90.68 46.72 64.60
N UNK E 62 89.88 45.72 64.23
CA UNK E 62 89.29 45.67 62.90
C UNK E 62 88.35 46.85 62.70
N UNK E 63 87.59 47.18 63.75
CA UNK E 63 86.65 48.31 63.69
C UNK E 63 87.43 49.61 63.50
N UNK E 64 88.56 49.73 64.21
CA UNK E 64 89.40 50.91 64.11
C UNK E 64 89.95 51.04 62.69
N UNK E 65 90.35 49.91 62.11
CA UNK E 65 90.88 49.88 60.76
C UNK E 65 89.80 50.31 59.76
N UNK E 66 88.57 49.86 59.99
CA UNK E 66 87.45 50.20 59.13
C UNK E 66 86.70 51.42 59.66
N UNK E 67 85.20 40.82 82.16
CA UNK E 67 86.16 40.44 81.14
C UNK E 67 85.45 40.01 79.86
N UNK E 68 85.28 38.70 79.70
CA UNK E 68 84.61 38.16 78.51
C UNK E 68 83.17 38.65 78.45
N UNK E 69 82.50 38.67 79.61
CA UNK E 69 81.12 39.12 79.69
C UNK E 69 81.03 40.59 79.29
N UNK E 70 82.00 41.39 79.75
CA UNK E 70 82.05 42.81 79.44
C UNK E 70 82.23 42.98 77.94
N UNK E 71 83.09 42.16 77.34
CA UNK E 71 83.35 42.23 75.90
C UNK E 71 82.07 41.91 75.13
N UNK E 72 81.33 40.89 75.62
CA UNK E 72 80.08 40.50 74.99
C UNK E 72 79.08 41.64 75.06
N UNK E 73 79.03 42.32 76.21
CA UNK E 73 78.14 43.45 76.41
C UNK E 73 78.49 44.57 75.45
N UNK E 74 79.79 44.80 75.28
CA UNK E 74 80.29 45.84 74.41
C UNK E 74 80.08 45.51 72.93
N UNK E 75 80.18 44.23 72.59
CA UNK E 75 79.99 43.82 71.20
C UNK E 75 78.56 44.13 70.76
N UNK E 76 77.60 43.83 71.63
CA UNK E 76 76.19 44.09 71.33
C UNK E 76 75.96 45.58 71.12
N UNK E 77 76.58 46.38 71.99
CA UNK E 77 76.44 47.83 71.90
C UNK E 77 77.02 48.33 70.59
N UNK E 78 78.16 47.77 70.19
CA UNK E 78 78.80 48.16 68.93
C UNK E 78 77.90 47.81 67.76
N UNK E 79 77.27 46.65 67.82
CA UNK E 79 76.36 46.21 66.77
C UNK E 79 75.17 47.17 66.68
N UNK E 80 74.66 47.58 67.83
CA UNK E 80 73.54 48.51 67.89
C UNK E 80 73.94 49.84 67.27
N UNK E 81 75.15 50.29 67.56
CA UNK E 81 75.66 51.55 67.03
C UNK E 81 75.76 51.45 65.51
N UNK E 82 76.24 50.31 65.02
CA UNK E 82 76.36 50.10 63.58
C UNK E 82 74.98 50.14 62.93
N UNK E 83 74.00 49.53 63.59
CA UNK E 83 72.63 49.53 63.07
C UNK E 83 72.09 50.96 63.01
N UNK E 84 72.38 51.74 64.04
CA UNK E 84 71.93 53.13 64.10
C UNK E 84 72.57 53.92 62.96
N UNK E 85 73.85 53.67 62.70
CA UNK E 85 74.57 54.35 61.63
C UNK E 85 73.93 53.99 60.29
N UNK E 86 73.58 52.72 60.11
CA UNK E 86 72.94 52.26 58.89
C UNK E 86 71.59 52.96 58.69
N UNK E 87 70.85 53.10 59.79
CA UNK E 87 69.55 53.75 59.75
C UNK E 87 69.67 55.25 59.97
N UNK E 88 81.86 29.65 72.63
CA UNK E 88 80.93 30.73 72.34
C UNK E 88 81.70 32.04 72.11
N UNK E 89 82.84 32.18 72.77
CA UNK E 89 83.66 33.37 72.64
C UNK E 89 84.15 33.53 71.20
N UNK E 90 84.55 32.41 70.60
CA UNK E 90 85.04 32.43 69.22
C UNK E 90 83.92 32.88 68.28
N UNK E 91 82.71 32.38 68.53
CA UNK E 91 81.56 32.73 67.72
C UNK E 91 81.27 34.22 67.85
N UNK E 92 81.38 34.73 69.08
CA UNK E 92 81.15 36.15 69.34
C UNK E 92 82.18 36.98 68.58
N UNK E 93 83.43 36.53 68.58
CA UNK E 93 84.50 37.23 67.88
C UNK E 93 84.21 37.26 66.38
N UNK E 94 83.72 36.13 65.85
CA UNK E 94 83.39 36.04 64.44
C UNK E 94 82.27 37.01 64.10
N UNK E 95 81.28 37.10 64.98
CA UNK E 95 80.15 38.00 64.79
C UNK E 95 80.64 39.44 64.78
N UNK E 96 81.57 39.75 65.69
CA UNK E 96 82.14 41.09 65.78
C UNK E 96 82.89 41.43 64.49
N UNK E 97 83.62 40.45 63.96
CA UNK E 97 84.35 40.64 62.71
C UNK E 97 83.39 40.92 61.57
N UNK E 98 82.28 40.19 61.55
CA UNK E 98 81.26 40.37 60.52
C UNK E 98 80.67 41.77 60.62
N UNK E 99 80.42 42.22 61.85
CA UNK E 99 79.87 43.55 62.08
C UNK E 99 80.85 44.61 61.58
N UNK E 100 82.13 44.40 61.84
CA UNK E 100 83.17 45.34 61.40
C UNK E 100 83.18 45.41 59.88
N UNK E 101 83.06 44.25 59.24
CA UNK E 101 83.04 44.18 57.79
C UNK E 101 81.83 44.94 57.25
N UNK E 102 80.69 44.79 57.90
CA UNK E 102 79.47 45.48 57.49
C UNK E 102 79.66 46.99 57.61
N UNK E 103 80.31 47.41 58.69
CA UNK E 103 80.57 48.82 58.93
C UNK E 103 81.49 49.38 57.85
N UNK E 104 82.48 48.59 57.46
CA UNK E 104 83.43 49.01 56.43
C UNK E 104 82.97 48.54 55.06
N UNK E 105 67.46 47.81 53.47
CA UNK E 105 68.43 47.46 54.50
C UNK E 105 67.76 47.35 55.86
N UNK E 106 66.50 47.77 55.93
CA UNK E 106 65.75 47.72 57.18
C UNK E 106 65.59 46.27 57.64
N UNK E 107 65.32 45.38 56.69
CA UNK E 107 65.16 43.96 57.00
C UNK E 107 66.46 43.41 57.55
N UNK E 108 67.57 43.80 56.93
CA UNK E 108 68.89 43.36 57.37
C UNK E 108 69.16 43.84 58.78
N UNK E 109 68.78 45.09 59.07
CA UNK E 109 68.97 45.66 60.40
C UNK E 109 68.16 44.87 61.43
N UNK E 110 66.93 44.51 61.06
CA UNK E 110 66.05 43.74 61.94
C UNK E 110 66.67 42.37 62.22
N UNK E 111 67.24 41.77 61.18
CA UNK E 111 67.88 40.46 61.31
C UNK E 111 69.08 40.57 62.25
N UNK E 112 69.84 41.65 62.13
CA UNK E 112 71.00 41.89 62.98
C UNK E 112 70.55 42.03 64.43
N UNK E 113 69.44 42.74 64.64
CA UNK E 113 68.91 42.92 65.99
C UNK E 113 68.50 41.58 66.57
N UNK E 114 67.87 40.74 65.75
CA UNK E 114 67.45 39.42 66.17
C UNK E 114 68.66 38.58 66.55
N UNK E 115 69.72 38.68 65.77
CA UNK E 115 70.95 37.95 66.03
C UNK E 115 71.54 38.39 67.35
N UNK E 116 71.51 39.69 67.61
CA UNK E 116 72.04 40.23 68.85
C UNK E 116 71.23 39.71 70.04
N UNK E 117 69.91 39.64 69.86
CA UNK E 117 69.03 39.14 70.91
C UNK E 117 69.35 37.67 71.19
N UNK E 118 69.59 36.91 70.13
CA UNK E 118 69.93 35.49 70.26
C UNK E 118 71.25 35.34 71.01
N UNK E 119 72.21 36.21 70.70
CA UNK E 119 73.51 36.18 71.36
C UNK E 119 73.34 36.47 72.85
N UNK E 120 72.48 37.43 73.17
CA UNK E 120 72.21 37.79 74.55
C UNK E 120 71.59 36.61 75.28
N UNK E 121 70.67 35.92 74.61
CA UNK E 121 70.01 34.75 75.18
C UNK E 121 71.03 33.65 75.46
N UNK E 122 71.97 33.47 74.54
CA UNK E 122 73.00 32.45 74.67
C UNK E 122 74.21 33.01 75.39
N UNK E 123 78.47 24.09 66.99
CA UNK E 123 78.96 25.12 66.08
C UNK E 123 77.81 25.65 65.22
N UNK E 124 76.62 25.11 65.42
CA UNK E 124 75.45 25.53 64.65
C UNK E 124 75.15 26.99 64.93
N UNK E 125 75.25 27.40 66.18
CA UNK E 125 74.99 28.78 66.56
C UNK E 125 75.99 29.71 65.87
N UNK E 126 77.25 29.28 65.84
CA UNK E 126 78.31 30.06 65.21
C UNK E 126 78.01 30.20 63.72
N UNK E 127 77.56 29.11 63.10
CA UNK E 127 77.24 29.12 61.68
C UNK E 127 76.09 30.09 61.42
N UNK E 128 75.09 30.09 62.30
CA UNK E 128 73.96 30.99 62.17
C UNK E 128 74.42 32.43 62.27
N UNK E 129 75.33 32.70 63.20
CA UNK E 129 75.87 34.05 63.38
C UNK E 129 76.61 34.50 62.12
N UNK E 130 77.37 33.57 61.54
CA UNK E 130 78.12 33.85 60.32
C UNK E 130 77.15 34.18 59.19
N UNK E 131 76.06 33.42 59.11
CA UNK E 131 75.05 33.64 58.08
C UNK E 131 74.42 35.03 58.26
N UNK E 132 74.16 35.40 59.51
CA UNK E 132 73.58 36.70 59.81
C UNK E 132 74.53 37.81 59.37
N UNK E 133 75.82 37.60 59.63
CA UNK E 133 76.83 38.58 59.26
C UNK E 133 76.87 38.73 57.74
N UNK E 134 76.78 37.60 57.03
CA UNK E 134 76.79 37.61 55.58
C UNK E 134 75.58 38.37 55.05
N UNK E 135 74.43 38.15 55.67
CA UNK E 135 73.20 38.83 55.28
C UNK E 135 73.34 40.33 55.47
N UNK E 136 73.96 40.73 56.59
CA UNK E 136 74.18 42.13 56.90
C UNK E 136 75.11 42.75 55.86
N UNK E 137 76.13 42.01 55.45
CA UNK E 137 77.08 42.49 54.47
C UNK E 137 76.36 42.88 53.18
N UNK E 138 53.31 41.69 56.22
CA UNK E 138 54.56 41.10 55.75
C UNK E 138 55.70 41.50 56.67
N UNK E 139 55.98 42.79 56.73
CA UNK E 139 57.06 43.30 57.57
C UNK E 139 56.78 43.00 59.04
N UNK E 140 55.53 43.18 59.44
CA UNK E 140 55.14 42.92 60.83
C UNK E 140 55.33 41.45 61.15
N UNK E 141 54.97 40.58 60.21
CA UNK E 141 55.12 39.14 60.39
C UNK E 141 56.60 38.79 60.53
N UNK E 142 57.43 39.43 59.71
CA UNK E 142 58.86 39.19 59.76
C UNK E 142 59.42 39.61 61.12
N UNK E 143 58.94 40.75 61.62
CA UNK E 143 59.38 41.24 62.93
C UNK E 143 58.98 40.26 64.02
N UNK E 144 57.77 39.72 63.92
CA UNK E 144 57.29 38.75 64.89
C UNK E 144 58.16 37.50 64.86
N UNK E 145 58.53 37.06 63.65
CA UNK E 145 59.37 35.89 63.50
C UNK E 145 60.73 36.14 64.13
N UNK E 146 61.27 37.34 63.93
CA UNK E 146 62.55 37.71 64.50
C UNK E 146 62.48 37.68 66.03
N UNK E 147 61.37 38.19 66.57
CA UNK E 147 61.17 38.21 68.01
C UNK E 147 61.12 36.78 68.54
N UNK E 148 60.44 35.90 67.81
CA UNK E 148 60.33 34.50 68.21
C UNK E 148 61.71 33.85 68.21
N UNK E 149 62.51 34.17 67.20
CA UNK E 149 63.87 33.63 67.10
C UNK E 149 64.70 34.10 68.28
N UNK E 150 64.54 35.37 68.65
CA UNK E 150 65.27 35.93 69.78
C UNK E 150 64.87 35.20 71.07
N UNK E 151 63.58 34.94 71.21
CA UNK E 151 63.07 34.24 72.38
C UNK E 151 63.66 32.84 72.45
N UNK E 152 63.74 32.18 71.30
CA UNK E 152 64.30 30.83 71.21
C UNK E 152 65.77 30.84 71.62
N UNK E 153 66.49 31.87 71.17
CA UNK E 153 67.91 32.00 71.48
C UNK E 153 68.11 32.30 72.96
N UNK E 154 64.86 42.44 49.95
CA UNK E 154 65.47 42.41 51.27
C UNK E 154 64.60 41.66 52.26
N UNK E 155 63.30 41.94 52.22
CA UNK E 155 62.35 41.28 53.12
C UNK E 155 62.34 39.78 52.87
N UNK E 156 62.37 39.38 51.61
CA UNK E 156 62.38 37.96 51.25
C UNK E 156 63.63 37.30 51.79
N UNK E 157 64.77 37.98 51.66
CA UNK E 157 66.04 37.46 52.15
C UNK E 157 65.99 37.28 53.66
N UNK E 158 65.39 38.27 54.34
CA UNK E 158 65.26 38.21 55.80
C UNK E 158 64.40 37.02 56.19
N UNK E 159 63.32 36.79 55.45
CA UNK E 159 62.43 35.67 55.70
C UNK E 159 63.18 34.35 55.52
N UNK E 160 64.01 34.28 54.48
CA UNK E 160 64.79 33.08 54.22
C UNK E 160 65.75 32.83 55.37
N UNK E 161 66.37 33.89 55.88
CA UNK E 161 67.30 33.77 56.99
C UNK E 161 66.57 33.25 58.22
N UNK E 162 65.36 33.77 58.45
CA UNK E 162 64.55 33.35 59.59
C UNK E 162 64.21 31.87 59.46
N UNK E 163 63.87 31.44 58.25
CA UNK E 163 63.54 30.05 57.99
C UNK E 163 64.75 29.17 58.27
N UNK E 164 65.93 29.62 57.87
CA UNK E 164 67.16 28.88 58.10
C UNK E 164 67.41 28.74 59.60
N UNK E 165 67.16 29.82 60.33
CA UNK E 165 67.35 29.81 61.78
C UNK E 165 66.39 28.81 62.42
N UNK E 166 65.15 28.79 61.93
CA UNK E 166 64.14 27.87 62.43
C UNK E 166 64.57 26.43 62.17
N UNK E 167 65.13 26.19 60.98
CA UNK E 167 65.60 24.86 60.60
C UNK E 167 66.73 24.43 61.54
N UNK E 168 67.62 25.37 61.85
CA UNK E 168 68.74 25.08 62.74
C UNK E 168 68.21 24.72 64.12
N UNK E 169 67.19 25.46 64.58
CA UNK E 169 66.58 25.19 65.88
C UNK E 169 65.96 23.80 65.90
N UNK E 170 65.30 23.44 64.80
CA UNK E 170 64.67 22.13 64.68
C UNK E 170 65.73 21.04 64.74
N UNK E 171 66.86 21.27 64.07
CA UNK E 171 67.96 20.32 64.07
C UNK E 171 68.50 20.14 65.48
N UNK E 172 68.62 21.25 66.20
CA UNK E 172 69.10 21.21 67.58
C UNK E 172 68.14 20.42 68.45
N UNK E 173 66.85 20.60 68.24
CA UNK E 173 65.83 19.90 69.00
C UNK E 173 65.93 18.39 68.78
N UNK E 174 51.48 34.07 47.95
CA UNK E 174 52.59 33.26 48.43
C UNK E 174 53.11 33.80 49.76
N UNK E 175 53.31 35.11 49.82
CA UNK E 175 53.81 35.75 51.03
C UNK E 175 52.82 35.56 52.17
N UNK E 176 51.53 35.70 51.86
CA UNK E 176 50.49 35.52 52.87
C UNK E 176 50.51 34.09 53.41
N UNK E 177 50.69 33.13 52.50
CA UNK E 177 50.74 31.73 52.88
C UNK E 177 51.94 31.48 53.79
N UNK E 178 53.07 32.10 53.46
CA UNK E 178 54.27 31.96 54.25
C UNK E 178 54.05 32.52 55.65
N UNK E 179 53.37 33.67 55.72
CA UNK E 179 53.06 34.30 57.00
C UNK E 179 52.17 33.39 57.83
N UNK E 180 51.20 32.76 57.18
CA UNK E 180 50.29 31.85 57.85
C UNK E 180 51.07 30.65 58.41
N UNK E 181 52.01 30.15 57.62
CA UNK E 181 52.84 29.02 58.04
C UNK E 181 53.67 29.41 59.26
N UNK E 182 54.20 30.63 59.24
CA UNK E 182 55.01 31.12 60.35
C UNK E 182 54.14 31.21 61.62
N UNK E 183 52.91 31.69 61.45
CA UNK E 183 51.98 31.80 62.57
C UNK E 183 51.68 30.41 63.14
N UNK E 184 51.50 29.44 62.25
CA UNK E 184 51.21 28.08 62.66
C UNK E 184 52.39 27.52 63.45
N UNK E 185 53.60 27.81 62.99
CA UNK E 185 54.81 27.35 63.66
C UNK E 185 54.88 27.96 65.06
N UNK E 186 54.54 29.24 65.16
CA UNK E 186 54.55 29.93 66.44
C UNK E 186 53.55 29.28 67.39
N UNK E 187 52.38 28.95 66.87
CA UNK E 187 51.33 28.31 67.67
C UNK E 187 51.82 26.95 68.16
N UNK E 188 52.50 26.21 67.29
CA UNK E 188 53.02 24.90 67.65
C UNK E 188 54.07 25.03 68.75
N UNK E 189 54.90 26.07 68.66
CA UNK E 189 55.94 26.30 69.65
C UNK E 189 55.32 26.69 70.99
N UNK E 190 57.53 11.78 65.84
CA UNK E 190 56.30 11.61 65.09
C UNK E 190 55.65 12.97 64.81
N UNK E 191 54.97 13.51 65.81
CA UNK E 191 54.30 14.80 65.67
C UNK E 191 55.32 15.90 65.41
N UNK E 192 56.45 15.84 66.12
CA UNK E 192 57.51 16.83 65.94
C UNK E 192 58.05 16.76 64.52
N UNK E 193 58.24 15.54 64.01
CA UNK E 193 58.74 15.34 62.67
C UNK E 193 57.75 15.92 61.66
N UNK E 194 56.46 15.70 61.91
CA UNK E 194 55.42 16.21 61.02
C UNK E 194 55.46 17.74 61.01
N UNK E 195 55.65 18.33 62.19
CA UNK E 195 55.72 19.78 62.30
C UNK E 195 56.92 20.31 61.53
N UNK E 196 58.04 19.60 61.63
CA UNK E 196 59.26 19.99 60.92
C UNK E 196 59.02 19.94 59.42
N UNK E 197 58.33 18.89 58.97
CA UNK E 197 58.02 18.72 57.56
C UNK E 197 57.13 19.87 57.08
N UNK E 198 56.16 20.26 57.91
CA UNK E 198 55.27 21.36 57.57
C UNK E 198 56.06 22.65 57.45
N UNK E 199 57.00 22.85 58.36
CA UNK E 199 57.84 24.04 58.35
C UNK E 199 58.67 24.08 57.06
N UNK E 200 59.20 22.92 56.68
CA UNK E 200 60.00 22.81 55.47
C UNK E 200 59.15 23.15 54.25
N UNK E 201 57.90 22.66 54.25
CA UNK E 201 56.99 22.93 53.14
C UNK E 201 56.72 24.43 53.06
N UNK E 202 56.53 25.06 54.22
CA UNK E 202 56.27 26.49 54.27
C UNK E 202 57.47 27.25 53.71
N UNK E 203 58.67 26.81 54.07
CA UNK E 203 59.89 27.44 53.60
C UNK E 203 59.99 27.32 52.08
N UNK E 204 59.63 26.14 51.57
CA UNK E 204 59.67 25.89 50.14
C UNK E 204 58.68 26.81 49.41
N UNK E 205 57.51 27.00 50.02
CA UNK E 205 56.48 27.84 49.43
C UNK E 205 56.90 29.31 49.41
N UNK E 206 57.71 29.70 50.39
CA UNK E 206 58.19 31.07 50.49
C UNK E 206 59.25 31.33 49.43
N UNK E 207 60.14 30.36 49.23
CA UNK E 207 61.19 30.48 48.23
C UNK E 207 60.58 30.59 46.85
N UNK E 208 59.54 29.79 46.59
CA UNK E 208 58.86 29.80 45.30
C UNK E 208 58.22 31.16 45.07
N UNK E 209 57.62 31.72 46.13
CA UNK E 209 56.99 33.03 46.03
C UNK E 209 58.05 34.09 45.71
N UNK E 210 59.21 33.98 46.35
CA UNK E 210 60.30 34.93 46.12
C UNK E 210 60.77 34.83 44.68
N UNK E 211 60.85 33.61 44.16
CA UNK E 211 61.28 33.37 42.79
C UNK E 211 60.28 33.99 41.81
N UNK E 212 59.00 33.86 42.13
CA UNK E 212 57.95 34.40 41.27
C UNK E 212 57.48 35.76 41.78
N UNK E 213 45.84 11.00 66.28
CA UNK E 213 44.98 11.20 65.13
C UNK E 213 44.72 12.67 64.89
N UNK E 214 44.54 13.42 65.97
CA UNK E 214 44.28 14.85 65.89
C UNK E 214 45.47 15.56 65.25
N UNK E 215 46.67 15.16 65.65
CA UNK E 215 47.89 15.77 65.11
C UNK E 215 47.98 15.50 63.61
N UNK E 216 47.64 14.28 63.21
CA UNK E 216 47.68 13.90 61.81
C UNK E 216 46.68 14.73 61.01
N UNK E 217 45.50 14.94 61.61
CA UNK E 217 44.46 15.73 60.97
C UNK E 217 44.95 17.17 60.78
N UNK E 218 45.62 17.69 61.81
CA UNK E 218 46.15 19.05 61.76
C UNK E 218 47.19 19.16 60.65
N UNK E 219 48.03 18.14 60.53
CA UNK E 219 49.06 18.12 59.50
C UNK E 219 48.41 18.12 58.12
N UNK E 220 47.34 17.34 57.97
CA UNK E 220 46.63 17.27 56.71
C UNK E 220 46.03 18.62 56.37
N UNK E 221 45.48 19.29 57.38
CA UNK E 221 44.89 20.61 57.19
C UNK E 221 45.95 21.60 56.73
N UNK E 222 47.14 21.51 57.34
CA UNK E 222 48.24 22.40 56.99
C UNK E 222 48.65 22.16 55.55
N UNK E 223 48.69 20.88 55.14
CA UNK E 223 49.06 20.54 53.78
C UNK E 223 48.04 21.11 52.81
N UNK E 224 46.76 21.02 53.17
CA UNK E 224 45.69 21.54 52.33
C UNK E 224 45.84 23.05 52.18
N UNK E 225 46.17 23.72 53.28
CA UNK E 225 46.36 25.16 53.27
C UNK E 225 47.52 25.53 52.34
N UNK E 226 48.59 24.75 52.41
CA UNK E 226 49.76 24.98 51.57
C UNK E 226 49.37 24.82 50.11
N UNK E 227 48.57 23.81 49.81
CA UNK E 227 48.12 23.57 48.44
C UNK E 227 47.29 24.73 47.95
N UNK E 228 46.42 25.26 48.82
CA UNK E 228 45.57 26.39 48.49
C UNK E 228 46.42 27.61 48.19
N UNK E 229 47.48 27.81 48.98
CA UNK E 229 48.37 28.95 48.82
C UNK E 229 49.45 28.63 47.79
N UNK E 230 33.93 24.67 42.39
CA UNK E 230 33.35 25.07 43.68
C UNK E 230 33.42 23.91 44.68
N UNK E 231 33.69 22.71 44.17
CA UNK E 231 33.77 21.53 45.01
C UNK E 231 34.92 21.67 46.01
N UNK E 232 36.05 22.20 45.53
CA UNK E 232 37.21 22.39 46.38
C UNK E 232 36.88 23.38 47.50
N UNK E 233 36.17 24.44 47.14
CA UNK E 233 35.77 25.45 48.11
C UNK E 233 34.85 24.84 49.16
N UNK E 234 33.93 23.99 48.70
CA UNK E 234 32.99 23.33 49.61
C UNK E 234 33.76 22.43 50.58
N UNK E 235 34.77 21.73 50.06
CA UNK E 235 35.58 20.84 50.88
C UNK E 235 36.32 21.67 51.93
N UNK E 236 36.84 22.82 51.52
CA UNK E 236 37.56 23.71 52.44
C UNK E 236 36.62 24.18 53.54
N UNK E 237 35.39 24.52 53.17
CA UNK E 237 34.40 24.97 54.14
C UNK E 237 34.09 23.87 55.14
N UNK E 238 33.98 22.65 54.63
CA UNK E 238 33.71 21.49 55.48
C UNK E 238 34.85 21.28 56.45
N UNK E 239 36.09 21.44 55.96
CA UNK E 239 37.27 21.29 56.79
C UNK E 239 37.28 22.33 57.89
N UNK E 240 36.89 23.56 57.54
CA UNK E 240 36.84 24.64 58.52
C UNK E 240 35.80 24.31 59.59
N UNK E 241 34.66 23.78 59.17
CA UNK E 241 33.61 23.40 60.11
C UNK E 241 34.10 22.31 61.05
N UNK E 242 34.84 21.35 60.49
CA UNK E 242 35.38 20.25 61.28
C UNK E 242 36.37 20.79 62.32
N UNK E 243 37.19 21.76 61.90
CA UNK E 243 38.16 22.37 62.79
C UNK E 243 37.45 23.09 63.92
N UNK E 244 36.37 23.77 63.59
CA UNK E 244 35.58 24.49 64.59
C UNK E 244 35.00 23.50 65.59
N UNK E 245 34.51 22.37 65.09
CA UNK E 245 33.94 21.33 65.95
C UNK E 245 35.01 20.78 66.89
N UNK E 246 36.22 20.59 66.36
CA UNK E 246 37.33 20.08 67.13
C UNK E 246 37.70 21.07 68.24
N UNK E 247 37.67 22.35 67.91
CA UNK E 247 38.00 23.40 68.87
C UNK E 247 37.15 23.26 70.13
N UNK E 248 41.83 19.01 39.84
CA UNK E 248 42.95 18.15 40.19
C UNK E 248 43.34 18.34 41.66
N UNK E 249 44.14 19.37 41.92
CA UNK E 249 44.59 19.66 43.28
C UNK E 249 43.39 20.00 44.16
N UNK E 250 42.46 20.77 43.62
CA UNK E 250 41.26 21.15 44.36
C UNK E 250 40.44 19.92 44.70
N UNK E 251 40.33 19.00 43.74
CA UNK E 251 39.59 17.75 43.94
C UNK E 251 40.26 16.93 45.04
N UNK E 252 41.58 16.89 45.03
CA UNK E 252 42.33 16.15 46.04
C UNK E 252 42.07 16.75 47.42
N UNK E 253 42.05 18.08 47.48
CA UNK E 253 41.80 18.78 48.74
C UNK E 253 40.41 18.45 49.24
N UNK E 254 39.44 18.41 48.32
CA UNK E 254 38.07 18.08 48.68
C UNK E 254 38.00 16.66 49.24
N UNK E 255 38.73 15.75 48.61
CA UNK E 255 38.77 14.35 49.05
C UNK E 255 39.35 14.28 50.46
N UNK E 256 40.44 15.03 50.67
CA UNK E 256 41.13 15.06 51.95
C UNK E 256 40.24 15.61 53.05
N UNK E 257 39.51 16.68 52.73
CA UNK E 257 38.62 17.30 53.71
C UNK E 257 37.53 16.31 54.11
N UNK E 258 36.99 15.60 53.12
CA UNK E 258 35.94 14.62 53.37
C UNK E 258 36.47 13.50 54.26
N UNK E 259 37.70 13.07 53.98
CA UNK E 259 38.33 12.01 54.76
C UNK E 259 38.52 12.47 56.20
N UNK E 260 38.93 13.73 56.37
CA UNK E 260 39.13 14.29 57.69
C UNK E 260 37.81 14.33 58.45
N UNK E 261 36.75 14.70 57.75
CA UNK E 261 35.42 14.76 58.36
C UNK E 261 34.99 13.37 58.80
N UNK E 262 35.28 12.37 57.97
CA UNK E 262 34.93 10.98 58.29
C UNK E 262 35.68 10.55 59.53
N UNK E 263 36.96 10.93 59.62
CA UNK E 263 37.79 10.57 60.76
C UNK E 263 37.23 11.21 62.02
N UNK E 264 36.80 12.47 61.90
CA UNK E 264 36.23 13.19 63.03
C UNK E 264 34.96 12.50 63.50
N UNK E 265 34.14 12.05 62.54
CA UNK E 265 32.90 11.36 62.86
C UNK E 265 33.21 10.06 63.60
N UNK E 266 34.24 9.36 63.13
CA UNK E 266 34.65 8.10 63.76
C UNK E 266 35.09 8.37 65.20
N UNK E 267 35.84 9.45 65.39
CA UNK E 267 36.32 9.82 66.72
C UNK E 267 35.13 10.11 67.64
N UNK E 268 34.14 10.82 67.09
CA UNK E 268 32.94 11.16 67.85
C UNK E 268 32.20 9.89 68.26
N UNK E 269 32.13 8.92 67.35
CA UNK E 269 31.45 7.67 67.61
C UNK E 269 32.14 6.90 68.73
N UNK E 270 22.24 22.98 49.85
CA UNK E 270 23.58 22.40 49.94
C UNK E 270 24.31 22.91 51.18
N UNK E 271 24.81 24.13 51.10
CA UNK E 271 25.53 24.74 52.21
C UNK E 271 24.61 24.88 53.42
N UNK E 272 23.37 25.29 53.18
CA UNK E 272 22.41 25.45 54.26
C UNK E 272 22.14 24.12 54.93
N UNK E 273 22.02 23.07 54.13
CA UNK E 273 21.78 21.73 54.64
C UNK E 273 22.97 21.28 55.49
N UNK E 274 24.17 21.58 55.02
CA UNK E 274 25.38 21.23 55.75
C UNK E 274 25.41 21.94 57.10
N UNK E 275 25.01 23.22 57.10
CA UNK E 275 24.97 24.01 58.32
C UNK E 275 23.97 23.40 59.30
N UNK E 276 22.83 22.98 58.78
CA UNK E 276 21.80 22.36 59.60
C UNK E 276 22.32 21.07 60.21
N UNK E 277 23.06 20.29 59.42
CA UNK E 277 23.63 19.04 59.89
C UNK E 277 24.63 19.32 61.00
N UNK E 278 25.44 20.37 60.83
CA UNK E 278 26.42 20.75 61.84
C UNK E 278 25.72 21.13 63.13
N UNK E 279 24.62 21.87 63.01
CA UNK E 279 23.85 22.28 64.17
C UNK E 279 23.29 21.06 64.90
N UNK E 280 22.81 20.09 64.13
CA UNK E 280 22.26 18.86 64.69
C UNK E 280 23.36 18.11 65.44
N UNK E 281 24.56 18.07 64.86
CA UNK E 281 25.70 17.39 65.48
C UNK E 281 26.05 18.08 66.79
N UNK E 282 26.01 19.41 66.79
CA UNK E 282 26.31 20.18 67.99
C UNK E 282 25.28 19.87 69.08
N UNK E 283 24.03 19.76 68.68
CA UNK E 283 22.95 19.44 69.62
C UNK E 283 23.18 18.06 70.21
N UNK E 284 23.60 17.12 69.37
CA UNK E 284 23.86 15.75 69.81
C UNK E 284 25.01 15.75 70.82
N UNK E 285 26.03 16.55 70.55
CA UNK E 285 27.19 16.64 71.42
C UNK E 285 26.81 17.23 72.77
N UNK E 286 25.10 9.02 68.03
CA UNK E 286 26.24 8.32 67.47
C UNK E 286 25.99 7.98 66.01
N UNK E 287 25.19 6.95 65.77
CA UNK E 287 24.88 6.53 64.40
C UNK E 287 24.14 7.64 63.67
N UNK E 288 23.21 8.29 64.35
CA UNK E 288 22.44 9.37 63.76
C UNK E 288 23.37 10.52 63.38
N UNK E 289 24.32 10.82 64.26
CA UNK E 289 25.29 11.88 64.01
C UNK E 289 26.13 11.54 62.79
N UNK E 290 26.53 10.27 62.69
CA UNK E 290 27.34 9.81 61.57
C UNK E 290 26.55 9.96 60.27
N UNK E 291 25.26 9.63 60.32
CA UNK E 291 24.40 9.74 59.15
C UNK E 291 24.29 11.20 58.73
N UNK E 292 24.17 12.10 59.71
CA UNK E 292 24.07 13.52 59.44
C UNK E 292 25.36 14.00 58.78
N UNK E 293 26.50 13.52 59.27
CA UNK E 293 27.79 13.90 58.72
C UNK E 293 27.88 13.43 57.27
N UNK E 294 27.40 12.22 57.01
CA UNK E 294 27.42 11.66 55.67
C UNK E 294 26.56 12.51 54.74
N UNK E 295 25.40 12.95 55.24
CA UNK E 295 24.50 13.78 54.46
C UNK E 295 25.18 15.10 54.13
N UNK E 296 25.88 15.66 55.10
CA UNK E 296 26.59 16.92 54.91
C UNK E 296 27.66 16.76 53.85
N UNK E 297 28.36 15.63 53.89
CA UNK E 297 29.41 15.33 52.91
C UNK E 297 28.80 15.24 51.52
N UNK E 298 27.63 14.59 51.42
CA UNK E 298 26.95 14.44 50.16
C UNK E 298 26.55 15.80 49.61
N UNK E 299 26.07 16.67 50.50
CA UNK E 299 25.68 18.03 50.10
C UNK E 299 26.90 18.79 49.59
N UNK E 300 28.03 18.62 50.26
CA UNK E 300 29.27 19.28 49.86
C UNK E 300 29.70 18.80 48.47
N UNK E 301 29.55 17.50 48.24
CA UNK E 301 29.93 16.90 46.96
C UNK E 301 28.72 16.85 46.02
N UNK E 302 17.46 17.22 67.83
CA UNK E 302 16.54 16.11 67.56
C UNK E 302 15.52 16.50 66.50
N UNK E 303 14.38 17.01 66.95
CA UNK E 303 13.32 17.43 66.04
C UNK E 303 13.80 18.56 65.13
N UNK E 304 14.54 19.50 65.71
CA UNK E 304 15.06 20.64 64.95
C UNK E 304 16.03 20.14 63.88
N UNK E 305 16.87 19.16 64.25
CA UNK E 305 17.83 18.59 63.33
C UNK E 305 17.10 17.90 62.19
N UNK E 306 16.02 17.19 62.52
CA UNK E 306 15.22 16.51 61.52
C UNK E 306 14.60 17.51 60.55
N UNK E 307 14.13 18.63 61.09
CA UNK E 307 13.54 19.68 60.27
C UNK E 307 14.59 20.26 59.32
N UNK E 308 15.80 20.44 59.84
CA UNK E 308 16.90 20.97 59.04
C UNK E 308 17.22 20.00 57.89
N UNK E 309 17.22 18.70 58.21
CA UNK E 309 17.49 17.68 57.22
C UNK E 309 16.42 17.71 56.13
N UNK E 310 15.17 17.88 56.54
CA UNK E 310 14.06 17.95 55.61
C UNK E 310 14.22 19.15 54.69
N UNK E 311 14.63 20.28 55.26
CA UNK E 311 14.85 21.50 54.48
C UNK E 311 15.95 21.27 53.47
N UNK E 312 17.02 20.59 53.88
CA UNK E 312 18.14 20.29 53.00
C UNK E 312 17.67 19.41 51.84
N UNK E 313 16.83 18.43 52.16
CA UNK E 313 16.29 17.52 51.16
C UNK E 313 15.44 18.29 50.15
N UNK E 314 14.66 19.24 50.65
CA UNK E 314 13.80 20.06 49.79
C UNK E 314 14.60 21.19 49.16
N UNK E 315 11.58 6.51 65.67
CA UNK E 315 11.51 7.89 65.19
C UNK E 315 12.86 8.33 64.65
N UNK E 316 13.90 8.18 65.47
CA UNK E 316 15.25 8.58 65.07
C UNK E 316 15.71 7.76 63.87
N UNK E 317 15.41 6.46 63.90
CA UNK E 317 15.78 5.57 62.80
C UNK E 317 15.08 6.00 61.52
N UNK E 318 13.80 6.36 61.64
CA UNK E 318 13.02 6.81 60.49
C UNK E 318 13.63 8.09 59.92
N UNK E 319 14.04 8.99 60.81
CA UNK E 319 14.63 10.24 60.39
C UNK E 319 15.94 9.98 59.64
N UNK E 320 16.72 9.02 60.15
CA UNK E 320 17.98 8.65 59.51
C UNK E 320 17.73 8.09 58.12
N UNK E 321 16.69 7.27 58.01
CA UNK E 321 16.31 6.67 56.73
C UNK E 321 15.92 7.76 55.75
N UNK E 322 15.17 8.75 56.23
CA UNK E 322 14.73 9.86 55.39
C UNK E 322 15.95 10.63 54.90
N UNK E 323 16.92 10.85 55.80
CA UNK E 323 18.13 11.56 55.43
C UNK E 323 18.89 10.80 54.36
N UNK E 324 18.95 9.48 54.51
CA UNK E 324 19.65 8.63 53.54
C UNK E 324 18.95 8.73 52.18
N UNK E 325 17.62 8.73 52.20
CA UNK E 325 16.84 8.84 50.97
C UNK E 325 17.13 10.17 50.29
N UNK E 326 17.20 11.23 51.09
CA UNK E 326 17.48 12.56 50.56
C UNK E 326 18.87 12.58 49.91
N UNK E 327 19.83 11.94 50.56
CA UNK E 327 21.19 11.88 50.04
C UNK E 327 21.19 11.13 48.71
N UNK E 328 20.42 10.04 48.64
CA UNK E 328 20.34 9.27 47.41
C UNK E 328 19.74 10.12 46.29
N UNK E 329 18.72 10.88 46.62
CA UNK E 329 18.08 11.75 45.65
C UNK E 329 19.04 12.82 45.14
N UNK E 330 19.84 13.38 46.05
CA UNK E 330 20.79 14.43 45.67
C UNK E 330 21.89 14.59 46.72
N UNK E 331 5.99 6.75 65.99
CA UNK E 331 5.03 6.09 65.10
C UNK E 331 4.11 7.10 64.46
N UNK E 332 3.17 7.63 65.25
CA UNK E 332 2.22 8.62 64.74
C UNK E 332 2.95 9.88 64.29
N UNK E 333 3.94 10.29 65.06
CA UNK E 333 4.71 11.49 64.73
C UNK E 333 5.45 11.28 63.41
N UNK E 334 6.01 10.08 63.24
CA UNK E 334 6.73 9.74 62.02
C UNK E 334 5.78 9.77 60.83
N UNK E 335 4.57 9.26 61.03
CA UNK E 335 3.56 9.23 59.98
C UNK E 335 3.20 10.67 59.59
N UNK E 336 3.06 11.53 60.59
CA UNK E 336 2.73 12.93 60.34
C UNK E 336 3.85 13.60 59.54
N UNK E 337 5.10 13.28 59.90
CA UNK E 337 6.25 13.83 59.20
C UNK E 337 6.23 13.38 57.73
N UNK E 338 5.91 12.10 57.52
CA UNK E 338 5.85 11.56 56.18
C UNK E 338 4.77 12.27 55.36
N UNK E 339 3.63 12.52 56.01
CA UNK E 339 2.53 13.22 55.35
C UNK E 339 2.95 14.63 54.96
N UNK E 340 3.68 15.29 55.86
CA UNK E 340 4.16 16.64 55.60
C UNK E 340 5.11 16.63 54.41
N UNK E 341 5.98 15.62 54.35
CA UNK E 341 6.93 15.49 53.26
C UNK E 341 6.18 15.29 51.94
N UNK E 342 5.13 14.48 51.98
CA UNK E 342 4.32 14.22 50.80
C UNK E 342 3.66 15.51 50.32
N UNK E 343 3.17 16.30 51.27
CA UNK E 343 2.54 17.57 50.96
C UNK E 343 3.54 18.51 50.31
N UNK E 344 4.77 18.52 50.84
CA UNK E 344 5.83 19.36 50.29
C UNK E 344 6.14 18.94 48.87
N UNK E 345 6.17 17.63 48.63
CA UNK E 345 6.44 17.09 47.30
C UNK E 345 5.35 17.52 46.33
N UNK E 346 4.10 17.49 46.80
CA UNK E 346 2.96 17.87 45.98
C UNK E 346 3.16 19.27 45.40
N UNK E 347 11.40 12.12 40.07
CA UNK E 347 10.20 12.27 40.88
C UNK E 347 9.59 10.91 41.18
N UNK E 348 9.30 10.14 40.13
CA UNK E 348 8.71 8.82 40.29
C UNK E 348 9.65 7.90 41.05
N UNK E 349 10.94 7.98 40.73
CA UNK E 349 11.94 7.15 41.39
C UNK E 349 12.01 7.50 42.87
N UNK E 350 11.94 8.79 43.18
CA UNK E 350 11.97 9.26 44.55
C UNK E 350 10.74 8.74 45.30
N UNK E 351 9.60 8.76 44.63
CA UNK E 351 8.37 8.28 45.23
C UNK E 351 8.49 6.78 45.54
N UNK E 352 9.09 6.04 44.62
CA UNK E 352 9.28 4.61 44.80
C UNK E 352 10.19 4.36 46.00
N UNK E 353 11.25 5.17 46.11
CA UNK E 353 12.18 5.04 47.22
C UNK E 353 11.47 5.30 48.54
N UNK E 354 10.61 6.32 48.54
CA UNK E 354 9.85 6.67 49.74
C UNK E 354 8.92 5.52 50.12
N UNK E 355 8.30 4.90 49.12
CA UNK E 355 7.41 3.78 49.36
C UNK E 355 8.18 2.62 49.97
N UNK E 356 9.38 2.38 49.46
CA UNK E 356 10.24 1.31 49.97
C UNK E 356 10.59 1.58 51.43
N UNK E 357 10.90 2.84 51.73
CA UNK E 357 11.24 3.24 53.09
C UNK E 357 10.06 3.02 54.02
N UNK E 358 8.86 3.35 53.54
CA UNK E 358 7.64 3.17 54.32
C UNK E 358 7.42 1.68 54.60
N UNK E 359 7.67 0.85 53.59
CA UNK E 359 7.52 -0.59 53.74
C UNK E 359 8.50 -1.11 54.78
N UNK E 360 9.72 -0.59 54.75
CA UNK E 360 10.76 -1.01 55.68
C UNK E 360 10.65 -0.21 56.99
N UNK E 361 -8.99 16.30 48.74
CA UNK E 361 -7.59 16.15 48.37
C UNK E 361 -6.73 15.94 49.61
N UNK E 362 -6.25 17.04 50.19
CA UNK E 362 -5.41 16.97 51.38
C UNK E 362 -6.19 16.36 52.54
N UNK E 363 -7.45 16.77 52.67
CA UNK E 363 -8.30 16.25 53.75
C UNK E 363 -8.50 14.75 53.58
N UNK E 364 -8.70 14.31 52.33
CA UNK E 364 -8.88 12.90 52.03
C UNK E 364 -7.62 12.13 52.38
N UNK E 365 -6.46 12.71 52.08
CA UNK E 365 -5.19 12.08 52.38
C UNK E 365 -5.03 11.93 53.89
N UNK E 366 -5.43 12.96 54.63
CA UNK E 366 -5.35 12.94 56.08
C UNK E 366 -6.25 11.84 56.63
N UNK E 367 -7.45 11.71 56.05
CA UNK E 367 -8.39 10.68 56.48
C UNK E 367 -7.80 9.29 56.23
N UNK E 368 -7.15 9.13 55.08
CA UNK E 368 -6.52 7.86 54.73
C UNK E 368 -5.43 7.53 55.73
N UNK E 369 -4.64 8.54 56.11
CA UNK E 369 -3.57 8.36 57.08
C UNK E 369 -4.15 7.93 58.42
N UNK E 370 -5.26 8.56 58.81
CA UNK E 370 -5.92 8.22 60.06
C UNK E 370 -6.39 6.78 60.03
N UNK E 371 -6.95 6.36 58.90
CA UNK E 371 -7.43 5.00 58.73
C UNK E 371 -6.27 4.02 58.86
N UNK E 372 -5.13 4.37 58.26
CA UNK E 372 -3.94 3.54 58.33
C UNK E 372 -3.47 3.40 59.78
N UNK E 373 -3.51 4.51 60.51
CA UNK E 373 -3.11 4.52 61.92
C UNK E 373 -4.04 3.60 62.72
N UNK E 374 -5.34 3.68 62.42
CA UNK E 374 -6.32 2.85 63.11
C UNK E 374 -6.05 1.38 62.83
N UNK E 375 -5.71 1.06 61.59
CA UNK E 375 -5.40 -0.31 61.19
C UNK E 375 -4.17 -0.81 61.93
N UNK E 376 -3.18 0.06 62.07
CA UNK E 376 -1.94 -0.29 62.77
C UNK E 376 -2.01 0.12 64.23
N UNK E 377 2.42 -2.85 41.52
CA UNK E 377 1.31 -3.63 42.05
C UNK E 377 0.61 -2.86 43.18
N UNK E 378 0.76 -3.36 44.40
CA UNK E 378 0.15 -2.74 45.56
C UNK E 378 0.72 -1.34 45.77
N UNK E 379 2.04 -1.21 45.59
CA UNK E 379 2.70 0.07 45.73
C UNK E 379 2.18 1.05 44.69
N UNK E 380 2.00 0.56 43.46
CA UNK E 380 1.49 1.39 42.39
C UNK E 380 0.08 1.88 42.71
N UNK E 381 -0.74 0.97 43.27
CA UNK E 381 -2.10 1.31 43.65
C UNK E 381 -2.10 2.39 44.73
N UNK E 382 -1.18 2.25 45.68
CA UNK E 382 -1.05 3.21 46.77
C UNK E 382 -0.66 4.56 46.21
N UNK E 383 0.25 4.58 45.23
CA UNK E 383 0.68 5.80 44.59
C UNK E 383 -0.49 6.47 43.88
N UNK E 384 -1.31 5.66 43.22
CA UNK E 384 -2.47 6.18 42.51
C UNK E 384 -3.44 6.81 43.51
N UNK E 385 -3.62 6.16 44.66
CA UNK E 385 -4.50 6.66 45.70
C UNK E 385 -3.98 7.99 46.23
N UNK E 386 -2.66 8.08 46.40
CA UNK E 386 -2.03 9.30 46.88
C UNK E 386 -2.26 10.43 45.88
N UNK E 387 -2.13 10.11 44.60
CA UNK E 387 -2.34 11.09 43.55
C UNK E 387 -3.79 11.59 43.58
N UNK E 388 -4.72 10.67 43.79
CA UNK E 388 -6.13 11.03 43.87
C UNK E 388 -6.37 11.96 45.06
N UNK E 389 -5.73 11.65 46.18
CA UNK E 389 -5.86 12.47 47.39
C UNK E 389 -5.32 13.87 47.12
N UNK E 390 -4.19 13.95 46.41
CA UNK E 390 -3.58 15.22 46.08
C UNK E 390 -4.51 16.04 45.19
N UNK E 391 -5.16 15.36 44.25
CA UNK E 391 -6.07 16.03 43.33
C UNK E 391 -7.48 16.07 43.91
N UNK E 392 -3.75 -13.84 55.76
CA UNK E 392 -2.57 -14.43 55.14
C UNK E 392 -2.40 -13.91 53.73
N UNK E 393 -3.51 -13.80 52.99
CA UNK E 393 -3.48 -13.30 51.63
C UNK E 393 -2.98 -11.87 51.60
N UNK E 394 -3.45 -11.07 52.55
CA UNK E 394 -3.05 -9.67 52.67
C UNK E 394 -1.55 -9.59 52.95
N UNK E 395 -1.07 -10.47 53.82
CA UNK E 395 0.34 -10.50 54.17
C UNK E 395 1.18 -10.84 52.93
N UNK E 396 0.68 -11.79 52.14
CA UNK E 396 1.37 -12.21 50.92
C UNK E 396 1.44 -11.04 49.95
N UNK E 397 0.33 -10.29 49.85
CA UNK E 397 0.27 -9.14 48.96
C UNK E 397 1.27 -8.09 49.41
N UNK E 398 1.37 -7.88 50.72
CA UNK E 398 2.31 -6.92 51.29
C UNK E 398 3.73 -7.33 50.96
N UNK E 399 4.02 -8.63 51.06
CA UNK E 399 5.34 -9.16 50.76
C UNK E 399 5.67 -8.91 49.29
N UNK E 400 4.68 -9.12 48.43
CA UNK E 400 4.86 -8.92 47.00
C UNK E 400 5.16 -7.44 46.73
N UNK E 401 4.46 -6.56 47.41
CA UNK E 401 4.66 -5.12 47.26
C UNK E 401 6.06 -4.75 47.70
N UNK E 402 6.52 -5.35 48.79
CA UNK E 402 7.87 -5.09 49.30
C UNK E 402 8.90 -5.55 48.28
N UNK E 403 8.65 -6.70 47.66
CA UNK E 403 9.56 -7.24 46.65
C UNK E 403 9.62 -6.28 45.45
N UNK E 404 8.46 -5.75 45.07
CA UNK E 404 8.38 -4.83 43.94
C UNK E 404 8.94 -3.47 44.32
N UNK E 405 -12.34 5.44 45.98
CA UNK E 405 -11.13 6.24 45.84
C UNK E 405 -10.28 6.17 47.11
N UNK E 406 -9.97 7.33 47.69
CA UNK E 406 -9.17 7.39 48.90
C UNK E 406 -9.90 6.69 50.04
N UNK E 407 -11.21 6.91 50.15
CA UNK E 407 -12.01 6.29 51.19
C UNK E 407 -11.98 4.77 51.04
N UNK E 408 -12.09 4.31 49.79
CA UNK E 408 -12.07 2.88 49.51
C UNK E 408 -10.72 2.30 49.91
N UNK E 409 -9.65 3.03 49.61
CA UNK E 409 -8.29 2.59 49.96
C UNK E 409 -8.17 2.47 51.48
N UNK E 410 -8.72 3.45 52.20
CA UNK E 410 -8.68 3.44 53.66
C UNK E 410 -9.44 2.23 54.19
N UNK E 411 -10.58 1.93 53.58
CA UNK E 411 -11.39 0.80 53.99
C UNK E 411 -10.61 -0.49 53.77
N UNK E 412 -9.91 -0.58 52.65
CA UNK E 412 -9.11 -1.75 52.33
C UNK E 412 -8.00 -1.92 53.36
N UNK E 413 -7.39 -0.81 53.74
CA UNK E 413 -6.32 -0.84 54.74
C UNK E 413 -6.86 -1.34 56.07
N UNK E 414 -8.06 -0.87 56.43
CA UNK E 414 -8.70 -1.28 57.67
C UNK E 414 -8.99 -2.77 57.64
N UNK E 415 -9.44 -3.27 56.49
CA UNK E 415 -9.74 -4.68 56.32
C UNK E 415 -8.47 -5.49 56.48
N UNK E 416 -7.37 -5.00 55.92
CA UNK E 416 -6.08 -5.68 56.02
C UNK E 416 -5.63 -5.75 57.47
N UNK E 417 -5.84 -4.65 58.20
CA UNK E 417 -5.47 -4.60 59.61
C UNK E 417 -6.30 -5.61 60.40
N UNK E 418 -7.59 -5.71 60.07
CA UNK E 418 -8.47 -6.66 60.74
C UNK E 418 -8.00 -8.08 60.47
N UNK E 419 -7.59 -8.35 59.23
CA UNK E 419 -7.12 -9.68 58.85
C UNK E 419 -5.87 -10.01 59.64
N UNK E 420 -4.98 -9.02 59.78
CA UNK E 420 -3.74 -9.22 60.53
C UNK E 420 -4.05 -9.53 61.99
N UNK E 421 -5.04 -8.82 62.54
CA UNK E 421 -5.44 -9.04 63.93
C UNK E 421 -6.00 -10.44 64.11
N UNK E 422 -6.77 -10.90 63.12
CA UNK E 422 -7.38 -12.22 63.17
C UNK E 422 -6.51 -13.24 62.41
N UNK E 423 -8.57 -13.40 48.29
CA UNK E 423 -9.55 -14.02 47.39
C UNK E 423 -10.57 -13.00 46.91
N UNK E 424 -11.83 -13.19 47.29
CA UNK E 424 -12.89 -12.28 46.89
C UNK E 424 -12.64 -10.90 47.47
N UNK E 425 -12.20 -10.85 48.72
CA UNK E 425 -11.93 -9.58 49.38
C UNK E 425 -10.78 -8.86 48.66
N UNK E 426 -9.76 -9.63 48.27
CA UNK E 426 -8.62 -9.06 47.57
C UNK E 426 -9.07 -8.49 46.24
N UNK E 427 -9.96 -9.21 45.55
CA UNK E 427 -10.47 -8.76 44.27
C UNK E 427 -11.25 -7.46 44.44
N UNK E 428 -12.04 -7.38 45.52
CA UNK E 428 -12.82 -6.19 45.80
C UNK E 428 -11.89 -5.01 46.07
N UNK E 429 -10.80 -5.27 46.80
CA UNK E 429 -9.83 -4.23 47.10
C UNK E 429 -9.19 -3.73 45.81
N UNK E 430 -8.88 -4.65 44.92
CA UNK E 430 -8.28 -4.29 43.64
C UNK E 430 -9.23 -3.43 42.84
N UNK E 431 -10.52 -3.78 42.86
CA UNK E 431 -11.53 -3.02 42.14
C UNK E 431 -11.62 -1.61 42.72
N UNK E 432 -11.56 -1.51 44.05
CA UNK E 432 -11.62 -0.22 44.71
C UNK E 432 -10.43 0.63 44.30
N UNK E 433 -9.25 0.01 44.22
CA UNK E 433 -8.04 0.71 43.82
C UNK E 433 -8.17 1.22 42.40
N UNK E 434 -8.75 0.39 41.53
CA UNK E 434 -8.95 0.78 40.14
C UNK E 434 -9.90 1.96 40.05
N UNK E 435 -10.95 1.94 40.87
CA UNK E 435 -11.91 3.03 40.91
C UNK E 435 -11.25 4.32 41.37
N UNK E 436 -10.37 4.21 42.36
CA UNK E 436 -9.66 5.36 42.89
C UNK E 436 -8.72 5.95 41.85
N UNK E 437 -16.35 17.88 43.88
CA UNK E 437 -15.89 16.58 44.35
C UNK E 437 -16.66 16.13 45.58
N UNK E 438 -17.61 16.96 46.01
CA UNK E 438 -18.41 16.65 47.18
C UNK E 438 -19.23 15.39 46.95
N UNK E 439 -19.79 15.27 45.75
CA UNK E 439 -20.59 14.11 45.39
C UNK E 439 -19.72 12.85 45.43
N UNK E 440 -18.49 12.98 44.91
CA UNK E 440 -17.56 11.85 44.90
C UNK E 440 -17.23 11.43 46.33
N UNK E 441 -17.04 12.42 47.20
CA UNK E 441 -16.74 12.15 48.61
C UNK E 441 -17.90 11.41 49.25
N UNK E 442 -19.12 11.84 48.94
CA UNK E 442 -20.32 11.22 49.48
C UNK E 442 -20.40 9.77 49.01
N UNK E 443 -20.07 9.54 47.74
CA UNK E 443 -20.09 8.20 47.17
C UNK E 443 -19.09 7.32 47.88
N UNK E 444 -17.91 7.88 48.16
CA UNK E 444 -16.86 7.14 48.85
C UNK E 444 -17.33 6.77 50.25
N UNK E 445 -18.01 7.70 50.92
CA UNK E 445 -18.52 7.46 52.26
C UNK E 445 -19.55 6.33 52.22
N UNK E 446 -20.41 6.35 51.20
CA UNK E 446 -21.44 5.33 51.04
C UNK E 446 -20.78 3.97 50.83
N UNK E 447 -19.71 3.94 50.02
CA UNK E 447 -18.98 2.71 49.76
C UNK E 447 -18.38 2.18 51.05
N UNK E 448 -17.83 3.08 51.87
CA UNK E 448 -17.24 2.70 53.14
C UNK E 448 -18.30 2.10 54.05
N UNK E 449 -19.49 2.72 54.05
CA UNK E 449 -20.60 2.23 54.86
C UNK E 449 -21.00 0.83 54.41
N UNK E 450 -21.04 0.62 53.11
CA UNK E 450 -21.39 -0.68 52.54
C UNK E 450 -20.37 -1.73 52.96
N UNK E 451 -19.09 -1.34 52.93
CA UNK E 451 -18.02 -2.24 53.32
C UNK E 451 -18.16 -2.62 54.79
N UNK E 452 -18.51 -1.64 55.62
CA UNK E 452 -18.70 -1.87 57.04
C UNK E 452 -19.86 -2.84 57.26
N UNK E 453 -20.93 -2.66 56.49
CA UNK E 453 -22.10 -3.53 56.58
C UNK E 453 -21.71 -4.95 56.20
N UNK E 454 -20.90 -5.08 55.15
CA UNK E 454 -20.44 -6.39 54.70
C UNK E 454 -19.60 -7.07 55.78
N UNK E 455 -18.76 -6.28 56.45
CA UNK E 455 -17.89 -6.80 57.51
C UNK E 455 -18.72 -7.20 58.72
N UNK E 456 -18.48 -14.63 48.12
CA UNK E 456 -17.98 -13.71 47.11
C UNK E 456 -19.10 -12.83 46.57
N UNK E 457 -20.32 -13.08 47.02
CA UNK E 457 -21.48 -12.31 46.59
C UNK E 457 -21.32 -10.85 47.00
N UNK E 458 -20.83 -10.63 48.22
CA UNK E 458 -20.61 -9.28 48.72
C UNK E 458 -19.57 -8.56 47.87
N UNK E 459 -18.52 -9.29 47.50
CA UNK E 459 -17.46 -8.73 46.66
C UNK E 459 -18.02 -8.35 45.30
N UNK E 460 -18.89 -9.20 44.75
CA UNK E 460 -19.51 -8.93 43.46
C UNK E 460 -20.37 -7.68 43.55
N UNK E 461 -21.10 -7.54 44.66
CA UNK E 461 -21.95 -6.38 44.87
C UNK E 461 -21.11 -5.11 44.94
N UNK E 462 -19.97 -5.21 45.62
CA UNK E 462 -19.07 -4.08 45.75
C UNK E 462 -18.53 -3.68 44.38
N UNK E 463 -18.21 -4.68 43.56
CA UNK E 463 -17.70 -4.42 42.22
C UNK E 463 -18.77 -3.72 41.39
N UNK E 464 -20.02 -4.17 41.53
CA UNK E 464 -21.13 -3.57 40.81
C UNK E 464 -21.30 -2.11 41.22
N UNK E 465 -21.17 -1.85 42.53
CA UNK E 465 -21.31 -0.50 43.04
C UNK E 465 -20.20 0.38 42.48
N UNK E 466 -18.98 -0.17 42.40
CA UNK E 466 -17.85 0.57 41.87
C UNK E 466 -18.10 0.92 40.41
N UNK E 467 -18.65 -0.04 39.66
CA UNK E 467 -18.95 0.17 38.25
C UNK E 467 -19.99 1.28 38.11
N UNK E 468 -21.00 1.27 38.98
CA UNK E 468 -22.05 2.28 38.95
C UNK E 468 -21.44 3.65 39.23
N UNK E 469 -20.53 3.71 40.19
CA UNK E 469 -19.86 4.97 40.54
C UNK E 469 -19.06 5.49 39.36
N UNK E 470 -18.38 4.58 38.66
CA UNK E 470 -17.57 4.95 37.51
C UNK E 470 -18.45 5.32 36.31
N UNK E 471 -4.25 -7.40 33.66
CA UNK E 471 -4.47 -6.75 34.95
C UNK E 471 -4.00 -5.30 34.91
N UNK E 472 -2.74 -5.10 34.54
CA UNK E 472 -2.16 -3.76 34.48
C UNK E 472 -2.89 -2.93 33.43
N UNK E 473 -3.19 -3.55 32.29
CA UNK E 473 -3.90 -2.87 31.22
C UNK E 473 -5.29 -2.45 31.69
N UNK E 474 -5.95 -3.34 32.44
CA UNK E 474 -7.27 -3.05 32.98
C UNK E 474 -7.19 -1.87 33.94
N UNK E 475 -6.16 -1.84 34.77
CA UNK E 475 -5.97 -0.76 35.72
C UNK E 475 -5.77 0.55 34.97
N UNK E 476 -4.99 0.51 33.90
CA UNK E 476 -4.74 1.70 33.09
C UNK E 476 -6.04 2.20 32.49
N UNK E 477 -6.88 1.27 32.02
CA UNK E 477 -8.17 1.61 31.42
C UNK E 477 -9.05 2.28 32.47
N UNK E 478 -9.03 1.74 33.70
CA UNK E 478 -9.81 2.30 34.79
C UNK E 478 -9.35 3.72 35.09
N UNK E 479 -8.04 3.93 35.08
CA UNK E 479 -7.47 5.25 35.33
C UNK E 479 -7.93 6.23 34.25
N UNK E 480 -7.93 5.76 33.01
CA UNK E 480 -8.36 6.59 31.88
C UNK E 480 -9.83 6.97 32.04
N UNK E 481 -10.64 6.01 32.47
CA UNK E 481 -12.06 6.24 32.69
C UNK E 481 -12.26 7.29 33.79
N UNK E 482 -11.46 7.20 34.84
CA UNK E 482 -11.55 8.13 35.95
C UNK E 482 -11.40 9.57 35.46
N UNK E 483 4.81 -8.07 32.58
CA UNK E 483 5.11 -9.50 32.68
C UNK E 483 4.58 -10.07 33.98
N UNK E 484 5.04 -9.51 35.10
CA UNK E 484 4.61 -9.96 36.41
C UNK E 484 3.11 -9.74 36.59
N UNK E 485 2.63 -8.59 36.12
CA UNK E 485 1.21 -8.26 36.22
C UNK E 485 0.40 -9.26 35.40
N UNK E 486 0.90 -9.61 34.22
CA UNK E 486 0.24 -10.57 33.35
C UNK E 486 0.17 -11.93 34.04
N UNK E 487 1.27 -12.31 34.70
CA UNK E 487 1.32 -13.57 35.41
C UNK E 487 0.28 -13.58 36.54
N UNK E 488 0.16 -12.46 37.24
CA UNK E 488 -0.80 -12.34 38.33
C UNK E 488 -2.22 -12.49 37.78
N UNK E 489 -2.46 -11.87 36.63
CA UNK E 489 -3.77 -11.94 35.98
C UNK E 489 -4.08 -13.38 35.60
N UNK E 490 -3.08 -14.10 35.09
CA UNK E 490 -3.23 -15.49 34.70
C UNK E 490 -3.57 -16.32 35.92
N UNK E 491 -2.91 -16.04 37.04
CA UNK E 491 -3.16 -16.76 38.28
C UNK E 491 -4.60 -16.52 38.74
N UNK E 492 -5.06 -15.28 38.60
CA UNK E 492 -6.43 -14.93 38.98
C UNK E 492 -7.41 -15.69 38.10
N UNK E 493 -7.11 -15.78 36.81
CA UNK E 493 -7.96 -16.50 35.86
C UNK E 493 -8.03 -17.97 36.25
N UNK E 494 -6.88 -18.53 36.63
CA UNK E 494 -6.82 -19.94 37.04
C UNK E 494 -7.68 -20.16 38.27
N UNK E 495 -7.62 -19.22 39.21
CA UNK E 495 -8.41 -19.31 40.42
C UNK E 495 -9.90 -19.26 40.08
N UNK E 496 -10.27 -18.39 39.14
CA UNK E 496 -11.65 -18.26 38.71
C UNK E 496 -12.13 -19.57 38.09
N UNK E 497 -11.26 -20.19 37.29
CA UNK E 497 -11.57 -21.45 36.64
C UNK E 497 -11.80 -22.53 37.69
N UNK E 498 -10.96 -22.53 38.72
CA UNK E 498 -11.07 -23.49 39.80
C UNK E 498 -12.39 -23.30 40.54
N UNK E 499 -12.78 -22.04 40.75
CA UNK E 499 -14.02 -21.73 41.43
C UNK E 499 -15.22 -22.26 40.65
N UNK E 500 -13.05 3.67 23.21
CA UNK E 500 -12.25 3.89 24.40
C UNK E 500 -13.10 3.70 25.66
N UNK E 501 -14.03 4.62 25.89
CA UNK E 501 -14.91 4.54 27.04
C UNK E 501 -15.77 3.28 26.98
N UNK E 502 -16.27 2.97 25.78
CA UNK E 502 -17.09 1.79 25.59
C UNK E 502 -16.27 0.54 25.88
N UNK E 503 -15.03 0.53 25.43
CA UNK E 503 -14.14 -0.60 25.67
C UNK E 503 -13.90 -0.77 27.17
N UNK E 504 -13.72 0.35 27.87
CA UNK E 504 -13.50 0.32 29.31
C UNK E 504 -14.72 -0.25 30.01
N UNK E 505 -15.90 0.14 29.55
CA UNK E 505 -17.15 -0.35 30.12
C UNK E 505 -17.25 -1.87 29.91
N UNK E 506 -16.87 -2.31 28.72
CA UNK E 506 -16.90 -3.73 28.38
C UNK E 506 -15.94 -4.50 29.29
N UNK E 507 -14.77 -3.91 29.54
CA UNK E 507 -13.77 -4.52 30.41
C UNK E 507 -14.32 -4.64 31.82
N UNK E 508 -15.02 -3.61 32.28
CA UNK E 508 -15.62 -3.61 33.61
C UNK E 508 -16.66 -4.72 33.71
N UNK E 509 -17.46 -4.87 32.65
CA UNK E 509 -18.47 -5.91 32.60
C UNK E 509 -17.82 -7.29 32.66
N UNK E 510 -16.71 -7.44 31.94
CA UNK E 510 -15.97 -8.70 31.92
C UNK E 510 -15.45 -9.01 33.32
N UNK E 511 -14.95 -7.99 34.01
CA UNK E 511 -14.44 -8.15 35.36
C UNK E 511 -15.56 -8.60 36.29
N UNK E 512 -16.74 -8.01 36.12
CA UNK E 512 -17.89 -8.36 36.93
C UNK E 512 -18.26 -9.83 36.68
N UNK E 513 -18.22 -10.24 35.41
CA UNK E 513 -18.54 -11.61 35.04
C UNK E 513 -17.55 -12.57 35.69
N UNK E 514 -16.27 -12.18 35.69
CA UNK E 514 -15.22 -12.99 36.30
C UNK E 514 -15.48 -13.14 37.79
N UNK E 515 -15.88 -12.04 38.43
CA UNK E 515 -16.19 -12.06 39.86
C UNK E 515 -17.35 -13.00 40.12
N UNK E 516 -18.36 -12.96 39.26
CA UNK E 516 -19.53 -13.83 39.39
C UNK E 516 -19.10 -15.28 39.27
N UNK E 517 -18.21 -15.56 38.32
CA UNK E 517 -17.71 -16.92 38.11
C UNK E 517 -16.96 -17.40 39.35
N UNK E 518 -16.18 -16.50 39.94
CA UNK E 518 -15.43 -16.83 41.15
C UNK E 518 -16.37 -17.15 42.29
N UNK E 519 -17.46 -16.37 42.39
CA UNK E 519 -18.45 -16.58 43.45
C UNK E 519 -19.45 -17.66 43.02
N UNK E 520 -8.27 -3.49 24.75
CA UNK E 520 -9.37 -3.83 25.65
C UNK E 520 -10.23 -4.93 25.05
N UNK E 521 -10.56 -4.78 23.77
CA UNK E 521 -11.39 -5.75 23.07
C UNK E 521 -10.68 -7.10 23.02
N UNK E 522 -9.38 -7.07 22.77
CA UNK E 522 -8.59 -8.29 22.71
C UNK E 522 -8.59 -8.99 24.06
N UNK E 523 -8.46 -8.20 25.12
CA UNK E 523 -8.47 -8.73 26.47
C UNK E 523 -9.82 -9.38 26.78
N UNK E 524 -10.89 -8.73 26.34
CA UNK E 524 -12.23 -9.26 26.55
C UNK E 524 -12.38 -10.58 25.81
N UNK E 525 -11.85 -10.66 24.59
CA UNK E 525 -11.91 -11.87 23.80
C UNK E 525 -11.16 -12.99 24.50
N UNK E 526 -10.00 -12.66 25.07
CA UNK E 526 -9.19 -13.64 25.79
C UNK E 526 -9.96 -14.15 27.00
N UNK E 527 -10.64 -13.25 27.69
CA UNK E 527 -11.43 -13.63 28.87
C UNK E 527 -12.55 -14.58 28.45
N UNK E 528 -13.18 -14.27 27.32
CA UNK E 528 -14.27 -15.12 26.81
C UNK E 528 -13.74 -16.51 26.48
N UNK E 529 -12.54 -16.55 25.88
CA UNK E 529 -11.93 -17.82 25.53
C UNK E 529 -11.63 -18.63 26.79
N UNK E 530 -11.15 -17.94 27.82
CA UNK E 530 -10.85 -18.59 29.10
C UNK E 530 -12.13 -19.17 29.70
N UNK E 531 -13.22 -18.41 29.61
CA UNK E 531 -14.50 -18.85 30.14
C UNK E 531 -14.98 -20.09 29.39
N UNK E 532 -14.78 -20.10 28.07
CA UNK E 532 -15.18 -21.23 27.24
C UNK E 532 -14.58 -22.53 27.78
#